data_8BDB
#
_entry.id   8BDB
#
_cell.length_a   210.328
_cell.length_b   131.925
_cell.length_c   196.319
_cell.angle_alpha   90.000
_cell.angle_beta   94.750
_cell.angle_gamma   90.000
#
_symmetry.space_group_name_H-M   'C 1 2 1'
#
loop_
_entity.id
_entity.type
_entity.pdbx_description
1 polymer 'Ribulose bisphosphate carboxylase large chain'
2 polymer 'Ribulose bisphosphate carboxylase small chain'
3 polymer 'Ribulose bisphosphate carboxylase large chain'
4 non-polymer 'MAGNESIUM ION'
5 non-polymer 2-CARBOXYARABINITOL-1,5-DIPHOSPHATE
6 non-polymer 1,2-ETHANEDIOL
7 non-polymer 'BICARBONATE ION'
8 water water
#
loop_
_entity_poly.entity_id
_entity_poly.type
_entity_poly.pdbx_seq_one_letter_code
_entity_poly.pdbx_strand_id
1 'polypeptide(L)'
;NSVEERTRIKNERYESGVIPYAKMGYWDPNYAVKDTDILALFRVSPQPGVDPVEASAAVAGESSTATWTVVWTDLLTACD
LYRAKAYKVESVPNTSDQYFAYISYDIDLFEEGSIANLTASIIGNVFGFKAVKALRLEDMRIPVAYLKTFQGPATGIVVE
RERMDKFGRPF(HL2)GATVKPKLGLSGKNYGRVVYEGLRGGLDFL(KCX)DDENINSQPFMRWKERFLYSIEAVNRSIA
ATGEVKGHYMNVTAATMEEMYERAEFAKQLGTVIIMIDLVIGYTAIQTMGIWARKNDMILHLHRAGNSTYSRQKIHGMNF
RVICKWMRMAGVDHIHAGTVVGKLEGDPLMIRGFYNTLLLPYLEVNLPQGIFFQQDWASLRKVTPVASGGIHCGQMHQLL
DYLGNDVVLQFGGGTIGHPDGIQAGATANRVALESMVIARNEGRDYVAEGPQILRDAAKT(CCS)GPLQTALDLWKDITF
NYTSTDTADFVE
;
A,C,G,K,O
2 'polypeptide(L)'
;MRLTQGTFSFLPDLTDEQIKKQVDYAISQNWAINIEYTEDPHPRNNFWELWGLPLFDINDAATVMYEIGSCRQQHSNVYI
KVNAFDNTRGVESCVLSFLINRPSYEPGFRLVRSEDISRNQKYSFHSYATDKPEGSRY
;
B,D,F,H,J,L,N,P
3 'polypeptide(L)'
;NSVEERTRIKNERYESGVIPYAKMGYWDPNYAVKDTDILALFRVSPQPGVDPVEASAAVAGESSTATWTVVWTDLLTACD
LYRAKAYKVESVPNTSDQYFAYISYDIDLFEEGSIANLTASIIGNVFGFKAVKALRLEDMRIPVAYLKTFQGPATGIVVE
RERMDKFGRPF(HL2)GATVKPKLGLSGKNYGRVVYEGLRGGLDFL(KCX)DDENINSQPFMRWKERFLYSIEAVNRSIA
ATGEVKGHYMNVTAATMEEMYERAEFAKQLGTVIIMIDLVIGYTAIQTMGIWARKNDMILHLHRAGNSTYSRQKIHGMNF
RVICKWMRMAGVDHIHAGTVVGKLEGDPLMIRGFYNTLLLPYLEVNLPQGIFFQQDWASLRKVTPVASGGIHCGQMHQLL
DYLGNDVVLQFGGGTIGHPDGIQAGATANRVALESMVIARNEGRDYVAEGPQILRDAAKTCGPLQTALDLWKDITFNYTS
TDTADFVE
;
E,I,M
#
# COMPACT_ATOMS: atom_id res chain seq x y z
N ASN A 1 -3.31 71.17 10.07
CA ASN A 1 -3.60 70.59 8.72
C ASN A 1 -2.35 70.44 7.86
N SER A 2 -2.14 69.24 7.31
CA SER A 2 -0.93 68.92 6.54
C SER A 2 -1.05 67.57 5.82
N VAL A 3 -0.05 67.26 5.00
CA VAL A 3 0.07 65.95 4.32
C VAL A 3 0.13 64.74 5.29
N GLU A 4 0.70 64.95 6.49
CA GLU A 4 0.75 63.92 7.53
C GLU A 4 -0.67 63.60 8.02
N GLU A 5 -1.43 64.64 8.36
CA GLU A 5 -2.84 64.51 8.75
C GLU A 5 -3.70 63.87 7.63
N ARG A 6 -3.38 64.23 6.38
CA ARG A 6 -4.13 63.76 5.20
C ARG A 6 -3.91 62.27 4.91
N THR A 7 -2.67 61.78 5.10
CA THR A 7 -2.33 60.38 4.87
C THR A 7 -2.42 59.47 6.12
N ARG A 8 -3.07 59.95 7.20
CA ARG A 8 -3.33 59.11 8.39
C ARG A 8 -4.11 57.85 8.01
N ILE A 9 -3.81 56.74 8.71
CA ILE A 9 -4.49 55.47 8.47
C ILE A 9 -5.90 55.53 9.10
N LYS A 10 -6.92 55.33 8.27
CA LYS A 10 -8.32 55.29 8.69
C LYS A 10 -8.76 53.89 9.13
N ASN A 11 -8.09 52.86 8.62
CA ASN A 11 -8.30 51.45 9.04
C ASN A 11 -8.37 51.32 10.57
N GLU A 12 -9.38 50.61 11.06
CA GLU A 12 -9.62 50.54 12.50
C GLU A 12 -8.48 49.84 13.25
N ARG A 13 -7.92 48.78 12.65
CA ARG A 13 -6.82 48.03 13.28
C ARG A 13 -5.53 48.86 13.35
N TYR A 14 -5.22 49.61 12.29
CA TYR A 14 -3.95 50.36 12.21
C TYR A 14 -4.07 51.88 12.35
N GLU A 15 -5.24 52.39 12.73
CA GLU A 15 -5.32 53.79 13.19
C GLU A 15 -4.66 53.87 14.56
N SER A 16 -4.14 55.06 14.88
CA SER A 16 -3.45 55.27 16.15
C SER A 16 -4.34 55.02 17.36
N GLY A 17 -3.71 54.56 18.44
CA GLY A 17 -4.37 54.40 19.72
C GLY A 17 -4.13 53.05 20.32
N VAL A 18 -4.63 52.89 21.54
CA VAL A 18 -4.50 51.67 22.29
C VAL A 18 -5.70 50.78 22.01
N ILE A 19 -5.43 49.53 21.66
CA ILE A 19 -6.46 48.50 21.62
C ILE A 19 -5.97 47.24 22.32
N PRO A 20 -6.89 46.42 22.86
CA PRO A 20 -6.49 45.20 23.58
C PRO A 20 -5.59 44.30 22.74
N TYR A 21 -4.60 43.69 23.38
CA TYR A 21 -3.71 42.73 22.71
C TYR A 21 -4.50 41.58 22.09
N ALA A 22 -5.59 41.15 22.73
CA ALA A 22 -6.42 40.06 22.19
C ALA A 22 -7.20 40.41 20.92
N LYS A 23 -7.28 41.70 20.59
CA LYS A 23 -7.84 42.16 19.32
C LYS A 23 -6.75 42.62 18.33
N MET A 24 -5.47 42.44 18.67
CA MET A 24 -4.34 42.85 17.80
C MET A 24 -3.75 41.66 17.01
N GLY A 25 -4.32 40.47 17.16
CA GLY A 25 -3.85 39.27 16.47
C GLY A 25 -3.13 38.26 17.36
N TYR A 26 -2.97 38.59 18.64
CA TYR A 26 -2.21 37.74 19.58
C TYR A 26 -3.04 36.68 20.32
N TRP A 27 -4.35 36.66 20.05
CA TRP A 27 -5.25 35.61 20.52
C TRP A 27 -5.84 34.95 19.28
N ASP A 28 -5.62 33.66 19.12
CA ASP A 28 -6.22 32.90 18.04
C ASP A 28 -6.46 31.45 18.48
N PRO A 29 -7.67 31.18 19.02
CA PRO A 29 -7.95 29.80 19.47
C PRO A 29 -8.07 28.78 18.34
N ASN A 30 -8.16 29.25 17.09
CA ASN A 30 -8.20 28.37 15.92
C ASN A 30 -6.86 28.24 15.19
N TYR A 31 -5.78 28.78 15.75
CA TYR A 31 -4.47 28.73 15.11
C TYR A 31 -4.00 27.29 14.96
N ALA A 32 -3.56 26.92 13.76
CA ALA A 32 -3.03 25.59 13.49
C ALA A 32 -1.52 25.59 13.73
N VAL A 33 -1.09 24.95 14.80
CA VAL A 33 0.34 24.89 15.13
C VAL A 33 1.12 24.20 14.01
N LYS A 34 2.22 24.82 13.61
CA LYS A 34 3.14 24.23 12.65
C LYS A 34 4.25 23.48 13.38
N ASP A 35 4.81 22.46 12.73
CA ASP A 35 5.89 21.66 13.32
C ASP A 35 7.22 22.43 13.46
N THR A 36 7.37 23.54 12.75
CA THR A 36 8.50 24.45 12.95
C THR A 36 8.28 25.51 14.04
N ASP A 37 7.07 25.63 14.60
CA ASP A 37 6.83 26.66 15.62
C ASP A 37 7.56 26.34 16.93
N ILE A 38 8.06 27.38 17.57
CA ILE A 38 8.48 27.31 18.98
C ILE A 38 7.19 27.51 19.81
N LEU A 39 6.92 26.60 20.73
CA LEU A 39 5.78 26.74 21.64
C LEU A 39 6.26 27.01 23.05
N ALA A 40 5.50 27.81 23.79
CA ALA A 40 5.76 28.03 25.21
C ALA A 40 4.48 27.89 25.99
N LEU A 41 4.61 27.27 27.17
CA LEU A 41 3.53 27.20 28.13
C LEU A 41 3.87 28.08 29.31
N PHE A 42 3.01 29.06 29.56
CA PHE A 42 3.12 29.96 30.70
C PHE A 42 2.01 29.69 31.72
N ARG A 43 2.35 29.76 33.00
CA ARG A 43 1.38 29.81 34.09
C ARG A 43 1.13 31.29 34.38
N VAL A 44 -0.08 31.75 34.09
CA VAL A 44 -0.42 33.19 34.09
C VAL A 44 -1.38 33.53 35.24
N SER A 45 -0.97 34.48 36.08
CA SER A 45 -1.80 34.99 37.18
C SER A 45 -2.12 36.46 36.93
N PRO A 46 -3.30 36.76 36.33
CA PRO A 46 -3.65 38.16 36.06
C PRO A 46 -3.96 38.95 37.32
N GLN A 47 -3.76 40.26 37.23
CA GLN A 47 -4.20 41.19 38.28
C GLN A 47 -5.74 41.15 38.35
N PRO A 48 -6.32 41.54 39.50
CA PRO A 48 -7.78 41.66 39.58
C PRO A 48 -8.35 42.54 38.47
N GLY A 49 -9.42 42.08 37.83
CA GLY A 49 -10.06 42.85 36.75
C GLY A 49 -9.49 42.64 35.36
N VAL A 50 -8.33 42.01 35.25
CA VAL A 50 -7.74 41.69 33.95
C VAL A 50 -8.31 40.34 33.45
N ASP A 51 -8.78 40.34 32.22
CA ASP A 51 -9.31 39.14 31.58
C ASP A 51 -8.17 38.13 31.30
N PRO A 52 -8.39 36.83 31.58
CA PRO A 52 -7.35 35.79 31.36
C PRO A 52 -6.82 35.67 29.92
N VAL A 53 -7.71 35.80 28.93
CA VAL A 53 -7.32 35.78 27.53
C VAL A 53 -6.51 37.03 27.18
N GLU A 54 -6.93 38.19 27.70
CA GLU A 54 -6.19 39.43 27.45
C GLU A 54 -4.78 39.40 28.06
N ALA A 55 -4.66 38.91 29.30
CA ALA A 55 -3.34 38.72 29.93
C ALA A 55 -2.45 37.80 29.10
N SER A 56 -3.02 36.69 28.64
CA SER A 56 -2.31 35.72 27.80
C SER A 56 -1.89 36.31 26.46
N ALA A 57 -2.79 37.08 25.84
CA ALA A 57 -2.50 37.79 24.61
C ALA A 57 -1.43 38.87 24.79
N ALA A 58 -1.40 39.52 25.95
CA ALA A 58 -0.35 40.50 26.25
C ALA A 58 1.02 39.83 26.34
N VAL A 59 1.09 38.68 27.00
CA VAL A 59 2.33 37.91 27.08
C VAL A 59 2.78 37.52 25.67
N ALA A 60 1.86 37.00 24.86
CA ALA A 60 2.14 36.64 23.47
C ALA A 60 2.66 37.85 22.66
N GLY A 61 2.00 38.99 22.79
CA GLY A 61 2.36 40.19 22.05
C GLY A 61 3.70 40.77 22.44
N GLU A 62 3.91 40.94 23.74
CA GLU A 62 5.12 41.59 24.22
C GLU A 62 6.36 40.66 24.25
N SER A 63 6.17 39.38 23.92
CA SER A 63 7.28 38.44 23.67
C SER A 63 7.46 38.15 22.17
N SER A 64 6.77 38.89 21.30
CA SER A 64 6.95 38.72 19.85
C SER A 64 7.09 40.06 19.10
N THR A 65 5.98 40.71 18.75
CA THR A 65 6.05 41.91 17.89
C THR A 65 5.33 43.17 18.40
N ALA A 66 4.55 43.04 19.47
CA ALA A 66 3.63 44.09 19.89
C ALA A 66 4.31 45.11 20.76
N THR A 67 3.75 46.31 20.78
CA THR A 67 3.89 47.18 21.93
C THR A 67 2.50 47.62 22.43
N TRP A 68 2.47 48.65 23.27
CA TRP A 68 1.26 49.05 24.03
C TRP A 68 0.25 49.89 23.24
N THR A 69 0.68 50.42 22.10
CA THR A 69 -0.17 51.23 21.23
C THR A 69 0.08 50.80 19.79
N VAL A 70 -0.87 51.07 18.91
CA VAL A 70 -0.80 50.59 17.53
C VAL A 70 0.29 51.33 16.75
N VAL A 71 1.04 50.59 15.92
CA VAL A 71 2.08 51.15 15.07
C VAL A 71 1.90 50.74 13.60
N TRP A 72 1.94 51.75 12.71
CA TRP A 72 1.76 51.53 11.27
C TRP A 72 2.89 50.71 10.66
N THR A 73 4.06 50.76 11.29
CA THR A 73 5.24 50.05 10.79
C THR A 73 5.08 48.52 10.75
N ASP A 74 4.11 47.98 11.50
CA ASP A 74 3.63 46.58 11.33
C ASP A 74 3.47 46.23 9.85
N LEU A 75 2.90 47.16 9.09
CA LEU A 75 2.53 46.91 7.69
C LEU A 75 3.72 46.84 6.71
N LEU A 76 4.91 47.20 7.18
CA LEU A 76 6.14 46.96 6.41
C LEU A 76 6.64 45.52 6.49
N THR A 77 6.00 44.71 7.35
CA THR A 77 6.45 43.34 7.61
C THR A 77 5.31 42.37 7.31
N ALA A 78 5.65 41.09 7.25
CA ALA A 78 4.65 40.03 7.16
C ALA A 78 4.11 39.77 8.56
N CYS A 79 3.35 40.74 9.07
CA CYS A 79 3.01 40.80 10.49
C CYS A 79 2.11 39.66 10.92
N ASP A 80 1.22 39.19 10.04
CA ASP A 80 0.35 38.04 10.36
C ASP A 80 1.16 36.79 10.71
N LEU A 81 2.31 36.65 10.07
CA LEU A 81 3.22 35.55 10.33
C LEU A 81 4.05 35.78 11.61
N TYR A 82 4.59 36.97 11.80
CA TYR A 82 5.52 37.23 12.92
C TYR A 82 4.84 37.36 14.30
N ARG A 83 3.57 37.76 14.36
CA ARG A 83 2.85 37.81 15.63
C ARG A 83 2.78 36.43 16.28
N ALA A 84 3.13 36.35 17.55
CA ALA A 84 2.93 35.11 18.31
C ALA A 84 1.44 35.00 18.61
N LYS A 85 0.97 33.77 18.79
CA LYS A 85 -0.44 33.51 19.05
C LYS A 85 -0.59 32.70 20.31
N ALA A 86 -1.23 33.27 21.31
CA ALA A 86 -1.84 32.46 22.36
C ALA A 86 -2.97 31.68 21.70
N TYR A 87 -2.89 30.36 21.71
CA TYR A 87 -3.86 29.51 21.02
C TYR A 87 -4.70 28.60 21.93
N LYS A 88 -4.31 28.46 23.19
CA LYS A 88 -5.11 27.72 24.18
C LYS A 88 -4.91 28.40 25.53
N VAL A 89 -6.00 28.73 26.21
CA VAL A 89 -5.96 29.31 27.57
C VAL A 89 -6.89 28.47 28.45
N GLU A 90 -6.33 27.83 29.47
CA GLU A 90 -7.04 26.88 30.34
C GLU A 90 -6.87 27.28 31.79
N SER A 91 -7.87 26.96 32.62
CA SER A 91 -7.73 27.08 34.08
C SER A 91 -6.74 26.04 34.59
N VAL A 92 -5.85 26.45 35.49
CA VAL A 92 -4.97 25.51 36.18
C VAL A 92 -5.83 24.79 37.23
N PRO A 93 -5.71 23.45 37.35
CA PRO A 93 -6.51 22.74 38.36
C PRO A 93 -6.22 23.21 39.80
N ASN A 94 -7.27 23.28 40.62
CA ASN A 94 -7.17 23.64 42.04
C ASN A 94 -6.62 25.05 42.31
N THR A 95 -6.98 26.00 41.46
CA THR A 95 -6.62 27.41 41.64
C THR A 95 -7.82 28.27 41.30
N SER A 96 -7.84 29.51 41.79
CA SER A 96 -8.99 30.41 41.58
C SER A 96 -8.84 31.31 40.36
N ASP A 97 -7.65 31.89 40.15
CA ASP A 97 -7.43 32.85 39.06
C ASP A 97 -6.03 32.68 38.43
N GLN A 98 -5.76 31.44 38.00
CA GLN A 98 -4.47 31.06 37.43
C GLN A 98 -4.71 30.18 36.19
N TYR A 99 -3.96 30.46 35.13
CA TYR A 99 -4.22 29.89 33.81
C TYR A 99 -2.96 29.37 33.13
N PHE A 100 -3.14 28.29 32.37
CA PHE A 100 -2.14 27.79 31.44
C PHE A 100 -2.38 28.47 30.10
N ALA A 101 -1.38 29.17 29.58
CA ALA A 101 -1.44 29.83 28.27
C ALA A 101 -0.41 29.21 27.35
N TYR A 102 -0.89 28.58 26.26
CA TYR A 102 -0.04 28.00 25.23
C TYR A 102 0.14 29.01 24.11
N ILE A 103 1.39 29.31 23.78
CA ILE A 103 1.72 30.38 22.84
C ILE A 103 2.67 29.84 21.76
N SER A 104 2.38 30.18 20.51
CA SER A 104 3.15 29.73 19.35
C SER A 104 3.94 30.90 18.77
N TYR A 105 5.20 30.63 18.44
CA TYR A 105 6.11 31.61 17.85
C TYR A 105 6.70 31.03 16.58
N ASP A 106 6.67 31.78 15.48
CA ASP A 106 7.27 31.30 14.23
C ASP A 106 8.80 31.15 14.37
N ILE A 107 9.34 30.10 13.77
CA ILE A 107 10.80 29.86 13.76
C ILE A 107 11.63 31.06 13.27
N ASP A 108 11.08 31.87 12.36
CA ASP A 108 11.80 33.05 11.85
C ASP A 108 11.98 34.20 12.85
N LEU A 109 11.31 34.15 13.99
CA LEU A 109 11.54 35.14 15.04
C LEU A 109 12.91 35.02 15.72
N PHE A 110 13.58 33.88 15.55
CA PHE A 110 14.72 33.56 16.39
C PHE A 110 16.04 33.49 15.63
N GLU A 111 17.11 33.94 16.27
CA GLU A 111 18.45 33.73 15.76
C GLU A 111 18.84 32.26 15.93
N GLU A 112 19.33 31.69 14.85
CA GLU A 112 19.80 30.32 14.81
C GLU A 112 20.91 30.13 15.84
N GLY A 113 20.78 29.09 16.66
CA GLY A 113 21.83 28.69 17.60
C GLY A 113 22.09 29.60 18.78
N SER A 114 21.15 30.50 19.10
CA SER A 114 21.38 31.50 20.15
C SER A 114 20.38 31.40 21.28
N ILE A 115 20.85 30.91 22.44
CA ILE A 115 20.05 30.90 23.67
C ILE A 115 19.74 32.34 24.10
N ALA A 116 20.72 33.23 24.02
CA ALA A 116 20.47 34.66 24.31
C ALA A 116 19.28 35.23 23.53
N ASN A 117 19.19 34.94 22.23
CA ASN A 117 18.07 35.47 21.45
C ASN A 117 16.75 34.81 21.78
N LEU A 118 16.74 33.49 21.93
CA LEU A 118 15.51 32.78 22.30
C LEU A 118 14.93 33.35 23.60
N THR A 119 15.80 33.50 24.60
CA THR A 119 15.39 33.98 25.92
C THR A 119 15.06 35.47 25.91
N ALA A 120 15.75 36.26 25.07
CA ALA A 120 15.42 37.68 24.92
C ALA A 120 13.93 37.88 24.57
N SER A 121 13.40 37.03 23.68
CA SER A 121 11.97 37.06 23.34
C SER A 121 11.10 36.48 24.44
N ILE A 122 11.37 35.23 24.82
CA ILE A 122 10.45 34.46 25.67
C ILE A 122 10.39 35.00 27.11
N ILE A 123 11.51 35.44 27.65
CA ILE A 123 11.56 35.92 29.04
C ILE A 123 12.01 37.37 29.22
N GLY A 124 12.21 38.10 28.12
CA GLY A 124 12.86 39.41 28.18
C GLY A 124 12.15 40.42 29.06
N ASN A 125 10.89 40.72 28.74
CA ASN A 125 10.12 41.76 29.43
C ASN A 125 8.84 41.29 30.13
N VAL A 126 8.24 40.19 29.66
CA VAL A 126 6.86 39.83 30.05
C VAL A 126 6.64 39.50 31.54
N PHE A 127 7.69 39.11 32.25
CA PHE A 127 7.57 38.80 33.69
C PHE A 127 7.41 40.05 34.57
N GLY A 128 7.73 41.24 34.02
CA GLY A 128 7.58 42.50 34.74
C GLY A 128 6.34 43.32 34.40
N PHE A 129 5.43 42.76 33.61
CA PHE A 129 4.22 43.50 33.20
C PHE A 129 3.27 43.72 34.36
N LYS A 130 2.89 44.98 34.58
CA LYS A 130 1.98 45.33 35.67
C LYS A 130 0.72 44.46 35.68
N ALA A 131 0.16 44.22 34.49
CA ALA A 131 -1.15 43.54 34.32
C ALA A 131 -1.20 42.07 34.75
N VAL A 132 -0.05 41.41 34.84
CA VAL A 132 0.03 40.06 35.41
C VAL A 132 0.82 40.16 36.71
N LYS A 133 0.22 39.75 37.82
CA LYS A 133 0.91 39.83 39.11
C LYS A 133 1.91 38.68 39.30
N ALA A 134 1.77 37.63 38.49
CA ALA A 134 2.76 36.56 38.44
C ALA A 134 2.73 35.82 37.09
N LEU A 135 3.87 35.23 36.75
CA LEU A 135 4.07 34.57 35.47
C LEU A 135 5.18 33.55 35.66
N ARG A 136 4.95 32.32 35.20
CA ARG A 136 6.00 31.32 35.20
C ARG A 136 6.06 30.61 33.87
N LEU A 137 7.26 30.44 33.34
CA LEU A 137 7.46 29.64 32.12
C LEU A 137 7.64 28.19 32.57
N GLU A 138 6.71 27.33 32.16
CA GLU A 138 6.67 25.93 32.60
C GLU A 138 7.37 24.96 31.64
N ASP A 139 7.18 25.14 30.34
CA ASP A 139 7.76 24.24 29.35
C ASP A 139 7.81 24.94 28.01
N MET A 140 8.60 24.38 27.09
CA MET A 140 8.68 24.84 25.71
C MET A 140 8.78 23.65 24.77
N ARG A 141 8.25 23.79 23.56
CA ARG A 141 8.46 22.83 22.49
C ARG A 141 9.46 23.46 21.53
N ILE A 142 10.68 22.94 21.53
CA ILE A 142 11.71 23.43 20.64
C ILE A 142 11.67 22.50 19.42
N PRO A 143 11.30 23.05 18.25
CA PRO A 143 11.12 22.20 17.09
C PRO A 143 12.46 21.67 16.59
N VAL A 144 12.40 20.54 15.88
CA VAL A 144 13.57 19.88 15.35
C VAL A 144 14.39 20.82 14.47
N ALA A 145 13.71 21.60 13.63
CA ALA A 145 14.38 22.54 12.74
C ALA A 145 15.18 23.62 13.45
N TYR A 146 14.77 24.02 14.65
CA TYR A 146 15.52 25.00 15.44
C TYR A 146 16.61 24.29 16.25
N LEU A 147 16.30 23.13 16.82
CA LEU A 147 17.31 22.31 17.52
C LEU A 147 18.54 22.01 16.68
N LYS A 148 18.35 21.73 15.39
CA LYS A 148 19.47 21.46 14.46
C LYS A 148 20.46 22.63 14.28
N THR A 149 20.07 23.84 14.70
CA THR A 149 20.99 24.99 14.71
C THR A 149 21.89 25.08 15.96
N PHE A 150 21.70 24.15 16.90
CA PHE A 150 22.49 24.08 18.15
C PHE A 150 23.40 22.86 18.18
N GLN A 151 24.53 22.98 18.89
CA GLN A 151 25.47 21.89 18.99
C GLN A 151 24.93 20.69 19.77
N GLY A 152 24.20 20.95 20.85
CA GLY A 152 23.94 19.92 21.85
C GLY A 152 25.20 19.64 22.62
N PRO A 153 25.15 18.73 23.60
CA PRO A 153 26.29 18.44 24.47
C PRO A 153 27.60 18.17 23.70
N ALA A 154 28.67 18.81 24.16
CA ALA A 154 30.01 18.63 23.59
C ALA A 154 30.39 17.15 23.53
N THR A 155 30.13 16.45 24.63
CA THR A 155 30.54 15.05 24.77
C THR A 155 29.32 14.15 24.79
N GLY A 156 28.44 14.38 25.75
CA GLY A 156 27.30 13.52 25.96
C GLY A 156 27.65 12.24 26.71
N ILE A 157 26.63 11.67 27.34
CA ILE A 157 26.85 10.55 28.26
C ILE A 157 27.46 9.32 27.58
N VAL A 158 27.12 9.08 26.32
CA VAL A 158 27.62 7.90 25.62
C VAL A 158 29.15 7.99 25.45
N VAL A 159 29.61 9.10 24.89
CA VAL A 159 31.06 9.32 24.72
C VAL A 159 31.74 9.47 26.09
N GLU A 160 31.06 10.06 27.07
CA GLU A 160 31.63 10.20 28.41
C GLU A 160 31.95 8.84 29.03
N ARG A 161 30.99 7.90 28.95
CA ARG A 161 31.21 6.56 29.47
C ARG A 161 32.35 5.87 28.75
N GLU A 162 32.46 6.10 27.45
CA GLU A 162 33.56 5.53 26.65
C GLU A 162 34.91 6.10 27.08
N ARG A 163 35.00 7.41 27.26
CA ARG A 163 36.25 8.02 27.75
C ARG A 163 36.64 7.50 29.14
N MET A 164 35.65 7.31 30.00
CA MET A 164 35.90 6.85 31.36
C MET A 164 36.05 5.33 31.47
N ASP A 165 35.58 4.61 30.43
CA ASP A 165 35.49 3.14 30.41
C ASP A 165 34.65 2.64 31.58
N LYS A 166 33.50 3.25 31.79
CA LYS A 166 32.61 2.94 32.91
C LYS A 166 31.17 2.85 32.45
N PHE A 167 30.62 1.63 32.51
CA PHE A 167 29.30 1.31 32.00
C PHE A 167 28.46 0.56 33.03
N GLY A 168 27.15 0.68 32.91
CA GLY A 168 26.22 -0.12 33.71
C GLY A 168 26.04 0.29 35.15
N ARG A 169 26.54 1.46 35.52
CA ARG A 169 26.33 2.01 36.86
C ARG A 169 26.39 3.52 36.83
N PRO A 170 25.79 4.17 37.83
CA PRO A 170 26.07 5.59 38.03
C PRO A 170 27.55 5.87 38.22
N PHE A 171 27.96 7.09 37.85
CA PHE A 171 29.25 7.60 38.27
C PHE A 171 29.14 8.05 39.71
N GLY A 173 30.94 10.86 42.56
CA GLY A 173 31.74 12.06 42.74
C GLY A 173 31.64 12.64 44.14
N ALA A 174 32.30 13.78 44.33
CA ALA A 174 32.31 14.46 45.62
C ALA A 174 32.83 15.87 45.45
N THR A 175 32.15 16.83 46.06
CA THR A 175 32.65 18.20 46.16
C THR A 175 33.65 18.26 47.31
N VAL A 176 34.80 18.88 47.06
CA VAL A 176 35.81 19.10 48.11
C VAL A 176 35.28 20.09 49.15
N LYS A 177 35.52 19.81 50.43
CA LYS A 177 35.06 20.63 51.56
C LYS A 177 36.20 20.84 52.54
N PRO A 178 36.24 21.95 53.29
CA PRO A 178 35.24 23.04 53.28
C PRO A 178 35.12 23.75 51.94
N LYS A 179 34.01 24.45 51.74
CA LYS A 179 33.72 25.08 50.43
C LYS A 179 34.83 26.04 50.02
N LEU A 180 35.20 26.92 50.94
CA LEU A 180 36.26 27.90 50.73
C LEU A 180 37.29 27.74 51.84
N GLY A 181 38.53 28.11 51.52
CA GLY A 181 39.60 28.25 52.49
C GLY A 181 40.79 27.34 52.28
N LEU A 182 40.60 26.21 51.61
CA LEU A 182 41.70 25.27 51.36
C LEU A 182 42.73 25.85 50.40
N SER A 183 43.99 25.50 50.62
CA SER A 183 45.07 25.80 49.70
C SER A 183 45.06 24.83 48.52
N GLY A 184 45.82 25.16 47.47
CA GLY A 184 46.00 24.27 46.32
C GLY A 184 46.52 22.88 46.70
N LYS A 185 47.55 22.84 47.53
CA LYS A 185 48.14 21.56 47.96
C LYS A 185 47.17 20.72 48.78
N ASN A 186 46.43 21.35 49.69
CA ASN A 186 45.39 20.63 50.44
C ASN A 186 44.23 20.16 49.56
N TYR A 187 43.91 20.93 48.52
CA TYR A 187 42.89 20.54 47.55
C TYR A 187 43.33 19.24 46.90
N GLY A 188 44.59 19.21 46.44
CA GLY A 188 45.13 18.03 45.80
C GLY A 188 45.13 16.81 46.71
N ARG A 189 45.45 17.01 47.99
CA ARG A 189 45.36 15.94 48.98
C ARG A 189 43.97 15.30 49.02
N VAL A 190 42.94 16.13 49.08
CA VAL A 190 41.56 15.64 49.19
C VAL A 190 41.18 14.86 47.92
N VAL A 191 41.58 15.40 46.77
CA VAL A 191 41.27 14.80 45.49
C VAL A 191 41.94 13.44 45.38
N TYR A 192 43.21 13.36 45.75
CA TYR A 192 43.94 12.09 45.72
C TYR A 192 43.24 11.05 46.62
N GLU A 193 42.95 11.43 47.85
CA GLU A 193 42.35 10.48 48.79
C GLU A 193 40.97 9.99 48.32
N GLY A 194 40.15 10.89 47.79
CA GLY A 194 38.80 10.53 47.31
C GLY A 194 38.80 9.62 46.10
N LEU A 195 39.62 9.97 45.10
CA LEU A 195 39.73 9.16 43.88
C LEU A 195 40.38 7.82 44.18
N ARG A 196 41.48 7.84 44.93
CA ARG A 196 42.20 6.61 45.26
C ARG A 196 41.35 5.65 46.09
N GLY A 197 40.45 6.20 46.90
CA GLY A 197 39.53 5.41 47.72
C GLY A 197 38.29 4.84 47.02
N GLY A 198 38.04 5.25 45.77
CA GLY A 198 36.94 4.66 44.99
C GLY A 198 36.05 5.59 44.17
N LEU A 199 36.16 6.91 44.35
CA LEU A 199 35.31 7.81 43.58
C LEU A 199 35.83 7.92 42.14
N ASP A 200 34.91 8.09 41.20
CA ASP A 200 35.29 8.34 39.80
C ASP A 200 35.78 9.77 39.58
N PHE A 201 35.10 10.71 40.24
CA PHE A 201 35.39 12.13 40.13
C PHE A 201 35.47 12.78 41.52
N LEU A 202 36.18 13.90 41.60
CA LEU A 202 35.87 14.94 42.59
C LEU A 202 35.67 16.26 41.84
N ASP A 204 35.84 20.83 42.18
CA ASP A 204 35.90 22.13 42.84
C ASP A 204 34.48 22.48 43.27
N ASP A 205 34.36 23.18 44.39
CA ASP A 205 33.08 23.79 44.73
C ASP A 205 32.77 24.91 43.72
N GLU A 206 31.48 25.19 43.52
CA GLU A 206 31.07 26.25 42.59
C GLU A 206 31.72 27.60 42.84
N ASN A 207 31.95 27.92 44.13
CA ASN A 207 32.55 29.20 44.48
C ASN A 207 34.08 29.18 44.59
N ILE A 208 34.69 28.05 44.24
CA ILE A 208 36.15 27.93 44.18
C ILE A 208 36.57 28.29 42.75
N ASN A 209 37.14 29.49 42.60
CA ASN A 209 37.60 29.99 41.31
C ASN A 209 39.09 30.34 41.46
N SER A 210 39.41 31.59 41.81
CA SER A 210 40.77 31.98 42.18
C SER A 210 40.66 33.07 43.24
N GLN A 211 41.32 32.86 44.39
CA GLN A 211 41.08 33.70 45.56
C GLN A 211 42.36 33.88 46.37
N PRO A 212 42.38 34.85 47.31
CA PRO A 212 43.55 35.03 48.16
C PRO A 212 44.07 33.77 48.85
N PHE A 213 43.15 32.90 49.33
CA PHE A 213 43.53 31.65 50.02
C PHE A 213 44.04 30.55 49.07
N MET A 214 43.79 30.68 47.78
CA MET A 214 44.23 29.70 46.78
C MET A 214 44.05 30.25 45.39
N ARG A 215 45.12 30.38 44.63
CA ARG A 215 45.03 30.80 43.24
C ARG A 215 44.84 29.58 42.35
N TRP A 216 44.21 29.79 41.20
CA TRP A 216 43.70 28.68 40.40
C TRP A 216 44.79 27.73 39.85
N LYS A 217 45.93 28.26 39.44
CA LYS A 217 46.93 27.43 38.75
C LYS A 217 47.47 26.31 39.63
N GLU A 218 47.84 26.62 40.88
CA GLU A 218 48.32 25.58 41.78
C GLU A 218 47.26 24.52 42.04
N ARG A 219 45.99 24.93 42.14
CA ARG A 219 44.93 23.95 42.31
C ARG A 219 44.87 22.98 41.15
N PHE A 220 44.92 23.50 39.92
CA PHE A 220 44.86 22.64 38.73
C PHE A 220 46.06 21.71 38.70
N LEU A 221 47.26 22.25 38.99
CA LEU A 221 48.49 21.44 38.98
C LEU A 221 48.48 20.32 40.02
N TYR A 222 48.11 20.63 41.25
CA TYR A 222 48.03 19.60 42.30
C TYR A 222 46.90 18.61 41.99
N SER A 223 45.79 19.10 41.45
CA SER A 223 44.65 18.25 41.11
C SER A 223 45.00 17.21 40.06
N ILE A 224 45.72 17.59 38.99
CA ILE A 224 46.08 16.60 37.98
C ILE A 224 47.12 15.59 38.50
N GLU A 225 48.05 16.03 39.35
CA GLU A 225 48.93 15.10 40.08
C GLU A 225 48.08 14.07 40.87
N ALA A 226 47.11 14.55 41.64
CA ALA A 226 46.23 13.68 42.43
C ALA A 226 45.48 12.70 41.55
N VAL A 227 44.92 13.20 40.45
CA VAL A 227 44.22 12.37 39.47
C VAL A 227 45.13 11.26 38.93
N ASN A 228 46.31 11.64 38.45
CA ASN A 228 47.23 10.66 37.86
C ASN A 228 47.80 9.66 38.86
N ARG A 229 48.04 10.12 40.09
CA ARG A 229 48.36 9.21 41.20
C ARG A 229 47.26 8.16 41.38
N SER A 230 46.00 8.61 41.37
CA SER A 230 44.87 7.73 41.59
C SER A 230 44.64 6.74 40.44
N ILE A 231 44.90 7.19 39.21
CA ILE A 231 44.82 6.32 38.03
C ILE A 231 45.89 5.21 38.12
N ALA A 232 47.12 5.57 38.44
CA ALA A 232 48.19 4.59 38.61
C ALA A 232 47.89 3.62 39.76
N ALA A 233 47.26 4.12 40.83
CA ALA A 233 46.92 3.27 42.00
C ALA A 233 45.80 2.27 41.73
N THR A 234 44.88 2.59 40.81
CA THR A 234 43.65 1.79 40.61
C THR A 234 43.49 1.13 39.24
N GLY A 235 44.20 1.63 38.22
CA GLY A 235 43.94 1.24 36.84
C GLY A 235 42.64 1.75 36.21
N GLU A 236 41.93 2.67 36.88
CA GLU A 236 40.72 3.31 36.35
C GLU A 236 41.05 4.68 35.79
N VAL A 237 40.30 5.11 34.78
CA VAL A 237 40.29 6.51 34.39
C VAL A 237 39.57 7.27 35.52
N LYS A 238 40.14 8.38 35.92
CA LYS A 238 39.61 9.24 36.99
C LYS A 238 39.63 10.68 36.49
N GLY A 239 38.87 11.54 37.16
CA GLY A 239 38.87 12.98 36.82
C GLY A 239 38.53 13.88 37.97
N HIS A 240 38.97 15.13 37.88
CA HIS A 240 38.60 16.16 38.83
C HIS A 240 38.06 17.36 38.05
N TYR A 241 36.87 17.83 38.42
CA TYR A 241 36.29 18.97 37.74
C TYR A 241 36.99 20.25 38.08
N MET A 242 37.94 20.65 37.25
CA MET A 242 38.64 21.92 37.41
C MET A 242 37.71 23.06 37.01
N ASN A 243 37.42 23.95 37.96
CA ASN A 243 36.47 25.05 37.74
C ASN A 243 37.16 26.20 37.04
N VAL A 244 36.72 26.49 35.81
CA VAL A 244 37.29 27.53 34.98
C VAL A 244 36.45 28.82 34.99
N THR A 245 35.36 28.81 35.76
CA THR A 245 34.54 30.00 36.01
C THR A 245 35.39 31.21 36.34
N ALA A 246 35.16 32.32 35.63
CA ALA A 246 35.94 33.54 35.82
C ALA A 246 35.15 34.76 35.34
N ALA A 247 35.69 35.94 35.65
CA ALA A 247 35.03 37.22 35.37
C ALA A 247 34.86 37.55 33.89
N THR A 248 35.84 37.17 33.07
CA THR A 248 35.82 37.49 31.66
C THR A 248 36.04 36.25 30.82
N MET A 249 35.65 36.34 29.55
CA MET A 249 35.83 35.22 28.65
C MET A 249 37.32 34.89 28.47
N GLU A 250 38.19 35.90 28.45
CA GLU A 250 39.62 35.68 28.24
C GLU A 250 40.19 34.88 29.42
N GLU A 251 39.76 35.20 30.63
CA GLU A 251 40.22 34.47 31.82
C GLU A 251 39.70 33.05 31.82
N MET A 252 38.44 32.85 31.44
CA MET A 252 37.88 31.49 31.36
C MET A 252 38.65 30.66 30.36
N TYR A 253 38.95 31.24 29.20
CA TYR A 253 39.74 30.56 28.19
C TYR A 253 41.14 30.20 28.68
N GLU A 254 41.78 31.13 29.38
CA GLU A 254 43.12 30.88 29.93
C GLU A 254 43.10 29.67 30.87
N ARG A 255 42.06 29.60 31.69
CA ARG A 255 41.92 28.49 32.65
C ARG A 255 41.58 27.17 31.95
N ALA A 256 40.66 27.23 30.98
CA ALA A 256 40.29 26.04 30.22
C ALA A 256 41.48 25.51 29.41
N GLU A 257 42.22 26.40 28.77
CA GLU A 257 43.40 26.00 27.99
C GLU A 257 44.48 25.37 28.88
N PHE A 258 44.67 25.91 30.08
CA PHE A 258 45.64 25.33 31.01
C PHE A 258 45.21 23.93 31.44
N ALA A 259 43.93 23.78 31.80
CA ALA A 259 43.39 22.46 32.18
C ALA A 259 43.58 21.44 31.05
N LYS A 260 43.30 21.89 29.83
CA LYS A 260 43.54 21.09 28.61
C LYS A 260 45.01 20.68 28.48
N GLN A 261 45.91 21.66 28.65
CA GLN A 261 47.35 21.40 28.60
C GLN A 261 47.80 20.36 29.64
N LEU A 262 47.18 20.36 30.82
CA LEU A 262 47.50 19.37 31.86
C LEU A 262 46.94 17.99 31.58
N GLY A 263 45.93 17.91 30.71
CA GLY A 263 45.34 16.64 30.31
C GLY A 263 44.14 16.19 31.11
N THR A 264 43.45 17.12 31.78
CA THR A 264 42.21 16.76 32.47
C THR A 264 41.18 16.20 31.47
N VAL A 265 40.43 15.21 31.91
CA VAL A 265 39.31 14.67 31.14
C VAL A 265 38.07 15.58 31.28
N ILE A 266 38.07 16.48 32.28
CA ILE A 266 36.86 17.18 32.66
C ILE A 266 37.15 18.54 33.29
N ILE A 267 36.30 19.51 32.96
CA ILE A 267 36.27 20.82 33.61
C ILE A 267 34.84 21.12 34.03
N MET A 268 34.70 22.16 34.85
CA MET A 268 33.38 22.66 35.20
C MET A 268 33.25 24.17 35.05
N ILE A 269 31.98 24.57 34.91
CA ILE A 269 31.58 25.97 34.86
C ILE A 269 30.32 26.18 35.69
N ASP A 270 30.09 27.42 36.13
CA ASP A 270 28.91 27.80 36.92
C ASP A 270 27.88 28.51 36.05
N LEU A 271 26.59 28.24 36.29
CA LEU A 271 25.50 28.90 35.54
C LEU A 271 25.55 30.42 35.61
N VAL A 272 26.05 30.97 36.73
CA VAL A 272 26.20 32.43 36.86
C VAL A 272 27.11 33.11 35.84
N ILE A 273 27.97 32.38 35.11
CA ILE A 273 28.72 33.01 34.01
C ILE A 273 27.78 33.49 32.91
N GLY A 274 26.63 32.82 32.76
CA GLY A 274 25.57 33.25 31.84
C GLY A 274 25.62 32.56 30.49
N TYR A 275 24.53 32.71 29.73
CA TYR A 275 24.26 31.87 28.57
C TYR A 275 25.29 31.96 27.45
N THR A 276 25.76 33.17 27.17
CA THR A 276 26.72 33.36 26.10
C THR A 276 28.09 32.74 26.44
N ALA A 277 28.58 32.95 27.66
CA ALA A 277 29.82 32.25 28.06
C ALA A 277 29.63 30.73 28.09
N ILE A 278 28.46 30.26 28.50
CA ILE A 278 28.18 28.82 28.51
C ILE A 278 28.20 28.25 27.09
N GLN A 279 27.51 28.90 26.15
CA GLN A 279 27.55 28.43 24.74
C GLN A 279 28.96 28.44 24.16
N THR A 280 29.72 29.48 24.49
CA THR A 280 31.11 29.60 24.07
C THR A 280 31.92 28.41 24.62
N MET A 281 31.72 28.08 25.88
CA MET A 281 32.39 26.92 26.48
C MET A 281 31.93 25.58 25.90
N GLY A 282 30.64 25.47 25.55
CA GLY A 282 30.12 24.25 24.94
C GLY A 282 30.83 23.95 23.64
N ILE A 283 31.04 24.99 22.84
CA ILE A 283 31.75 24.87 21.56
C ILE A 283 33.22 24.55 21.81
N TRP A 284 33.83 25.25 22.77
CA TRP A 284 35.23 24.98 23.13
C TRP A 284 35.43 23.53 23.57
N ALA A 285 34.49 23.00 24.36
CA ALA A 285 34.59 21.64 24.88
C ALA A 285 34.48 20.60 23.75
N ARG A 286 33.63 20.84 22.76
CA ARG A 286 33.53 19.97 21.59
C ARG A 286 34.83 20.00 20.80
N LYS A 287 35.38 21.20 20.63
CA LYS A 287 36.61 21.36 19.87
C LYS A 287 37.83 20.74 20.56
N ASN A 288 37.78 20.67 21.89
CA ASN A 288 38.93 20.24 22.69
C ASN A 288 38.73 18.95 23.49
N ASP A 289 37.76 18.12 23.08
CA ASP A 289 37.55 16.79 23.65
C ASP A 289 37.49 16.80 25.17
N MET A 290 36.64 17.69 25.69
CA MET A 290 36.54 17.93 27.14
C MET A 290 35.12 17.68 27.63
N ILE A 291 34.99 16.98 28.75
CA ILE A 291 33.68 16.86 29.41
C ILE A 291 33.42 18.21 30.10
N LEU A 292 32.25 18.79 29.88
CA LEU A 292 31.90 20.10 30.43
C LEU A 292 30.77 19.97 31.44
N HIS A 293 31.12 20.05 32.71
CA HIS A 293 30.14 19.98 33.79
C HIS A 293 29.57 21.35 34.09
N LEU A 294 28.24 21.47 34.11
CA LEU A 294 27.58 22.71 34.52
C LEU A 294 27.00 22.59 35.92
N HIS A 295 27.51 23.41 36.83
CA HIS A 295 26.88 23.63 38.12
C HIS A 295 25.81 24.70 37.90
N ARG A 296 24.64 24.53 38.49
CA ARG A 296 23.48 25.41 38.22
C ARG A 296 23.34 26.61 39.18
N ALA A 297 24.47 27.17 39.59
CA ALA A 297 24.51 28.25 40.58
C ALA A 297 23.49 29.35 40.26
N GLY A 298 22.65 29.68 41.25
CA GLY A 298 21.66 30.75 41.07
C GLY A 298 20.32 30.34 40.48
N ASN A 299 20.23 29.10 39.97
CA ASN A 299 19.00 28.61 39.32
C ASN A 299 17.77 28.74 40.22
N SER A 300 17.93 28.44 41.51
CA SER A 300 16.80 28.49 42.45
C SER A 300 16.27 29.90 42.75
N THR A 301 16.98 30.95 42.35
CA THR A 301 16.43 32.32 42.46
C THR A 301 15.12 32.52 41.68
N TYR A 302 14.97 31.82 40.54
CA TYR A 302 13.75 31.91 39.71
C TYR A 302 12.97 30.58 39.62
N SER A 303 13.54 29.46 40.08
CA SER A 303 12.95 28.13 39.84
C SER A 303 12.19 27.51 41.01
N ARG A 304 12.20 28.18 42.16
CA ARG A 304 11.70 27.58 43.39
C ARG A 304 10.18 27.73 43.55
N GLN A 305 9.64 28.91 43.23
CA GLN A 305 8.24 29.24 43.53
C GLN A 305 7.34 28.85 42.36
N LYS A 306 6.29 28.11 42.68
CA LYS A 306 5.37 27.60 41.65
C LYS A 306 4.66 28.69 40.83
N ILE A 307 4.32 29.82 41.44
CA ILE A 307 3.55 30.86 40.73
C ILE A 307 4.36 31.78 39.83
N HIS A 308 5.67 31.85 40.03
CA HIS A 308 6.48 32.81 39.31
C HIS A 308 7.90 32.34 39.02
N GLY A 309 8.37 32.64 37.80
CA GLY A 309 9.76 32.38 37.41
C GLY A 309 9.89 31.47 36.20
N MET A 310 10.81 30.52 36.27
CA MET A 310 11.03 29.55 35.21
C MET A 310 11.22 28.18 35.85
N ASN A 311 10.43 27.21 35.41
CA ASN A 311 10.63 25.84 35.86
C ASN A 311 11.94 25.31 35.32
N PHE A 312 12.65 24.56 36.15
CA PHE A 312 13.98 24.03 35.81
C PHE A 312 14.00 23.19 34.52
N ARG A 313 12.91 22.50 34.19
CA ARG A 313 12.89 21.69 32.96
C ARG A 313 13.20 22.51 31.69
N VAL A 314 12.82 23.78 31.68
CA VAL A 314 13.11 24.68 30.56
C VAL A 314 14.62 24.99 30.50
N ILE A 315 15.21 25.22 31.67
CA ILE A 315 16.65 25.42 31.79
C ILE A 315 17.40 24.18 31.31
N CYS A 316 16.90 22.98 31.66
CA CYS A 316 17.47 21.73 31.15
C CYS A 316 17.51 21.72 29.62
N LYS A 317 16.43 22.15 29.00
CA LYS A 317 16.37 22.19 27.54
C LYS A 317 17.40 23.17 26.98
N TRP A 318 17.45 24.38 27.52
CA TRP A 318 18.38 25.41 27.01
C TRP A 318 19.86 24.99 27.19
N MET A 319 20.17 24.38 28.32
CA MET A 319 21.56 23.98 28.59
C MET A 319 21.99 22.73 27.81
N ARG A 320 21.06 21.81 27.59
CA ARG A 320 21.32 20.70 26.67
C ARG A 320 21.62 21.23 25.25
N MET A 321 20.79 22.14 24.76
CA MET A 321 21.04 22.82 23.49
C MET A 321 22.39 23.54 23.47
N ALA A 322 22.71 24.23 24.57
CA ALA A 322 23.92 25.04 24.67
C ALA A 322 25.22 24.23 24.61
N GLY A 323 25.16 22.97 25.03
CA GLY A 323 26.32 22.06 24.91
C GLY A 323 27.02 21.60 26.15
N VAL A 324 26.38 21.73 27.31
CA VAL A 324 26.95 21.17 28.53
C VAL A 324 26.77 19.65 28.56
N ASP A 325 27.65 18.98 29.28
CA ASP A 325 27.67 17.52 29.35
C ASP A 325 27.08 16.95 30.63
N HIS A 326 27.17 17.71 31.73
CA HIS A 326 26.50 17.41 32.99
C HIS A 326 25.66 18.63 33.38
N ILE A 327 24.55 18.39 34.06
CA ILE A 327 23.92 19.45 34.84
C ILE A 327 23.35 18.86 36.12
N HIS A 328 23.44 19.63 37.20
CA HIS A 328 22.82 19.26 38.47
C HIS A 328 21.30 19.22 38.27
N ALA A 329 20.64 18.15 38.73
CA ALA A 329 19.20 17.97 38.47
C ALA A 329 18.36 17.46 39.65
N GLY A 330 18.97 17.33 40.83
CA GLY A 330 18.25 16.95 42.04
C GLY A 330 18.58 15.56 42.55
N THR A 331 18.23 15.35 43.82
CA THR A 331 18.45 14.10 44.54
C THR A 331 17.17 13.45 45.09
N VAL A 332 16.10 14.24 45.22
CA VAL A 332 14.87 13.87 45.94
C VAL A 332 15.07 13.85 47.45
N VAL A 333 16.01 13.03 47.91
CA VAL A 333 16.19 12.74 49.34
C VAL A 333 17.26 13.59 50.06
N GLY A 334 17.96 14.46 49.33
CA GLY A 334 19.04 15.27 49.91
C GLY A 334 18.59 16.59 50.50
N LYS A 335 19.54 17.51 50.68
CA LYS A 335 19.29 18.79 51.36
C LYS A 335 18.59 19.87 50.49
N LEU A 336 18.55 19.67 49.17
CA LEU A 336 17.92 20.64 48.25
C LEU A 336 16.58 20.14 47.72
N GLU A 337 15.72 21.10 47.39
CA GLU A 337 14.37 20.87 46.83
C GLU A 337 14.36 19.82 45.71
N GLY A 338 13.37 18.92 45.75
CA GLY A 338 13.26 17.90 44.72
C GLY A 338 12.11 16.92 44.86
N ASP A 339 10.94 17.35 44.42
CA ASP A 339 9.80 16.46 44.26
C ASP A 339 10.14 15.32 43.27
N PRO A 340 9.83 14.05 43.63
CA PRO A 340 10.27 12.94 42.75
C PRO A 340 9.72 12.97 41.32
N LEU A 341 8.47 13.39 41.12
CA LEU A 341 7.89 13.43 39.78
C LEU A 341 8.45 14.59 38.95
N MET A 342 8.67 15.75 39.57
CA MET A 342 9.36 16.85 38.89
C MET A 342 10.78 16.45 38.47
N ILE A 343 11.49 15.80 39.38
CA ILE A 343 12.86 15.35 39.10
C ILE A 343 12.89 14.33 37.96
N ARG A 344 11.91 13.44 37.92
CA ARG A 344 11.79 12.45 36.85
C ARG A 344 11.64 13.16 35.49
N GLY A 345 10.81 14.21 35.44
CA GLY A 345 10.69 15.08 34.27
C GLY A 345 12.02 15.72 33.86
N PHE A 346 12.78 16.24 34.83
CA PHE A 346 14.09 16.85 34.56
C PHE A 346 15.07 15.84 33.97
N TYR A 347 15.19 14.68 34.62
CA TYR A 347 16.11 13.64 34.17
C TYR A 347 15.73 13.16 32.77
N ASN A 348 14.43 12.95 32.52
CA ASN A 348 13.98 12.55 31.19
C ASN A 348 14.23 13.60 30.12
N THR A 349 14.06 14.87 30.46
CA THR A 349 14.33 15.98 29.55
C THR A 349 15.81 15.99 29.13
N LEU A 350 16.69 15.67 30.08
CA LEU A 350 18.14 15.66 29.86
C LEU A 350 18.64 14.43 29.09
N LEU A 351 18.01 13.28 29.31
CA LEU A 351 18.54 11.99 28.87
C LEU A 351 17.82 11.36 27.68
N LEU A 352 16.52 11.59 27.51
CA LEU A 352 15.77 10.87 26.48
C LEU A 352 15.98 11.45 25.09
N PRO A 353 15.88 10.60 24.06
CA PRO A 353 15.89 11.09 22.67
C PRO A 353 14.55 11.70 22.24
N TYR A 354 13.49 11.42 22.99
CA TYR A 354 12.14 11.82 22.64
C TYR A 354 11.28 11.76 23.90
N LEU A 355 10.47 12.78 24.13
CA LEU A 355 9.56 12.78 25.28
C LEU A 355 8.12 12.89 24.81
N GLU A 356 7.26 12.04 25.37
CA GLU A 356 5.83 12.15 25.19
C GLU A 356 5.30 13.05 26.29
N VAL A 357 4.12 13.62 26.07
CA VAL A 357 3.43 14.42 27.09
C VAL A 357 3.25 13.52 28.32
N ASN A 358 3.55 14.06 29.49
CA ASN A 358 3.43 13.34 30.76
C ASN A 358 3.15 14.38 31.83
N LEU A 359 1.86 14.68 32.00
CA LEU A 359 1.43 15.78 32.86
C LEU A 359 1.85 15.58 34.33
N PRO A 360 1.78 14.35 34.85
CA PRO A 360 2.28 14.15 36.21
C PRO A 360 3.77 14.48 36.44
N GLN A 361 4.58 14.39 35.39
CA GLN A 361 6.01 14.75 35.45
C GLN A 361 6.29 16.19 35.00
N GLY A 362 5.24 16.95 34.67
CA GLY A 362 5.40 18.32 34.21
C GLY A 362 5.89 18.46 32.78
N ILE A 363 5.75 17.40 31.99
CA ILE A 363 6.14 17.43 30.58
C ILE A 363 4.88 17.74 29.77
N PHE A 364 4.74 19.00 29.37
CA PHE A 364 3.54 19.48 28.69
C PHE A 364 3.60 19.40 27.17
N PHE A 365 4.81 19.30 26.61
CA PHE A 365 4.96 19.21 25.17
C PHE A 365 5.67 17.92 24.78
N GLN A 366 5.21 17.31 23.71
CA GLN A 366 5.95 16.28 23.01
C GLN A 366 7.26 16.93 22.52
N GLN A 367 8.40 16.31 22.82
CA GLN A 367 9.70 16.90 22.52
C GLN A 367 10.62 15.91 21.83
N ASP A 368 10.86 16.14 20.54
CA ASP A 368 11.84 15.37 19.77
C ASP A 368 13.17 16.06 19.98
N TRP A 369 14.20 15.30 20.41
CA TRP A 369 15.51 15.91 20.67
C TRP A 369 16.46 15.97 19.46
N ALA A 370 15.99 15.51 18.30
CA ALA A 370 16.71 15.71 17.03
C ALA A 370 18.10 15.09 17.01
N SER A 371 18.25 14.00 17.77
CA SER A 371 19.53 13.31 17.95
C SER A 371 20.65 14.15 18.60
N LEU A 372 20.31 15.27 19.27
CA LEU A 372 21.28 15.96 20.12
C LEU A 372 21.73 15.00 21.21
N ARG A 373 23.00 15.09 21.55
CA ARG A 373 23.55 14.24 22.59
C ARG A 373 22.85 14.45 23.94
N LYS A 374 23.11 13.54 24.87
CA LYS A 374 22.41 13.48 26.15
C LYS A 374 23.24 14.08 27.27
N VAL A 375 22.58 14.84 28.14
CA VAL A 375 23.22 15.44 29.32
C VAL A 375 23.12 14.45 30.48
N THR A 376 24.26 14.22 31.14
CA THR A 376 24.32 13.41 32.34
C THR A 376 23.78 14.22 33.52
N PRO A 377 22.65 13.78 34.10
CA PRO A 377 22.19 14.47 35.31
C PRO A 377 23.15 14.24 36.47
N VAL A 378 23.19 15.20 37.38
CA VAL A 378 24.05 15.14 38.56
C VAL A 378 23.18 15.28 39.80
N ALA A 379 23.24 14.28 40.67
CA ALA A 379 22.54 14.27 41.95
C ALA A 379 23.52 14.62 43.04
N SER A 380 23.29 15.74 43.71
CA SER A 380 24.27 16.27 44.65
C SER A 380 23.62 17.06 45.75
N GLY A 381 24.18 16.95 46.95
CA GLY A 381 23.81 17.81 48.06
C GLY A 381 23.09 17.08 49.16
N GLY A 382 23.78 16.86 50.27
CA GLY A 382 23.18 16.23 51.45
C GLY A 382 22.78 14.78 51.32
N ILE A 383 23.43 14.01 50.42
CA ILE A 383 23.11 12.58 50.27
C ILE A 383 24.17 11.71 50.92
N HIS A 384 23.81 10.48 51.23
CA HIS A 384 24.73 9.54 51.89
C HIS A 384 24.40 8.11 51.49
N CYS A 385 25.35 7.20 51.71
CA CYS A 385 25.28 5.84 51.16
C CYS A 385 24.16 4.98 51.74
N GLY A 386 23.69 5.32 52.94
CA GLY A 386 22.46 4.77 53.50
C GLY A 386 21.20 4.97 52.67
N GLN A 387 21.24 5.92 51.73
CA GLN A 387 20.13 6.16 50.80
C GLN A 387 20.30 5.51 49.41
N MET A 388 21.32 4.65 49.23
CA MET A 388 21.69 4.20 47.89
C MET A 388 20.55 3.54 47.11
N HIS A 389 19.79 2.68 47.78
CA HIS A 389 18.54 2.13 47.21
C HIS A 389 17.56 3.22 46.72
N GLN A 390 17.36 4.26 47.50
CA GLN A 390 16.48 5.37 47.10
C GLN A 390 17.05 6.17 45.91
N LEU A 391 18.36 6.36 45.90
CA LEU A 391 19.01 7.10 44.82
C LEU A 391 18.93 6.34 43.50
N LEU A 392 19.19 5.04 43.54
CA LEU A 392 19.12 4.20 42.33
C LEU A 392 17.69 4.14 41.78
N ASP A 393 16.69 4.13 42.66
CA ASP A 393 15.28 4.06 42.27
C ASP A 393 14.77 5.41 41.76
N TYR A 394 14.97 6.49 42.50
CA TYR A 394 14.45 7.78 42.08
C TYR A 394 15.18 8.34 40.85
N LEU A 395 16.48 8.09 40.79
CA LEU A 395 17.37 8.79 39.86
C LEU A 395 17.88 7.92 38.71
N GLY A 396 17.86 6.60 38.87
CA GLY A 396 18.22 5.68 37.79
C GLY A 396 19.71 5.48 37.64
N ASN A 397 20.07 4.89 36.51
CA ASN A 397 21.44 4.42 36.27
C ASN A 397 22.39 5.47 35.68
N ASP A 398 21.82 6.46 34.99
CA ASP A 398 22.57 7.44 34.22
C ASP A 398 22.58 8.75 34.98
N VAL A 399 23.58 8.92 35.82
CA VAL A 399 23.66 10.02 36.78
C VAL A 399 25.04 9.99 37.41
N VAL A 400 25.51 11.14 37.89
CA VAL A 400 26.64 11.20 38.79
C VAL A 400 26.08 11.43 40.20
N LEU A 401 26.30 10.48 41.11
CA LEU A 401 25.94 10.63 42.51
C LEU A 401 27.13 11.27 43.22
N GLN A 402 26.96 12.51 43.69
CA GLN A 402 28.04 13.26 44.32
C GLN A 402 27.85 13.32 45.83
N PHE A 403 28.86 12.86 46.56
CA PHE A 403 28.84 12.78 48.03
C PHE A 403 30.01 13.60 48.60
N GLY A 404 29.79 14.89 48.83
CA GLY A 404 30.82 15.78 49.41
C GLY A 404 31.00 15.53 50.90
N GLY A 405 30.07 16.06 51.70
CA GLY A 405 30.01 15.76 53.13
C GLY A 405 29.95 14.26 53.39
N GLY A 406 29.21 13.54 52.56
CA GLY A 406 29.08 12.09 52.65
C GLY A 406 30.31 11.26 52.32
N THR A 407 31.40 11.89 51.85
CA THR A 407 32.70 11.25 51.74
C THR A 407 33.68 11.80 52.79
N ILE A 408 33.82 13.12 52.79
CA ILE A 408 34.86 13.80 53.59
C ILE A 408 34.49 13.85 55.07
N GLY A 409 33.19 13.74 55.37
CA GLY A 409 32.72 13.64 56.77
C GLY A 409 32.91 12.28 57.43
N HIS A 410 33.50 11.31 56.73
CA HIS A 410 33.66 9.97 57.27
C HIS A 410 34.72 9.96 58.39
N PRO A 411 34.39 9.39 59.57
CA PRO A 411 35.33 9.51 60.70
C PRO A 411 36.70 8.86 60.50
N ASP A 412 36.75 7.79 59.71
CA ASP A 412 38.01 7.13 59.35
C ASP A 412 38.76 7.64 58.12
N GLY A 413 38.36 8.78 57.59
CA GLY A 413 39.13 9.44 56.55
C GLY A 413 38.45 9.42 55.20
N ILE A 414 39.08 10.14 54.28
CA ILE A 414 38.50 10.40 52.97
C ILE A 414 38.46 9.14 52.11
N GLN A 415 39.54 8.36 52.11
CA GLN A 415 39.56 7.07 51.41
C GLN A 415 38.44 6.14 51.89
N ALA A 416 38.26 6.04 53.21
CA ALA A 416 37.19 5.23 53.79
C ALA A 416 35.82 5.68 53.31
N GLY A 417 35.58 7.00 53.32
CA GLY A 417 34.34 7.57 52.84
C GLY A 417 34.04 7.22 51.38
N ALA A 418 35.06 7.34 50.55
CA ALA A 418 34.96 6.97 49.13
C ALA A 418 34.65 5.48 48.94
N THR A 419 35.39 4.64 49.66
CA THR A 419 35.20 3.19 49.61
C THR A 419 33.78 2.79 50.02
N ALA A 420 33.25 3.39 51.09
CA ALA A 420 31.87 3.15 51.54
C ALA A 420 30.88 3.42 50.42
N ASN A 421 31.03 4.56 49.76
CA ASN A 421 30.13 4.94 48.69
C ASN A 421 30.22 4.00 47.49
N ARG A 422 31.44 3.64 47.11
CA ARG A 422 31.67 2.76 45.95
C ARG A 422 31.11 1.36 46.19
N VAL A 423 31.40 0.78 47.35
CA VAL A 423 30.85 -0.53 47.73
C VAL A 423 29.33 -0.53 47.80
N ALA A 424 28.77 0.51 48.44
CA ALA A 424 27.32 0.67 48.52
C ALA A 424 26.69 0.71 47.12
N LEU A 425 27.30 1.47 46.22
CA LEU A 425 26.79 1.58 44.85
C LEU A 425 26.80 0.23 44.14
N GLU A 426 27.95 -0.44 44.13
CA GLU A 426 28.06 -1.70 43.39
C GLU A 426 27.15 -2.79 43.96
N SER A 427 27.04 -2.82 45.29
CA SER A 427 26.15 -3.75 45.98
C SER A 427 24.70 -3.54 45.56
N MET A 428 24.29 -2.28 45.39
CA MET A 428 22.93 -1.98 45.00
C MET A 428 22.69 -2.27 43.52
N VAL A 429 23.66 -1.94 42.68
CA VAL A 429 23.57 -2.20 41.24
C VAL A 429 23.44 -3.70 40.97
N ILE A 430 24.30 -4.50 41.59
CA ILE A 430 24.27 -5.95 41.33
C ILE A 430 22.93 -6.56 41.77
N ALA A 431 22.40 -6.10 42.91
CA ALA A 431 21.08 -6.53 43.40
C ALA A 431 19.94 -6.14 42.46
N ARG A 432 19.94 -4.90 41.98
CA ARG A 432 18.97 -4.46 40.96
C ARG A 432 19.06 -5.34 39.72
N ASN A 433 20.28 -5.55 39.21
CA ASN A 433 20.47 -6.36 38.00
C ASN A 433 20.03 -7.83 38.13
N GLU A 434 20.12 -8.37 39.35
CA GLU A 434 19.66 -9.75 39.62
C GLU A 434 18.14 -9.90 39.69
N GLY A 435 17.40 -8.80 39.67
CA GLY A 435 15.93 -8.81 39.72
C GLY A 435 15.36 -8.67 41.12
N ARG A 436 16.19 -8.34 42.10
CA ARG A 436 15.75 -8.24 43.48
C ARG A 436 14.95 -6.95 43.71
N ASP A 437 13.99 -7.01 44.62
CA ASP A 437 13.22 -5.83 45.03
C ASP A 437 14.13 -5.00 45.94
N TYR A 438 15.06 -4.28 45.30
CA TYR A 438 16.14 -3.59 46.01
C TYR A 438 15.69 -2.37 46.80
N VAL A 439 14.51 -1.83 46.49
CA VAL A 439 13.95 -0.72 47.27
C VAL A 439 13.46 -1.24 48.63
N ALA A 440 12.68 -2.31 48.62
CA ALA A 440 12.21 -2.96 49.86
C ALA A 440 13.37 -3.56 50.67
N GLU A 441 14.32 -4.19 49.98
CA GLU A 441 15.44 -4.85 50.62
C GLU A 441 16.69 -3.97 50.81
N GLY A 442 16.63 -2.72 50.36
CA GLY A 442 17.80 -1.85 50.29
C GLY A 442 18.63 -1.72 51.56
N PRO A 443 17.97 -1.38 52.68
CA PRO A 443 18.70 -1.33 53.96
C PRO A 443 19.43 -2.65 54.29
N GLN A 444 18.80 -3.79 54.02
CA GLN A 444 19.44 -5.09 54.25
C GLN A 444 20.56 -5.37 53.23
N ILE A 445 20.38 -4.96 51.98
CA ILE A 445 21.44 -5.09 50.96
C ILE A 445 22.69 -4.32 51.43
N LEU A 446 22.50 -3.14 51.97
CA LEU A 446 23.62 -2.33 52.46
C LEU A 446 24.27 -2.96 53.71
N ARG A 447 23.44 -3.48 54.63
CA ARG A 447 23.96 -4.17 55.82
C ARG A 447 24.79 -5.39 55.44
N ASP A 448 24.33 -6.16 54.46
CA ASP A 448 25.05 -7.35 54.02
C ASP A 448 26.41 -7.00 53.46
N ALA A 449 26.49 -5.97 52.61
CA ALA A 449 27.78 -5.53 52.07
C ALA A 449 28.71 -5.00 53.19
N ALA A 450 28.12 -4.33 54.18
CA ALA A 450 28.86 -3.81 55.35
C ALA A 450 29.56 -4.89 56.19
N LYS A 451 29.04 -6.11 56.16
CA LYS A 451 29.65 -7.25 56.86
C LYS A 451 31.10 -7.51 56.46
N THR A 452 31.47 -7.19 55.21
CA THR A 452 32.86 -7.30 54.77
C THR A 452 33.47 -5.96 54.32
N GLY A 454 34.29 -2.50 56.47
CA GLY A 454 34.31 -1.61 57.64
C GLY A 454 33.91 -0.18 57.36
N PRO A 455 34.50 0.45 56.33
CA PRO A 455 34.10 1.81 55.94
C PRO A 455 32.60 1.98 55.73
N LEU A 456 31.94 1.03 55.07
CA LEU A 456 30.50 1.11 54.87
C LEU A 456 29.72 0.93 56.18
N GLN A 457 30.14 -0.01 57.01
CA GLN A 457 29.52 -0.19 58.34
C GLN A 457 29.50 1.12 59.12
N THR A 458 30.67 1.77 59.19
CA THR A 458 30.82 3.05 59.88
C THR A 458 29.93 4.15 59.29
N ALA A 459 29.88 4.25 57.96
CA ALA A 459 29.04 5.25 57.29
C ALA A 459 27.55 5.03 57.56
N LEU A 460 27.12 3.77 57.55
CA LEU A 460 25.72 3.44 57.88
C LEU A 460 25.40 3.78 59.34
N ASP A 461 26.29 3.39 60.26
CA ASP A 461 26.12 3.74 61.69
C ASP A 461 26.00 5.25 61.91
N LEU A 462 26.83 6.03 61.22
CA LEU A 462 26.85 7.48 61.39
C LEU A 462 25.63 8.21 60.82
N TRP A 463 25.23 7.87 59.60
CA TRP A 463 24.25 8.66 58.83
C TRP A 463 22.89 7.99 58.52
N LYS A 464 22.70 6.71 58.84
CA LYS A 464 21.50 5.98 58.33
C LYS A 464 20.14 6.63 58.61
N ASP A 465 20.02 7.33 59.74
CA ASP A 465 18.77 8.03 60.10
C ASP A 465 18.70 9.51 59.72
N ILE A 466 19.73 10.02 59.04
CA ILE A 466 19.70 11.38 58.51
C ILE A 466 18.74 11.45 57.32
N THR A 467 17.68 12.25 57.47
CA THR A 467 16.70 12.50 56.41
C THR A 467 16.47 14.00 56.28
N PHE A 468 15.93 14.41 55.14
CA PHE A 468 15.58 15.79 54.87
C PHE A 468 14.13 15.82 54.36
N ASN A 469 13.19 15.59 55.27
CA ASN A 469 11.76 15.53 54.94
C ASN A 469 11.08 16.89 55.10
N TYR A 470 10.85 17.55 53.96
CA TYR A 470 10.15 18.83 53.92
C TYR A 470 9.16 18.85 52.76
N THR A 471 8.12 19.66 52.90
CA THR A 471 7.14 19.85 51.83
C THR A 471 7.78 20.57 50.65
N SER A 472 7.54 20.05 49.44
CA SER A 472 8.08 20.65 48.22
C SER A 472 7.35 21.93 47.87
N THR A 473 8.09 22.88 47.28
CA THR A 473 7.53 24.11 46.71
C THR A 473 7.18 23.92 45.23
N ASP A 474 8.00 23.14 44.50
CA ASP A 474 7.84 22.92 43.07
C ASP A 474 7.18 21.55 42.83
N THR A 475 5.87 21.56 42.56
CA THR A 475 5.05 20.34 42.46
C THR A 475 4.15 20.33 41.23
N ALA A 476 3.72 19.14 40.84
CA ALA A 476 2.83 18.96 39.69
C ALA A 476 1.44 19.51 39.93
N ASP A 477 0.71 19.71 38.84
CA ASP A 477 -0.70 20.10 38.86
C ASP A 477 -1.64 18.95 38.50
N PHE A 478 -1.06 17.81 38.10
CA PHE A 478 -1.81 16.62 37.70
C PHE A 478 -1.19 15.40 38.37
N VAL A 479 -2.00 14.37 38.59
CA VAL A 479 -1.52 13.08 39.12
C VAL A 479 -1.93 11.93 38.21
N GLU A 480 -1.28 10.78 38.36
CA GLU A 480 -1.49 9.62 37.47
C GLU A 480 -2.90 9.04 37.63
N MET B 1 48.07 -5.24 43.52
CA MET B 1 46.87 -4.36 43.55
C MET B 1 45.71 -5.03 42.83
N ARG B 2 44.50 -4.55 43.06
CA ARG B 2 43.31 -5.03 42.36
C ARG B 2 42.92 -4.04 41.26
N LEU B 3 42.85 -4.51 40.02
CA LEU B 3 42.42 -3.66 38.91
C LEU B 3 40.91 -3.40 39.03
N THR B 4 40.51 -2.14 39.22
CA THR B 4 39.11 -1.83 39.48
C THR B 4 38.35 -1.21 38.28
N GLN B 5 38.82 -1.55 37.08
CA GLN B 5 37.98 -1.48 35.88
C GLN B 5 36.85 -2.49 36.01
N GLY B 6 35.75 -2.23 35.32
CA GLY B 6 34.58 -3.09 35.37
C GLY B 6 33.57 -2.63 36.40
N THR B 7 32.33 -2.99 36.18
CA THR B 7 31.19 -2.49 36.95
C THR B 7 31.16 -2.98 38.41
N PHE B 8 31.76 -4.15 38.67
CA PHE B 8 31.63 -4.83 39.97
C PHE B 8 32.94 -5.16 40.66
N SER B 9 34.00 -4.42 40.35
CA SER B 9 35.34 -4.77 40.84
C SER B 9 35.65 -4.36 42.30
N PHE B 10 34.77 -3.58 42.93
CA PHE B 10 34.83 -3.38 44.39
C PHE B 10 34.11 -4.49 45.17
N LEU B 11 33.47 -5.40 44.44
CA LEU B 11 32.89 -6.62 45.03
C LEU B 11 33.87 -7.76 44.76
N PRO B 12 33.80 -8.85 45.55
CA PRO B 12 34.65 -10.01 45.29
C PRO B 12 34.46 -10.58 43.88
N ASP B 13 35.48 -11.29 43.38
CA ASP B 13 35.38 -11.95 42.07
C ASP B 13 34.05 -12.71 41.98
N LEU B 14 33.32 -12.52 40.89
CA LEU B 14 31.98 -13.06 40.73
C LEU B 14 32.02 -14.57 40.54
N THR B 15 31.08 -15.26 41.17
CA THR B 15 30.88 -16.70 40.94
C THR B 15 30.24 -16.92 39.58
N ASP B 16 30.29 -18.15 39.08
CA ASP B 16 29.60 -18.49 37.83
C ASP B 16 28.10 -18.22 37.90
N GLU B 17 27.50 -18.41 39.07
CA GLU B 17 26.07 -18.14 39.26
C GLU B 17 25.77 -16.63 39.19
N GLN B 18 26.61 -15.82 39.81
CA GLN B 18 26.48 -14.35 39.71
C GLN B 18 26.62 -13.88 38.26
N ILE B 19 27.60 -14.44 37.56
CA ILE B 19 27.85 -14.10 36.16
C ILE B 19 26.63 -14.48 35.32
N LYS B 20 26.06 -15.66 35.55
CA LYS B 20 24.89 -16.11 34.80
C LYS B 20 23.69 -15.17 35.00
N LYS B 21 23.52 -14.65 36.22
CA LYS B 21 22.46 -13.69 36.49
C LYS B 21 22.67 -12.36 35.74
N GLN B 22 23.90 -11.89 35.61
CA GLN B 22 24.19 -10.71 34.79
C GLN B 22 23.94 -10.98 33.30
N VAL B 23 24.28 -12.18 32.86
CA VAL B 23 23.98 -12.60 31.48
C VAL B 23 22.45 -12.65 31.25
N ASP B 24 21.70 -13.22 32.20
CA ASP B 24 20.24 -13.25 32.15
C ASP B 24 19.63 -11.84 32.05
N TYR B 25 20.17 -10.92 32.85
CA TYR B 25 19.77 -9.52 32.80
C TYR B 25 19.98 -8.93 31.40
N ALA B 26 21.17 -9.11 30.83
CA ALA B 26 21.47 -8.64 29.47
C ALA B 26 20.50 -9.22 28.42
N ILE B 27 20.24 -10.52 28.52
CA ILE B 27 19.31 -11.20 27.62
C ILE B 27 17.91 -10.61 27.73
N SER B 28 17.44 -10.38 28.95
CA SER B 28 16.12 -9.77 29.18
C SER B 28 15.97 -8.36 28.60
N GLN B 29 17.08 -7.63 28.43
CA GLN B 29 17.10 -6.31 27.75
C GLN B 29 17.37 -6.38 26.24
N ASN B 30 17.49 -7.58 25.68
CA ASN B 30 17.88 -7.81 24.28
C ASN B 30 19.22 -7.15 23.90
N TRP B 31 20.17 -7.17 24.84
CA TRP B 31 21.52 -6.67 24.58
C TRP B 31 22.39 -7.76 23.97
N ALA B 32 23.29 -7.38 23.08
CA ALA B 32 24.29 -8.29 22.54
C ALA B 32 25.38 -8.43 23.59
N ILE B 33 25.94 -9.63 23.70
CA ILE B 33 26.98 -9.93 24.69
C ILE B 33 28.23 -10.38 23.95
N ASN B 34 29.39 -9.95 24.43
CA ASN B 34 30.65 -10.53 23.99
C ASN B 34 31.65 -10.67 25.13
N ILE B 35 32.73 -11.39 24.83
CA ILE B 35 33.75 -11.76 25.77
C ILE B 35 35.06 -11.26 25.20
N GLU B 36 35.85 -10.59 26.03
CA GLU B 36 37.15 -10.09 25.61
C GLU B 36 38.19 -10.38 26.68
N TYR B 37 39.45 -10.38 26.28
CA TYR B 37 40.56 -10.68 27.19
C TYR B 37 41.76 -9.81 26.88
N THR B 38 42.61 -9.63 27.87
CA THR B 38 43.84 -8.86 27.68
C THR B 38 44.91 -9.21 28.69
N GLU B 39 46.15 -8.94 28.31
CA GLU B 39 47.28 -8.88 29.22
C GLU B 39 47.99 -7.51 29.16
N ASP B 40 47.27 -6.47 28.70
CA ASP B 40 47.68 -5.07 28.95
C ASP B 40 46.59 -4.40 29.77
N PRO B 41 46.83 -4.21 31.07
CA PRO B 41 45.80 -3.65 31.96
C PRO B 41 45.67 -2.12 31.92
N HIS B 42 46.36 -1.45 31.00
CA HIS B 42 46.34 0.02 30.90
C HIS B 42 44.90 0.56 30.88
N PRO B 43 44.62 1.63 31.65
CA PRO B 43 43.23 2.15 31.71
C PRO B 43 42.65 2.64 30.37
N ARG B 44 43.52 2.99 29.45
CA ARG B 44 43.20 3.40 28.08
C ARG B 44 43.53 2.35 26.99
N ASN B 45 43.70 1.09 27.39
CA ASN B 45 43.73 -0.01 26.43
C ASN B 45 42.30 -0.29 25.98
N ASN B 46 41.84 0.45 24.98
CA ASN B 46 40.43 0.42 24.58
C ASN B 46 40.00 -0.89 23.94
N PHE B 47 40.93 -1.55 23.25
CA PHE B 47 40.61 -2.73 22.44
C PHE B 47 41.24 -4.00 23.01
N TRP B 48 40.58 -4.55 24.02
CA TRP B 48 40.91 -5.89 24.50
C TRP B 48 40.65 -6.89 23.37
N GLU B 49 41.31 -8.03 23.43
CA GLU B 49 41.21 -9.01 22.34
C GLU B 49 39.82 -9.66 22.31
N LEU B 50 39.29 -9.87 21.11
CA LEU B 50 37.98 -10.49 20.94
C LEU B 50 38.07 -12.00 21.11
N TRP B 51 37.17 -12.58 21.89
CA TRP B 51 36.94 -14.03 21.92
C TRP B 51 35.76 -14.32 21.00
N GLY B 52 36.05 -14.64 19.74
CA GLY B 52 35.01 -14.83 18.72
C GLY B 52 34.25 -13.56 18.40
N LEU B 53 33.04 -13.74 17.84
CA LEU B 53 32.14 -12.64 17.54
C LEU B 53 31.20 -12.40 18.71
N PRO B 54 30.65 -11.18 18.83
CA PRO B 54 29.56 -10.98 19.79
C PRO B 54 28.38 -11.91 19.48
N LEU B 55 27.64 -12.26 20.52
CA LEU B 55 26.46 -13.09 20.38
C LEU B 55 25.25 -12.17 20.33
N PHE B 56 24.59 -12.14 19.17
CA PHE B 56 23.39 -11.32 18.96
C PHE B 56 22.15 -12.21 19.09
N ASP B 57 21.02 -11.60 19.48
CA ASP B 57 19.72 -12.29 19.54
C ASP B 57 19.78 -13.58 20.38
N ILE B 58 20.28 -13.45 21.61
CA ILE B 58 20.60 -14.60 22.45
C ILE B 58 19.33 -15.00 23.22
N ASN B 59 18.96 -16.27 23.15
CA ASN B 59 17.84 -16.81 23.93
C ASN B 59 18.29 -17.46 25.26
N ASP B 60 19.49 -18.04 25.25
CA ASP B 60 19.93 -18.97 26.29
C ASP B 60 21.25 -18.50 26.92
N ALA B 61 21.24 -18.31 28.24
CA ALA B 61 22.45 -17.94 28.98
C ALA B 61 23.55 -19.00 28.93
N ALA B 62 23.16 -20.27 28.83
CA ALA B 62 24.11 -21.40 28.77
C ALA B 62 25.09 -21.33 27.60
N THR B 63 24.66 -20.76 26.47
CA THR B 63 25.54 -20.53 25.31
C THR B 63 26.68 -19.57 25.67
N VAL B 64 26.35 -18.50 26.38
CA VAL B 64 27.34 -17.53 26.85
C VAL B 64 28.27 -18.18 27.89
N MET B 65 27.69 -18.90 28.86
CA MET B 65 28.49 -19.58 29.90
C MET B 65 29.45 -20.61 29.32
N TYR B 66 29.04 -21.30 28.25
CA TYR B 66 29.91 -22.22 27.51
C TYR B 66 31.15 -21.51 26.96
N GLU B 67 30.92 -20.40 26.27
CA GLU B 67 32.02 -19.61 25.71
C GLU B 67 32.91 -18.98 26.78
N ILE B 68 32.32 -18.60 27.91
CA ILE B 68 33.11 -18.12 29.06
C ILE B 68 34.09 -19.21 29.51
N GLY B 69 33.60 -20.43 29.70
CA GLY B 69 34.45 -21.56 30.04
C GLY B 69 35.52 -21.86 28.99
N SER B 70 35.12 -21.81 27.71
CA SER B 70 36.06 -22.05 26.62
C SER B 70 37.15 -20.99 26.57
N CYS B 71 36.78 -19.72 26.74
CA CYS B 71 37.78 -18.64 26.81
C CYS B 71 38.72 -18.82 28.00
N ARG B 72 38.16 -19.19 29.15
CA ARG B 72 38.96 -19.47 30.36
C ARG B 72 40.00 -20.59 30.20
N GLN B 73 39.68 -21.64 29.45
CA GLN B 73 40.64 -22.71 29.15
C GLN B 73 41.91 -22.17 28.50
N GLN B 74 41.74 -21.20 27.60
CA GLN B 74 42.85 -20.58 26.88
C GLN B 74 43.47 -19.39 27.59
N HIS B 75 42.70 -18.66 28.40
CA HIS B 75 43.11 -17.35 28.92
C HIS B 75 42.77 -17.04 30.39
N SER B 76 42.55 -18.06 31.22
CA SER B 76 42.24 -17.81 32.65
C SER B 76 43.41 -17.24 33.48
N ASN B 77 44.64 -17.29 32.96
CA ASN B 77 45.77 -16.60 33.58
C ASN B 77 45.77 -15.05 33.44
N VAL B 78 44.93 -14.51 32.57
CA VAL B 78 44.93 -13.06 32.30
C VAL B 78 43.53 -12.47 32.57
N TYR B 79 43.30 -11.23 32.12
CA TYR B 79 42.01 -10.60 32.31
C TYR B 79 41.02 -11.07 31.27
N ILE B 80 39.80 -11.37 31.72
CA ILE B 80 38.66 -11.63 30.85
C ILE B 80 37.51 -10.79 31.36
N LYS B 81 36.76 -10.18 30.45
CA LYS B 81 35.59 -9.37 30.80
C LYS B 81 34.42 -9.73 29.91
N VAL B 82 33.23 -9.47 30.42
CA VAL B 82 31.99 -9.65 29.67
C VAL B 82 31.40 -8.28 29.43
N ASN B 83 31.05 -7.99 28.18
CA ASN B 83 30.40 -6.73 27.79
C ASN B 83 29.01 -6.96 27.24
N ALA B 84 28.13 -5.99 27.47
CA ALA B 84 26.80 -5.98 26.84
C ALA B 84 26.64 -4.69 26.05
N PHE B 85 26.07 -4.80 24.86
CA PHE B 85 25.94 -3.69 23.92
C PHE B 85 24.47 -3.50 23.56
N ASP B 86 24.06 -2.24 23.46
CA ASP B 86 22.71 -1.86 23.10
C ASP B 86 22.78 -1.01 21.84
N ASN B 87 22.24 -1.54 20.74
CA ASN B 87 22.26 -0.81 19.47
C ASN B 87 21.03 0.08 19.21
N THR B 88 20.19 0.31 20.22
CA THR B 88 19.13 1.34 20.16
C THR B 88 19.70 2.70 19.77
N ARG B 89 19.05 3.40 18.84
CA ARG B 89 19.57 4.71 18.40
C ARG B 89 19.67 5.65 19.60
N GLY B 90 20.78 6.37 19.67
CA GLY B 90 21.07 7.25 20.82
C GLY B 90 21.86 6.57 21.93
N VAL B 91 22.01 5.24 21.88
CA VAL B 91 22.89 4.52 22.79
C VAL B 91 24.04 3.97 21.95
N GLU B 92 23.81 2.88 21.21
CA GLU B 92 24.80 2.35 20.27
C GLU B 92 26.18 2.30 20.93
N SER B 93 26.21 1.64 22.08
CA SER B 93 27.39 1.59 22.91
C SER B 93 27.29 0.44 23.89
N CYS B 94 28.41 0.19 24.56
CA CYS B 94 28.44 -0.72 25.67
C CYS B 94 27.55 -0.15 26.78
N VAL B 95 26.77 -1.02 27.44
CA VAL B 95 25.92 -0.63 28.58
C VAL B 95 26.22 -1.42 29.85
N LEU B 96 27.21 -2.33 29.80
CA LEU B 96 27.62 -3.12 30.95
C LEU B 96 28.94 -3.78 30.59
N SER B 97 29.92 -3.67 31.48
CA SER B 97 31.20 -4.33 31.30
C SER B 97 31.78 -4.71 32.65
N PHE B 98 31.96 -6.00 32.90
CA PHE B 98 32.51 -6.48 34.17
C PHE B 98 33.56 -7.56 33.99
N LEU B 99 34.52 -7.56 34.91
CA LEU B 99 35.62 -8.52 34.87
C LEU B 99 35.14 -9.86 35.40
N ILE B 100 35.49 -10.93 34.70
CA ILE B 100 35.19 -12.31 35.14
C ILE B 100 36.44 -13.15 35.45
N ASN B 101 37.62 -12.71 35.02
CA ASN B 101 38.90 -13.35 35.39
C ASN B 101 39.95 -12.28 35.61
N ARG B 102 40.84 -12.55 36.56
CA ARG B 102 41.98 -11.71 36.88
C ARG B 102 43.19 -12.60 37.02
N PRO B 103 44.39 -12.06 36.80
CA PRO B 103 45.59 -12.80 37.16
C PRO B 103 45.68 -12.97 38.68
N SER B 104 46.41 -13.98 39.12
CA SER B 104 46.58 -14.22 40.56
C SER B 104 47.30 -13.05 41.23
N TYR B 105 48.28 -12.47 40.52
CA TYR B 105 49.00 -11.27 40.99
C TYR B 105 49.07 -10.17 39.92
N GLU B 106 48.50 -9.01 40.25
CA GLU B 106 48.62 -7.82 39.40
C GLU B 106 49.57 -6.83 40.08
N PRO B 107 50.80 -6.66 39.53
CA PRO B 107 51.72 -5.69 40.13
C PRO B 107 51.29 -4.22 39.96
N GLY B 108 50.45 -3.92 38.98
CA GLY B 108 49.94 -2.55 38.82
C GLY B 108 50.86 -1.66 37.99
N PHE B 109 50.97 -0.38 38.40
CA PHE B 109 51.56 0.65 37.54
C PHE B 109 52.62 1.50 38.24
N ARG B 110 53.66 1.86 37.49
CA ARG B 110 54.56 2.94 37.88
C ARG B 110 54.00 4.23 37.28
N LEU B 111 53.86 5.27 38.10
CA LEU B 111 53.54 6.60 37.57
C LEU B 111 54.85 7.26 37.15
N VAL B 112 54.96 7.49 35.84
CA VAL B 112 56.16 8.11 35.27
C VAL B 112 55.87 9.59 35.10
N ARG B 113 56.83 10.42 35.50
CA ARG B 113 56.74 11.89 35.42
C ARG B 113 57.90 12.41 34.59
N SER B 114 57.63 13.41 33.76
CA SER B 114 58.68 14.15 33.07
C SER B 114 58.50 15.64 33.31
N GLU B 115 59.63 16.34 33.42
CA GLU B 115 59.64 17.79 33.56
C GLU B 115 59.19 18.41 32.24
N ASP B 116 58.34 19.42 32.33
CA ASP B 116 57.91 20.14 31.14
C ASP B 116 58.03 21.64 31.42
N ILE B 117 57.18 22.47 30.80
CA ILE B 117 57.38 23.92 30.87
C ILE B 117 56.95 24.43 32.24
N SER B 118 57.71 25.36 32.79
CA SER B 118 57.49 25.88 34.15
C SER B 118 57.28 24.72 35.15
N ARG B 119 56.11 24.64 35.80
CA ARG B 119 55.81 23.58 36.77
C ARG B 119 55.03 22.41 36.17
N ASN B 120 54.63 22.51 34.91
CA ASN B 120 53.86 21.44 34.26
C ASN B 120 54.72 20.18 34.14
N GLN B 121 54.07 19.03 34.26
CA GLN B 121 54.70 17.76 34.00
C GLN B 121 53.90 16.95 32.98
N LYS B 122 54.57 16.01 32.32
CA LYS B 122 53.91 15.02 31.49
C LYS B 122 53.94 13.70 32.24
N TYR B 123 52.85 12.95 32.16
CA TYR B 123 52.67 11.72 32.90
C TYR B 123 52.43 10.53 31.99
N SER B 124 52.85 9.35 32.47
CA SER B 124 52.62 8.08 31.78
C SER B 124 52.35 6.99 32.83
N PHE B 125 51.46 6.07 32.48
CA PHE B 125 51.15 4.91 33.31
C PHE B 125 51.87 3.72 32.71
N HIS B 126 52.88 3.24 33.42
CA HIS B 126 53.69 2.10 32.98
C HIS B 126 53.20 0.85 33.69
N SER B 127 52.73 -0.12 32.93
CA SER B 127 52.30 -1.41 33.51
C SER B 127 53.51 -2.28 33.80
N TYR B 128 53.68 -2.66 35.07
CA TYR B 128 54.75 -3.61 35.44
C TYR B 128 54.63 -4.95 34.71
N ALA B 129 53.41 -5.44 34.51
CA ALA B 129 53.21 -6.68 33.74
C ALA B 129 53.84 -6.59 32.35
N THR B 130 53.72 -5.43 31.71
CA THR B 130 54.27 -5.22 30.37
C THR B 130 55.79 -5.10 30.31
N ASP B 131 56.49 -5.18 31.46
CA ASP B 131 57.94 -5.36 31.47
C ASP B 131 58.36 -6.65 30.77
N LYS B 132 57.46 -7.63 30.72
CA LYS B 132 57.68 -8.86 29.96
C LYS B 132 56.84 -8.93 28.69
N PRO B 133 57.28 -9.75 27.71
CA PRO B 133 56.50 -9.91 26.47
C PRO B 133 55.17 -10.63 26.66
N GLU B 134 54.24 -10.38 25.75
CA GLU B 134 52.98 -11.11 25.72
C GLU B 134 53.25 -12.61 25.78
N GLY B 135 52.47 -13.34 26.59
CA GLY B 135 52.71 -14.76 26.84
C GLY B 135 53.53 -15.03 28.10
N SER B 136 54.27 -14.03 28.58
CA SER B 136 55.13 -14.16 29.75
C SER B 136 54.82 -13.15 30.86
N ARG B 137 53.64 -12.52 30.80
CA ARG B 137 53.33 -11.41 31.69
C ARG B 137 52.73 -11.82 33.02
N TYR B 138 51.85 -12.81 32.99
CA TYR B 138 51.12 -13.23 34.18
C TYR B 138 51.18 -14.75 34.37
N SER C 2 37.94 95.77 29.56
CA SER C 2 37.90 94.45 28.86
C SER C 2 37.19 93.38 29.70
N VAL C 3 36.56 92.41 29.04
CA VAL C 3 35.92 91.27 29.71
C VAL C 3 36.90 90.50 30.64
N GLU C 4 38.15 90.39 30.20
CA GLU C 4 39.19 89.69 30.98
C GLU C 4 39.45 90.42 32.31
N GLU C 5 39.60 91.76 32.24
CA GLU C 5 39.73 92.60 33.43
C GLU C 5 38.54 92.47 34.39
N ARG C 6 37.33 92.60 33.85
CA ARG C 6 36.10 92.56 34.65
C ARG C 6 35.85 91.22 35.34
N THR C 7 36.25 90.11 34.69
CA THR C 7 36.05 88.76 35.21
C THR C 7 37.25 88.19 35.99
N ARG C 8 38.27 89.02 36.26
CA ARG C 8 39.37 88.65 37.19
C ARG C 8 38.80 88.25 38.54
N ILE C 9 39.36 87.18 39.12
CA ILE C 9 38.91 86.72 40.44
C ILE C 9 39.51 87.63 41.52
N LYS C 10 38.61 88.20 42.34
CA LYS C 10 38.98 89.11 43.43
C LYS C 10 39.02 88.40 44.79
N ASN C 11 38.29 87.27 44.90
CA ASN C 11 38.42 86.33 46.03
C ASN C 11 39.89 86.10 46.39
N GLU C 12 40.25 86.38 47.65
CA GLU C 12 41.64 86.35 48.12
C GLU C 12 42.42 85.08 47.79
N ARG C 13 41.77 83.93 47.97
CA ARG C 13 42.42 82.63 47.74
C ARG C 13 42.69 82.33 46.26
N TYR C 14 41.75 82.69 45.39
CA TYR C 14 41.88 82.38 43.94
C TYR C 14 42.18 83.60 43.06
N GLU C 15 42.44 84.73 43.69
CA GLU C 15 43.08 85.87 43.04
C GLU C 15 44.50 85.47 42.61
N SER C 16 44.96 86.02 41.49
CA SER C 16 46.30 85.69 40.98
C SER C 16 47.39 86.08 41.95
N GLY C 17 48.47 85.30 41.97
CA GLY C 17 49.66 85.63 42.73
C GLY C 17 50.14 84.45 43.57
N VAL C 18 51.27 84.65 44.21
CA VAL C 18 51.92 83.65 45.06
C VAL C 18 51.39 83.80 46.47
N ILE C 19 50.94 82.70 47.05
CA ILE C 19 50.70 82.63 48.50
C ILE C 19 51.39 81.38 49.06
N PRO C 20 51.73 81.40 50.37
CA PRO C 20 52.40 80.21 50.91
C PRO C 20 51.58 78.92 50.78
N TYR C 21 52.24 77.79 50.55
CA TYR C 21 51.54 76.50 50.44
C TYR C 21 50.72 76.19 51.70
N ALA C 22 51.22 76.61 52.86
CA ALA C 22 50.51 76.43 54.14
C ALA C 22 49.19 77.23 54.26
N LYS C 23 48.96 78.21 53.37
CA LYS C 23 47.69 78.92 53.29
C LYS C 23 46.86 78.55 52.04
N MET C 24 47.30 77.54 51.29
CA MET C 24 46.61 77.06 50.08
C MET C 24 45.74 75.81 50.35
N GLY C 25 45.72 75.32 51.59
CA GLY C 25 44.95 74.11 51.96
C GLY C 25 45.80 72.87 52.20
N TYR C 26 47.13 72.98 52.05
CA TYR C 26 48.03 71.82 52.18
C TYR C 26 48.58 71.58 53.61
N TRP C 27 48.24 72.47 54.54
CA TRP C 27 48.54 72.30 55.96
C TRP C 27 47.24 72.24 56.72
N ASP C 28 46.98 71.12 57.39
CA ASP C 28 45.78 70.95 58.19
C ASP C 28 46.04 69.98 59.35
N PRO C 29 46.48 70.52 60.51
CA PRO C 29 46.70 69.65 61.66
C PRO C 29 45.43 69.09 62.30
N ASN C 30 44.26 69.51 61.84
CA ASN C 30 42.98 68.96 62.30
C ASN C 30 42.32 68.05 61.28
N TYR C 31 43.06 67.69 60.22
CA TYR C 31 42.52 66.79 59.18
C TYR C 31 42.19 65.42 59.76
N ALA C 32 41.00 64.91 59.46
CA ALA C 32 40.59 63.57 59.90
C ALA C 32 41.03 62.55 58.85
N VAL C 33 42.07 61.79 59.16
CA VAL C 33 42.61 60.79 58.22
C VAL C 33 41.55 59.73 57.95
N LYS C 34 41.33 59.44 56.66
CA LYS C 34 40.42 58.38 56.25
C LYS C 34 41.17 57.06 56.11
N ASP C 35 40.48 55.95 56.34
CA ASP C 35 41.05 54.61 56.15
C ASP C 35 41.39 54.27 54.68
N THR C 36 40.84 55.02 53.73
CA THR C 36 41.23 54.91 52.32
C THR C 36 42.40 55.82 51.92
N ASP C 37 42.86 56.72 52.80
CA ASP C 37 43.96 57.63 52.44
C ASP C 37 45.28 56.89 52.30
N ILE C 38 46.09 57.30 51.33
CA ILE C 38 47.51 56.94 51.28
C ILE C 38 48.20 57.93 52.19
N LEU C 39 49.02 57.43 53.12
CA LEU C 39 49.80 58.30 54.02
C LEU C 39 51.27 58.17 53.70
N ALA C 40 52.01 59.27 53.84
CA ALA C 40 53.46 59.25 53.68
C ALA C 40 54.10 59.93 54.87
N LEU C 41 55.25 59.41 55.28
CA LEU C 41 56.08 60.05 56.29
C LEU C 41 57.39 60.47 55.65
N PHE C 42 57.65 61.78 55.68
CA PHE C 42 58.88 62.38 55.18
C PHE C 42 59.72 62.93 56.32
N ARG C 43 61.04 62.79 56.18
CA ARG C 43 62.03 63.44 57.03
C ARG C 43 62.46 64.70 56.26
N VAL C 44 62.11 65.87 56.80
CA VAL C 44 62.22 67.15 56.10
C VAL C 44 63.31 68.00 56.74
N SER C 45 64.31 68.39 55.96
CA SER C 45 65.36 69.33 56.39
C SER C 45 65.19 70.64 55.62
N PRO C 46 64.50 71.64 56.22
CA PRO C 46 64.31 72.91 55.52
C PRO C 46 65.58 73.71 55.39
N GLN C 47 65.66 74.53 54.35
CA GLN C 47 66.73 75.51 54.23
C GLN C 47 66.67 76.50 55.40
N PRO C 48 67.81 77.12 55.76
CA PRO C 48 67.81 78.20 56.76
C PRO C 48 66.75 79.27 56.44
N GLY C 49 65.95 79.66 57.43
CA GLY C 49 64.89 80.65 57.23
C GLY C 49 63.57 80.15 56.66
N VAL C 50 63.50 78.86 56.30
CA VAL C 50 62.26 78.25 55.82
C VAL C 50 61.60 77.57 57.00
N ASP C 51 60.33 77.90 57.26
CA ASP C 51 59.68 77.29 58.40
C ASP C 51 59.28 75.84 58.04
N PRO C 52 59.45 74.91 59.00
CA PRO C 52 59.20 73.48 58.81
C PRO C 52 57.80 73.14 58.28
N VAL C 53 56.79 73.87 58.71
CA VAL C 53 55.42 73.65 58.27
C VAL C 53 55.22 74.08 56.81
N GLU C 54 55.80 75.22 56.44
CA GLU C 54 55.71 75.68 55.05
C GLU C 54 56.41 74.70 54.11
N ALA C 55 57.58 74.21 54.53
CA ALA C 55 58.30 73.18 53.76
C ALA C 55 57.48 71.90 53.60
N SER C 56 56.85 71.46 54.69
CA SER C 56 56.01 70.25 54.67
C SER C 56 54.75 70.44 53.82
N ALA C 57 54.14 71.63 53.91
CA ALA C 57 53.01 71.98 53.04
C ALA C 57 53.44 72.05 51.56
N ALA C 58 54.65 72.52 51.30
CA ALA C 58 55.20 72.55 49.93
C ALA C 58 55.34 71.12 49.39
N VAL C 59 55.81 70.21 50.23
CA VAL C 59 55.93 68.81 49.83
C VAL C 59 54.53 68.25 49.53
N ALA C 60 53.58 68.49 50.43
CA ALA C 60 52.19 68.05 50.27
C ALA C 60 51.58 68.61 49.00
N GLY C 61 51.72 69.91 48.79
CA GLY C 61 51.17 70.57 47.62
C GLY C 61 51.76 70.05 46.33
N GLU C 62 53.09 70.04 46.25
CA GLU C 62 53.77 69.68 45.00
C GLU C 62 53.85 68.15 44.73
N SER C 63 53.33 67.33 45.64
CA SER C 63 53.11 65.91 45.38
C SER C 63 51.62 65.56 45.21
N SER C 64 50.75 66.56 45.12
CA SER C 64 49.31 66.34 44.94
C SER C 64 48.76 67.24 43.84
N THR C 65 48.39 68.50 44.16
CA THR C 65 47.70 69.38 43.20
C THR C 65 48.27 70.79 42.98
N ALA C 66 49.23 71.21 43.80
CA ALA C 66 49.67 72.61 43.82
C ALA C 66 50.69 72.91 42.74
N THR C 67 50.78 74.19 42.40
CA THR C 67 51.99 74.75 41.84
C THR C 67 52.37 76.01 42.63
N TRP C 68 53.36 76.74 42.14
CA TRP C 68 54.02 77.82 42.87
C TRP C 68 53.22 79.14 42.95
N THR C 69 52.15 79.23 42.13
CA THR C 69 51.28 80.41 42.08
C THR C 69 49.85 79.91 41.96
N VAL C 70 48.90 80.78 42.28
CA VAL C 70 47.50 80.41 42.34
C VAL C 70 46.95 80.19 40.92
N VAL C 71 46.12 79.18 40.74
CA VAL C 71 45.47 78.92 39.45
C VAL C 71 43.96 78.77 39.60
N TRP C 72 43.21 79.47 38.75
CA TRP C 72 41.75 79.47 38.83
C TRP C 72 41.17 78.11 38.49
N THR C 73 41.91 77.34 37.69
CA THR C 73 41.46 76.00 37.27
C THR C 73 41.25 74.99 38.41
N ASP C 74 41.78 75.26 39.61
CA ASP C 74 41.41 74.51 40.83
C ASP C 74 39.91 74.39 40.97
N LEU C 75 39.20 75.48 40.68
CA LEU C 75 37.76 75.59 40.90
C LEU C 75 36.91 74.76 39.93
N LEU C 76 37.53 74.22 38.89
CA LEU C 76 36.90 73.20 38.02
C LEU C 76 36.91 71.80 38.62
N THR C 77 37.58 71.61 39.75
CA THR C 77 37.74 70.29 40.36
C THR C 77 37.20 70.32 41.77
N ALA C 78 37.06 69.14 42.37
CA ALA C 78 36.76 69.01 43.80
C ALA C 78 38.08 69.18 44.56
N CYS C 79 38.56 70.41 44.55
CA CYS C 79 39.93 70.71 44.98
C CYS C 79 40.16 70.42 46.46
N ASP C 80 39.15 70.68 47.30
CA ASP C 80 39.27 70.42 48.75
C ASP C 80 39.56 68.94 49.05
N LEU C 81 39.02 68.05 48.23
CA LEU C 81 39.25 66.62 48.37
C LEU C 81 40.63 66.20 47.82
N TYR C 82 41.03 66.75 46.67
CA TYR C 82 42.25 66.29 45.99
C TYR C 82 43.57 66.84 46.56
N ARG C 83 43.53 68.01 47.20
CA ARG C 83 44.72 68.53 47.88
C ARG C 83 45.19 67.53 48.94
N ALA C 84 46.47 67.18 48.92
CA ALA C 84 47.04 66.40 50.02
C ALA C 84 47.18 67.33 51.22
N LYS C 85 47.09 66.77 52.43
CA LYS C 85 47.25 67.56 53.66
C LYS C 85 48.43 67.04 54.46
N ALA C 86 49.42 67.91 54.69
CA ALA C 86 50.33 67.70 55.80
C ALA C 86 49.50 67.89 57.07
N TYR C 87 49.37 66.83 57.86
CA TYR C 87 48.48 66.84 59.04
C TYR C 87 49.19 66.72 60.38
N LYS C 88 50.51 66.50 60.37
CA LYS C 88 51.31 66.52 61.59
C LYS C 88 52.78 66.73 61.24
N VAL C 89 53.43 67.67 61.92
CA VAL C 89 54.88 67.88 61.82
C VAL C 89 55.48 67.78 63.24
N GLU C 90 56.58 67.05 63.35
CA GLU C 90 57.28 66.84 64.62
C GLU C 90 58.76 67.05 64.42
N SER C 91 59.45 67.56 65.44
CA SER C 91 60.90 67.56 65.40
C SER C 91 61.40 66.12 65.55
N VAL C 92 62.48 65.80 64.86
CA VAL C 92 63.13 64.50 64.96
C VAL C 92 64.04 64.52 66.19
N PRO C 93 63.95 63.49 67.08
CA PRO C 93 64.85 63.42 68.25
C PRO C 93 66.34 63.48 67.89
N ASN C 94 67.12 64.20 68.69
CA ASN C 94 68.59 64.25 68.57
C ASN C 94 69.11 64.83 67.25
N THR C 95 68.39 65.79 66.69
CA THR C 95 68.80 66.51 65.49
C THR C 95 68.38 67.96 65.64
N SER C 96 69.06 68.86 64.95
CA SER C 96 68.57 70.22 64.82
C SER C 96 68.01 70.38 63.40
N ASP C 97 66.95 71.17 63.28
CA ASP C 97 66.39 71.56 61.98
C ASP C 97 65.94 70.38 61.10
N GLN C 98 65.44 69.30 61.73
CA GLN C 98 64.98 68.13 60.99
C GLN C 98 63.63 67.70 61.55
N TYR C 99 62.69 67.40 60.65
CA TYR C 99 61.29 67.22 61.03
C TYR C 99 60.66 65.99 60.37
N PHE C 100 59.75 65.33 61.09
CA PHE C 100 58.89 64.31 60.49
C PHE C 100 57.62 65.01 60.05
N ALA C 101 57.24 64.83 58.78
CA ALA C 101 55.99 65.35 58.24
C ALA C 101 55.11 64.20 57.78
N TYR C 102 53.92 64.12 58.35
CA TYR C 102 52.90 63.12 57.97
C TYR C 102 51.95 63.79 56.99
N ILE C 103 51.76 63.16 55.82
CA ILE C 103 50.96 63.73 54.73
C ILE C 103 49.93 62.70 54.25
N SER C 104 48.70 63.16 54.03
CA SER C 104 47.60 62.31 53.59
C SER C 104 47.18 62.65 52.16
N TYR C 105 46.89 61.61 51.37
CA TYR C 105 46.54 61.71 49.95
C TYR C 105 45.30 60.87 49.71
N ASP C 106 44.28 61.46 49.10
CA ASP C 106 43.06 60.72 48.81
C ASP C 106 43.37 59.60 47.84
N ILE C 107 42.68 58.48 48.02
CA ILE C 107 42.84 57.31 47.14
C ILE C 107 42.57 57.63 45.66
N ASP C 108 41.67 58.58 45.36
CA ASP C 108 41.37 58.97 43.97
C ASP C 108 42.51 59.68 43.23
N LEU C 109 43.58 60.06 43.92
CA LEU C 109 44.73 60.67 43.25
C LEU C 109 45.56 59.69 42.44
N PHE C 110 45.37 58.38 42.67
CA PHE C 110 46.28 57.36 42.15
C PHE C 110 45.64 56.43 41.13
N GLU C 111 46.48 56.01 40.17
CA GLU C 111 46.07 54.98 39.22
C GLU C 111 46.13 53.63 39.92
N GLU C 112 45.04 52.89 39.80
CA GLU C 112 44.89 51.59 40.41
C GLU C 112 46.02 50.70 39.89
N GLY C 113 46.69 49.98 40.79
CA GLY C 113 47.69 48.99 40.42
C GLY C 113 48.99 49.48 39.79
N SER C 114 49.30 50.77 39.91
CA SER C 114 50.47 51.37 39.24
C SER C 114 51.48 51.95 40.22
N ILE C 115 52.62 51.26 40.35
CA ILE C 115 53.73 51.79 41.14
C ILE C 115 54.29 53.04 40.47
N ALA C 116 54.37 53.06 39.14
CA ALA C 116 54.81 54.27 38.42
C ALA C 116 53.98 55.49 38.81
N ASN C 117 52.66 55.32 38.87
CA ASN C 117 51.83 56.46 39.21
C ASN C 117 51.94 56.88 40.68
N LEU C 118 51.93 55.91 41.58
CA LEU C 118 52.11 56.18 43.00
C LEU C 118 53.40 56.97 43.23
N THR C 119 54.49 56.48 42.65
CA THR C 119 55.80 57.11 42.81
C THR C 119 55.89 58.45 42.10
N ALA C 120 55.28 58.57 40.92
CA ALA C 120 55.26 59.85 40.21
C ALA C 120 54.74 61.00 41.09
N SER C 121 53.70 60.74 41.89
CA SER C 121 53.25 61.74 42.87
C SER C 121 54.18 61.86 44.06
N ILE C 122 54.40 60.76 44.77
CA ILE C 122 55.07 60.80 46.08
C ILE C 122 56.52 61.28 45.99
N ILE C 123 57.25 60.83 44.97
CA ILE C 123 58.68 61.16 44.82
C ILE C 123 59.04 61.91 43.53
N GLY C 124 58.06 62.25 42.70
CA GLY C 124 58.34 62.84 41.39
C GLY C 124 59.27 64.03 41.38
N ASN C 125 58.85 65.08 42.09
CA ASN C 125 59.54 66.39 42.06
C ASN C 125 60.04 66.91 43.40
N VAL C 126 59.39 66.53 44.50
CA VAL C 126 59.61 67.17 45.80
C VAL C 126 61.04 67.08 46.36
N PHE C 127 61.83 66.09 45.96
CA PHE C 127 63.20 65.93 46.49
C PHE C 127 64.17 66.97 45.93
N GLY C 128 63.78 67.64 44.85
CA GLY C 128 64.61 68.68 44.22
C GLY C 128 64.22 70.11 44.56
N PHE C 129 63.27 70.32 45.46
CA PHE C 129 62.82 71.69 45.76
C PHE C 129 63.90 72.44 46.50
N LYS C 130 64.18 73.67 46.03
CA LYS C 130 65.23 74.50 46.63
C LYS C 130 64.99 74.71 48.11
N ALA C 131 63.72 74.89 48.49
CA ALA C 131 63.34 75.26 49.86
C ALA C 131 63.65 74.21 50.92
N VAL C 132 63.82 72.95 50.52
CA VAL C 132 64.31 71.89 51.41
C VAL C 132 65.74 71.51 50.99
N LYS C 133 66.67 71.54 51.92
CA LYS C 133 68.04 71.12 51.61
C LYS C 133 68.17 69.59 51.63
N ALA C 134 67.25 68.91 52.31
CA ALA C 134 67.17 67.45 52.23
C ALA C 134 65.77 66.93 52.54
N LEU C 135 65.49 65.72 52.05
CA LEU C 135 64.18 65.10 52.12
C LEU C 135 64.34 63.59 52.01
N ARG C 136 63.68 62.85 52.90
CA ARG C 136 63.70 61.41 52.84
C ARG C 136 62.30 60.85 53.07
N LEU C 137 61.89 59.92 52.20
CA LEU C 137 60.64 59.20 52.41
C LEU C 137 60.97 58.02 53.32
N GLU C 138 60.38 58.02 54.52
CA GLU C 138 60.65 57.02 55.54
C GLU C 138 59.70 55.83 55.54
N ASP C 139 58.41 56.11 55.38
CA ASP C 139 57.37 55.07 55.42
C ASP C 139 56.12 55.57 54.68
N MET C 140 55.25 54.62 54.35
CA MET C 140 53.94 54.93 53.79
C MET C 140 52.89 54.01 54.39
N ARG C 141 51.67 54.52 54.53
CA ARG C 141 50.53 53.67 54.85
C ARG C 141 49.77 53.47 53.54
N ILE C 142 49.83 52.26 52.99
CA ILE C 142 49.08 51.92 51.78
C ILE C 142 47.79 51.28 52.27
N PRO C 143 46.63 51.93 52.03
CA PRO C 143 45.37 51.41 52.53
C PRO C 143 44.97 50.12 51.82
N VAL C 144 44.19 49.31 52.51
CA VAL C 144 43.71 48.03 51.98
C VAL C 144 43.01 48.23 50.63
N ALA C 145 42.16 49.25 50.51
CA ALA C 145 41.44 49.50 49.26
C ALA C 145 42.37 49.75 48.07
N TYR C 146 43.53 50.36 48.29
CA TYR C 146 44.51 50.54 47.22
C TYR C 146 45.35 49.28 47.00
N LEU C 147 45.71 48.59 48.09
CA LEU C 147 46.45 47.32 47.99
C LEU C 147 45.72 46.28 47.14
N LYS C 148 44.39 46.23 47.27
CA LYS C 148 43.60 45.26 46.51
C LYS C 148 43.65 45.46 44.98
N THR C 149 44.15 46.61 44.52
CA THR C 149 44.35 46.80 43.07
C THR C 149 45.69 46.26 42.56
N PHE C 150 46.53 45.72 43.45
CA PHE C 150 47.84 45.16 43.08
C PHE C 150 47.84 43.65 43.24
N GLN C 151 48.66 42.97 42.43
CA GLN C 151 48.73 41.52 42.50
C GLN C 151 49.33 41.00 43.81
N GLY C 152 50.35 41.69 44.32
CA GLY C 152 51.19 41.10 45.36
C GLY C 152 52.06 40.01 44.75
N PRO C 153 52.92 39.37 45.58
CA PRO C 153 53.87 38.38 45.04
C PRO C 153 53.25 37.31 44.14
N ALA C 154 53.91 37.04 43.01
CA ALA C 154 53.47 36.01 42.07
C ALA C 154 53.27 34.66 42.74
N THR C 155 54.23 34.28 43.57
CA THR C 155 54.29 32.98 44.22
C THR C 155 54.07 33.15 45.72
N GLY C 156 54.94 33.90 46.37
CA GLY C 156 54.88 34.06 47.81
C GLY C 156 55.55 32.90 48.51
N ILE C 157 56.04 33.15 49.72
CA ILE C 157 56.86 32.17 50.43
C ILE C 157 56.13 30.86 50.73
N VAL C 158 54.83 30.92 50.97
CA VAL C 158 54.06 29.71 51.28
C VAL C 158 54.09 28.76 50.08
N VAL C 159 53.69 29.26 48.91
CA VAL C 159 53.70 28.44 47.69
C VAL C 159 55.13 28.09 47.28
N GLU C 160 56.07 29.01 47.52
CA GLU C 160 57.47 28.72 47.20
C GLU C 160 57.97 27.50 47.97
N ARG C 161 57.69 27.45 49.26
CA ARG C 161 58.10 26.31 50.09
C ARG C 161 57.43 25.01 49.63
N GLU C 162 56.18 25.10 49.22
CA GLU C 162 55.44 23.96 48.68
C GLU C 162 56.08 23.44 47.37
N ARG C 163 56.45 24.37 46.47
CA ARG C 163 57.14 24.01 45.23
C ARG C 163 58.50 23.37 45.47
N MET C 164 59.25 23.90 46.43
CA MET C 164 60.57 23.38 46.77
C MET C 164 60.52 22.18 47.70
N ASP C 165 59.37 21.96 48.35
CA ASP C 165 59.18 20.94 49.40
C ASP C 165 60.20 21.10 50.53
N LYS C 166 60.32 22.33 51.02
CA LYS C 166 61.33 22.69 52.03
C LYS C 166 60.72 23.59 53.08
N PHE C 167 60.54 23.01 54.27
CA PHE C 167 59.82 23.65 55.37
C PHE C 167 60.67 23.66 56.63
N GLY C 168 60.47 24.68 57.48
CA GLY C 168 61.05 24.68 58.82
C GLY C 168 62.50 25.11 58.95
N ARG C 169 63.06 25.63 57.87
CA ARG C 169 64.42 26.14 57.88
C ARG C 169 64.55 27.24 56.83
N PRO C 170 65.53 28.13 56.98
CA PRO C 170 65.91 28.98 55.86
C PRO C 170 66.28 28.19 54.62
N PHE C 171 66.08 28.80 53.45
CA PHE C 171 66.72 28.32 52.23
C PHE C 171 68.19 28.72 52.22
N GLY C 173 71.50 29.52 49.46
CA GLY C 173 71.87 29.88 48.11
C GLY C 173 73.31 30.32 48.03
N ALA C 174 73.71 30.70 46.82
CA ALA C 174 75.04 31.23 46.56
C ALA C 174 75.07 31.92 45.20
N THR C 175 75.71 33.09 45.13
CA THR C 175 76.01 33.73 43.86
C THR C 175 77.26 33.12 43.26
N VAL C 176 77.20 32.79 41.98
CA VAL C 176 78.35 32.26 41.26
C VAL C 176 79.43 33.35 41.16
N LYS C 177 80.69 32.96 41.37
CA LYS C 177 81.84 33.87 41.31
C LYS C 177 82.93 33.23 40.48
N PRO C 178 83.80 34.01 39.81
CA PRO C 178 83.80 35.50 39.82
C PRO C 178 82.54 36.13 39.22
N LYS C 179 82.29 37.40 39.55
CA LYS C 179 81.04 38.06 39.15
C LYS C 179 80.89 38.03 37.63
N LEU C 180 81.94 38.40 36.92
CA LEU C 180 81.94 38.41 35.48
C LEU C 180 83.11 37.58 34.97
N GLY C 181 82.97 37.09 33.74
CA GLY C 181 84.05 36.48 33.00
C GLY C 181 83.90 35.00 32.73
N LEU C 182 83.09 34.30 33.52
CA LEU C 182 82.88 32.86 33.31
C LEU C 182 82.10 32.57 32.03
N SER C 183 82.43 31.45 31.38
CA SER C 183 81.68 30.92 30.23
C SER C 183 80.39 30.24 30.70
N GLY C 184 79.49 29.96 29.75
CA GLY C 184 78.27 29.19 30.06
C GLY C 184 78.53 27.82 30.68
N LYS C 185 79.46 27.09 30.09
CA LYS C 185 79.80 25.75 30.57
C LYS C 185 80.42 25.78 31.97
N ASN C 186 81.32 26.72 32.21
CA ASN C 186 81.88 26.89 33.56
C ASN C 186 80.85 27.35 34.60
N TYR C 187 79.89 28.17 34.16
CA TYR C 187 78.76 28.56 35.03
C TYR C 187 78.00 27.31 35.48
N GLY C 188 77.66 26.45 34.52
CA GLY C 188 76.98 25.20 34.82
C GLY C 188 77.76 24.31 35.78
N ARG C 189 79.07 24.26 35.62
CA ARG C 189 79.93 23.50 36.54
C ARG C 189 79.77 23.99 37.97
N VAL C 190 79.84 25.31 38.18
CA VAL C 190 79.74 25.87 39.52
C VAL C 190 78.35 25.59 40.10
N VAL C 191 77.33 25.76 39.27
CA VAL C 191 75.95 25.48 39.69
C VAL C 191 75.76 24.03 40.15
N TYR C 192 76.22 23.09 39.34
CA TYR C 192 76.13 21.67 39.66
C TYR C 192 76.82 21.34 41.00
N GLU C 193 78.07 21.76 41.12
CA GLU C 193 78.87 21.49 42.34
C GLU C 193 78.19 22.07 43.59
N GLY C 194 77.71 23.31 43.51
CA GLY C 194 77.05 23.97 44.64
C GLY C 194 75.74 23.32 45.05
N LEU C 195 74.87 23.01 44.07
CA LEU C 195 73.59 22.35 44.37
C LEU C 195 73.82 20.92 44.85
N ARG C 196 74.69 20.19 44.15
CA ARG C 196 74.96 18.79 44.48
C ARG C 196 75.60 18.65 45.87
N GLY C 197 76.40 19.63 46.28
CA GLY C 197 77.00 19.67 47.60
C GLY C 197 76.10 20.08 48.74
N GLY C 198 74.89 20.58 48.44
CA GLY C 198 73.93 20.89 49.49
C GLY C 198 73.10 22.14 49.42
N LEU C 199 73.41 23.07 48.52
CA LEU C 199 72.62 24.31 48.43
C LEU C 199 71.28 24.04 47.77
N ASP C 200 70.26 24.81 48.17
CA ASP C 200 68.94 24.74 47.53
C ASP C 200 68.94 25.46 46.18
N PHE C 201 69.63 26.59 46.14
CA PHE C 201 69.71 27.46 44.97
C PHE C 201 71.15 27.90 44.71
N LEU C 202 71.44 28.25 43.47
CA LEU C 202 72.47 29.24 43.16
C LEU C 202 71.83 30.32 42.30
N ASP C 204 72.68 33.55 39.13
CA ASP C 204 73.47 34.48 38.31
C ASP C 204 73.79 35.70 39.17
N ASP C 205 74.94 36.30 38.94
CA ASP C 205 75.23 37.59 39.56
C ASP C 205 74.32 38.65 38.92
N GLU C 206 74.05 39.74 39.64
CA GLU C 206 73.18 40.80 39.12
C GLU C 206 73.65 41.35 37.76
N ASN C 207 74.96 41.40 37.57
CA ASN C 207 75.51 41.92 36.31
C ASN C 207 75.76 40.89 35.22
N ILE C 208 75.35 39.63 35.47
CA ILE C 208 75.44 38.56 34.48
C ILE C 208 74.12 38.56 33.72
N ASN C 209 74.16 39.08 32.50
CA ASN C 209 72.99 39.14 31.61
C ASN C 209 73.36 38.40 30.33
N SER C 210 73.87 39.09 29.30
CA SER C 210 74.44 38.45 28.12
C SER C 210 75.58 39.34 27.65
N GLN C 211 76.77 38.75 27.49
CA GLN C 211 77.99 39.52 27.27
C GLN C 211 78.95 38.80 26.32
N PRO C 212 80.00 39.49 25.84
CA PRO C 212 80.97 38.83 24.96
C PRO C 212 81.59 37.53 25.54
N PHE C 213 81.86 37.51 26.84
CA PHE C 213 82.43 36.32 27.51
C PHE C 213 81.44 35.15 27.73
N MET C 214 80.14 35.40 27.60
CA MET C 214 79.12 34.38 27.79
C MET C 214 77.77 34.94 27.38
N ARG C 215 77.14 34.34 26.37
CA ARG C 215 75.82 34.75 25.96
C ARG C 215 74.79 33.98 26.78
N TRP C 216 73.60 34.56 26.92
CA TRP C 216 72.65 34.10 27.93
C TRP C 216 72.11 32.68 27.70
N LYS C 217 71.90 32.29 26.44
CA LYS C 217 71.23 31.01 26.17
C LYS C 217 72.04 29.82 26.66
N GLU C 218 73.33 29.79 26.35
CA GLU C 218 74.17 28.68 26.84
C GLU C 218 74.21 28.61 28.36
N ARG C 219 74.23 29.77 29.03
CA ARG C 219 74.16 29.78 30.49
C ARG C 219 72.90 29.09 31.00
N PHE C 220 71.76 29.44 30.43
CA PHE C 220 70.49 28.84 30.87
C PHE C 220 70.50 27.34 30.59
N LEU C 221 70.98 26.95 29.40
CA LEU C 221 71.01 25.53 29.00
C LEU C 221 71.91 24.69 29.92
N TYR C 222 73.11 25.17 30.19
CA TYR C 222 74.01 24.48 31.12
C TYR C 222 73.51 24.50 32.56
N SER C 223 72.87 25.61 32.97
CA SER C 223 72.36 25.75 34.33
C SER C 223 71.26 24.75 34.60
N ILE C 224 70.34 24.55 33.65
CA ILE C 224 69.25 23.58 33.86
C ILE C 224 69.75 22.13 33.85
N GLU C 225 70.76 21.82 33.02
CA GLU C 225 71.46 20.52 33.12
C GLU C 225 72.01 20.32 34.53
N ALA C 226 72.72 21.33 35.05
CA ALA C 226 73.30 21.29 36.40
C ALA C 226 72.24 21.08 37.49
N VAL C 227 71.16 21.84 37.38
CA VAL C 227 70.03 21.72 38.30
C VAL C 227 69.49 20.28 38.28
N ASN C 228 69.22 19.75 37.09
CA ASN C 228 68.59 18.43 36.99
C ASN C 228 69.52 17.28 37.38
N ARG C 229 70.80 17.44 37.08
CA ARG C 229 71.85 16.56 37.64
C ARG C 229 71.80 16.53 39.17
N SER C 230 71.69 17.71 39.78
CA SER C 230 71.71 17.82 41.24
C SER C 230 70.43 17.28 41.89
N ILE C 231 69.29 17.46 41.20
CA ILE C 231 68.03 16.88 41.64
C ILE C 231 68.13 15.34 41.62
N ALA C 232 68.64 14.78 40.53
CA ALA C 232 68.77 13.31 40.43
C ALA C 232 69.76 12.77 41.49
N ALA C 233 70.80 13.54 41.78
CA ALA C 233 71.85 13.15 42.74
C ALA C 233 71.40 13.19 44.19
N THR C 234 70.39 14.00 44.50
CA THR C 234 69.99 14.28 45.89
C THR C 234 68.54 13.90 46.27
N GLY C 235 67.66 13.79 45.29
CA GLY C 235 66.24 13.65 45.55
C GLY C 235 65.51 14.90 46.02
N GLU C 236 66.16 16.07 45.98
CA GLU C 236 65.54 17.35 46.37
C GLU C 236 65.20 18.16 45.13
N VAL C 237 64.16 18.96 45.24
CA VAL C 237 63.95 20.04 44.27
C VAL C 237 65.06 21.08 44.46
N LYS C 238 65.63 21.53 43.35
CA LYS C 238 66.70 22.53 43.34
C LYS C 238 66.36 23.58 42.31
N GLY C 239 67.04 24.73 42.36
CA GLY C 239 66.86 25.77 41.35
C GLY C 239 68.07 26.64 41.16
N HIS C 240 68.16 27.26 39.98
CA HIS C 240 69.16 28.27 39.73
C HIS C 240 68.48 29.52 39.21
N TYR C 241 68.76 30.67 39.83
CA TYR C 241 68.11 31.92 39.41
C TYR C 241 68.69 32.38 38.08
N MET C 242 67.99 32.09 36.99
CA MET C 242 68.39 32.53 35.67
C MET C 242 68.02 34.00 35.52
N ASN C 243 69.01 34.84 35.25
CA ASN C 243 68.80 36.29 35.22
C ASN C 243 68.33 36.70 33.85
N VAL C 244 67.10 37.21 33.79
CA VAL C 244 66.47 37.61 32.53
C VAL C 244 66.52 39.13 32.29
N THR C 245 67.16 39.86 33.22
CA THR C 245 67.43 41.29 33.07
C THR C 245 67.97 41.59 31.67
N ALA C 246 67.36 42.56 30.99
CA ALA C 246 67.77 42.93 29.65
C ALA C 246 67.35 44.37 29.33
N ALA C 247 67.81 44.87 28.19
CA ALA C 247 67.63 46.28 27.79
C ALA C 247 66.18 46.65 27.49
N THR C 248 65.46 45.74 26.84
CA THR C 248 64.06 45.97 26.44
C THR C 248 63.12 44.92 26.99
N MET C 249 61.84 45.24 27.01
CA MET C 249 60.83 44.31 27.51
C MET C 249 60.78 43.05 26.65
N GLU C 250 60.92 43.21 25.33
CA GLU C 250 60.89 42.09 24.40
C GLU C 250 62.03 41.11 24.69
N GLU C 251 63.23 41.64 24.94
CA GLU C 251 64.37 40.78 25.27
C GLU C 251 64.17 40.07 26.60
N MET C 252 63.62 40.77 27.60
CA MET C 252 63.35 40.14 28.88
C MET C 252 62.36 39.00 28.74
N TYR C 253 61.28 39.23 27.99
CA TYR C 253 60.30 38.20 27.73
C TYR C 253 60.91 37.00 27.01
N GLU C 254 61.77 37.26 26.03
CA GLU C 254 62.45 36.18 25.31
C GLU C 254 63.22 35.29 26.29
N ARG C 255 63.93 35.91 27.22
CA ARG C 255 64.76 35.18 28.18
C ARG C 255 63.89 34.44 29.21
N ALA C 256 62.87 35.11 29.73
CA ALA C 256 61.92 34.48 30.66
C ALA C 256 61.19 33.28 30.03
N GLU C 257 60.73 33.45 28.79
CA GLU C 257 60.06 32.35 28.06
C GLU C 257 61.00 31.16 27.83
N PHE C 258 62.26 31.42 27.47
CA PHE C 258 63.23 30.35 27.29
C PHE C 258 63.48 29.60 28.61
N ALA C 259 63.70 30.35 29.69
CA ALA C 259 63.81 29.77 31.04
C ALA C 259 62.59 28.88 31.40
N LYS C 260 61.39 29.38 31.09
CA LYS C 260 60.14 28.63 31.27
C LYS C 260 60.13 27.35 30.43
N GLN C 261 60.55 27.47 29.16
CA GLN C 261 60.62 26.30 28.27
C GLN C 261 61.59 25.24 28.80
N LEU C 262 62.69 25.66 29.44
CA LEU C 262 63.65 24.72 30.03
C LEU C 262 63.16 24.09 31.33
N GLY C 263 62.18 24.69 31.98
CA GLY C 263 61.55 24.15 33.19
C GLY C 263 62.15 24.65 34.49
N THR C 264 62.82 25.81 34.48
CA THR C 264 63.35 26.34 35.74
C THR C 264 62.20 26.65 36.71
N VAL C 265 62.44 26.38 37.99
CA VAL C 265 61.52 26.77 39.06
C VAL C 265 61.62 28.27 39.39
N ILE C 266 62.69 28.92 38.96
CA ILE C 266 63.02 30.26 39.43
C ILE C 266 63.79 31.08 38.38
N ILE C 267 63.49 32.37 38.31
CA ILE C 267 64.29 33.35 37.57
C ILE C 267 64.58 34.55 38.46
N MET C 268 65.49 35.39 38.01
CA MET C 268 65.76 36.67 38.68
C MET C 268 65.70 37.86 37.74
N ILE C 269 65.47 39.01 38.36
CA ILE C 269 65.52 40.31 37.71
C ILE C 269 66.24 41.31 38.62
N ASP C 270 66.80 42.35 38.02
CA ASP C 270 67.49 43.40 38.76
C ASP C 270 66.59 44.62 38.92
N LEU C 271 66.66 45.29 40.06
CA LEU C 271 65.87 46.50 40.33
C LEU C 271 66.09 47.62 39.27
N VAL C 272 67.30 47.70 38.73
CA VAL C 272 67.62 48.68 37.68
C VAL C 272 66.78 48.58 36.40
N ILE C 273 66.09 47.45 36.17
CA ILE C 273 65.14 47.42 35.02
C ILE C 273 64.01 48.43 35.23
N GLY C 274 63.67 48.69 36.48
CA GLY C 274 62.68 49.69 36.84
C GLY C 274 61.27 49.19 37.04
N TYR C 275 60.44 50.04 37.63
CA TYR C 275 59.17 49.62 38.21
C TYR C 275 58.20 49.00 37.21
N THR C 276 58.12 49.56 36.01
CA THR C 276 57.15 49.07 35.02
C THR C 276 57.55 47.67 34.46
N ALA C 277 58.82 47.48 34.13
CA ALA C 277 59.30 46.14 33.76
C ALA C 277 59.13 45.14 34.91
N ILE C 278 59.33 45.59 36.15
CA ILE C 278 59.17 44.73 37.32
C ILE C 278 57.72 44.29 37.48
N GLN C 279 56.78 45.23 37.40
CA GLN C 279 55.35 44.88 37.49
C GLN C 279 54.95 43.96 36.34
N THR C 280 55.48 44.21 35.16
CA THR C 280 55.22 43.37 34.00
C THR C 280 55.69 41.93 34.28
N MET C 281 56.90 41.80 34.84
CA MET C 281 57.46 40.49 35.18
C MET C 281 56.72 39.81 36.33
N GLY C 282 56.25 40.59 37.31
CA GLY C 282 55.45 40.07 38.42
C GLY C 282 54.17 39.40 37.93
N ILE C 283 53.51 40.04 36.97
CA ILE C 283 52.33 39.47 36.34
C ILE C 283 52.67 38.24 35.51
N TRP C 284 53.75 38.31 34.73
CA TRP C 284 54.22 37.17 33.94
C TRP C 284 54.50 35.95 34.85
N ALA C 285 55.14 36.20 35.99
CA ALA C 285 55.53 35.15 36.92
C ALA C 285 54.30 34.45 37.51
N ARG C 286 53.24 35.21 37.80
CA ARG C 286 51.97 34.65 38.27
C ARG C 286 51.33 33.80 37.18
N LYS C 287 51.34 34.31 35.95
CA LYS C 287 50.76 33.61 34.81
C LYS C 287 51.50 32.31 34.47
N ASN C 288 52.82 32.30 34.73
CA ASN C 288 53.70 31.21 34.31
C ASN C 288 54.33 30.37 35.43
N ASP C 289 53.72 30.41 36.62
CA ASP C 289 54.12 29.59 37.77
C ASP C 289 55.64 29.62 38.01
N MET C 290 56.18 30.83 38.13
CA MET C 290 57.60 31.06 38.28
C MET C 290 57.88 31.82 39.56
N ILE C 291 58.89 31.39 40.31
CA ILE C 291 59.40 32.16 41.43
C ILE C 291 60.24 33.31 40.83
N LEU C 292 59.92 34.54 41.22
CA LEU C 292 60.59 35.74 40.71
C LEU C 292 61.46 36.40 41.77
N HIS C 293 62.77 36.25 41.66
CA HIS C 293 63.71 36.84 42.60
C HIS C 293 64.10 38.24 42.14
N LEU C 294 63.94 39.23 43.02
CA LEU C 294 64.41 40.60 42.75
C LEU C 294 65.74 40.89 43.44
N HIS C 295 66.77 41.12 42.64
CA HIS C 295 68.00 41.72 43.15
C HIS C 295 67.79 43.23 43.21
N ARG C 296 68.23 43.87 44.29
CA ARG C 296 67.93 45.31 44.52
C ARG C 296 69.00 46.27 43.97
N ALA C 297 69.57 45.90 42.83
CA ALA C 297 70.66 46.64 42.18
C ALA C 297 70.35 48.14 42.14
N GLY C 298 71.25 48.93 42.71
CA GLY C 298 71.11 50.38 42.71
C GLY C 298 70.35 50.98 43.87
N ASN C 299 69.73 50.15 44.70
CA ASN C 299 68.89 50.64 45.81
C ASN C 299 69.66 51.57 46.75
N SER C 300 70.92 51.24 47.04
CA SER C 300 71.72 52.05 47.98
C SER C 300 72.13 53.45 47.49
N THR C 301 71.90 53.76 46.21
CA THR C 301 72.13 55.14 45.71
C THR C 301 71.23 56.17 46.40
N TYR C 302 70.02 55.75 46.80
CA TYR C 302 69.07 56.60 47.53
C TYR C 302 68.74 56.13 48.96
N SER C 303 69.16 54.91 49.36
CA SER C 303 68.71 54.33 50.64
C SER C 303 69.72 54.41 51.79
N ARG C 304 70.93 54.88 51.51
CA ARG C 304 72.04 54.78 52.45
C ARG C 304 72.06 55.91 53.46
N GLN C 305 71.84 57.13 52.98
CA GLN C 305 72.01 58.32 53.81
C GLN C 305 70.71 58.63 54.55
N LYS C 306 70.82 58.77 55.86
CA LYS C 306 69.66 58.99 56.71
C LYS C 306 68.89 60.29 56.40
N ILE C 307 69.60 61.36 56.03
CA ILE C 307 68.93 62.65 55.77
C ILE C 307 68.24 62.78 54.41
N HIS C 308 68.60 61.93 53.44
CA HIS C 308 68.07 62.11 52.09
C HIS C 308 67.87 60.80 51.34
N GLY C 309 66.73 60.72 50.65
CA GLY C 309 66.44 59.64 49.70
C GLY C 309 65.18 58.90 50.06
N MET C 310 65.22 57.57 50.01
CA MET C 310 64.10 56.73 50.37
C MET C 310 64.59 55.60 51.24
N ASN C 311 63.95 55.39 52.38
CA ASN C 311 64.29 54.25 53.21
C ASN C 311 63.83 52.98 52.52
N PHE C 312 64.65 51.93 52.63
CA PHE C 312 64.40 50.66 51.95
C PHE C 312 63.04 50.04 52.31
N ARG C 313 62.53 50.28 53.50
CA ARG C 313 61.21 49.73 53.88
C ARG C 313 60.08 50.15 52.92
N VAL C 314 60.18 51.35 52.36
CA VAL C 314 59.22 51.83 51.37
C VAL C 314 59.35 51.01 50.08
N ILE C 315 60.60 50.75 49.69
CA ILE C 315 60.87 49.93 48.52
C ILE C 315 60.35 48.50 48.73
N CYS C 316 60.50 47.96 49.93
CA CYS C 316 59.91 46.67 50.29
C CYS C 316 58.40 46.66 50.03
N LYS C 317 57.70 47.73 50.44
CA LYS C 317 56.26 47.79 50.22
C LYS C 317 55.91 47.79 48.74
N TRP C 318 56.58 48.64 47.96
CA TRP C 318 56.27 48.76 46.53
C TRP C 318 56.59 47.48 45.77
N MET C 319 57.69 46.82 46.12
CA MET C 319 58.07 45.58 45.43
C MET C 319 57.21 44.39 45.80
N ARG C 320 56.76 44.33 47.06
CA ARG C 320 55.77 43.35 47.48
C ARG C 320 54.48 43.56 46.70
N MET C 321 54.01 44.81 46.63
CA MET C 321 52.85 45.17 45.79
C MET C 321 53.05 44.75 44.32
N ALA C 322 54.24 45.03 43.79
CA ALA C 322 54.54 44.81 42.39
C ALA C 322 54.56 43.34 41.94
N GLY C 323 54.81 42.41 42.86
CA GLY C 323 54.73 40.99 42.56
C GLY C 323 55.99 40.16 42.62
N VAL C 324 57.06 40.69 43.22
CA VAL C 324 58.29 39.92 43.34
C VAL C 324 58.15 38.92 44.49
N ASP C 325 58.88 37.81 44.40
CA ASP C 325 58.79 36.72 45.37
C ASP C 325 59.91 36.70 46.39
N HIS C 326 61.10 37.17 45.98
CA HIS C 326 62.23 37.41 46.87
C HIS C 326 62.64 38.86 46.72
N ILE C 327 63.21 39.43 47.77
CA ILE C 327 64.03 40.62 47.63
C ILE C 327 65.17 40.57 48.65
N HIS C 328 66.34 41.07 48.23
CA HIS C 328 67.46 41.20 49.15
C HIS C 328 67.12 42.21 50.23
N ALA C 329 67.39 41.86 51.49
CA ALA C 329 66.96 42.71 52.61
C ALA C 329 67.97 42.85 53.77
N GLY C 330 69.19 42.36 53.58
CA GLY C 330 70.28 42.57 54.53
C GLY C 330 70.66 41.33 55.33
N THR C 331 71.88 41.38 55.87
CA THR C 331 72.45 40.30 56.69
C THR C 331 72.77 40.70 58.12
N VAL C 332 72.83 42.01 58.40
CA VAL C 332 73.39 42.59 59.65
C VAL C 332 74.92 42.43 59.76
N VAL C 333 75.40 41.18 59.71
CA VAL C 333 76.81 40.85 59.99
C VAL C 333 77.72 40.74 58.75
N GLY C 334 77.16 40.93 57.56
CA GLY C 334 77.91 40.77 56.32
C GLY C 334 78.61 42.03 55.84
N LYS C 335 78.98 42.04 54.56
CA LYS C 335 79.77 43.13 53.97
C LYS C 335 78.98 44.41 53.61
N LEU C 336 77.64 44.31 53.57
CA LEU C 336 76.77 45.47 53.27
C LEU C 336 76.05 46.01 54.50
N GLU C 337 75.71 47.30 54.44
CA GLU C 337 75.01 48.05 55.49
C GLU C 337 73.80 47.29 56.03
N GLY C 338 73.63 47.29 57.35
CA GLY C 338 72.48 46.63 57.95
C GLY C 338 72.39 46.70 59.45
N ASP C 339 71.79 47.78 59.94
CA ASP C 339 71.46 47.88 61.36
C ASP C 339 70.41 46.83 61.75
N PRO C 340 70.63 46.09 62.88
CA PRO C 340 69.70 44.99 63.21
C PRO C 340 68.22 45.38 63.32
N LEU C 341 67.93 46.51 63.95
CA LEU C 341 66.54 46.95 64.14
C LEU C 341 65.89 47.42 62.83
N MET C 342 66.65 48.10 61.98
CA MET C 342 66.17 48.48 60.65
C MET C 342 65.88 47.23 59.83
N ILE C 343 66.80 46.27 59.89
CA ILE C 343 66.60 45.01 59.18
C ILE C 343 65.37 44.24 59.67
N ARG C 344 65.12 44.21 60.98
CA ARG C 344 63.88 43.60 61.49
C ARG C 344 62.65 44.23 60.86
N GLY C 345 62.65 45.56 60.79
CA GLY C 345 61.58 46.30 60.13
C GLY C 345 61.37 45.92 58.67
N PHE C 346 62.48 45.78 57.93
CA PHE C 346 62.43 45.37 56.53
C PHE C 346 61.82 43.97 56.41
N TYR C 347 62.33 43.05 57.21
CA TYR C 347 61.87 41.66 57.15
C TYR C 347 60.39 41.57 57.52
N ASN C 348 59.98 42.26 58.57
CA ASN C 348 58.57 42.27 58.97
C ASN C 348 57.66 42.87 57.90
N THR C 349 58.14 43.92 57.22
CA THR C 349 57.40 44.56 56.14
C THR C 349 57.13 43.57 54.98
N LEU C 350 58.14 42.76 54.68
CA LEU C 350 58.05 41.76 53.61
C LEU C 350 57.22 40.51 53.97
N LEU C 351 57.27 40.10 55.24
CA LEU C 351 56.72 38.81 55.66
C LEU C 351 55.41 38.84 56.42
N LEU C 352 55.11 39.90 57.16
CA LEU C 352 53.94 39.88 58.04
C LEU C 352 52.64 40.20 57.30
N PRO C 353 51.52 39.63 57.77
CA PRO C 353 50.20 40.00 57.23
C PRO C 353 49.69 41.34 57.76
N TYR C 354 50.29 41.84 58.83
CA TYR C 354 49.84 43.07 59.49
C TYR C 354 50.97 43.58 60.36
N LEU C 355 51.25 44.88 60.29
CA LEU C 355 52.31 45.49 61.12
C LEU C 355 51.70 46.56 61.99
N GLU C 356 52.08 46.52 63.27
CA GLU C 356 51.75 47.55 64.21
C GLU C 356 52.89 48.54 64.20
N VAL C 357 52.58 49.78 64.61
CA VAL C 357 53.60 50.82 64.76
C VAL C 357 54.71 50.25 65.65
N ASN C 358 55.96 50.43 65.24
CA ASN C 358 57.12 49.96 66.00
C ASN C 358 58.26 50.91 65.71
N LEU C 359 58.34 51.98 66.49
CA LEU C 359 59.26 53.07 66.19
C LEU C 359 60.74 52.63 66.23
N PRO C 360 61.14 51.78 67.20
CA PRO C 360 62.53 51.31 67.15
C PRO C 360 62.93 50.52 65.89
N GLN C 361 61.96 49.93 65.21
CA GLN C 361 62.17 49.23 63.93
C GLN C 361 61.94 50.10 62.70
N GLY C 362 61.58 51.36 62.90
CA GLY C 362 61.29 52.28 61.79
C GLY C 362 59.93 52.08 61.14
N ILE C 363 59.03 51.35 61.80
CA ILE C 363 57.67 51.13 61.30
C ILE C 363 56.80 52.24 61.89
N PHE C 364 56.53 53.27 61.09
CA PHE C 364 55.81 54.46 61.54
C PHE C 364 54.29 54.36 61.37
N PHE C 365 53.84 53.46 60.49
CA PHE C 365 52.41 53.29 60.23
C PHE C 365 51.98 51.86 60.50
N GLN C 366 50.79 51.73 61.06
CA GLN C 366 50.06 50.49 61.08
C GLN C 366 49.80 50.10 59.62
N GLN C 367 50.10 48.87 59.25
CA GLN C 367 50.01 48.43 57.84
C GLN C 367 49.34 47.06 57.76
N ASP C 368 48.10 47.05 57.29
CA ASP C 368 47.37 45.84 56.94
C ASP C 368 47.80 45.48 55.51
N TRP C 369 48.24 44.24 55.32
CA TRP C 369 48.70 43.80 54.01
C TRP C 369 47.61 43.21 53.09
N ALA C 370 46.36 43.23 53.55
CA ALA C 370 45.19 42.88 52.72
C ALA C 370 45.28 41.48 52.13
N SER C 371 45.95 40.58 52.86
CA SER C 371 46.21 39.23 52.44
C SER C 371 47.02 39.09 51.16
N LEU C 372 47.75 40.14 50.76
CA LEU C 372 48.75 39.96 49.71
C LEU C 372 49.78 38.94 50.19
N ARG C 373 50.29 38.15 49.26
CA ARG C 373 51.29 37.14 49.58
C ARG C 373 52.58 37.77 50.14
N LYS C 374 53.43 36.92 50.71
CA LYS C 374 54.61 37.34 51.46
C LYS C 374 55.87 37.21 50.61
N VAL C 375 56.77 38.19 50.72
CA VAL C 375 58.04 38.16 50.01
C VAL C 375 59.09 37.49 50.88
N THR C 376 59.85 36.57 50.29
CA THR C 376 60.95 35.92 51.00
C THR C 376 62.14 36.87 51.05
N PRO C 377 62.53 37.32 52.26
CA PRO C 377 63.75 38.11 52.31
C PRO C 377 64.99 37.30 51.94
N VAL C 378 65.98 37.97 51.36
CA VAL C 378 67.22 37.32 50.96
C VAL C 378 68.38 38.00 51.68
N ALA C 379 69.19 37.20 52.35
CA ALA C 379 70.32 37.67 53.13
C ALA C 379 71.56 37.25 52.36
N SER C 380 72.32 38.24 51.91
CA SER C 380 73.40 38.00 50.98
C SER C 380 74.51 39.04 51.12
N GLY C 381 75.75 38.57 50.98
CA GLY C 381 76.89 39.47 50.88
C GLY C 381 77.81 39.36 52.07
N GLY C 382 78.94 38.69 51.87
CA GLY C 382 79.99 38.64 52.90
C GLY C 382 79.65 37.85 54.14
N ILE C 383 78.76 36.86 54.01
CA ILE C 383 78.44 36.00 55.16
C ILE C 383 79.12 34.64 55.07
N HIS C 384 79.28 34.01 56.22
CA HIS C 384 79.94 32.70 56.30
C HIS C 384 79.35 31.86 57.44
N CYS C 385 79.61 30.55 57.41
CA CYS C 385 78.91 29.61 58.30
C CYS C 385 79.28 29.76 59.77
N GLY C 386 80.44 30.37 60.04
CA GLY C 386 80.81 30.82 61.40
C GLY C 386 79.83 31.79 62.06
N GLN C 387 78.99 32.45 61.26
CA GLN C 387 77.98 33.38 61.76
C GLN C 387 76.57 32.79 61.88
N MET C 388 76.42 31.48 61.67
CA MET C 388 75.09 30.88 61.49
C MET C 388 74.11 31.18 62.62
N HIS C 389 74.59 31.08 63.87
CA HIS C 389 73.82 31.51 65.04
C HIS C 389 73.31 32.96 64.98
N GLN C 390 74.15 33.88 64.52
CA GLN C 390 73.78 35.28 64.38
C GLN C 390 72.79 35.48 63.23
N LEU C 391 73.01 34.76 62.13
CA LEU C 391 72.10 34.83 60.98
C LEU C 391 70.71 34.36 61.36
N LEU C 392 70.64 33.24 62.08
CA LEU C 392 69.35 32.68 62.49
C LEU C 392 68.63 33.60 63.49
N ASP C 393 69.39 34.25 64.38
CA ASP C 393 68.84 35.16 65.38
C ASP C 393 68.37 36.48 64.78
N TYR C 394 69.23 37.13 64.00
CA TYR C 394 68.90 38.43 63.41
C TYR C 394 67.83 38.34 62.32
N LEU C 395 67.87 37.25 61.54
CA LEU C 395 67.12 37.17 60.29
C LEU C 395 65.94 36.20 60.32
N GLY C 396 65.90 35.27 61.27
CA GLY C 396 64.78 34.38 61.43
C GLY C 396 64.79 33.18 60.49
N ASN C 397 63.64 32.51 60.43
CA ASN C 397 63.53 31.25 59.72
C ASN C 397 63.17 31.39 58.23
N ASP C 398 62.50 32.49 57.89
CA ASP C 398 61.96 32.74 56.56
C ASP C 398 62.86 33.70 55.81
N VAL C 399 63.80 33.12 55.08
CA VAL C 399 64.90 33.88 54.46
C VAL C 399 65.64 32.91 53.55
N VAL C 400 66.30 33.44 52.52
CA VAL C 400 67.34 32.69 51.79
C VAL C 400 68.68 33.24 52.26
N LEU C 401 69.51 32.38 52.86
CA LEU C 401 70.86 32.74 53.24
C LEU C 401 71.79 32.41 52.09
N GLN C 402 72.36 33.44 51.47
CA GLN C 402 73.19 33.27 50.26
C GLN C 402 74.67 33.44 50.57
N PHE C 403 75.46 32.40 50.28
CA PHE C 403 76.90 32.33 50.54
C PHE C 403 77.68 32.15 49.23
N GLY C 404 78.03 33.25 48.57
CA GLY C 404 78.79 33.19 47.31
C GLY C 404 80.24 32.84 47.56
N GLY C 405 81.05 33.82 47.93
CA GLY C 405 82.41 33.57 48.39
C GLY C 405 82.47 32.57 49.53
N GLY C 406 81.46 32.57 50.40
CA GLY C 406 81.37 31.62 51.51
C GLY C 406 81.14 30.17 51.16
N THR C 407 80.84 29.88 49.89
CA THR C 407 80.81 28.52 49.36
C THR C 407 82.01 28.27 48.46
N ILE C 408 82.16 29.12 47.44
CA ILE C 408 83.12 28.90 46.36
C ILE C 408 84.56 29.19 46.82
N GLY C 409 84.72 29.98 47.89
CA GLY C 409 86.03 30.23 48.50
C GLY C 409 86.58 29.12 49.39
N HIS C 410 85.84 28.02 49.55
CA HIS C 410 86.26 26.89 50.40
C HIS C 410 87.47 26.18 49.77
N PRO C 411 88.55 25.92 50.55
CA PRO C 411 89.78 25.36 49.95
C PRO C 411 89.65 23.95 49.38
N ASP C 412 88.75 23.15 49.94
CA ASP C 412 88.46 21.79 49.47
C ASP C 412 87.43 21.67 48.35
N GLY C 413 86.96 22.79 47.82
CA GLY C 413 86.10 22.77 46.63
C GLY C 413 84.70 23.24 46.92
N ILE C 414 83.92 23.34 45.85
CA ILE C 414 82.59 23.95 45.91
C ILE C 414 81.58 23.06 46.64
N GLN C 415 81.61 21.75 46.37
CA GLN C 415 80.77 20.79 47.11
C GLN C 415 81.02 20.87 48.62
N ALA C 416 82.30 20.93 48.98
CA ALA C 416 82.69 21.01 50.37
C ALA C 416 82.15 22.28 51.02
N GLY C 417 82.25 23.40 50.31
CA GLY C 417 81.71 24.67 50.80
C GLY C 417 80.20 24.62 51.03
N ALA C 418 79.49 24.06 50.07
CA ALA C 418 78.05 23.87 50.19
C ALA C 418 77.66 22.99 51.39
N THR C 419 78.35 21.87 51.52
CA THR C 419 78.08 20.91 52.61
C THR C 419 78.28 21.56 53.99
N ALA C 420 79.35 22.33 54.13
CA ALA C 420 79.65 23.09 55.35
C ALA C 420 78.49 24.02 55.73
N ASN C 421 78.02 24.79 54.75
CA ASN C 421 76.89 25.70 55.01
C ASN C 421 75.60 24.98 55.40
N ARG C 422 75.33 23.86 54.73
CA ARG C 422 74.09 23.09 54.94
C ARG C 422 74.11 22.41 56.32
N VAL C 423 75.22 21.77 56.66
CA VAL C 423 75.39 21.15 57.98
C VAL C 423 75.33 22.18 59.11
N ALA C 424 76.00 23.33 58.93
CA ALA C 424 75.94 24.42 59.91
C ALA C 424 74.51 24.91 60.12
N LEU C 425 73.77 25.07 59.03
CA LEU C 425 72.37 25.52 59.12
C LEU C 425 71.51 24.52 59.88
N GLU C 426 71.53 23.27 59.47
CA GLU C 426 70.69 22.25 60.09
C GLU C 426 71.04 22.02 61.56
N SER C 427 72.34 22.11 61.88
CA SER C 427 72.80 22.03 63.27
C SER C 427 72.26 23.17 64.12
N MET C 428 72.23 24.37 63.54
CA MET C 428 71.73 25.52 64.28
C MET C 428 70.21 25.50 64.41
N VAL C 429 69.50 25.13 63.33
CA VAL C 429 68.04 25.01 63.37
C VAL C 429 67.60 23.97 64.42
N ILE C 430 68.22 22.81 64.42
CA ILE C 430 67.82 21.77 65.38
C ILE C 430 68.06 22.25 66.82
N ALA C 431 69.17 22.96 67.06
CA ALA C 431 69.46 23.53 68.38
C ALA C 431 68.42 24.59 68.80
N ARG C 432 68.06 25.49 67.89
CA ARG C 432 66.99 26.46 68.15
C ARG C 432 65.68 25.77 68.50
N ASN C 433 65.28 24.80 67.67
CA ASN C 433 64.03 24.08 67.88
C ASN C 433 63.98 23.32 69.21
N GLU C 434 65.13 22.81 69.66
CA GLU C 434 65.23 22.13 70.97
C GLU C 434 65.15 23.09 72.17
N GLY C 435 65.16 24.41 71.92
CA GLY C 435 65.00 25.41 72.97
C GLY C 435 66.32 25.83 73.59
N ARG C 436 67.43 25.54 72.93
CA ARG C 436 68.75 25.90 73.42
C ARG C 436 69.00 27.39 73.24
N ASP C 437 69.88 27.94 74.07
CA ASP C 437 70.33 29.32 73.93
C ASP C 437 71.41 29.35 72.84
N TYR C 438 70.96 29.20 71.59
CA TYR C 438 71.86 28.97 70.46
C TYR C 438 72.72 30.19 70.09
N VAL C 439 72.30 31.40 70.50
CA VAL C 439 73.13 32.59 70.29
C VAL C 439 74.36 32.50 71.20
N ALA C 440 74.13 32.33 72.50
CA ALA C 440 75.23 32.16 73.48
C ALA C 440 76.13 30.97 73.16
N GLU C 441 75.50 29.83 72.83
CA GLU C 441 76.21 28.57 72.55
C GLU C 441 76.57 28.33 71.08
N GLY C 442 76.23 29.27 70.20
CA GLY C 442 76.42 29.09 68.74
C GLY C 442 77.78 28.68 68.24
N PRO C 443 78.85 29.39 68.68
CA PRO C 443 80.20 28.97 68.30
C PRO C 443 80.50 27.51 68.69
N GLN C 444 80.04 27.10 69.88
CA GLN C 444 80.22 25.73 70.33
C GLN C 444 79.34 24.73 69.54
N ILE C 445 78.10 25.12 69.27
CA ILE C 445 77.19 24.29 68.44
C ILE C 445 77.87 23.99 67.09
N LEU C 446 78.47 25.01 66.49
CA LEU C 446 79.19 24.84 65.23
C LEU C 446 80.43 23.97 65.37
N ARG C 447 81.20 24.18 66.45
CA ARG C 447 82.37 23.34 66.70
C ARG C 447 81.99 21.87 66.93
N ASP C 448 80.90 21.63 67.65
CA ASP C 448 80.39 20.27 67.86
C ASP C 448 80.07 19.59 66.52
N ALA C 449 79.36 20.31 65.64
CA ALA C 449 79.03 19.78 64.32
C ALA C 449 80.26 19.52 63.46
N ALA C 450 81.26 20.41 63.58
CA ALA C 450 82.52 20.30 62.84
C ALA C 450 83.34 19.05 63.19
N LYS C 451 83.14 18.48 64.38
CA LYS C 451 83.82 17.22 64.79
C LYS C 451 83.58 16.08 63.81
N THR C 452 82.38 16.00 63.25
CA THR C 452 82.01 14.94 62.29
C THR C 452 81.67 15.49 60.90
N GLY C 454 84.18 17.40 58.19
CA GLY C 454 85.45 18.01 57.78
C GLY C 454 85.34 19.34 57.05
N PRO C 455 84.42 19.42 56.07
CA PRO C 455 84.16 20.69 55.41
C PRO C 455 83.83 21.85 56.34
N LEU C 456 82.99 21.60 57.34
CA LEU C 456 82.62 22.63 58.30
C LEU C 456 83.83 23.03 59.17
N GLN C 457 84.60 22.05 59.63
CA GLN C 457 85.83 22.33 60.39
C GLN C 457 86.74 23.27 59.62
N THR C 458 86.97 22.96 58.35
CA THR C 458 87.83 23.77 57.48
C THR C 458 87.29 25.19 57.28
N ALA C 459 85.99 25.30 57.03
CA ALA C 459 85.32 26.61 56.87
C ALA C 459 85.46 27.45 58.12
N LEU C 460 85.23 26.84 59.27
CA LEU C 460 85.38 27.52 60.55
C LEU C 460 86.83 27.99 60.76
N ASP C 461 87.78 27.09 60.52
CA ASP C 461 89.22 27.42 60.61
C ASP C 461 89.61 28.61 59.74
N LEU C 462 89.05 28.67 58.53
CA LEU C 462 89.38 29.72 57.56
C LEU C 462 88.76 31.08 57.89
N TRP C 463 87.46 31.10 58.22
CA TRP C 463 86.70 32.36 58.27
C TRP C 463 86.15 32.77 59.65
N LYS C 464 86.26 31.95 60.69
CA LYS C 464 85.52 32.23 61.94
C LYS C 464 85.81 33.59 62.59
N ASP C 465 86.99 34.15 62.35
CA ASP C 465 87.33 35.49 62.88
C ASP C 465 87.05 36.66 61.93
N ILE C 466 86.48 36.38 60.76
CA ILE C 466 86.14 37.44 59.79
C ILE C 466 84.87 38.15 60.27
N THR C 467 84.99 39.46 60.47
CA THR C 467 83.86 40.31 60.88
C THR C 467 83.86 41.59 60.07
N PHE C 468 82.69 42.23 60.02
CA PHE C 468 82.51 43.48 59.30
C PHE C 468 81.88 44.48 60.25
N ASN C 469 82.66 44.92 61.25
CA ASN C 469 82.17 45.85 62.28
C ASN C 469 82.39 47.30 61.88
N TYR C 470 81.34 47.93 61.39
CA TYR C 470 81.36 49.33 61.01
C TYR C 470 80.11 50.02 61.55
N THR C 471 80.21 51.33 61.76
CA THR C 471 79.08 52.13 62.19
C THR C 471 78.04 52.25 61.06
N SER C 472 76.77 52.12 61.42
CA SER C 472 75.67 52.18 60.46
C SER C 472 75.37 53.62 60.04
N THR C 473 75.00 53.81 58.78
CA THR C 473 74.48 55.07 58.28
C THR C 473 72.97 55.16 58.43
N ASP C 474 72.28 54.03 58.24
CA ASP C 474 70.81 53.99 58.28
C ASP C 474 70.33 53.42 59.63
N THR C 475 69.97 54.31 60.56
CA THR C 475 69.67 53.92 61.95
C THR C 475 68.35 54.49 62.44
N ALA C 476 67.86 53.93 63.54
CA ALA C 476 66.59 54.36 64.11
C ALA C 476 66.72 55.73 64.78
N ASP C 477 65.57 56.36 65.00
CA ASP C 477 65.47 57.62 65.74
C ASP C 477 64.94 57.43 67.16
N PHE C 478 64.43 56.22 67.45
CA PHE C 478 63.84 55.87 68.74
C PHE C 478 64.43 54.55 69.22
N VAL C 479 64.53 54.35 70.54
CA VAL C 479 65.00 53.06 71.12
C VAL C 479 63.91 52.45 72.00
N GLU C 480 64.01 51.14 72.25
CA GLU C 480 63.01 50.43 73.06
C GLU C 480 63.13 50.80 74.54
N MET D 1 72.69 6.17 47.79
CA MET D 1 72.61 7.62 48.12
C MET D 1 71.70 7.88 49.30
N ARG D 2 71.82 9.08 49.87
CA ARG D 2 70.96 9.52 50.96
C ARG D 2 69.96 10.52 50.39
N LEU D 3 68.68 10.24 50.55
CA LEU D 3 67.61 11.17 50.16
C LEU D 3 67.60 12.35 51.12
N THR D 4 67.85 13.55 50.61
CA THR D 4 67.97 14.71 51.49
C THR D 4 66.79 15.69 51.42
N GLN D 5 65.61 15.16 51.10
CA GLN D 5 64.35 15.80 51.46
C GLN D 5 64.27 15.83 52.98
N GLY D 6 63.54 16.81 53.51
CA GLY D 6 63.33 16.94 54.94
C GLY D 6 64.28 17.95 55.55
N THR D 7 63.84 18.55 56.65
CA THR D 7 64.55 19.65 57.30
C THR D 7 65.92 19.27 57.87
N PHE D 8 66.09 18.02 58.29
CA PHE D 8 67.30 17.60 59.01
C PHE D 8 68.11 16.49 58.37
N SER D 9 67.98 16.29 57.05
CA SER D 9 68.61 15.15 56.39
C SER D 9 70.12 15.23 56.15
N PHE D 10 70.74 16.39 56.40
CA PHE D 10 72.22 16.47 56.40
C PHE D 10 72.81 16.14 57.79
N LEU D 11 71.95 15.95 58.77
CA LEU D 11 72.35 15.41 60.07
C LEU D 11 72.10 13.89 60.07
N PRO D 12 72.72 13.16 61.01
CA PRO D 12 72.41 11.73 61.10
C PRO D 12 70.94 11.47 61.38
N ASP D 13 70.46 10.28 61.05
CA ASP D 13 69.09 9.88 61.36
C ASP D 13 68.78 10.24 62.80
N LEU D 14 67.63 10.87 63.03
CA LEU D 14 67.32 11.42 64.33
C LEU D 14 67.07 10.29 65.33
N THR D 15 67.56 10.47 66.55
CA THR D 15 67.24 9.56 67.66
C THR D 15 65.82 9.82 68.11
N ASP D 16 65.25 8.88 68.85
CA ASP D 16 63.91 9.07 69.43
C ASP D 16 63.83 10.31 70.31
N GLU D 17 64.86 10.60 71.10
CA GLU D 17 64.86 11.84 71.90
C GLU D 17 64.91 13.12 71.03
N GLN D 18 65.66 13.11 69.94
CA GLN D 18 65.67 14.24 69.01
C GLN D 18 64.28 14.44 68.41
N ILE D 19 63.67 13.35 67.94
CA ILE D 19 62.33 13.39 67.37
C ILE D 19 61.35 13.98 68.38
N LYS D 20 61.39 13.50 69.63
CA LYS D 20 60.49 13.97 70.68
C LYS D 20 60.60 15.48 70.93
N LYS D 21 61.83 15.99 70.90
CA LYS D 21 62.06 17.43 71.07
C LYS D 21 61.45 18.27 69.93
N GLN D 22 61.46 17.74 68.71
CA GLN D 22 60.80 18.42 67.58
C GLN D 22 59.29 18.39 67.73
N VAL D 23 58.77 17.28 68.24
CA VAL D 23 57.34 17.14 68.51
C VAL D 23 56.91 18.14 69.59
N ASP D 24 57.67 18.22 70.69
CA ASP D 24 57.42 19.21 71.76
C ASP D 24 57.42 20.63 71.23
N TYR D 25 58.40 20.94 70.39
CA TYR D 25 58.47 22.24 69.72
C TYR D 25 57.16 22.54 68.95
N ALA D 26 56.74 21.60 68.12
CA ALA D 26 55.51 21.77 67.34
C ALA D 26 54.28 21.92 68.24
N ILE D 27 54.20 21.11 69.29
CA ILE D 27 53.13 21.23 70.27
C ILE D 27 53.14 22.61 70.93
N SER D 28 54.34 23.10 71.29
CA SER D 28 54.47 24.43 71.93
C SER D 28 53.97 25.58 71.06
N GLN D 29 54.03 25.42 69.73
CA GLN D 29 53.49 26.41 68.78
C GLN D 29 52.02 26.19 68.41
N ASN D 30 51.38 25.19 69.01
CA ASN D 30 50.03 24.75 68.66
C ASN D 30 49.86 24.33 67.19
N TRP D 31 50.90 23.72 66.62
CA TRP D 31 50.85 23.16 65.28
C TRP D 31 50.21 21.78 65.30
N ALA D 32 49.49 21.46 64.24
CA ALA D 32 48.94 20.13 64.02
C ALA D 32 50.05 19.27 63.45
N ILE D 33 50.10 18.01 63.88
CA ILE D 33 51.13 17.09 63.43
C ILE D 33 50.49 15.93 62.69
N ASN D 34 51.10 15.52 61.59
CA ASN D 34 50.73 14.26 60.94
C ASN D 34 51.96 13.50 60.53
N ILE D 35 51.74 12.24 60.17
CA ILE D 35 52.77 11.29 59.83
C ILE D 35 52.40 10.74 58.47
N GLU D 36 53.38 10.66 57.57
CA GLU D 36 53.17 10.18 56.20
C GLU D 36 54.32 9.26 55.78
N TYR D 37 54.04 8.36 54.84
CA TYR D 37 55.03 7.39 54.38
C TYR D 37 54.96 7.19 52.88
N THR D 38 56.07 6.78 52.28
CA THR D 38 56.09 6.50 50.85
C THR D 38 57.18 5.53 50.44
N GLU D 39 56.94 4.85 49.32
CA GLU D 39 57.96 4.09 48.61
C GLU D 39 58.20 4.61 47.18
N ASP D 40 57.76 5.85 46.90
CA ASP D 40 58.19 6.58 45.71
C ASP D 40 58.94 7.82 46.20
N PRO D 41 60.28 7.81 46.11
CA PRO D 41 61.06 8.91 46.66
C PRO D 41 61.14 10.16 45.75
N HIS D 42 60.43 10.17 44.62
CA HIS D 42 60.47 11.28 43.66
C HIS D 42 60.34 12.64 44.36
N PRO D 43 61.18 13.64 43.99
CA PRO D 43 61.13 14.96 44.64
C PRO D 43 59.80 15.72 44.48
N ARG D 44 59.03 15.36 43.47
CA ARG D 44 57.70 15.88 43.23
C ARG D 44 56.57 14.90 43.54
N ASN D 45 56.86 13.89 44.34
CA ASN D 45 55.79 13.06 44.92
C ASN D 45 55.16 13.82 46.07
N ASN D 46 54.20 14.68 45.74
CA ASN D 46 53.61 15.62 46.69
C ASN D 46 52.78 14.96 47.79
N PHE D 47 52.17 13.83 47.46
CA PHE D 47 51.18 13.20 48.33
C PHE D 47 51.66 11.83 48.81
N TRP D 48 52.55 11.86 49.79
CA TRP D 48 52.94 10.64 50.51
C TRP D 48 51.68 10.09 51.17
N GLU D 49 51.69 8.81 51.52
CA GLU D 49 50.49 8.16 52.03
C GLU D 49 50.24 8.60 53.47
N LEU D 50 48.98 8.85 53.83
CA LEU D 50 48.62 9.29 55.19
C LEU D 50 48.68 8.13 56.17
N TRP D 51 49.32 8.34 57.31
CA TRP D 51 49.20 7.42 58.45
C TRP D 51 48.10 7.97 59.36
N GLY D 52 46.87 7.53 59.14
CA GLY D 52 45.71 8.04 59.88
C GLY D 52 45.41 9.50 59.57
N LEU D 53 44.74 10.17 60.51
CA LEU D 53 44.42 11.59 60.41
C LEU D 53 45.47 12.43 61.13
N PRO D 54 45.59 13.71 60.74
CA PRO D 54 46.45 14.59 61.53
C PRO D 54 45.94 14.69 62.97
N LEU D 55 46.87 14.88 63.90
CA LEU D 55 46.52 15.13 65.29
C LEU D 55 46.37 16.64 65.46
N PHE D 56 45.20 17.07 65.89
CA PHE D 56 44.87 18.49 66.07
C PHE D 56 44.75 18.82 67.56
N ASP D 57 45.20 20.02 67.95
CA ASP D 57 45.17 20.50 69.35
C ASP D 57 45.75 19.49 70.33
N ILE D 58 47.06 19.26 70.22
CA ILE D 58 47.74 18.17 70.93
C ILE D 58 48.25 18.67 72.28
N ASN D 59 47.99 17.88 73.31
CA ASN D 59 48.56 18.13 74.65
C ASN D 59 49.85 17.35 74.85
N ASP D 60 49.84 16.10 74.40
CA ASP D 60 50.75 15.05 74.87
C ASP D 60 51.66 14.54 73.76
N ALA D 61 52.96 14.78 73.89
CA ALA D 61 53.96 14.29 72.94
C ALA D 61 54.02 12.77 72.83
N ALA D 62 53.83 12.07 73.95
CA ALA D 62 53.85 10.60 73.97
C ALA D 62 52.85 9.97 72.99
N THR D 63 51.67 10.58 72.85
CA THR D 63 50.65 10.13 71.90
C THR D 63 51.13 10.18 70.45
N VAL D 64 51.83 11.26 70.09
CA VAL D 64 52.40 11.42 68.76
C VAL D 64 53.54 10.41 68.59
N MET D 65 54.36 10.23 69.64
CA MET D 65 55.46 9.28 69.59
C MET D 65 54.97 7.84 69.41
N TYR D 66 53.82 7.51 69.99
CA TYR D 66 53.20 6.20 69.78
C TYR D 66 52.85 5.95 68.31
N GLU D 67 52.15 6.90 67.70
CA GLU D 67 51.80 6.79 66.28
C GLU D 67 53.02 6.79 65.37
N ILE D 68 54.05 7.55 65.73
CA ILE D 68 55.34 7.49 65.04
C ILE D 68 55.90 6.07 65.08
N GLY D 69 55.89 5.48 66.27
CA GLY D 69 56.35 4.11 66.46
C GLY D 69 55.52 3.11 65.68
N SER D 70 54.21 3.27 65.74
CA SER D 70 53.29 2.35 65.06
C SER D 70 53.48 2.37 63.53
N CYS D 71 53.66 3.56 62.96
CA CYS D 71 53.91 3.68 61.52
C CYS D 71 55.25 3.03 61.17
N ARG D 72 56.28 3.33 61.97
CA ARG D 72 57.59 2.71 61.78
C ARG D 72 57.58 1.20 61.80
N GLN D 73 56.73 0.61 62.64
CA GLN D 73 56.62 -0.84 62.68
C GLN D 73 56.03 -1.41 61.41
N GLN D 74 54.96 -0.79 60.91
CA GLN D 74 54.30 -1.27 59.70
C GLN D 74 55.03 -0.92 58.41
N HIS D 75 55.91 0.09 58.45
CA HIS D 75 56.57 0.59 57.24
C HIS D 75 58.06 0.82 57.47
N SER D 76 58.69 -0.11 58.20
CA SER D 76 60.10 0.02 58.62
C SER D 76 61.10 0.06 57.48
N ASN D 77 60.74 -0.48 56.33
CA ASN D 77 61.62 -0.55 55.16
C ASN D 77 61.58 0.67 54.21
N VAL D 78 60.64 1.60 54.40
CA VAL D 78 60.41 2.70 53.44
C VAL D 78 60.57 4.07 54.11
N TYR D 79 60.22 5.15 53.41
CA TYR D 79 60.32 6.49 53.98
C TYR D 79 59.13 6.83 54.86
N ILE D 80 59.40 7.53 55.95
CA ILE D 80 58.37 8.06 56.83
C ILE D 80 58.80 9.46 57.26
N LYS D 81 57.86 10.39 57.24
CA LYS D 81 58.12 11.77 57.65
C LYS D 81 57.06 12.27 58.62
N VAL D 82 57.48 13.22 59.45
CA VAL D 82 56.62 13.95 60.35
C VAL D 82 56.47 15.36 59.81
N ASN D 83 55.23 15.81 59.65
CA ASN D 83 54.94 17.17 59.22
C ASN D 83 54.21 17.91 60.32
N ALA D 84 54.46 19.21 60.43
CA ALA D 84 53.70 20.10 61.30
C ALA D 84 53.03 21.17 60.43
N PHE D 85 51.78 21.49 60.78
CA PHE D 85 50.94 22.40 59.98
C PHE D 85 50.46 23.53 60.86
N ASP D 86 50.48 24.74 60.30
CA ASP D 86 50.00 25.95 60.98
C ASP D 86 48.83 26.51 60.18
N ASN D 87 47.64 26.52 60.77
CA ASN D 87 46.44 27.01 60.09
C ASN D 87 46.11 28.50 60.31
N THR D 88 47.05 29.25 60.91
CA THR D 88 46.96 30.73 61.01
C THR D 88 46.79 31.30 59.61
N ARG D 89 45.87 32.25 59.43
CA ARG D 89 45.67 32.85 58.11
C ARG D 89 46.98 33.45 57.59
N GLY D 90 47.28 33.22 56.31
CA GLY D 90 48.50 33.70 55.68
C GLY D 90 49.65 32.71 55.76
N VAL D 91 49.47 31.65 56.55
CA VAL D 91 50.37 30.51 56.55
C VAL D 91 49.58 29.37 55.94
N GLU D 92 48.69 28.73 56.72
CA GLU D 92 47.82 27.65 56.23
C GLU D 92 48.60 26.64 55.38
N SER D 93 49.70 26.16 55.95
CA SER D 93 50.61 25.29 55.25
C SER D 93 51.45 24.54 56.25
N CYS D 94 52.20 23.58 55.71
CA CYS D 94 53.27 22.93 56.43
C CYS D 94 54.34 23.96 56.84
N VAL D 95 54.85 23.82 58.06
CA VAL D 95 55.93 24.68 58.58
C VAL D 95 57.13 23.89 59.12
N LEU D 96 57.10 22.56 58.98
CA LEU D 96 58.19 21.69 59.41
C LEU D 96 57.92 20.31 58.85
N SER D 97 58.91 19.70 58.21
CA SER D 97 58.78 18.37 57.65
C SER D 97 60.12 17.68 57.62
N PHE D 98 60.26 16.58 58.37
CA PHE D 98 61.54 15.87 58.48
C PHE D 98 61.36 14.36 58.46
N LEU D 99 62.36 13.67 57.94
CA LEU D 99 62.33 12.22 57.79
C LEU D 99 62.62 11.55 59.12
N ILE D 100 61.84 10.53 59.46
CA ILE D 100 62.06 9.73 60.67
C ILE D 100 62.33 8.25 60.39
N ASN D 101 62.32 7.86 59.12
CA ASN D 101 62.65 6.51 58.71
C ASN D 101 63.10 6.59 57.27
N ARG D 102 64.08 5.76 56.93
CA ARG D 102 64.52 5.61 55.54
C ARG D 102 64.89 4.15 55.28
N PRO D 103 64.89 3.73 54.01
CA PRO D 103 65.36 2.39 53.68
C PRO D 103 66.83 2.23 54.01
N SER D 104 67.26 1.00 54.27
CA SER D 104 68.66 0.71 54.54
C SER D 104 69.54 0.99 53.32
N TYR D 105 69.00 0.77 52.12
CA TYR D 105 69.68 1.18 50.88
C TYR D 105 68.73 1.94 49.94
N GLU D 106 69.13 3.15 49.56
CA GLU D 106 68.42 3.93 48.54
C GLU D 106 69.26 3.98 47.25
N PRO D 107 68.83 3.29 46.19
CA PRO D 107 69.60 3.37 44.94
C PRO D 107 69.55 4.73 44.23
N GLY D 108 68.49 5.50 44.46
CA GLY D 108 68.40 6.86 43.92
C GLY D 108 67.78 6.90 42.53
N PHE D 109 68.33 7.75 41.67
CA PHE D 109 67.66 8.13 40.42
C PHE D 109 68.57 8.06 39.21
N ARG D 110 68.00 7.62 38.09
CA ARG D 110 68.59 7.79 36.77
C ARG D 110 68.07 9.10 36.21
N LEU D 111 68.97 9.96 35.71
CA LEU D 111 68.54 11.16 34.98
C LEU D 111 68.31 10.79 33.52
N VAL D 112 67.06 10.91 33.08
CA VAL D 112 66.68 10.57 31.72
C VAL D 112 66.65 11.85 30.91
N ARG D 113 67.23 11.81 29.72
CA ARG D 113 67.28 12.94 28.80
C ARG D 113 66.65 12.54 27.48
N SER D 114 65.91 13.46 26.88
CA SER D 114 65.44 13.32 25.50
C SER D 114 65.87 14.54 24.70
N GLU D 115 66.20 14.31 23.43
CA GLU D 115 66.53 15.39 22.49
C GLU D 115 65.25 16.17 22.20
N ASP D 116 65.34 17.50 22.17
CA ASP D 116 64.19 18.32 21.82
C ASP D 116 64.66 19.35 20.78
N ILE D 117 64.00 20.49 20.70
CA ILE D 117 64.28 21.44 19.63
C ILE D 117 65.64 22.12 19.84
N SER D 118 66.35 22.36 18.75
CA SER D 118 67.72 22.87 18.79
C SER D 118 68.56 22.13 19.85
N ARG D 119 69.10 22.84 20.85
CA ARG D 119 69.89 22.21 21.93
C ARG D 119 69.09 21.86 23.19
N ASN D 120 67.81 22.23 23.22
CA ASN D 120 66.95 21.94 24.38
C ASN D 120 66.78 20.44 24.59
N GLN D 121 66.69 20.03 25.85
CA GLN D 121 66.34 18.66 26.19
C GLN D 121 65.15 18.63 27.13
N LYS D 122 64.48 17.47 27.18
CA LYS D 122 63.49 17.19 28.21
C LYS D 122 64.09 16.17 29.18
N TYR D 123 63.79 16.36 30.46
CA TYR D 123 64.39 15.59 31.54
C TYR D 123 63.33 14.88 32.37
N SER D 124 63.72 13.73 32.91
CA SER D 124 62.87 12.95 33.80
C SER D 124 63.75 12.31 34.87
N PHE D 125 63.22 12.23 36.08
CA PHE D 125 63.90 11.59 37.20
C PHE D 125 63.27 10.21 37.39
N HIS D 126 64.03 9.17 37.10
CA HIS D 126 63.55 7.80 37.21
C HIS D 126 64.09 7.20 38.50
N SER D 127 63.20 6.80 39.40
CA SER D 127 63.57 6.14 40.65
C SER D 127 63.87 4.66 40.41
N TYR D 128 65.10 4.25 40.71
CA TYR D 128 65.47 2.83 40.65
C TYR D 128 64.57 1.93 41.50
N ALA D 129 64.19 2.39 42.69
CA ALA D 129 63.29 1.61 43.55
C ALA D 129 61.97 1.27 42.83
N THR D 130 61.47 2.22 42.02
CA THR D 130 60.23 2.01 41.28
C THR D 130 60.37 1.10 40.07
N ASP D 131 61.57 0.57 39.79
CA ASP D 131 61.71 -0.56 38.87
C ASP D 131 60.93 -1.79 39.31
N LYS D 132 60.64 -1.90 40.61
CA LYS D 132 59.78 -2.98 41.11
C LYS D 132 58.43 -2.46 41.59
N PRO D 133 57.41 -3.34 41.64
CA PRO D 133 56.09 -2.94 42.12
C PRO D 133 56.07 -2.52 43.58
N GLU D 134 55.05 -1.76 43.96
CA GLU D 134 54.83 -1.41 45.36
C GLU D 134 54.77 -2.68 46.22
N GLY D 135 55.47 -2.65 47.36
CA GLY D 135 55.59 -3.80 48.27
C GLY D 135 56.83 -4.62 48.03
N SER D 136 57.48 -4.44 46.87
CA SER D 136 58.70 -5.17 46.51
C SER D 136 59.87 -4.22 46.23
N ARG D 137 59.77 -2.96 46.65
CA ARG D 137 60.73 -1.94 46.25
C ARG D 137 61.93 -1.81 47.16
N TYR D 138 61.69 -1.94 48.47
CA TYR D 138 62.73 -1.72 49.46
C TYR D 138 62.75 -2.90 50.46
N ARG E 13 -72.78 -61.98 31.72
CA ARG E 13 -72.87 -61.26 30.41
C ARG E 13 -71.50 -61.11 29.74
N TYR E 14 -70.47 -60.78 30.53
CA TYR E 14 -69.10 -60.63 30.00
C TYR E 14 -68.15 -61.79 30.36
N GLU E 15 -68.68 -62.87 30.96
CA GLU E 15 -67.92 -64.11 31.02
C GLU E 15 -67.87 -64.70 29.60
N SER E 16 -66.88 -65.54 29.34
CA SER E 16 -66.67 -66.10 28.00
C SER E 16 -67.82 -66.98 27.53
N GLY E 17 -67.91 -67.14 26.21
CA GLY E 17 -68.84 -68.08 25.60
C GLY E 17 -69.91 -67.40 24.77
N VAL E 18 -70.71 -68.25 24.12
CA VAL E 18 -71.77 -67.83 23.23
C VAL E 18 -73.04 -67.59 24.04
N ILE E 19 -73.64 -66.42 23.85
CA ILE E 19 -75.00 -66.14 24.35
C ILE E 19 -75.80 -65.49 23.22
N PRO E 20 -77.14 -65.62 23.24
CA PRO E 20 -77.95 -65.05 22.16
C PRO E 20 -77.73 -63.54 21.97
N TYR E 21 -77.73 -63.10 20.71
CA TYR E 21 -77.62 -61.67 20.42
C TYR E 21 -78.69 -60.84 21.13
N ALA E 22 -79.91 -61.37 21.23
CA ALA E 22 -81.02 -60.68 21.94
C ALA E 22 -80.82 -60.53 23.45
N LYS E 23 -79.86 -61.24 24.03
CA LYS E 23 -79.42 -61.04 25.42
C LYS E 23 -78.12 -60.22 25.54
N MET E 24 -77.53 -59.80 24.42
CA MET E 24 -76.28 -59.03 24.42
C MET E 24 -76.51 -57.50 24.36
N GLY E 25 -77.77 -57.06 24.32
CA GLY E 25 -78.12 -55.64 24.23
C GLY E 25 -78.63 -55.20 22.86
N TYR E 26 -78.71 -56.12 21.89
CA TYR E 26 -79.09 -55.78 20.52
C TYR E 26 -80.61 -55.88 20.24
N TRP E 27 -81.38 -56.28 21.26
CA TRP E 27 -82.84 -56.23 21.26
C TRP E 27 -83.26 -55.30 22.40
N ASP E 28 -83.93 -54.21 22.06
CA ASP E 28 -84.47 -53.30 23.07
C ASP E 28 -85.76 -52.66 22.55
N PRO E 29 -86.91 -53.29 22.83
CA PRO E 29 -88.20 -52.77 22.37
C PRO E 29 -88.64 -51.46 23.05
N ASN E 30 -87.95 -51.05 24.10
CA ASN E 30 -88.18 -49.77 24.79
C ASN E 30 -87.18 -48.67 24.44
N TYR E 31 -86.29 -48.94 23.48
CA TYR E 31 -85.30 -47.97 23.05
C TYR E 31 -85.95 -46.70 22.52
N ALA E 32 -85.47 -45.54 22.99
CA ALA E 32 -85.97 -44.25 22.53
C ALA E 32 -85.10 -43.77 21.37
N VAL E 33 -85.65 -43.82 20.16
CA VAL E 33 -84.94 -43.38 18.96
C VAL E 33 -84.57 -41.90 19.11
N LYS E 34 -83.30 -41.59 18.81
CA LYS E 34 -82.80 -40.22 18.80
C LYS E 34 -82.87 -39.67 17.39
N ASP E 35 -83.04 -38.35 17.26
CA ASP E 35 -83.09 -37.70 15.95
C ASP E 35 -81.76 -37.76 15.17
N THR E 36 -80.65 -38.06 15.85
CA THR E 36 -79.36 -38.30 15.21
C THR E 36 -79.11 -39.75 14.78
N ASP E 37 -79.98 -40.68 15.17
CA ASP E 37 -79.78 -42.10 14.85
C ASP E 37 -79.99 -42.35 13.35
N ILE E 38 -79.17 -43.25 12.81
CA ILE E 38 -79.42 -43.88 11.53
C ILE E 38 -80.36 -45.04 11.82
N LEU E 39 -81.48 -45.12 11.09
CA LEU E 39 -82.42 -46.23 11.20
C LEU E 39 -82.38 -47.06 9.93
N ALA E 40 -82.56 -48.38 10.08
CA ALA E 40 -82.68 -49.29 8.94
C ALA E 40 -83.91 -50.16 9.15
N LEU E 41 -84.59 -50.47 8.05
CA LEU E 41 -85.67 -51.43 8.05
C LEU E 41 -85.28 -52.60 7.19
N PHE E 42 -85.17 -53.77 7.84
CA PHE E 42 -84.89 -55.02 7.15
C PHE E 42 -86.13 -55.91 7.07
N ARG E 43 -86.29 -56.58 5.94
CA ARG E 43 -87.24 -57.69 5.79
C ARG E 43 -86.44 -58.95 6.09
N VAL E 44 -86.76 -59.61 7.22
CA VAL E 44 -86.00 -60.74 7.75
C VAL E 44 -86.77 -62.04 7.59
N SER E 45 -86.14 -63.04 6.97
CA SER E 45 -86.70 -64.38 6.83
C SER E 45 -85.80 -65.37 7.59
N PRO E 46 -86.14 -65.68 8.86
CA PRO E 46 -85.31 -66.60 9.63
C PRO E 46 -85.32 -68.03 9.11
N GLN E 47 -84.24 -68.76 9.36
CA GLN E 47 -84.23 -70.20 9.10
C GLN E 47 -85.26 -70.88 10.01
N PRO E 48 -85.79 -72.05 9.60
CA PRO E 48 -86.67 -72.82 10.49
C PRO E 48 -86.03 -73.00 11.87
N GLY E 49 -86.80 -72.76 12.93
CA GLY E 49 -86.32 -72.92 14.30
C GLY E 49 -85.63 -71.71 14.91
N VAL E 50 -85.40 -70.65 14.13
CA VAL E 50 -84.74 -69.44 14.64
C VAL E 50 -85.82 -68.46 15.07
N ASP E 51 -85.67 -67.94 16.28
CA ASP E 51 -86.59 -66.96 16.82
C ASP E 51 -86.51 -65.64 16.01
N PRO E 52 -87.67 -65.05 15.63
CA PRO E 52 -87.69 -63.78 14.87
C PRO E 52 -86.95 -62.63 15.53
N VAL E 53 -87.10 -62.48 16.83
CA VAL E 53 -86.40 -61.44 17.57
C VAL E 53 -84.90 -61.73 17.61
N GLU E 54 -84.52 -62.99 17.82
CA GLU E 54 -83.11 -63.37 17.81
C GLU E 54 -82.45 -63.10 16.46
N ALA E 55 -83.12 -63.46 15.37
CA ALA E 55 -82.64 -63.15 14.01
C ALA E 55 -82.42 -61.66 13.80
N SER E 56 -83.37 -60.86 14.26
CA SER E 56 -83.32 -59.41 14.13
C SER E 56 -82.21 -58.81 14.99
N ALA E 57 -82.06 -59.31 16.21
CA ALA E 57 -80.94 -58.95 17.08
C ALA E 57 -79.57 -59.34 16.49
N ALA E 58 -79.49 -60.47 15.79
CA ALA E 58 -78.26 -60.90 15.11
C ALA E 58 -77.86 -59.94 13.99
N VAL E 59 -78.86 -59.52 13.21
CA VAL E 59 -78.65 -58.50 12.17
C VAL E 59 -78.15 -57.20 12.83
N ALA E 60 -78.83 -56.77 13.89
CA ALA E 60 -78.41 -55.57 14.63
C ALA E 60 -76.98 -55.66 15.18
N GLY E 61 -76.64 -56.81 15.76
CA GLY E 61 -75.32 -57.01 16.33
C GLY E 61 -74.20 -57.04 15.32
N GLU E 62 -74.37 -57.87 14.30
CA GLU E 62 -73.34 -58.09 13.30
C GLU E 62 -73.23 -56.96 12.25
N SER E 63 -74.14 -55.99 12.29
CA SER E 63 -73.99 -54.74 11.54
C SER E 63 -73.54 -53.56 12.41
N SER E 64 -73.16 -53.80 13.67
CA SER E 64 -72.73 -52.73 14.55
C SER E 64 -71.46 -53.11 15.32
N THR E 65 -71.60 -53.83 16.44
CA THR E 65 -70.43 -54.13 17.32
C THR E 65 -70.20 -55.59 17.70
N ALA E 66 -71.14 -56.49 17.37
CA ALA E 66 -71.13 -57.84 17.93
C ALA E 66 -70.25 -58.77 17.13
N THR E 67 -69.80 -59.84 17.77
CA THR E 67 -69.47 -61.07 17.07
C THR E 67 -70.22 -62.24 17.72
N TRP E 68 -69.82 -63.46 17.38
CA TRP E 68 -70.58 -64.68 17.69
C TRP E 68 -70.38 -65.21 19.13
N THR E 69 -69.39 -64.66 19.83
CA THR E 69 -69.04 -65.06 21.19
C THR E 69 -68.67 -63.80 21.95
N VAL E 70 -68.80 -63.84 23.26
CA VAL E 70 -68.60 -62.69 24.12
C VAL E 70 -67.13 -62.25 24.15
N VAL E 71 -66.90 -60.93 24.11
CA VAL E 71 -65.53 -60.38 24.18
C VAL E 71 -65.41 -59.29 25.25
N TRP E 72 -64.35 -59.36 26.05
CA TRP E 72 -64.15 -58.45 27.19
C TRP E 72 -63.81 -57.04 26.74
N THR E 73 -63.23 -56.95 25.55
CA THR E 73 -62.86 -55.67 24.94
C THR E 73 -64.02 -54.71 24.73
N ASP E 74 -65.26 -55.21 24.69
CA ASP E 74 -66.47 -54.37 24.78
C ASP E 74 -66.34 -53.31 25.87
N LEU E 75 -65.80 -53.73 27.02
CA LEU E 75 -65.72 -52.88 28.20
C LEU E 75 -64.68 -51.75 28.12
N LEU E 76 -63.83 -51.78 27.10
CA LEU E 76 -62.95 -50.64 26.80
C LEU E 76 -63.68 -49.50 26.06
N THR E 77 -64.93 -49.73 25.65
CA THR E 77 -65.69 -48.79 24.83
C THR E 77 -66.96 -48.39 25.54
N ALA E 78 -67.61 -47.34 25.06
CA ALA E 78 -68.95 -46.94 25.53
C ALA E 78 -69.98 -47.86 24.86
N CYS E 79 -69.96 -49.14 25.23
CA CYS E 79 -70.60 -50.19 24.44
C CYS E 79 -72.12 -50.08 24.38
N ASP E 80 -72.75 -49.54 25.42
CA ASP E 80 -74.21 -49.38 25.43
C ASP E 80 -74.68 -48.38 24.39
N LEU E 81 -73.84 -47.40 24.11
CA LEU E 81 -74.12 -46.40 23.08
C LEU E 81 -73.86 -46.98 21.69
N TYR E 82 -72.76 -47.71 21.50
CA TYR E 82 -72.36 -48.17 20.15
C TYR E 82 -73.13 -49.39 19.61
N ARG E 83 -73.62 -50.27 20.49
CA ARG E 83 -74.49 -51.38 20.07
C ARG E 83 -75.70 -50.83 19.33
N ALA E 84 -76.01 -51.40 18.16
CA ALA E 84 -77.25 -51.09 17.46
C ALA E 84 -78.38 -51.82 18.17
N LYS E 85 -79.57 -51.26 18.13
CA LYS E 85 -80.73 -51.87 18.77
C LYS E 85 -81.80 -52.18 17.74
N ALA E 86 -82.16 -53.46 17.61
CA ALA E 86 -83.44 -53.80 17.00
C ALA E 86 -84.50 -53.35 18.02
N TYR E 87 -85.34 -52.39 17.64
CA TYR E 87 -86.30 -51.80 18.57
C TYR E 87 -87.76 -52.10 18.25
N LYS E 88 -88.02 -52.72 17.10
CA LYS E 88 -89.35 -53.09 16.71
C LYS E 88 -89.25 -54.26 15.74
N VAL E 89 -89.97 -55.34 16.03
CA VAL E 89 -90.03 -56.52 15.15
C VAL E 89 -91.50 -56.89 14.98
N GLU E 90 -91.97 -56.87 13.73
CA GLU E 90 -93.37 -57.16 13.41
C GLU E 90 -93.48 -58.11 12.22
N SER E 91 -94.60 -58.84 12.16
CA SER E 91 -94.90 -59.70 11.03
C SER E 91 -95.13 -58.90 9.76
N VAL E 92 -94.58 -59.34 8.64
CA VAL E 92 -94.92 -58.78 7.33
C VAL E 92 -96.34 -59.26 7.00
N PRO E 93 -97.24 -58.36 6.57
CA PRO E 93 -98.61 -58.82 6.26
C PRO E 93 -98.63 -59.97 5.26
N ASN E 94 -99.54 -60.92 5.50
CA ASN E 94 -99.79 -62.04 4.59
C ASN E 94 -98.61 -63.00 4.39
N THR E 95 -97.75 -63.15 5.40
CA THR E 95 -96.63 -64.08 5.35
C THR E 95 -96.61 -64.96 6.59
N SER E 96 -95.98 -66.12 6.49
CA SER E 96 -95.90 -67.07 7.61
C SER E 96 -94.69 -66.89 8.52
N ASP E 97 -93.52 -66.58 7.94
CA ASP E 97 -92.28 -66.47 8.72
C ASP E 97 -91.35 -65.39 8.14
N GLN E 98 -91.90 -64.18 7.99
CA GLN E 98 -91.17 -63.03 7.48
C GLN E 98 -91.49 -61.82 8.35
N TYR E 99 -90.46 -61.04 8.68
CA TYR E 99 -90.59 -59.97 9.69
C TYR E 99 -89.94 -58.66 9.23
N PHE E 100 -90.57 -57.55 9.61
CA PHE E 100 -89.94 -56.24 9.50
C PHE E 100 -89.21 -55.96 10.80
N ALA E 101 -87.89 -55.75 10.71
CA ALA E 101 -87.07 -55.37 11.87
C ALA E 101 -86.58 -53.95 11.68
N TYR E 102 -86.92 -53.10 12.63
CA TYR E 102 -86.42 -51.72 12.69
C TYR E 102 -85.21 -51.67 13.61
N ILE E 103 -84.10 -51.13 13.10
CA ILE E 103 -82.82 -51.14 13.83
C ILE E 103 -82.22 -49.74 13.85
N SER E 104 -81.72 -49.35 15.03
CA SER E 104 -81.16 -48.02 15.26
C SER E 104 -79.66 -48.08 15.47
N TYR E 105 -78.95 -47.14 14.86
CA TYR E 105 -77.48 -47.07 14.90
C TYR E 105 -77.07 -45.65 15.27
N ASP E 106 -76.23 -45.50 16.29
CA ASP E 106 -75.77 -44.18 16.68
C ASP E 106 -74.97 -43.53 15.55
N ILE E 107 -75.09 -42.23 15.43
CA ILE E 107 -74.37 -41.45 14.42
C ILE E 107 -72.85 -41.61 14.49
N ASP E 108 -72.30 -41.80 15.70
CA ASP E 108 -70.86 -42.03 15.88
C ASP E 108 -70.31 -43.34 15.33
N LEU E 109 -71.16 -44.26 14.87
CA LEU E 109 -70.68 -45.48 14.23
C LEU E 109 -70.11 -45.26 12.83
N PHE E 110 -70.41 -44.10 12.24
CA PHE E 110 -70.21 -43.88 10.81
C PHE E 110 -69.19 -42.79 10.49
N GLU E 111 -68.45 -43.03 9.41
CA GLU E 111 -67.53 -42.04 8.90
C GLU E 111 -68.34 -40.97 8.17
N GLU E 112 -68.03 -39.72 8.49
CA GLU E 112 -68.69 -38.55 7.92
C GLU E 112 -68.47 -38.57 6.39
N GLY E 113 -69.55 -38.43 5.63
CA GLY E 113 -69.46 -38.31 4.18
C GLY E 113 -69.06 -39.54 3.38
N SER E 114 -69.09 -40.73 3.98
CA SER E 114 -68.64 -41.96 3.31
C SER E 114 -69.77 -42.97 3.10
N ILE E 115 -70.18 -43.14 1.85
CA ILE E 115 -71.13 -44.20 1.49
C ILE E 115 -70.49 -45.60 1.70
N ALA E 116 -69.21 -45.74 1.37
CA ALA E 116 -68.48 -46.98 1.63
C ALA E 116 -68.56 -47.40 3.10
N ASN E 117 -68.40 -46.45 4.02
CA ASN E 117 -68.47 -46.79 5.44
C ASN E 117 -69.88 -47.13 5.91
N LEU E 118 -70.85 -46.31 5.50
CA LEU E 118 -72.25 -46.54 5.83
C LEU E 118 -72.66 -47.96 5.40
N THR E 119 -72.35 -48.28 4.15
CA THR E 119 -72.72 -49.60 3.59
C THR E 119 -71.90 -50.74 4.18
N ALA E 120 -70.62 -50.50 4.51
CA ALA E 120 -69.81 -51.54 5.16
C ALA E 120 -70.48 -52.08 6.42
N SER E 121 -71.09 -51.20 7.22
CA SER E 121 -71.84 -51.62 8.40
C SER E 121 -73.18 -52.26 8.02
N ILE E 122 -74.01 -51.50 7.32
CA ILE E 122 -75.40 -51.86 7.12
C ILE E 122 -75.58 -53.13 6.28
N ILE E 123 -74.76 -53.28 5.22
CA ILE E 123 -74.86 -54.45 4.32
C ILE E 123 -73.61 -55.33 4.24
N GLY E 124 -72.59 -55.05 5.04
CA GLY E 124 -71.29 -55.72 4.92
C GLY E 124 -71.37 -57.23 4.91
N ASN E 125 -71.89 -57.78 6.01
CA ASN E 125 -71.87 -59.22 6.26
C ASN E 125 -73.22 -59.87 6.51
N VAL E 126 -74.21 -59.11 6.96
CA VAL E 126 -75.46 -59.70 7.48
C VAL E 126 -76.32 -60.46 6.48
N PHE E 127 -76.16 -60.17 5.19
CA PHE E 127 -76.91 -60.87 4.15
C PHE E 127 -76.46 -62.31 3.92
N GLY E 128 -75.27 -62.66 4.41
CA GLY E 128 -74.72 -64.00 4.28
C GLY E 128 -74.84 -64.88 5.52
N PHE E 129 -75.53 -64.41 6.56
CA PHE E 129 -75.63 -65.19 7.80
C PHE E 129 -76.49 -66.43 7.63
N LYS E 130 -75.97 -67.58 8.06
CA LYS E 130 -76.67 -68.86 7.91
C LYS E 130 -78.06 -68.82 8.55
N ALA E 131 -78.17 -68.20 9.73
CA ALA E 131 -79.40 -68.24 10.54
C ALA E 131 -80.58 -67.48 9.94
N VAL E 132 -80.29 -66.62 8.95
CA VAL E 132 -81.29 -65.92 8.18
C VAL E 132 -81.22 -66.51 6.76
N LYS E 133 -82.31 -67.11 6.26
CA LYS E 133 -82.30 -67.65 4.90
C LYS E 133 -82.49 -66.56 3.84
N ALA E 134 -83.08 -65.43 4.22
CA ALA E 134 -83.15 -64.27 3.35
C ALA E 134 -83.27 -62.97 4.15
N LEU E 135 -82.86 -61.88 3.50
CA LEU E 135 -82.74 -60.58 4.13
C LEU E 135 -82.79 -59.54 3.05
N ARG E 136 -83.61 -58.51 3.27
CA ARG E 136 -83.67 -57.38 2.35
C ARG E 136 -83.69 -56.06 3.11
N LEU E 137 -82.84 -55.12 2.68
CA LEU E 137 -82.85 -53.78 3.22
C LEU E 137 -83.90 -53.00 2.45
N GLU E 138 -84.95 -52.56 3.14
CA GLU E 138 -86.11 -51.91 2.51
C GLU E 138 -86.02 -50.39 2.51
N ASP E 139 -85.56 -49.81 3.61
CA ASP E 139 -85.49 -48.36 3.74
C ASP E 139 -84.51 -48.00 4.84
N MET E 140 -84.08 -46.75 4.84
CA MET E 140 -83.28 -46.18 5.90
C MET E 140 -83.74 -44.77 6.25
N ARG E 141 -83.52 -44.38 7.50
CA ARG E 141 -83.71 -43.00 7.92
C ARG E 141 -82.31 -42.40 8.10
N ILE E 142 -81.91 -41.57 7.16
CA ILE E 142 -80.61 -40.90 7.27
C ILE E 142 -80.89 -39.57 7.95
N PRO E 143 -80.36 -39.36 9.16
CA PRO E 143 -80.71 -38.15 9.90
C PRO E 143 -80.02 -36.92 9.32
N VAL E 144 -80.59 -35.76 9.61
CA VAL E 144 -80.10 -34.48 9.09
C VAL E 144 -78.62 -34.26 9.43
N ALA E 145 -78.23 -34.59 10.66
CA ALA E 145 -76.85 -34.39 11.10
C ALA E 145 -75.82 -35.22 10.33
N TYR E 146 -76.22 -36.39 9.83
CA TYR E 146 -75.34 -37.19 8.98
C TYR E 146 -75.43 -36.73 7.52
N LEU E 147 -76.63 -36.38 7.04
CA LEU E 147 -76.76 -35.85 5.68
C LEU E 147 -75.91 -34.60 5.41
N LYS E 148 -75.77 -33.74 6.42
CA LYS E 148 -74.95 -32.52 6.28
C LYS E 148 -73.45 -32.80 6.05
N THR E 149 -73.00 -34.03 6.27
CA THR E 149 -71.62 -34.43 5.97
C THR E 149 -71.41 -34.88 4.50
N PHE E 150 -72.48 -34.88 3.70
CA PHE E 150 -72.43 -35.24 2.28
C PHE E 150 -72.73 -34.05 1.39
N GLN E 151 -72.16 -34.06 0.20
CA GLN E 151 -72.37 -32.98 -0.76
C GLN E 151 -73.82 -32.90 -1.26
N GLY E 152 -74.43 -34.05 -1.52
CA GLY E 152 -75.66 -34.06 -2.30
C GLY E 152 -75.33 -33.78 -3.76
N PRO E 153 -76.33 -33.76 -4.63
CA PRO E 153 -76.09 -33.59 -6.07
C PRO E 153 -75.19 -32.40 -6.42
N ALA E 154 -74.23 -32.64 -7.30
CA ALA E 154 -73.32 -31.60 -7.79
C ALA E 154 -74.07 -30.39 -8.34
N THR E 155 -75.11 -30.68 -9.13
CA THR E 155 -75.86 -29.66 -9.85
C THR E 155 -77.29 -29.58 -9.28
N GLY E 156 -78.02 -30.69 -9.32
CA GLY E 156 -79.40 -30.74 -8.91
C GLY E 156 -80.33 -30.24 -9.99
N ILE E 157 -81.59 -30.68 -9.94
CA ILE E 157 -82.52 -30.38 -11.03
C ILE E 157 -82.75 -28.86 -11.26
N VAL E 158 -82.70 -28.07 -10.19
CA VAL E 158 -82.97 -26.63 -10.30
C VAL E 158 -81.91 -25.93 -11.15
N VAL E 159 -80.65 -26.11 -10.78
CA VAL E 159 -79.53 -25.54 -11.54
C VAL E 159 -79.43 -26.20 -12.91
N GLU E 160 -79.75 -27.50 -13.00
CA GLU E 160 -79.78 -28.17 -14.29
C GLU E 160 -80.74 -27.47 -15.26
N ARG E 161 -81.96 -27.22 -14.81
CA ARG E 161 -82.94 -26.54 -15.68
C ARG E 161 -82.45 -25.14 -16.07
N GLU E 162 -81.81 -24.45 -15.13
CA GLU E 162 -81.25 -23.13 -15.41
C GLU E 162 -80.15 -23.21 -16.47
N ARG E 163 -79.25 -24.18 -16.35
CA ARG E 163 -78.19 -24.40 -17.37
C ARG E 163 -78.75 -24.69 -18.76
N MET E 164 -79.78 -25.53 -18.81
CA MET E 164 -80.41 -25.93 -20.06
C MET E 164 -81.45 -24.90 -20.57
N ASP E 165 -81.82 -23.95 -19.71
CA ASP E 165 -82.91 -23.00 -19.97
C ASP E 165 -84.19 -23.74 -20.40
N LYS E 166 -84.55 -24.77 -19.64
CA LYS E 166 -85.70 -25.61 -19.96
C LYS E 166 -86.55 -25.85 -18.72
N PHE E 167 -87.76 -25.26 -18.71
CA PHE E 167 -88.64 -25.29 -17.54
C PHE E 167 -90.05 -25.71 -17.94
N GLY E 168 -90.74 -26.37 -17.02
CA GLY E 168 -92.17 -26.67 -17.18
C GLY E 168 -92.51 -27.89 -17.99
N ARG E 169 -91.51 -28.70 -18.35
CA ARG E 169 -91.72 -29.96 -19.03
C ARG E 169 -90.63 -30.95 -18.66
N PRO E 170 -90.89 -32.24 -18.86
CA PRO E 170 -89.80 -33.20 -18.87
C PRO E 170 -88.72 -32.88 -19.90
N PHE E 171 -87.49 -33.29 -19.60
CA PHE E 171 -86.44 -33.33 -20.60
C PHE E 171 -86.69 -34.55 -21.48
N GLY E 173 -84.58 -37.40 -24.11
CA GLY E 173 -83.28 -37.99 -24.42
C GLY E 173 -83.41 -39.25 -25.24
N ALA E 174 -82.27 -39.88 -25.52
CA ALA E 174 -82.24 -41.14 -26.27
C ALA E 174 -80.87 -41.75 -26.16
N THR E 175 -80.83 -43.06 -25.93
CA THR E 175 -79.57 -43.80 -25.99
C THR E 175 -79.30 -44.14 -27.44
N VAL E 176 -78.07 -43.90 -27.90
CA VAL E 176 -77.63 -44.24 -29.25
C VAL E 176 -77.66 -45.78 -29.40
N LYS E 177 -78.12 -46.25 -30.57
CA LYS E 177 -78.22 -47.69 -30.87
C LYS E 177 -77.68 -47.91 -32.28
N PRO E 178 -77.15 -49.10 -32.58
CA PRO E 178 -77.05 -50.27 -31.68
C PRO E 178 -76.17 -50.01 -30.45
N LYS E 179 -76.35 -50.82 -29.40
CA LYS E 179 -75.62 -50.59 -28.13
C LYS E 179 -74.10 -50.54 -28.37
N LEU E 180 -73.58 -51.53 -29.09
CA LEU E 180 -72.16 -51.59 -29.41
C LEU E 180 -71.96 -51.72 -30.90
N GLY E 181 -70.77 -51.32 -31.36
CA GLY E 181 -70.33 -51.50 -32.74
C GLY E 181 -70.14 -50.25 -33.55
N LEU E 182 -70.81 -49.15 -33.19
CA LEU E 182 -70.72 -47.92 -33.97
C LEU E 182 -69.34 -47.25 -33.82
N SER E 183 -68.90 -46.57 -34.88
CA SER E 183 -67.70 -45.74 -34.83
C SER E 183 -67.99 -44.40 -34.17
N GLY E 184 -66.94 -43.67 -33.78
CA GLY E 184 -67.07 -42.29 -33.32
C GLY E 184 -67.84 -41.38 -34.27
N LYS E 185 -67.49 -41.45 -35.56
CA LYS E 185 -68.12 -40.59 -36.56
C LYS E 185 -69.61 -40.90 -36.72
N ASN E 186 -69.94 -42.19 -36.77
CA ASN E 186 -71.33 -42.61 -36.82
C ASN E 186 -72.09 -42.25 -35.55
N TYR E 187 -71.41 -42.32 -34.39
CA TYR E 187 -72.01 -41.89 -33.13
C TYR E 187 -72.41 -40.42 -33.22
N GLY E 188 -71.50 -39.60 -33.73
CA GLY E 188 -71.77 -38.17 -33.91
C GLY E 188 -72.94 -37.90 -34.83
N ARG E 189 -73.06 -38.68 -35.91
CA ARG E 189 -74.19 -38.57 -36.83
C ARG E 189 -75.53 -38.78 -36.12
N VAL E 190 -75.62 -39.85 -35.33
CA VAL E 190 -76.85 -40.15 -34.62
C VAL E 190 -77.16 -39.02 -33.64
N VAL E 191 -76.15 -38.54 -32.91
CA VAL E 191 -76.34 -37.47 -31.93
C VAL E 191 -76.84 -36.19 -32.62
N TYR E 192 -76.21 -35.84 -33.74
CA TYR E 192 -76.62 -34.65 -34.48
C TYR E 192 -78.08 -34.75 -34.92
N GLU E 193 -78.45 -35.86 -35.54
CA GLU E 193 -79.82 -36.04 -36.06
C GLU E 193 -80.87 -36.00 -34.94
N GLY E 194 -80.58 -36.65 -33.82
CA GLY E 194 -81.49 -36.69 -32.68
C GLY E 194 -81.69 -35.35 -32.01
N LEU E 195 -80.61 -34.64 -31.74
CA LEU E 195 -80.70 -33.32 -31.10
C LEU E 195 -81.33 -32.31 -32.05
N ARG E 196 -80.87 -32.31 -33.29
CA ARG E 196 -81.39 -31.39 -34.29
C ARG E 196 -82.89 -31.62 -34.57
N GLY E 197 -83.34 -32.87 -34.43
CA GLY E 197 -84.76 -33.21 -34.61
C GLY E 197 -85.70 -32.91 -33.45
N GLY E 198 -85.14 -32.54 -32.29
CA GLY E 198 -85.97 -32.15 -31.15
C GLY E 198 -85.60 -32.66 -29.78
N LEU E 199 -84.68 -33.63 -29.67
CA LEU E 199 -84.28 -34.12 -28.36
C LEU E 199 -83.38 -33.12 -27.64
N ASP E 200 -83.54 -33.04 -26.31
CA ASP E 200 -82.67 -32.20 -25.48
C ASP E 200 -81.29 -32.82 -25.29
N PHE E 201 -81.27 -34.14 -25.18
CA PHE E 201 -80.06 -34.91 -24.89
C PHE E 201 -80.00 -36.16 -25.77
N LEU E 202 -78.80 -36.66 -26.01
CA LEU E 202 -78.62 -38.09 -26.29
C LEU E 202 -77.58 -38.61 -25.31
N ASP E 204 -74.39 -41.82 -24.60
CA ASP E 204 -73.65 -43.06 -24.77
C ASP E 204 -74.43 -44.20 -24.07
N ASP E 205 -74.40 -45.39 -24.64
CA ASP E 205 -74.96 -46.55 -23.94
C ASP E 205 -74.06 -46.85 -22.73
N GLU E 206 -74.62 -47.46 -21.70
CA GLU E 206 -73.84 -47.77 -20.49
C GLU E 206 -72.56 -48.56 -20.76
N ASN E 207 -72.60 -49.45 -21.76
CA ASN E 207 -71.45 -50.25 -22.12
C ASN E 207 -70.54 -49.64 -23.20
N ILE E 208 -70.83 -48.40 -23.64
CA ILE E 208 -69.96 -47.67 -24.55
C ILE E 208 -68.94 -46.89 -23.70
N ASN E 209 -67.70 -47.37 -23.69
CA ASN E 209 -66.62 -46.76 -22.93
C ASN E 209 -65.48 -46.47 -23.92
N SER E 210 -64.51 -47.38 -24.05
CA SER E 210 -63.52 -47.32 -25.12
C SER E 210 -63.22 -48.74 -25.56
N GLN E 211 -63.32 -49.01 -26.85
CA GLN E 211 -63.30 -50.39 -27.37
C GLN E 211 -62.64 -50.47 -28.75
N PRO E 212 -62.28 -51.68 -29.21
CA PRO E 212 -61.70 -51.79 -30.56
C PRO E 212 -62.50 -51.12 -31.68
N PHE E 213 -63.83 -51.21 -31.62
CA PHE E 213 -64.69 -50.64 -32.67
C PHE E 213 -64.83 -49.10 -32.61
N MET E 214 -64.45 -48.49 -31.48
CA MET E 214 -64.51 -47.04 -31.31
C MET E 214 -63.77 -46.66 -30.03
N ARG E 215 -62.72 -45.87 -30.16
CA ARG E 215 -62.03 -45.34 -28.97
C ARG E 215 -62.71 -44.06 -28.51
N TRP E 216 -62.55 -43.76 -27.23
CA TRP E 216 -63.40 -42.76 -26.56
C TRP E 216 -63.21 -41.31 -27.05
N LYS E 217 -61.97 -40.92 -27.35
CA LYS E 217 -61.71 -39.53 -27.71
C LYS E 217 -62.44 -39.09 -28.97
N GLU E 218 -62.39 -39.91 -30.02
CA GLU E 218 -63.11 -39.53 -31.25
C GLU E 218 -64.61 -39.42 -31.00
N ARG E 219 -65.14 -40.28 -30.14
CA ARG E 219 -66.57 -40.19 -29.82
C ARG E 219 -66.90 -38.85 -29.16
N PHE E 220 -66.08 -38.44 -28.19
CA PHE E 220 -66.35 -37.18 -27.49
C PHE E 220 -66.25 -36.00 -28.46
N LEU E 221 -65.22 -36.02 -29.32
CA LEU E 221 -64.99 -34.94 -30.31
C LEU E 221 -66.13 -34.81 -31.33
N TYR E 222 -66.54 -35.93 -31.92
CA TYR E 222 -67.67 -35.92 -32.85
C TYR E 222 -68.99 -35.57 -32.15
N SER E 223 -69.14 -36.00 -30.89
CA SER E 223 -70.36 -35.73 -30.12
C SER E 223 -70.52 -34.23 -29.83
N ILE E 224 -69.43 -33.58 -29.45
CA ILE E 224 -69.50 -32.14 -29.20
C ILE E 224 -69.72 -31.32 -30.49
N GLU E 225 -69.13 -31.75 -31.61
CA GLU E 225 -69.47 -31.18 -32.93
C GLU E 225 -70.97 -31.30 -33.18
N ALA E 226 -71.52 -32.49 -32.98
CA ALA E 226 -72.96 -32.74 -33.19
C ALA E 226 -73.83 -31.86 -32.29
N VAL E 227 -73.44 -31.77 -31.01
CA VAL E 227 -74.14 -30.92 -30.04
C VAL E 227 -74.17 -29.46 -30.50
N ASN E 228 -73.00 -28.95 -30.87
CA ASN E 228 -72.89 -27.53 -31.23
C ASN E 228 -73.56 -27.21 -32.56
N ARG E 229 -73.51 -28.14 -33.51
CA ARG E 229 -74.33 -28.06 -34.73
C ARG E 229 -75.82 -27.91 -34.39
N SER E 230 -76.29 -28.74 -33.47
CA SER E 230 -77.70 -28.79 -33.13
C SER E 230 -78.12 -27.55 -32.33
N ILE E 231 -77.21 -27.01 -31.50
CA ILE E 231 -77.45 -25.74 -30.80
C ILE E 231 -77.62 -24.58 -31.80
N ALA E 232 -76.69 -24.49 -32.76
CA ALA E 232 -76.75 -23.48 -33.81
C ALA E 232 -78.01 -23.61 -34.66
N ALA E 233 -78.43 -24.85 -34.93
CA ALA E 233 -79.61 -25.14 -35.75
C ALA E 233 -80.95 -24.79 -35.09
N THR E 234 -80.99 -24.83 -33.76
CA THR E 234 -82.25 -24.72 -33.00
C THR E 234 -82.36 -23.54 -32.03
N GLY E 235 -81.24 -22.94 -31.65
CA GLY E 235 -81.22 -21.93 -30.59
C GLY E 235 -81.39 -22.46 -29.17
N GLU E 236 -81.39 -23.78 -28.98
CA GLU E 236 -81.58 -24.37 -27.64
C GLU E 236 -80.23 -24.83 -27.11
N VAL E 237 -80.07 -24.80 -25.79
CA VAL E 237 -78.98 -25.55 -25.15
C VAL E 237 -79.28 -27.04 -25.34
N LYS E 238 -78.27 -27.80 -25.77
CA LYS E 238 -78.35 -29.25 -25.99
C LYS E 238 -77.18 -29.91 -25.30
N GLY E 239 -77.25 -31.23 -25.14
CA GLY E 239 -76.14 -31.98 -24.56
C GLY E 239 -76.12 -33.42 -24.96
N HIS E 240 -74.95 -34.02 -24.82
CA HIS E 240 -74.79 -35.45 -25.02
C HIS E 240 -74.02 -36.03 -23.84
N TYR E 241 -74.57 -37.07 -23.21
CA TYR E 241 -73.92 -37.66 -22.03
C TYR E 241 -72.70 -38.46 -22.49
N MET E 242 -71.52 -37.86 -22.36
CA MET E 242 -70.27 -38.54 -22.66
C MET E 242 -69.94 -39.45 -21.48
N ASN E 243 -69.78 -40.75 -21.77
CA ASN E 243 -69.57 -41.76 -20.76
C ASN E 243 -68.09 -41.84 -20.43
N VAL E 244 -67.76 -41.48 -19.19
CA VAL E 244 -66.38 -41.45 -18.70
C VAL E 244 -66.03 -42.68 -17.84
N THR E 245 -66.98 -43.62 -17.72
CA THR E 245 -66.76 -44.91 -17.06
C THR E 245 -65.46 -45.57 -17.55
N ALA E 246 -64.58 -45.91 -16.64
CA ALA E 246 -63.33 -46.56 -17.00
C ALA E 246 -62.82 -47.44 -15.86
N ALA E 247 -61.77 -48.20 -16.16
CA ALA E 247 -61.24 -49.20 -15.22
C ALA E 247 -60.62 -48.59 -13.96
N THR E 248 -59.98 -47.43 -14.09
CA THR E 248 -59.25 -46.81 -12.99
C THR E 248 -59.69 -45.38 -12.80
N MET E 249 -59.46 -44.85 -11.60
CA MET E 249 -59.82 -43.48 -11.32
C MET E 249 -59.08 -42.50 -12.24
N GLU E 250 -57.81 -42.79 -12.52
CA GLU E 250 -57.00 -41.90 -13.37
C GLU E 250 -57.57 -41.82 -14.79
N GLU E 251 -58.00 -42.97 -15.32
CA GLU E 251 -58.61 -42.99 -16.65
C GLU E 251 -59.94 -42.26 -16.65
N MET E 252 -60.74 -42.45 -15.60
CA MET E 252 -62.01 -41.71 -15.51
C MET E 252 -61.79 -40.20 -15.47
N TYR E 253 -60.82 -39.76 -14.69
CA TYR E 253 -60.46 -38.34 -14.63
C TYR E 253 -59.97 -37.81 -15.99
N GLU E 254 -59.15 -38.60 -16.69
CA GLU E 254 -58.68 -38.20 -18.02
C GLU E 254 -59.86 -37.96 -18.97
N ARG E 255 -60.86 -38.83 -18.91
CA ARG E 255 -62.03 -38.72 -19.77
C ARG E 255 -62.93 -37.56 -19.37
N ALA E 256 -63.15 -37.37 -18.06
CA ALA E 256 -63.96 -36.25 -17.55
C ALA E 256 -63.31 -34.91 -17.86
N GLU E 257 -62.00 -34.81 -17.64
CA GLU E 257 -61.26 -33.59 -17.95
C GLU E 257 -61.30 -33.25 -19.45
N PHE E 258 -61.24 -34.25 -20.32
CA PHE E 258 -61.34 -34.02 -21.77
C PHE E 258 -62.73 -33.51 -22.15
N ALA E 259 -63.75 -34.18 -21.62
CA ALA E 259 -65.14 -33.74 -21.82
C ALA E 259 -65.35 -32.28 -21.38
N LYS E 260 -64.82 -31.95 -20.20
CA LYS E 260 -64.77 -30.56 -19.70
C LYS E 260 -64.07 -29.61 -20.66
N GLN E 261 -62.90 -29.99 -21.16
CA GLN E 261 -62.14 -29.15 -22.09
C GLN E 261 -62.93 -28.89 -23.38
N LEU E 262 -63.68 -29.88 -23.83
CA LEU E 262 -64.53 -29.73 -25.01
C LEU E 262 -65.78 -28.85 -24.77
N GLY E 263 -66.15 -28.65 -23.51
CA GLY E 263 -67.29 -27.80 -23.14
C GLY E 263 -68.63 -28.52 -23.02
N THR E 264 -68.64 -29.84 -22.78
CA THR E 264 -69.93 -30.53 -22.58
C THR E 264 -70.64 -29.99 -21.34
N VAL E 265 -71.95 -29.91 -21.42
CA VAL E 265 -72.79 -29.56 -20.25
C VAL E 265 -72.99 -30.79 -19.35
N ILE E 266 -72.69 -31.99 -19.85
CA ILE E 266 -73.08 -33.22 -19.16
C ILE E 266 -72.15 -34.40 -19.50
N ILE E 267 -71.94 -35.25 -18.51
CA ILE E 267 -71.28 -36.54 -18.67
C ILE E 267 -72.09 -37.61 -17.95
N MET E 268 -71.78 -38.87 -18.23
CA MET E 268 -72.39 -39.96 -17.49
C MET E 268 -71.34 -40.92 -16.92
N ILE E 269 -71.78 -41.63 -15.89
CA ILE E 269 -71.04 -42.71 -15.26
C ILE E 269 -71.99 -43.88 -15.02
N ASP E 270 -71.42 -45.08 -14.89
CA ASP E 270 -72.18 -46.30 -14.61
C ASP E 270 -72.04 -46.70 -13.13
N LEU E 271 -73.10 -47.21 -12.52
CA LEU E 271 -73.07 -47.66 -11.11
C LEU E 271 -71.99 -48.73 -10.85
N VAL E 272 -71.69 -49.56 -11.86
CA VAL E 272 -70.64 -50.57 -11.72
C VAL E 272 -69.24 -50.04 -11.40
N ILE E 273 -68.96 -48.75 -11.60
CA ILE E 273 -67.68 -48.17 -11.14
C ILE E 273 -67.58 -48.22 -9.61
N GLY E 274 -68.73 -48.15 -8.94
CA GLY E 274 -68.82 -48.31 -7.50
C GLY E 274 -68.80 -47.03 -6.69
N TYR E 275 -69.11 -47.15 -5.41
CA TYR E 275 -69.48 -46.01 -4.58
C TYR E 275 -68.36 -45.00 -4.40
N THR E 276 -67.12 -45.46 -4.26
CA THR E 276 -65.99 -44.54 -4.05
C THR E 276 -65.69 -43.73 -5.33
N ALA E 277 -65.63 -44.38 -6.48
CA ALA E 277 -65.47 -43.65 -7.74
C ALA E 277 -66.67 -42.71 -8.00
N ILE E 278 -67.88 -43.15 -7.65
CA ILE E 278 -69.07 -42.28 -7.76
C ILE E 278 -68.96 -41.01 -6.90
N GLN E 279 -68.63 -41.14 -5.62
CA GLN E 279 -68.47 -39.96 -4.74
C GLN E 279 -67.37 -39.03 -5.24
N THR E 280 -66.28 -39.62 -5.71
CA THR E 280 -65.17 -38.86 -6.29
C THR E 280 -65.64 -38.04 -7.48
N MET E 281 -66.42 -38.66 -8.36
CA MET E 281 -66.99 -37.95 -9.51
C MET E 281 -68.04 -36.91 -9.13
N GLY E 282 -68.83 -37.19 -8.09
CA GLY E 282 -69.80 -36.22 -7.58
C GLY E 282 -69.12 -34.93 -7.12
N ILE E 283 -68.00 -35.07 -6.42
CA ILE E 283 -67.21 -33.92 -5.98
C ILE E 283 -66.58 -33.20 -7.19
N TRP E 284 -66.02 -33.98 -8.12
CA TRP E 284 -65.47 -33.43 -9.36
C TRP E 284 -66.52 -32.61 -10.15
N ALA E 285 -67.73 -33.14 -10.26
CA ALA E 285 -68.82 -32.47 -11.00
C ALA E 285 -69.22 -31.13 -10.37
N ARG E 286 -69.23 -31.07 -9.04
CA ARG E 286 -69.49 -29.81 -8.32
C ARG E 286 -68.36 -28.80 -8.57
N LYS E 287 -67.12 -29.27 -8.47
CA LYS E 287 -65.95 -28.42 -8.72
C LYS E 287 -65.87 -27.91 -10.17
N ASN E 288 -66.41 -28.68 -11.14
CA ASN E 288 -66.25 -28.39 -12.55
C ASN E 288 -67.56 -28.09 -13.31
N ASP E 289 -68.59 -27.68 -12.58
CA ASP E 289 -69.88 -27.25 -13.18
C ASP E 289 -70.40 -28.21 -14.26
N MET E 290 -70.51 -29.48 -13.89
CA MET E 290 -70.90 -30.51 -14.81
C MET E 290 -72.14 -31.23 -14.28
N ILE E 291 -73.09 -31.47 -15.16
CA ILE E 291 -74.20 -32.38 -14.85
C ILE E 291 -73.65 -33.82 -14.90
N LEU E 292 -73.91 -34.58 -13.84
CA LEU E 292 -73.41 -35.94 -13.67
C LEU E 292 -74.56 -36.96 -13.71
N HIS E 293 -74.71 -37.61 -14.85
CA HIS E 293 -75.73 -38.64 -15.02
C HIS E 293 -75.24 -39.99 -14.52
N LEU E 294 -76.00 -40.60 -13.60
CA LEU E 294 -75.74 -41.99 -13.18
C LEU E 294 -76.67 -43.00 -13.85
N HIS E 295 -76.08 -43.88 -14.65
CA HIS E 295 -76.75 -45.07 -15.13
C HIS E 295 -76.59 -46.12 -14.02
N ARG E 296 -77.66 -46.87 -13.72
CA ARG E 296 -77.69 -47.78 -12.56
C ARG E 296 -77.27 -49.23 -12.87
N ALA E 297 -76.30 -49.37 -13.78
CA ALA E 297 -75.82 -50.66 -14.26
C ALA E 297 -75.60 -51.62 -13.09
N GLY E 298 -76.24 -52.78 -13.15
CA GLY E 298 -76.05 -53.83 -12.15
C GLY E 298 -77.02 -53.77 -10.98
N ASN E 299 -77.76 -52.68 -10.85
CA ASN E 299 -78.68 -52.47 -9.73
C ASN E 299 -79.66 -53.64 -9.52
N SER E 300 -80.20 -54.15 -10.61
CA SER E 300 -81.19 -55.23 -10.56
C SER E 300 -80.65 -56.60 -10.12
N THR E 301 -79.33 -56.78 -10.01
CA THR E 301 -78.77 -58.01 -9.44
C THR E 301 -79.20 -58.22 -7.97
N TYR E 302 -79.37 -57.13 -7.22
CA TYR E 302 -79.80 -57.18 -5.81
C TYR E 302 -81.18 -56.54 -5.56
N SER E 303 -81.76 -55.85 -6.54
CA SER E 303 -83.00 -55.06 -6.29
C SER E 303 -84.29 -55.70 -6.79
N ARG E 304 -84.20 -56.85 -7.46
CA ARG E 304 -85.34 -57.39 -8.18
C ARG E 304 -86.29 -58.17 -7.28
N GLN E 305 -85.72 -59.02 -6.43
CA GLN E 305 -86.49 -60.00 -5.67
C GLN E 305 -86.90 -59.41 -4.31
N LYS E 306 -88.19 -59.51 -4.00
CA LYS E 306 -88.76 -58.95 -2.79
C LYS E 306 -88.21 -59.54 -1.48
N ILE E 307 -87.87 -60.83 -1.51
CA ILE E 307 -87.40 -61.52 -0.29
C ILE E 307 -85.93 -61.23 0.08
N HIS E 308 -85.11 -60.79 -0.88
CA HIS E 308 -83.68 -60.65 -0.61
C HIS E 308 -83.03 -59.56 -1.44
N GLY E 309 -82.14 -58.81 -0.79
CA GLY E 309 -81.30 -57.84 -1.47
C GLY E 309 -81.44 -56.44 -0.90
N MET E 310 -81.52 -55.45 -1.77
CA MET E 310 -81.70 -54.06 -1.35
C MET E 310 -82.75 -53.43 -2.24
N ASN E 311 -83.75 -52.81 -1.64
CA ASN E 311 -84.73 -52.12 -2.43
C ASN E 311 -84.09 -50.87 -3.04
N PHE E 312 -84.42 -50.58 -4.30
CA PHE E 312 -83.85 -49.45 -5.02
C PHE E 312 -84.00 -48.11 -4.31
N ARG E 313 -85.03 -47.91 -3.48
CA ARG E 313 -85.18 -46.63 -2.79
C ARG E 313 -83.99 -46.28 -1.88
N VAL E 314 -83.34 -47.29 -1.31
CA VAL E 314 -82.16 -47.09 -0.48
C VAL E 314 -80.99 -46.63 -1.36
N ILE E 315 -80.85 -47.26 -2.52
CA ILE E 315 -79.84 -46.85 -3.52
C ILE E 315 -80.07 -45.38 -3.94
N CYS E 316 -81.34 -45.00 -4.15
CA CYS E 316 -81.68 -43.59 -4.43
C CYS E 316 -81.16 -42.64 -3.37
N LYS E 317 -81.33 -43.01 -2.10
CA LYS E 317 -80.84 -42.17 -1.01
C LYS E 317 -79.32 -42.05 -1.05
N TRP E 318 -78.63 -43.19 -1.17
CA TRP E 318 -77.16 -43.19 -1.15
C TRP E 318 -76.57 -42.40 -2.32
N MET E 319 -77.17 -42.52 -3.50
CA MET E 319 -76.68 -41.83 -4.69
C MET E 319 -77.01 -40.34 -4.70
N ARG E 320 -78.17 -39.98 -4.14
CA ARG E 320 -78.48 -38.58 -3.91
C ARG E 320 -77.43 -37.96 -2.96
N MET E 321 -77.13 -38.67 -1.88
CA MET E 321 -76.08 -38.25 -0.95
C MET E 321 -74.72 -38.15 -1.65
N ALA E 322 -74.43 -39.12 -2.50
CA ALA E 322 -73.12 -39.22 -3.17
C ALA E 322 -72.82 -38.07 -4.14
N GLY E 323 -73.86 -37.46 -4.68
CA GLY E 323 -73.71 -36.31 -5.55
C GLY E 323 -74.02 -36.44 -7.03
N VAL E 324 -74.74 -37.49 -7.41
CA VAL E 324 -75.18 -37.61 -8.80
C VAL E 324 -76.35 -36.66 -9.06
N ASP E 325 -76.49 -36.29 -10.33
CA ASP E 325 -77.53 -35.35 -10.76
C ASP E 325 -78.72 -36.00 -11.43
N HIS E 326 -78.50 -37.15 -12.07
CA HIS E 326 -79.56 -37.96 -12.64
C HIS E 326 -79.37 -39.36 -12.07
N ILE E 327 -80.46 -40.09 -11.92
CA ILE E 327 -80.39 -41.54 -11.81
C ILE E 327 -81.60 -42.14 -12.52
N HIS E 328 -81.40 -43.27 -13.19
CA HIS E 328 -82.50 -44.02 -13.79
C HIS E 328 -83.39 -44.56 -12.66
N ALA E 329 -84.71 -44.39 -12.80
CA ALA E 329 -85.65 -44.76 -11.73
C ALA E 329 -86.97 -45.43 -12.20
N GLY E 330 -87.04 -45.83 -13.46
CA GLY E 330 -88.16 -46.60 -13.98
C GLY E 330 -89.10 -45.85 -14.90
N THR E 331 -89.86 -46.62 -15.67
CA THR E 331 -90.84 -46.11 -16.63
C THR E 331 -92.29 -46.54 -16.34
N VAL E 332 -92.48 -47.57 -15.50
CA VAL E 332 -93.77 -48.29 -15.33
C VAL E 332 -94.16 -49.09 -16.58
N VAL E 333 -94.28 -48.40 -17.72
CA VAL E 333 -94.84 -48.99 -18.93
C VAL E 333 -93.83 -49.51 -19.97
N GLY E 334 -92.53 -49.38 -19.67
CA GLY E 334 -91.48 -49.83 -20.58
C GLY E 334 -91.06 -51.28 -20.42
N LYS E 335 -89.89 -51.62 -20.95
CA LYS E 335 -89.38 -52.99 -20.97
C LYS E 335 -88.73 -53.48 -19.66
N LEU E 336 -88.46 -52.56 -18.72
CA LEU E 336 -87.86 -52.94 -17.43
C LEU E 336 -88.89 -52.86 -16.30
N GLU E 337 -88.66 -53.69 -15.27
CA GLU E 337 -89.46 -53.76 -14.04
C GLU E 337 -89.81 -52.40 -13.45
N GLY E 338 -91.06 -52.24 -13.02
CA GLY E 338 -91.48 -50.99 -12.40
C GLY E 338 -92.95 -50.90 -12.02
N ASP E 339 -93.26 -51.39 -10.81
CA ASP E 339 -94.56 -51.18 -10.21
C ASP E 339 -94.79 -49.67 -9.99
N PRO E 340 -95.98 -49.15 -10.37
CA PRO E 340 -96.21 -47.69 -10.28
C PRO E 340 -96.06 -47.05 -8.90
N LEU E 341 -96.49 -47.76 -7.86
CA LEU E 341 -96.38 -47.24 -6.49
C LEU E 341 -94.93 -47.28 -5.97
N MET E 342 -94.21 -48.35 -6.31
CA MET E 342 -92.79 -48.41 -5.95
C MET E 342 -92.03 -47.29 -6.66
N ILE E 343 -92.34 -47.08 -7.95
CA ILE E 343 -91.72 -46.00 -8.73
C ILE E 343 -92.04 -44.61 -8.17
N ARG E 344 -93.26 -44.41 -7.70
CA ARG E 344 -93.64 -43.15 -7.06
C ARG E 344 -92.75 -42.88 -5.82
N GLY E 345 -92.52 -43.93 -5.03
CA GLY E 345 -91.63 -43.85 -3.89
C GLY E 345 -90.21 -43.49 -4.30
N PHE E 346 -89.72 -44.07 -5.39
CA PHE E 346 -88.37 -43.79 -5.89
C PHE E 346 -88.24 -42.34 -6.32
N TYR E 347 -89.18 -41.89 -7.15
CA TYR E 347 -89.16 -40.52 -7.68
C TYR E 347 -89.26 -39.50 -6.55
N ASN E 348 -90.14 -39.76 -5.58
CA ASN E 348 -90.26 -38.89 -4.40
C ASN E 348 -88.98 -38.84 -3.55
N THR E 349 -88.33 -40.00 -3.36
CA THR E 349 -87.08 -40.06 -2.60
C THR E 349 -86.00 -39.17 -3.26
N LEU E 350 -85.95 -39.19 -4.59
CA LEU E 350 -84.97 -38.40 -5.37
C LEU E 350 -85.25 -36.90 -5.45
N LEU E 351 -86.54 -36.52 -5.46
CA LEU E 351 -86.96 -35.15 -5.78
C LEU E 351 -87.46 -34.30 -4.62
N LEU E 352 -88.03 -34.92 -3.59
CA LEU E 352 -88.67 -34.14 -2.54
C LEU E 352 -87.67 -33.64 -1.49
N PRO E 353 -87.97 -32.48 -0.87
CA PRO E 353 -87.18 -31.98 0.25
C PRO E 353 -87.51 -32.69 1.57
N TYR E 354 -88.65 -33.38 1.62
CA TYR E 354 -89.10 -34.05 2.84
C TYR E 354 -90.10 -35.13 2.43
N LEU E 355 -89.99 -36.32 3.02
CA LEU E 355 -90.95 -37.40 2.78
C LEU E 355 -91.61 -37.80 4.09
N GLU E 356 -92.94 -37.90 4.07
CA GLU E 356 -93.69 -38.49 5.17
C GLU E 356 -93.80 -39.98 4.92
N VAL E 357 -94.02 -40.74 6.00
CA VAL E 357 -94.30 -42.16 5.88
C VAL E 357 -95.45 -42.36 4.88
N ASN E 358 -95.26 -43.31 3.96
CA ASN E 358 -96.26 -43.63 2.95
C ASN E 358 -96.06 -45.08 2.60
N LEU E 359 -96.70 -45.95 3.37
CA LEU E 359 -96.47 -47.38 3.27
C LEU E 359 -96.85 -47.96 1.91
N PRO E 360 -97.94 -47.47 1.27
CA PRO E 360 -98.24 -47.97 -0.08
C PRO E 360 -97.17 -47.67 -1.14
N GLN E 361 -96.37 -46.62 -0.92
CA GLN E 361 -95.22 -46.32 -1.80
C GLN E 361 -93.89 -46.92 -1.34
N GLY E 362 -93.89 -47.70 -0.26
CA GLY E 362 -92.68 -48.26 0.31
C GLY E 362 -91.83 -47.28 1.09
N ILE E 363 -92.41 -46.13 1.50
CA ILE E 363 -91.69 -45.14 2.30
C ILE E 363 -92.01 -45.43 3.75
N PHE E 364 -91.09 -46.11 4.43
CA PHE E 364 -91.28 -46.58 5.79
C PHE E 364 -90.82 -45.58 6.85
N PHE E 365 -89.95 -44.64 6.47
CA PHE E 365 -89.42 -43.65 7.39
C PHE E 365 -89.70 -42.24 6.91
N GLN E 366 -90.02 -41.36 7.86
CA GLN E 366 -89.99 -39.92 7.65
C GLN E 366 -88.56 -39.52 7.29
N GLN E 367 -88.37 -38.81 6.18
CA GLN E 367 -87.02 -38.45 5.68
C GLN E 367 -86.90 -36.95 5.38
N ASP E 368 -86.18 -36.23 6.23
CA ASP E 368 -85.81 -34.84 5.98
C ASP E 368 -84.55 -34.86 5.11
N TRP E 369 -84.56 -34.19 3.97
CA TRP E 369 -83.41 -34.21 3.05
C TRP E 369 -82.37 -33.11 3.33
N ALA E 370 -82.56 -32.35 4.39
CA ALA E 370 -81.55 -31.41 4.90
C ALA E 370 -81.12 -30.37 3.85
N SER E 371 -82.05 -30.02 2.97
CA SER E 371 -81.79 -29.11 1.84
C SER E 371 -80.71 -29.57 0.84
N LEU E 372 -80.38 -30.87 0.84
CA LEU E 372 -79.57 -31.41 -0.24
C LEU E 372 -80.32 -31.25 -1.55
N ARG E 373 -79.56 -30.96 -2.61
CA ARG E 373 -80.15 -30.81 -3.93
C ARG E 373 -80.86 -32.07 -4.40
N LYS E 374 -81.64 -31.91 -5.46
CA LYS E 374 -82.56 -32.92 -5.96
C LYS E 374 -82.01 -33.64 -7.18
N VAL E 375 -82.18 -34.95 -7.21
CA VAL E 375 -81.74 -35.78 -8.33
C VAL E 375 -82.87 -35.88 -9.36
N THR E 376 -82.54 -35.64 -10.62
CA THR E 376 -83.48 -35.82 -11.72
C THR E 376 -83.68 -37.31 -12.03
N PRO E 377 -84.90 -37.84 -11.83
CA PRO E 377 -85.15 -39.22 -12.25
C PRO E 377 -85.09 -39.36 -13.76
N VAL E 378 -84.66 -40.52 -14.24
CA VAL E 378 -84.55 -40.77 -15.66
C VAL E 378 -85.39 -42.00 -15.97
N ALA E 379 -86.31 -41.84 -16.92
CA ALA E 379 -87.23 -42.90 -17.35
C ALA E 379 -86.75 -43.38 -18.70
N SER E 380 -86.31 -44.63 -18.77
CA SER E 380 -85.67 -45.14 -19.95
C SER E 380 -85.94 -46.61 -20.13
N GLY E 381 -86.10 -47.03 -21.38
CA GLY E 381 -86.13 -48.44 -21.72
C GLY E 381 -87.47 -48.90 -22.23
N GLY E 382 -87.56 -49.11 -23.53
CA GLY E 382 -88.75 -49.66 -24.15
C GLY E 382 -89.98 -48.78 -24.12
N ILE E 383 -89.79 -47.46 -24.15
CA ILE E 383 -90.90 -46.53 -24.17
C ILE E 383 -91.04 -45.89 -25.53
N HIS E 384 -92.25 -45.40 -25.81
CA HIS E 384 -92.55 -44.76 -27.10
C HIS E 384 -93.64 -43.69 -26.94
N CYS E 385 -93.78 -42.84 -27.96
CA CYS E 385 -94.61 -41.62 -27.84
C CYS E 385 -96.11 -41.90 -27.72
N GLY E 386 -96.54 -43.04 -28.22
CA GLY E 386 -97.88 -43.59 -27.91
C GLY E 386 -98.25 -43.70 -26.43
N GLN E 387 -97.24 -43.75 -25.55
CA GLN E 387 -97.43 -43.83 -24.10
C GLN E 387 -97.30 -42.48 -23.36
N MET E 388 -97.24 -41.37 -24.09
CA MET E 388 -96.84 -40.08 -23.48
C MET E 388 -97.73 -39.66 -22.31
N HIS E 389 -99.03 -39.84 -22.48
CA HIS E 389 -100.01 -39.62 -21.40
C HIS E 389 -99.74 -40.45 -20.14
N GLN E 390 -99.40 -41.71 -20.31
CA GLN E 390 -99.04 -42.58 -19.17
C GLN E 390 -97.71 -42.17 -18.54
N LEU E 391 -96.74 -41.77 -19.37
CA LEU E 391 -95.44 -41.33 -18.87
C LEU E 391 -95.59 -40.07 -18.01
N LEU E 392 -96.35 -39.10 -18.51
CA LEU E 392 -96.59 -37.87 -17.77
C LEU E 392 -97.35 -38.11 -16.46
N ASP E 393 -98.31 -39.03 -16.47
CA ASP E 393 -99.10 -39.36 -15.27
C ASP E 393 -98.30 -40.14 -14.23
N TYR E 394 -97.66 -41.23 -14.64
CA TYR E 394 -96.91 -42.07 -13.70
C TYR E 394 -95.64 -41.41 -13.17
N LEU E 395 -94.98 -40.64 -14.04
CA LEU E 395 -93.62 -40.15 -13.77
C LEU E 395 -93.51 -38.66 -13.45
N GLY E 396 -94.52 -37.86 -13.80
CA GLY E 396 -94.50 -36.44 -13.47
C GLY E 396 -93.70 -35.55 -14.41
N ASN E 397 -93.48 -34.30 -13.99
CA ASN E 397 -92.88 -33.26 -14.81
C ASN E 397 -91.35 -33.23 -14.75
N ASP E 398 -90.80 -33.71 -13.64
CA ASP E 398 -89.37 -33.63 -13.36
C ASP E 398 -88.74 -34.99 -13.62
N VAL E 399 -88.32 -35.17 -14.87
CA VAL E 399 -87.84 -36.45 -15.35
C VAL E 399 -87.17 -36.23 -16.71
N VAL E 400 -86.22 -37.09 -17.07
CA VAL E 400 -85.75 -37.21 -18.44
C VAL E 400 -86.43 -38.45 -19.01
N LEU E 401 -87.26 -38.26 -20.04
CA LEU E 401 -87.86 -39.38 -20.76
C LEU E 401 -86.92 -39.73 -21.90
N GLN E 402 -86.33 -40.91 -21.84
CA GLN E 402 -85.33 -41.35 -22.83
C GLN E 402 -85.89 -42.39 -23.78
N PHE E 403 -85.86 -42.06 -25.07
CA PHE E 403 -86.38 -42.90 -26.15
C PHE E 403 -85.27 -43.29 -27.13
N GLY E 404 -84.58 -44.40 -26.85
CA GLY E 404 -83.55 -44.94 -27.76
C GLY E 404 -84.13 -45.55 -29.03
N GLY E 405 -84.57 -46.80 -28.92
CA GLY E 405 -85.31 -47.46 -30.01
C GLY E 405 -86.49 -46.62 -30.50
N GLY E 406 -87.17 -45.95 -29.56
CA GLY E 406 -88.32 -45.10 -29.88
C GLY E 406 -88.05 -43.82 -30.67
N THR E 407 -86.78 -43.47 -30.85
CA THR E 407 -86.35 -42.42 -31.77
C THR E 407 -85.69 -43.03 -33.01
N ILE E 408 -84.66 -43.84 -32.79
CA ILE E 408 -83.80 -44.33 -33.86
C ILE E 408 -84.51 -45.42 -34.68
N GLY E 409 -85.51 -46.06 -34.10
CA GLY E 409 -86.36 -47.02 -34.82
C GLY E 409 -87.41 -46.43 -35.76
N HIS E 410 -87.50 -45.10 -35.86
CA HIS E 410 -88.51 -44.45 -36.70
C HIS E 410 -88.19 -44.70 -38.19
N PRO E 411 -89.18 -45.16 -38.99
CA PRO E 411 -88.88 -45.53 -40.40
C PRO E 411 -88.43 -44.38 -41.32
N ASP E 412 -88.89 -43.18 -41.01
CA ASP E 412 -88.48 -41.97 -41.72
C ASP E 412 -87.21 -41.27 -41.23
N GLY E 413 -86.45 -41.91 -40.34
CA GLY E 413 -85.15 -41.39 -39.92
C GLY E 413 -85.15 -40.83 -38.53
N ILE E 414 -83.95 -40.51 -38.06
CA ILE E 414 -83.73 -40.16 -36.66
C ILE E 414 -84.34 -38.79 -36.30
N GLN E 415 -84.18 -37.80 -37.18
CA GLN E 415 -84.84 -36.49 -36.96
C GLN E 415 -86.36 -36.63 -36.80
N ALA E 416 -86.96 -37.45 -37.65
CA ALA E 416 -88.40 -37.70 -37.60
C ALA E 416 -88.80 -38.32 -36.27
N GLY E 417 -88.02 -39.30 -35.81
CA GLY E 417 -88.23 -39.91 -34.49
C GLY E 417 -88.18 -38.92 -33.35
N ALA E 418 -87.19 -38.03 -33.39
CA ALA E 418 -87.03 -37.00 -32.36
C ALA E 418 -88.20 -36.03 -32.36
N THR E 419 -88.57 -35.55 -33.56
CA THR E 419 -89.69 -34.62 -33.71
C THR E 419 -91.00 -35.23 -33.17
N ALA E 420 -91.23 -36.51 -33.47
CA ALA E 420 -92.43 -37.20 -32.99
C ALA E 420 -92.52 -37.15 -31.47
N ASN E 421 -91.40 -37.49 -30.82
CA ASN E 421 -91.31 -37.49 -29.36
C ASN E 421 -91.50 -36.07 -28.76
N ARG E 422 -90.86 -35.07 -29.36
CA ARG E 422 -90.96 -33.69 -28.88
C ARG E 422 -92.38 -33.13 -29.03
N VAL E 423 -93.00 -33.35 -30.19
CA VAL E 423 -94.38 -32.89 -30.42
C VAL E 423 -95.38 -33.62 -29.50
N ALA E 424 -95.24 -34.94 -29.36
CA ALA E 424 -96.07 -35.69 -28.42
C ALA E 424 -95.95 -35.14 -27.00
N LEU E 425 -94.72 -34.85 -26.56
CA LEU E 425 -94.49 -34.34 -25.21
C LEU E 425 -95.16 -32.99 -25.00
N GLU E 426 -94.90 -32.03 -25.87
CA GLU E 426 -95.44 -30.68 -25.69
C GLU E 426 -96.97 -30.65 -25.80
N SER E 427 -97.52 -31.48 -26.68
CA SER E 427 -98.98 -31.65 -26.80
C SER E 427 -99.61 -32.16 -25.50
N MET E 428 -98.91 -33.07 -24.82
CA MET E 428 -99.43 -33.64 -23.58
C MET E 428 -99.27 -32.66 -22.43
N VAL E 429 -98.12 -31.99 -22.35
CA VAL E 429 -97.88 -31.00 -21.30
C VAL E 429 -98.89 -29.86 -21.37
N ILE E 430 -99.17 -29.36 -22.57
CA ILE E 430 -100.07 -28.20 -22.70
C ILE E 430 -101.50 -28.59 -22.27
N ALA E 431 -101.92 -29.81 -22.62
CA ALA E 431 -103.24 -30.33 -22.22
C ALA E 431 -103.33 -30.50 -20.70
N ARG E 432 -102.29 -31.07 -20.09
CA ARG E 432 -102.20 -31.18 -18.64
C ARG E 432 -102.34 -29.82 -17.97
N ASN E 433 -101.53 -28.86 -18.42
CA ASN E 433 -101.56 -27.50 -17.85
C ASN E 433 -102.92 -26.81 -18.02
N GLU E 434 -103.64 -27.11 -19.11
CA GLU E 434 -105.00 -26.59 -19.32
C GLU E 434 -106.07 -27.24 -18.42
N GLY E 435 -105.69 -28.23 -17.62
CA GLY E 435 -106.60 -28.87 -16.68
C GLY E 435 -107.43 -29.98 -17.30
N ARG E 436 -107.03 -30.46 -18.48
CA ARG E 436 -107.72 -31.57 -19.15
C ARG E 436 -107.40 -32.91 -18.49
N ASP E 437 -108.32 -33.86 -18.59
CA ASP E 437 -108.09 -35.25 -18.12
C ASP E 437 -107.28 -35.92 -19.23
N TYR E 438 -105.99 -35.61 -19.24
CA TYR E 438 -105.09 -36.00 -20.32
C TYR E 438 -104.79 -37.51 -20.31
N VAL E 439 -104.99 -38.18 -19.17
CA VAL E 439 -104.87 -39.65 -19.14
C VAL E 439 -106.02 -40.25 -19.93
N ALA E 440 -107.25 -39.83 -19.62
CA ALA E 440 -108.43 -40.32 -20.32
C ALA E 440 -108.43 -39.88 -21.80
N GLU E 441 -108.03 -38.64 -22.06
CA GLU E 441 -108.04 -38.08 -23.43
C GLU E 441 -106.72 -38.29 -24.20
N GLY E 442 -105.74 -38.96 -23.57
CA GLY E 442 -104.37 -39.06 -24.08
C GLY E 442 -104.19 -39.55 -25.49
N PRO E 443 -104.74 -40.74 -25.81
CA PRO E 443 -104.66 -41.26 -27.17
C PRO E 443 -105.23 -40.30 -28.23
N GLN E 444 -106.31 -39.59 -27.90
CA GLN E 444 -106.89 -38.59 -28.80
C GLN E 444 -106.06 -37.32 -28.90
N ILE E 445 -105.51 -36.88 -27.77
CA ILE E 445 -104.55 -35.75 -27.77
C ILE E 445 -103.41 -36.02 -28.76
N LEU E 446 -102.87 -37.24 -28.73
CA LEU E 446 -101.77 -37.63 -29.63
C LEU E 446 -102.24 -37.72 -31.09
N ARG E 447 -103.41 -38.34 -31.31
CA ARG E 447 -104.01 -38.39 -32.66
C ARG E 447 -104.27 -37.00 -33.22
N ASP E 448 -104.75 -36.07 -32.40
CA ASP E 448 -104.97 -34.67 -32.81
C ASP E 448 -103.67 -34.02 -33.24
N ALA E 449 -102.62 -34.15 -32.44
CA ALA E 449 -101.30 -33.64 -32.79
C ALA E 449 -100.76 -34.27 -34.08
N ALA E 450 -100.98 -35.58 -34.23
CA ALA E 450 -100.52 -36.33 -35.40
C ALA E 450 -101.11 -35.84 -36.72
N LYS E 451 -102.32 -35.27 -36.69
CA LYS E 451 -102.95 -34.71 -37.89
C LYS E 451 -102.08 -33.68 -38.62
N THR E 452 -101.34 -32.87 -37.85
CA THR E 452 -100.41 -31.88 -38.42
C THR E 452 -98.92 -32.17 -38.12
N CYS E 453 -98.59 -33.42 -37.82
CA CYS E 453 -97.19 -33.83 -37.60
C CYS E 453 -97.00 -35.24 -38.15
N GLY E 454 -96.53 -35.32 -39.39
CA GLY E 454 -96.34 -36.60 -40.09
C GLY E 454 -95.52 -37.60 -39.29
N PRO E 455 -94.35 -37.17 -38.78
CA PRO E 455 -93.52 -38.07 -37.94
C PRO E 455 -94.26 -38.71 -36.77
N LEU E 456 -95.12 -37.94 -36.10
CA LEU E 456 -95.91 -38.48 -34.98
C LEU E 456 -96.95 -39.49 -35.44
N GLN E 457 -97.66 -39.19 -36.52
CA GLN E 457 -98.60 -40.13 -37.12
C GLN E 457 -97.92 -41.47 -37.40
N THR E 458 -96.74 -41.42 -38.04
CA THR E 458 -95.98 -42.63 -38.38
C THR E 458 -95.55 -43.42 -37.14
N ALA E 459 -95.10 -42.71 -36.10
CA ALA E 459 -94.71 -43.34 -34.84
C ALA E 459 -95.88 -44.05 -34.15
N LEU E 460 -97.06 -43.40 -34.15
CA LEU E 460 -98.26 -43.99 -33.58
C LEU E 460 -98.70 -45.22 -34.39
N ASP E 461 -98.72 -45.10 -35.72
CA ASP E 461 -99.05 -46.24 -36.60
C ASP E 461 -98.14 -47.44 -36.32
N LEU E 462 -96.85 -47.18 -36.12
CA LEU E 462 -95.87 -48.24 -35.88
C LEU E 462 -95.97 -48.90 -34.49
N TRP E 463 -96.06 -48.10 -33.43
CA TRP E 463 -95.86 -48.59 -32.05
C TRP E 463 -97.09 -48.54 -31.11
N LYS E 464 -98.20 -47.94 -31.51
CA LYS E 464 -99.33 -47.69 -30.57
C LYS E 464 -99.80 -48.91 -29.79
N ASP E 465 -99.77 -50.09 -30.42
CA ASP E 465 -100.17 -51.35 -29.77
C ASP E 465 -99.03 -52.10 -29.05
N ILE E 466 -97.83 -51.53 -28.96
CA ILE E 466 -96.71 -52.19 -28.26
C ILE E 466 -96.85 -51.92 -26.77
N THR E 467 -96.94 -53.02 -25.99
CA THR E 467 -97.05 -52.94 -24.53
C THR E 467 -96.12 -53.96 -23.89
N PHE E 468 -95.82 -53.73 -22.62
CA PHE E 468 -94.95 -54.61 -21.85
C PHE E 468 -95.67 -54.99 -20.55
N ASN E 469 -96.77 -55.71 -20.71
CA ASN E 469 -97.61 -56.11 -19.57
C ASN E 469 -97.13 -57.41 -18.94
N TYR E 470 -96.34 -57.26 -17.88
CA TYR E 470 -95.90 -58.37 -17.05
C TYR E 470 -96.11 -58.01 -15.61
N THR E 471 -96.27 -59.03 -14.78
CA THR E 471 -96.46 -58.82 -13.35
C THR E 471 -95.13 -58.47 -12.69
N SER E 472 -95.19 -57.62 -11.67
CA SER E 472 -94.01 -57.06 -11.02
C SER E 472 -93.46 -58.01 -9.97
N THR E 473 -92.13 -58.05 -9.84
CA THR E 473 -91.46 -58.77 -8.76
C THR E 473 -91.34 -57.95 -7.47
N ASP E 474 -91.19 -56.63 -7.62
CA ASP E 474 -90.93 -55.73 -6.50
C ASP E 474 -92.22 -54.95 -6.27
N THR E 475 -93.00 -55.36 -5.27
CA THR E 475 -94.32 -54.78 -4.98
C THR E 475 -94.52 -54.45 -3.50
N ALA E 476 -95.50 -53.61 -3.22
CA ALA E 476 -95.76 -53.13 -1.85
C ALA E 476 -96.33 -54.22 -0.97
N ASP E 477 -96.27 -54.00 0.35
CA ASP E 477 -96.90 -54.88 1.34
C ASP E 477 -98.15 -54.27 1.94
N PHE E 478 -98.42 -53.01 1.64
CA PHE E 478 -99.60 -52.28 2.14
C PHE E 478 -100.30 -51.59 0.98
N VAL E 479 -101.62 -51.38 1.11
CA VAL E 479 -102.43 -50.72 0.05
C VAL E 479 -103.19 -49.49 0.58
N GLU E 480 -103.68 -48.68 -0.37
CA GLU E 480 -104.45 -47.44 -0.13
C GLU E 480 -103.61 -46.36 0.54
N MET F 1 -85.31 -19.87 -39.66
CA MET F 1 -85.49 -20.97 -38.66
C MET F 1 -86.44 -20.54 -37.55
N ARG F 2 -86.91 -21.52 -36.78
CA ARG F 2 -87.78 -21.27 -35.63
C ARG F 2 -86.96 -21.47 -34.35
N LEU F 3 -86.87 -20.44 -33.52
CA LEU F 3 -86.18 -20.55 -32.22
C LEU F 3 -87.03 -21.41 -31.27
N THR F 4 -86.48 -22.56 -30.84
CA THR F 4 -87.25 -23.51 -30.04
C THR F 4 -86.87 -23.54 -28.56
N GLN F 5 -86.36 -22.42 -28.07
CA GLN F 5 -86.43 -22.08 -26.65
C GLN F 5 -87.90 -21.96 -26.26
N GLY F 6 -88.19 -22.27 -25.00
CA GLY F 6 -89.54 -22.17 -24.47
C GLY F 6 -90.23 -23.51 -24.44
N THR F 7 -91.14 -23.67 -23.48
CA THR F 7 -91.80 -24.95 -23.21
C THR F 7 -92.64 -25.49 -24.38
N PHE F 8 -93.19 -24.61 -25.22
CA PHE F 8 -94.18 -25.01 -26.24
C PHE F 8 -93.83 -24.65 -27.69
N SER F 9 -92.54 -24.51 -27.99
CA SER F 9 -92.14 -23.99 -29.30
C SER F 9 -92.16 -24.98 -30.47
N PHE F 10 -92.36 -26.26 -30.20
CA PHE F 10 -92.66 -27.24 -31.24
C PHE F 10 -94.15 -27.25 -31.60
N LEU F 11 -94.97 -26.54 -30.83
CA LEU F 11 -96.38 -26.32 -31.20
C LEU F 11 -96.48 -24.99 -31.95
N PRO F 12 -97.60 -24.77 -32.67
CA PRO F 12 -97.79 -23.45 -33.29
C PRO F 12 -97.76 -22.31 -32.27
N ASP F 13 -97.47 -21.10 -32.73
CA ASP F 13 -97.53 -19.91 -31.86
C ASP F 13 -98.85 -19.89 -31.09
N LEU F 14 -98.78 -19.63 -29.79
CA LEU F 14 -99.95 -19.79 -28.92
C LEU F 14 -100.98 -18.69 -29.21
N THR F 15 -102.25 -19.08 -29.21
CA THR F 15 -103.34 -18.11 -29.31
C THR F 15 -103.47 -17.42 -27.96
N ASP F 16 -104.21 -16.31 -27.93
CA ASP F 16 -104.44 -15.58 -26.67
C ASP F 16 -105.15 -16.45 -25.64
N GLU F 17 -106.08 -17.29 -26.08
CA GLU F 17 -106.80 -18.19 -25.18
C GLU F 17 -105.86 -19.25 -24.58
N GLN F 18 -104.97 -19.81 -25.41
CA GLN F 18 -103.93 -20.74 -24.92
C GLN F 18 -103.04 -20.07 -23.88
N ILE F 19 -102.59 -18.85 -24.17
CA ILE F 19 -101.75 -18.09 -23.23
C ILE F 19 -102.50 -17.88 -21.91
N LYS F 20 -103.76 -17.46 -21.99
CA LYS F 20 -104.60 -17.28 -20.80
C LYS F 20 -104.69 -18.54 -19.94
N LYS F 21 -104.86 -19.71 -20.56
CA LYS F 21 -104.92 -20.96 -19.80
C LYS F 21 -103.60 -21.29 -19.07
N GLN F 22 -102.46 -20.97 -19.66
CA GLN F 22 -101.16 -21.15 -18.98
C GLN F 22 -101.04 -20.19 -17.80
N VAL F 23 -101.51 -18.96 -18.01
CA VAL F 23 -101.56 -17.96 -16.94
C VAL F 23 -102.48 -18.43 -15.81
N ASP F 24 -103.66 -18.96 -16.17
CA ASP F 24 -104.59 -19.57 -15.19
C ASP F 24 -103.92 -20.69 -14.39
N TYR F 25 -103.19 -21.55 -15.08
CA TYR F 25 -102.45 -22.64 -14.44
C TYR F 25 -101.45 -22.10 -13.41
N ALA F 26 -100.63 -21.14 -13.81
CA ALA F 26 -99.64 -20.51 -12.92
C ALA F 26 -100.28 -19.91 -11.67
N ILE F 27 -101.38 -19.18 -11.88
CA ILE F 27 -102.14 -18.57 -10.77
C ILE F 27 -102.68 -19.65 -9.83
N SER F 28 -103.18 -20.75 -10.39
CA SER F 28 -103.71 -21.86 -9.57
C SER F 28 -102.66 -22.52 -8.67
N GLN F 29 -101.39 -22.45 -9.07
CA GLN F 29 -100.26 -22.91 -8.25
C GLN F 29 -99.65 -21.83 -7.34
N ASN F 30 -100.22 -20.62 -7.32
CA ASN F 30 -99.66 -19.47 -6.63
C ASN F 30 -98.21 -19.10 -7.06
N TRP F 31 -97.90 -19.27 -8.35
CA TRP F 31 -96.60 -18.86 -8.89
C TRP F 31 -96.63 -17.40 -9.25
N ALA F 32 -95.49 -16.73 -9.10
CA ALA F 32 -95.34 -15.35 -9.56
C ALA F 32 -95.12 -15.42 -11.06
N ILE F 33 -95.50 -14.36 -11.77
CA ILE F 33 -95.38 -14.31 -13.23
C ILE F 33 -94.65 -13.05 -13.62
N ASN F 34 -93.72 -13.17 -14.57
CA ASN F 34 -93.15 -12.00 -15.21
C ASN F 34 -93.02 -12.17 -16.71
N ILE F 35 -92.74 -11.05 -17.36
CA ILE F 35 -92.69 -10.94 -18.81
C ILE F 35 -91.34 -10.33 -19.14
N GLU F 36 -90.67 -10.92 -20.13
CA GLU F 36 -89.34 -10.49 -20.55
C GLU F 36 -89.26 -10.50 -22.07
N TYR F 37 -88.41 -9.64 -22.63
CA TYR F 37 -88.24 -9.54 -24.08
C TYR F 37 -86.77 -9.43 -24.48
N THR F 38 -86.46 -9.81 -25.71
CA THR F 38 -85.09 -9.69 -26.18
C THR F 38 -84.98 -9.62 -27.70
N GLU F 39 -83.91 -8.99 -28.17
CA GLU F 39 -83.49 -9.08 -29.56
C GLU F 39 -82.08 -9.68 -29.69
N ASP F 40 -81.63 -10.42 -28.67
CA ASP F 40 -80.47 -11.32 -28.78
C ASP F 40 -80.97 -12.73 -28.50
N PRO F 41 -81.12 -13.57 -29.56
CA PRO F 41 -81.70 -14.91 -29.38
C PRO F 41 -80.72 -15.98 -28.86
N HIS F 42 -79.49 -15.58 -28.53
CA HIS F 42 -78.44 -16.52 -28.11
C HIS F 42 -78.97 -17.48 -27.03
N PRO F 43 -78.70 -18.80 -27.16
CA PRO F 43 -79.19 -19.76 -26.15
C PRO F 43 -78.70 -19.53 -24.72
N ARG F 44 -77.59 -18.83 -24.56
CA ARG F 44 -77.07 -18.45 -23.26
C ARG F 44 -77.26 -16.98 -22.92
N ASN F 45 -78.21 -16.31 -23.59
CA ASN F 45 -78.64 -14.99 -23.15
C ASN F 45 -79.58 -15.18 -21.94
N ASN F 46 -79.00 -15.26 -20.75
CA ASN F 46 -79.75 -15.59 -19.54
C ASN F 46 -80.68 -14.47 -19.09
N PHE F 47 -80.35 -13.23 -19.41
CA PHE F 47 -81.07 -12.07 -18.88
C PHE F 47 -81.74 -11.28 -20.00
N TRP F 48 -82.90 -11.79 -20.41
CA TRP F 48 -83.78 -11.04 -21.31
C TRP F 48 -84.23 -9.78 -20.54
N GLU F 49 -84.65 -8.76 -21.27
CA GLU F 49 -85.01 -7.49 -20.64
C GLU F 49 -86.32 -7.63 -19.88
N LEU F 50 -86.39 -7.05 -18.68
CA LEU F 50 -87.60 -7.08 -17.85
C LEU F 50 -88.65 -6.14 -18.41
N TRP F 51 -89.90 -6.61 -18.48
CA TRP F 51 -91.04 -5.75 -18.72
C TRP F 51 -91.69 -5.48 -17.36
N GLY F 52 -91.33 -4.36 -16.74
CA GLY F 52 -91.79 -4.05 -15.40
C GLY F 52 -91.29 -5.03 -14.34
N LEU F 53 -92.03 -5.12 -13.23
CA LEU F 53 -91.69 -6.03 -12.14
C LEU F 53 -92.53 -7.30 -12.25
N PRO F 54 -92.04 -8.40 -11.64
CA PRO F 54 -92.87 -9.60 -11.59
C PRO F 54 -94.15 -9.35 -10.79
N LEU F 55 -95.20 -10.08 -11.12
CA LEU F 55 -96.47 -9.98 -10.43
C LEU F 55 -96.52 -11.09 -9.39
N PHE F 56 -96.59 -10.71 -8.12
CA PHE F 56 -96.66 -11.66 -7.01
C PHE F 56 -98.08 -11.71 -6.45
N ASP F 57 -98.50 -12.87 -5.95
CA ASP F 57 -99.87 -13.09 -5.41
C ASP F 57 -100.95 -12.60 -6.37
N ILE F 58 -101.02 -13.24 -7.54
CA ILE F 58 -101.91 -12.81 -8.61
C ILE F 58 -103.30 -13.38 -8.36
N ASN F 59 -104.30 -12.50 -8.33
CA ASN F 59 -105.70 -12.90 -8.26
C ASN F 59 -106.33 -13.06 -9.65
N ASP F 60 -106.00 -12.12 -10.54
CA ASP F 60 -106.73 -11.94 -11.79
C ASP F 60 -105.85 -12.19 -13.02
N ALA F 61 -106.20 -13.21 -13.80
CA ALA F 61 -105.52 -13.48 -15.07
C ALA F 61 -105.56 -12.29 -16.05
N ALA F 62 -106.65 -11.52 -16.03
CA ALA F 62 -106.82 -10.34 -16.92
C ALA F 62 -105.72 -9.28 -16.75
N THR F 63 -105.28 -9.04 -15.52
CA THR F 63 -104.15 -8.14 -15.24
C THR F 63 -102.86 -8.60 -15.91
N VAL F 64 -102.59 -9.91 -15.86
CA VAL F 64 -101.41 -10.49 -16.51
C VAL F 64 -101.55 -10.39 -18.02
N MET F 65 -102.73 -10.75 -18.55
CA MET F 65 -102.99 -10.66 -19.99
C MET F 65 -102.82 -9.24 -20.52
N TYR F 66 -103.20 -8.26 -19.73
CA TYR F 66 -103.04 -6.85 -20.10
C TYR F 66 -101.56 -6.49 -20.26
N GLU F 67 -100.75 -6.86 -19.27
CA GLU F 67 -99.31 -6.58 -19.32
C GLU F 67 -98.64 -7.32 -20.47
N ILE F 68 -99.09 -8.55 -20.73
CA ILE F 68 -98.63 -9.32 -21.89
C ILE F 68 -98.95 -8.53 -23.16
N GLY F 69 -100.18 -8.06 -23.28
CA GLY F 69 -100.58 -7.24 -24.42
C GLY F 69 -99.77 -5.96 -24.56
N SER F 70 -99.57 -5.28 -23.43
CA SER F 70 -98.85 -4.01 -23.42
C SER F 70 -97.39 -4.18 -23.88
N CYS F 71 -96.76 -5.28 -23.45
CA CYS F 71 -95.40 -5.62 -23.90
C CYS F 71 -95.37 -5.95 -25.39
N ARG F 72 -96.32 -6.79 -25.83
CA ARG F 72 -96.43 -7.17 -27.24
C ARG F 72 -96.60 -5.95 -28.13
N GLN F 73 -97.36 -4.96 -27.68
CA GLN F 73 -97.48 -3.72 -28.42
C GLN F 73 -96.15 -2.99 -28.60
N GLN F 74 -95.39 -2.85 -27.52
CA GLN F 74 -94.11 -2.13 -27.58
C GLN F 74 -93.00 -2.90 -28.27
N HIS F 75 -93.09 -4.24 -28.25
CA HIS F 75 -91.99 -5.10 -28.74
C HIS F 75 -92.50 -6.20 -29.67
N SER F 76 -93.48 -5.90 -30.53
CA SER F 76 -94.12 -6.92 -31.40
C SER F 76 -93.21 -7.52 -32.46
N ASN F 77 -92.10 -6.85 -32.74
CA ASN F 77 -91.11 -7.34 -33.71
C ASN F 77 -90.04 -8.32 -33.15
N VAL F 78 -89.97 -8.48 -31.83
CA VAL F 78 -88.86 -9.24 -31.22
C VAL F 78 -89.40 -10.42 -30.39
N TYR F 79 -88.53 -11.08 -29.62
CA TYR F 79 -88.95 -12.17 -28.76
C TYR F 79 -89.53 -11.67 -27.45
N ILE F 80 -90.64 -12.29 -27.04
CA ILE F 80 -91.24 -12.06 -25.73
C ILE F 80 -91.59 -13.42 -25.12
N LYS F 81 -91.30 -13.57 -23.83
CA LYS F 81 -91.62 -14.79 -23.10
C LYS F 81 -92.31 -14.48 -21.79
N VAL F 82 -93.10 -15.44 -21.34
CA VAL F 82 -93.74 -15.41 -20.03
C VAL F 82 -93.06 -16.49 -19.18
N ASN F 83 -92.64 -16.10 -17.99
CA ASN F 83 -92.06 -17.01 -17.01
C ASN F 83 -92.93 -17.10 -15.77
N ALA F 84 -92.98 -18.28 -15.14
CA ALA F 84 -93.59 -18.44 -13.83
C ALA F 84 -92.51 -18.86 -12.82
N PHE F 85 -92.59 -18.34 -11.59
CA PHE F 85 -91.56 -18.55 -10.55
C PHE F 85 -92.22 -19.10 -9.29
N ASP F 86 -91.55 -20.07 -8.68
CA ASP F 86 -92.02 -20.70 -7.45
C ASP F 86 -90.97 -20.44 -6.37
N ASN F 87 -91.33 -19.63 -5.37
CA ASN F 87 -90.41 -19.31 -4.27
C ASN F 87 -90.44 -20.28 -3.07
N THR F 88 -91.09 -21.43 -3.24
CA THR F 88 -91.02 -22.53 -2.25
C THR F 88 -89.58 -22.99 -2.05
N ARG F 89 -89.13 -23.17 -0.80
CA ARG F 89 -87.74 -23.59 -0.54
C ARG F 89 -87.45 -24.93 -1.23
N GLY F 90 -86.27 -25.01 -1.84
CA GLY F 90 -85.88 -26.14 -2.66
C GLY F 90 -86.25 -26.01 -4.13
N VAL F 91 -87.09 -25.02 -4.46
CA VAL F 91 -87.37 -24.68 -5.86
C VAL F 91 -86.72 -23.31 -6.09
N GLU F 92 -87.37 -22.23 -5.67
CA GLU F 92 -86.79 -20.88 -5.75
C GLU F 92 -86.20 -20.62 -7.13
N SER F 93 -87.02 -20.90 -8.14
CA SER F 93 -86.59 -20.85 -9.53
C SER F 93 -87.79 -20.77 -10.43
N CYS F 94 -87.50 -20.48 -11.70
CA CYS F 94 -88.49 -20.55 -12.75
C CYS F 94 -89.00 -21.98 -12.86
N VAL F 95 -90.31 -22.13 -13.11
CA VAL F 95 -90.93 -23.44 -13.28
C VAL F 95 -91.74 -23.58 -14.57
N LEU F 96 -91.72 -22.56 -15.43
CA LEU F 96 -92.44 -22.54 -16.69
C LEU F 96 -91.95 -21.29 -17.43
N SER F 97 -91.56 -21.46 -18.69
CA SER F 97 -91.12 -20.34 -19.52
C SER F 97 -91.42 -20.68 -20.97
N PHE F 98 -92.31 -19.88 -21.58
CA PHE F 98 -92.73 -20.12 -22.97
C PHE F 98 -92.78 -18.82 -23.75
N LEU F 99 -92.56 -18.93 -25.06
CA LEU F 99 -92.54 -17.77 -25.95
C LEU F 99 -93.96 -17.38 -26.29
N ILE F 100 -94.25 -16.08 -26.23
CA ILE F 100 -95.54 -15.53 -26.67
C ILE F 100 -95.45 -14.55 -27.83
N ASN F 101 -94.23 -14.26 -28.29
CA ASN F 101 -94.02 -13.41 -29.44
C ASN F 101 -92.69 -13.79 -30.07
N ARG F 102 -92.66 -13.79 -31.39
CA ARG F 102 -91.41 -13.97 -32.12
C ARG F 102 -91.39 -13.10 -33.36
N PRO F 103 -90.19 -12.79 -33.89
CA PRO F 103 -90.09 -12.05 -35.14
C PRO F 103 -90.65 -12.85 -36.31
N SER F 104 -91.09 -12.15 -37.36
CA SER F 104 -91.61 -12.82 -38.54
C SER F 104 -90.55 -13.67 -39.23
N TYR F 105 -89.30 -13.20 -39.24
CA TYR F 105 -88.18 -13.97 -39.77
C TYR F 105 -87.00 -14.02 -38.77
N GLU F 106 -86.57 -15.23 -38.41
CA GLU F 106 -85.39 -15.44 -37.58
C GLU F 106 -84.30 -16.07 -38.44
N PRO F 107 -83.25 -15.32 -38.79
CA PRO F 107 -82.20 -15.92 -39.62
C PRO F 107 -81.38 -17.00 -38.90
N GLY F 108 -81.35 -16.97 -37.57
CA GLY F 108 -80.69 -18.01 -36.79
C GLY F 108 -79.21 -17.72 -36.57
N PHE F 109 -78.39 -18.77 -36.60
CA PHE F 109 -77.00 -18.70 -36.15
C PHE F 109 -76.00 -19.26 -37.15
N ARG F 110 -74.84 -18.61 -37.23
CA ARG F 110 -73.66 -19.20 -37.83
C ARG F 110 -72.88 -19.94 -36.73
N LEU F 111 -72.49 -21.19 -36.98
CA LEU F 111 -71.60 -21.89 -36.07
C LEU F 111 -70.17 -21.53 -36.44
N VAL F 112 -69.50 -20.83 -35.53
CA VAL F 112 -68.12 -20.41 -35.72
C VAL F 112 -67.21 -21.46 -35.07
N ARG F 113 -66.17 -21.88 -35.79
CA ARG F 113 -65.21 -22.86 -35.29
C ARG F 113 -63.82 -22.23 -35.33
N SER F 114 -63.01 -22.53 -34.31
CA SER F 114 -61.59 -22.18 -34.31
C SER F 114 -60.75 -23.42 -34.07
N GLU F 115 -59.60 -23.49 -34.74
CA GLU F 115 -58.62 -24.55 -34.49
C GLU F 115 -58.05 -24.36 -33.10
N ASP F 116 -57.94 -25.44 -32.34
CA ASP F 116 -57.28 -25.39 -31.03
C ASP F 116 -56.25 -26.53 -30.94
N ILE F 117 -56.02 -27.09 -29.77
CA ILE F 117 -54.93 -28.06 -29.61
C ILE F 117 -55.31 -29.41 -30.21
N SER F 118 -54.34 -30.05 -30.86
CA SER F 118 -54.58 -31.31 -31.58
C SER F 118 -55.84 -31.23 -32.45
N ARG F 119 -56.86 -32.08 -32.20
CA ARG F 119 -58.11 -32.06 -32.98
C ARG F 119 -59.21 -31.23 -32.30
N ASN F 120 -58.98 -30.73 -31.09
CA ASN F 120 -59.96 -29.90 -30.39
C ASN F 120 -60.27 -28.62 -31.13
N GLN F 121 -61.53 -28.19 -31.08
CA GLN F 121 -61.93 -26.89 -31.59
C GLN F 121 -62.64 -26.08 -30.53
N LYS F 122 -62.64 -24.75 -30.70
CA LYS F 122 -63.44 -23.84 -29.90
C LYS F 122 -64.59 -23.36 -30.77
N TYR F 123 -65.78 -23.31 -30.18
CA TYR F 123 -66.99 -22.98 -30.92
C TYR F 123 -67.66 -21.71 -30.39
N SER F 124 -68.39 -21.04 -31.27
CA SER F 124 -69.16 -19.86 -30.92
C SER F 124 -70.44 -19.84 -31.76
N PHE F 125 -71.53 -19.40 -31.15
CA PHE F 125 -72.82 -19.23 -31.82
C PHE F 125 -73.01 -17.76 -32.13
N HIS F 126 -72.99 -17.42 -33.41
CA HIS F 126 -73.12 -16.05 -33.86
C HIS F 126 -74.53 -15.83 -34.40
N SER F 127 -75.29 -14.95 -33.74
CA SER F 127 -76.63 -14.58 -34.20
C SER F 127 -76.56 -13.65 -35.42
N TYR F 128 -77.14 -14.09 -36.54
CA TYR F 128 -77.25 -13.22 -37.73
C TYR F 128 -77.99 -11.92 -37.42
N ALA F 129 -79.07 -11.99 -36.63
CA ALA F 129 -79.79 -10.78 -36.24
C ALA F 129 -78.85 -9.74 -35.62
N THR F 130 -77.89 -10.20 -34.81
CA THR F 130 -76.96 -9.29 -34.13
C THR F 130 -75.89 -8.67 -35.04
N ASP F 131 -75.88 -9.03 -36.32
CA ASP F 131 -75.10 -8.27 -37.32
C ASP F 131 -75.49 -6.80 -37.37
N LYS F 132 -76.70 -6.46 -36.94
CA LYS F 132 -77.14 -5.09 -36.81
C LYS F 132 -77.29 -4.66 -35.35
N PRO F 133 -77.21 -3.33 -35.08
CA PRO F 133 -77.39 -2.86 -33.71
C PRO F 133 -78.82 -3.05 -33.20
N GLU F 134 -78.94 -3.03 -31.86
CA GLU F 134 -80.24 -3.06 -31.21
C GLU F 134 -81.14 -1.98 -31.78
N GLY F 135 -82.39 -2.32 -32.04
CA GLY F 135 -83.34 -1.41 -32.69
C GLY F 135 -83.42 -1.60 -34.21
N SER F 136 -82.42 -2.24 -34.82
CA SER F 136 -82.38 -2.46 -36.26
C SER F 136 -82.27 -3.94 -36.63
N ARG F 137 -82.56 -4.85 -35.68
CA ARG F 137 -82.28 -6.28 -35.88
C ARG F 137 -83.42 -7.07 -36.53
N TYR F 138 -84.65 -6.80 -36.13
CA TYR F 138 -85.81 -7.53 -36.61
C TYR F 138 -86.90 -6.58 -37.10
N SER G 2 11.70 -39.54 10.98
CA SER G 2 10.27 -39.78 10.65
C SER G 2 10.05 -40.05 9.16
N VAL G 3 8.97 -40.77 8.86
CA VAL G 3 8.55 -41.04 7.47
C VAL G 3 8.31 -39.77 6.66
N GLU G 4 7.75 -38.74 7.29
CA GLU G 4 7.48 -37.45 6.62
C GLU G 4 8.76 -36.84 6.05
N GLU G 5 9.79 -36.78 6.90
CA GLU G 5 11.10 -36.27 6.50
C GLU G 5 11.77 -37.12 5.41
N ARG G 6 11.71 -38.45 5.57
CA ARG G 6 12.32 -39.38 4.60
C ARG G 6 11.67 -39.34 3.21
N THR G 7 10.35 -39.17 3.17
CA THR G 7 9.59 -39.11 1.91
C THR G 7 9.40 -37.68 1.34
N ARG G 8 10.08 -36.66 1.91
CA ARG G 8 10.13 -35.32 1.30
C ARG G 8 10.65 -35.37 -0.14
N ILE G 9 10.00 -34.66 -1.05
CA ILE G 9 10.46 -34.59 -2.45
C ILE G 9 11.75 -33.75 -2.49
N LYS G 10 12.83 -34.34 -3.02
CA LYS G 10 14.11 -33.63 -3.19
C LYS G 10 14.31 -33.04 -4.59
N ASN G 11 13.59 -33.58 -5.58
CA ASN G 11 13.51 -33.01 -6.94
C ASN G 11 13.37 -31.47 -6.95
N GLU G 12 14.18 -30.80 -7.76
CA GLU G 12 14.22 -29.32 -7.82
C GLU G 12 12.82 -28.72 -8.06
N ARG G 13 12.12 -29.19 -9.08
CA ARG G 13 10.83 -28.62 -9.45
C ARG G 13 9.75 -28.81 -8.37
N TYR G 14 9.77 -29.96 -7.68
CA TYR G 14 8.69 -30.30 -6.74
C TYR G 14 9.09 -30.36 -5.27
N GLU G 15 10.32 -29.97 -4.93
CA GLU G 15 10.65 -29.74 -3.52
C GLU G 15 9.91 -28.49 -3.05
N SER G 16 9.55 -28.47 -1.77
CA SER G 16 8.84 -27.33 -1.21
C SER G 16 9.57 -26.02 -1.40
N GLY G 17 8.79 -24.93 -1.47
CA GLY G 17 9.33 -23.60 -1.56
C GLY G 17 8.80 -22.83 -2.75
N VAL G 18 9.19 -21.56 -2.80
CA VAL G 18 8.74 -20.62 -3.82
C VAL G 18 9.72 -20.61 -4.96
N ILE G 19 9.21 -20.81 -6.18
CA ILE G 19 9.99 -20.63 -7.41
C ILE G 19 9.19 -19.73 -8.37
N PRO G 20 9.88 -18.95 -9.24
CA PRO G 20 9.15 -18.06 -10.15
C PRO G 20 8.18 -18.82 -11.05
N TYR G 21 7.02 -18.21 -11.33
CA TYR G 21 6.03 -18.85 -12.21
C TYR G 21 6.62 -19.24 -13.57
N ALA G 22 7.52 -18.41 -14.12
CA ALA G 22 8.18 -18.72 -15.38
C ALA G 22 9.13 -19.94 -15.33
N LYS G 23 9.48 -20.41 -14.13
CA LYS G 23 10.19 -21.70 -13.98
C LYS G 23 9.28 -22.88 -13.56
N MET G 24 7.96 -22.64 -13.42
CA MET G 24 7.01 -23.68 -13.00
C MET G 24 6.26 -24.33 -14.19
N GLY G 25 6.58 -23.91 -15.42
CA GLY G 25 5.95 -24.43 -16.64
C GLY G 25 4.96 -23.50 -17.32
N TYR G 26 4.78 -22.28 -16.80
CA TYR G 26 3.78 -21.35 -17.32
C TYR G 26 4.31 -20.38 -18.37
N TRP G 27 5.62 -20.46 -18.68
CA TRP G 27 6.23 -19.71 -19.78
C TRP G 27 6.79 -20.73 -20.75
N ASP G 28 6.33 -20.71 -21.98
CA ASP G 28 6.84 -21.62 -23.00
C ASP G 28 6.75 -20.96 -24.38
N PRO G 29 7.81 -20.23 -24.76
CA PRO G 29 7.80 -19.54 -26.05
C PRO G 29 7.78 -20.49 -27.25
N ASN G 30 8.07 -21.78 -27.04
CA ASN G 30 8.03 -22.80 -28.11
C ASN G 30 6.73 -23.60 -28.17
N TYR G 31 5.74 -23.25 -27.33
CA TYR G 31 4.49 -24.00 -27.27
C TYR G 31 3.75 -23.97 -28.62
N ALA G 32 3.33 -25.14 -29.09
CA ALA G 32 2.53 -25.27 -30.31
C ALA G 32 1.05 -25.14 -29.95
N VAL G 33 0.42 -24.04 -30.36
CA VAL G 33 -1.01 -23.82 -30.09
C VAL G 33 -1.85 -24.88 -30.79
N LYS G 34 -2.77 -25.49 -30.04
CA LYS G 34 -3.72 -26.46 -30.60
C LYS G 34 -4.99 -25.75 -31.04
N ASP G 35 -5.66 -26.29 -32.04
CA ASP G 35 -6.93 -25.71 -32.51
C ASP G 35 -8.08 -25.78 -31.47
N THR G 36 -7.94 -26.64 -30.46
CA THR G 36 -8.88 -26.73 -29.34
C THR G 36 -8.54 -25.82 -28.14
N ASP G 37 -7.39 -25.13 -28.16
CA ASP G 37 -7.01 -24.29 -27.03
C ASP G 37 -7.88 -23.04 -26.97
N ILE G 38 -8.21 -22.63 -25.74
CA ILE G 38 -8.70 -21.27 -25.47
C ILE G 38 -7.45 -20.39 -25.39
N LEU G 39 -7.43 -19.29 -26.15
CA LEU G 39 -6.35 -18.30 -26.08
C LEU G 39 -6.86 -17.01 -25.48
N ALA G 40 -6.00 -16.35 -24.70
CA ALA G 40 -6.31 -15.05 -24.12
C ALA G 40 -5.17 -14.10 -24.46
N LEU G 41 -5.53 -12.86 -24.76
CA LEU G 41 -4.56 -11.79 -24.91
C LEU G 41 -4.78 -10.80 -23.79
N PHE G 42 -3.77 -10.66 -22.93
CA PHE G 42 -3.76 -9.66 -21.85
C PHE G 42 -2.79 -8.52 -22.19
N ARG G 43 -3.17 -7.30 -21.84
CA ARG G 43 -2.28 -6.15 -21.80
C ARG G 43 -1.77 -6.11 -20.37
N VAL G 44 -0.51 -6.46 -20.18
CA VAL G 44 0.09 -6.62 -18.84
C VAL G 44 0.99 -5.42 -18.52
N SER G 45 0.76 -4.80 -17.36
CA SER G 45 1.62 -3.73 -16.84
C SER G 45 2.27 -4.23 -15.56
N PRO G 46 3.48 -4.80 -15.66
CA PRO G 46 4.10 -5.33 -14.45
C PRO G 46 4.51 -4.24 -13.48
N GLN G 47 4.49 -4.54 -12.19
CA GLN G 47 5.17 -3.71 -11.20
C GLN G 47 6.64 -3.60 -11.62
N PRO G 48 7.25 -2.42 -11.43
CA PRO G 48 8.70 -2.40 -11.64
C PRO G 48 9.34 -3.41 -10.69
N GLY G 49 10.35 -4.13 -11.15
CA GLY G 49 10.90 -5.22 -10.36
C GLY G 49 10.29 -6.59 -10.66
N VAL G 50 9.20 -6.63 -11.43
CA VAL G 50 8.68 -7.87 -11.96
C VAL G 50 8.99 -7.89 -13.45
N ASP G 51 9.71 -8.90 -13.88
CA ASP G 51 10.08 -9.07 -15.28
C ASP G 51 8.80 -9.32 -16.10
N PRO G 52 8.70 -8.74 -17.32
CA PRO G 52 7.48 -8.92 -18.14
C PRO G 52 7.09 -10.37 -18.40
N VAL G 53 8.06 -11.25 -18.62
CA VAL G 53 7.79 -12.68 -18.82
C VAL G 53 7.29 -13.32 -17.51
N GLU G 54 7.88 -12.95 -16.39
CA GLU G 54 7.43 -13.46 -15.09
C GLU G 54 6.02 -13.02 -14.74
N ALA G 55 5.68 -11.76 -15.07
CA ALA G 55 4.33 -11.25 -14.86
C ALA G 55 3.33 -12.01 -15.73
N SER G 56 3.70 -12.26 -16.98
CA SER G 56 2.87 -13.00 -17.91
C SER G 56 2.69 -14.45 -17.47
N ALA G 57 3.77 -15.07 -16.99
CA ALA G 57 3.70 -16.43 -16.43
C ALA G 57 2.88 -16.50 -15.15
N ALA G 58 2.92 -15.45 -14.33
CA ALA G 58 2.08 -15.37 -13.13
C ALA G 58 0.60 -15.33 -13.48
N VAL G 59 0.26 -14.52 -14.49
CA VAL G 59 -1.12 -14.47 -14.99
C VAL G 59 -1.56 -15.84 -15.52
N ALA G 60 -0.71 -16.46 -16.35
CA ALA G 60 -0.97 -17.80 -16.87
C ALA G 60 -1.15 -18.82 -15.74
N GLY G 61 -0.22 -18.80 -14.79
CA GLY G 61 -0.26 -19.71 -13.65
C GLY G 61 -1.50 -19.58 -12.77
N GLU G 62 -1.79 -18.36 -12.36
CA GLU G 62 -2.88 -18.12 -11.41
C GLU G 62 -4.25 -18.04 -12.07
N SER G 63 -4.32 -18.15 -13.39
CA SER G 63 -5.59 -18.37 -14.11
C SER G 63 -5.73 -19.82 -14.59
N SER G 64 -4.86 -20.72 -14.13
CA SER G 64 -4.95 -22.12 -14.54
C SER G 64 -4.78 -23.09 -13.38
N THR G 65 -3.55 -23.43 -13.01
CA THR G 65 -3.28 -24.46 -12.01
C THR G 65 -2.35 -24.07 -10.84
N ALA G 66 -1.70 -22.92 -10.94
CA ALA G 66 -0.61 -22.55 -10.03
C ALA G 66 -1.11 -21.99 -8.72
N THR G 67 -0.28 -22.08 -7.70
CA THR G 67 -0.33 -21.14 -6.58
C THR G 67 1.08 -20.57 -6.34
N TRP G 68 1.26 -19.88 -5.22
CA TRP G 68 2.46 -19.06 -4.94
C TRP G 68 3.68 -19.86 -4.48
N THR G 69 3.47 -21.12 -4.13
CA THR G 69 4.49 -22.03 -3.62
C THR G 69 4.24 -23.42 -4.21
N VAL G 70 5.29 -24.23 -4.28
CA VAL G 70 5.21 -25.53 -4.93
C VAL G 70 4.33 -26.51 -4.13
N VAL G 71 3.50 -27.28 -4.84
CA VAL G 71 2.65 -28.28 -4.22
C VAL G 71 2.84 -29.65 -4.90
N TRP G 72 3.06 -30.68 -4.08
CA TRP G 72 3.32 -32.04 -4.59
C TRP G 72 2.12 -32.62 -5.31
N THR G 73 0.92 -32.16 -4.95
CA THR G 73 -0.33 -32.62 -5.54
C THR G 73 -0.48 -32.36 -7.04
N ASP G 74 0.33 -31.47 -7.61
CA ASP G 74 0.49 -31.38 -9.09
C ASP G 74 0.69 -32.76 -9.71
N LEU G 75 1.49 -33.59 -9.04
CA LEU G 75 1.90 -34.89 -9.57
C LEU G 75 0.78 -35.93 -9.61
N LEU G 76 -0.36 -35.64 -8.97
CA LEU G 76 -1.55 -36.47 -9.08
C LEU G 76 -2.34 -36.20 -10.36
N THR G 77 -1.94 -35.18 -11.12
CA THR G 77 -2.66 -34.75 -12.30
C THR G 77 -1.73 -34.78 -13.51
N ALA G 78 -2.32 -34.64 -14.70
CA ALA G 78 -1.56 -34.48 -15.94
C ALA G 78 -1.17 -33.01 -16.04
N CYS G 79 -0.26 -32.61 -15.15
CA CYS G 79 0.01 -31.19 -14.90
C CYS G 79 0.59 -30.48 -16.12
N ASP G 80 1.41 -31.19 -16.90
CA ASP G 80 2.02 -30.60 -18.11
C ASP G 80 0.96 -30.19 -19.12
N LEU G 81 -0.16 -30.91 -19.14
CA LEU G 81 -1.26 -30.57 -20.00
C LEU G 81 -2.11 -29.42 -19.42
N TYR G 82 -2.43 -29.50 -18.12
CA TYR G 82 -3.35 -28.53 -17.50
C TYR G 82 -2.78 -27.12 -17.23
N ARG G 83 -1.47 -26.98 -17.08
CA ARG G 83 -0.86 -25.67 -16.93
C ARG G 83 -1.12 -24.83 -18.18
N ALA G 84 -1.60 -23.61 -18.01
CA ALA G 84 -1.69 -22.66 -19.11
C ALA G 84 -0.28 -22.20 -19.44
N LYS G 85 -0.05 -21.81 -20.68
CA LYS G 85 1.27 -21.38 -21.15
C LYS G 85 1.19 -19.99 -21.72
N ALA G 86 1.91 -19.04 -21.12
CA ALA G 86 2.21 -17.79 -21.81
C ALA G 86 3.20 -18.19 -22.91
N TYR G 87 2.86 -17.94 -24.16
CA TYR G 87 3.68 -18.40 -25.30
C TYR G 87 4.26 -17.29 -26.17
N LYS G 88 3.87 -16.04 -25.91
CA LYS G 88 4.37 -14.87 -26.64
C LYS G 88 4.18 -13.65 -25.75
N VAL G 89 5.26 -12.90 -25.53
CA VAL G 89 5.22 -11.68 -24.74
C VAL G 89 5.93 -10.61 -25.57
N GLU G 90 5.22 -9.52 -25.87
CA GLU G 90 5.71 -8.43 -26.74
C GLU G 90 5.45 -7.09 -26.09
N SER G 91 6.31 -6.13 -26.34
CA SER G 91 6.04 -4.73 -25.95
C SER G 91 4.85 -4.17 -26.73
N VAL G 92 3.97 -3.46 -26.03
CA VAL G 92 2.89 -2.72 -26.69
C VAL G 92 3.53 -1.47 -27.33
N PRO G 93 3.28 -1.22 -28.63
CA PRO G 93 3.82 -0.02 -29.29
C PRO G 93 3.51 1.28 -28.54
N ASN G 94 4.49 2.18 -28.49
CA ASN G 94 4.32 3.53 -27.93
C ASN G 94 3.96 3.53 -26.44
N THR G 95 4.49 2.57 -25.70
CA THR G 95 4.32 2.51 -24.24
C THR G 95 5.63 2.13 -23.59
N SER G 96 5.85 2.62 -22.39
CA SER G 96 7.09 2.33 -21.66
C SER G 96 7.02 0.97 -20.98
N ASP G 97 5.82 0.60 -20.51
CA ASP G 97 5.68 -0.43 -19.50
C ASP G 97 4.51 -1.43 -19.69
N GLN G 98 3.93 -1.50 -20.90
CA GLN G 98 2.83 -2.40 -21.22
C GLN G 98 3.28 -3.49 -22.18
N TYR G 99 2.76 -4.70 -21.98
CA TYR G 99 3.14 -5.87 -22.77
C TYR G 99 1.90 -6.64 -23.19
N PHE G 100 1.90 -7.14 -24.42
CA PHE G 100 0.89 -8.09 -24.87
C PHE G 100 1.36 -9.50 -24.50
N ALA G 101 0.59 -10.17 -23.64
CA ALA G 101 0.88 -11.55 -23.26
C ALA G 101 -0.19 -12.46 -23.86
N TYR G 102 0.23 -13.36 -24.75
CA TYR G 102 -0.63 -14.39 -25.32
C TYR G 102 -0.51 -15.67 -24.51
N ILE G 103 -1.65 -16.18 -24.03
CA ILE G 103 -1.69 -17.31 -23.12
C ILE G 103 -2.65 -18.39 -23.66
N SER G 104 -2.22 -19.64 -23.60
CA SER G 104 -3.01 -20.76 -24.08
C SER G 104 -3.50 -21.59 -22.90
N TYR G 105 -4.76 -22.03 -22.97
CA TYR G 105 -5.42 -22.84 -21.96
C TYR G 105 -6.04 -24.06 -22.62
N ASP G 106 -5.75 -25.26 -22.11
CA ASP G 106 -6.36 -26.47 -22.68
C ASP G 106 -7.88 -26.46 -22.49
N ILE G 107 -8.60 -26.96 -23.49
CA ILE G 107 -10.07 -27.05 -23.45
C ILE G 107 -10.61 -27.80 -22.23
N ASP G 108 -9.85 -28.77 -21.72
CA ASP G 108 -10.28 -29.53 -20.54
C ASP G 108 -10.29 -28.74 -19.24
N LEU G 109 -9.75 -27.52 -19.24
CA LEU G 109 -9.83 -26.67 -18.05
C LEU G 109 -11.22 -26.14 -17.77
N PHE G 110 -12.11 -26.17 -18.76
CA PHE G 110 -13.36 -25.42 -18.70
C PHE G 110 -14.62 -26.28 -18.64
N GLU G 111 -15.61 -25.80 -17.91
CA GLU G 111 -16.92 -26.42 -17.91
C GLU G 111 -17.62 -26.06 -19.21
N GLU G 112 -18.13 -27.09 -19.88
CA GLU G 112 -18.82 -26.94 -21.14
C GLU G 112 -20.02 -26.01 -20.94
N GLY G 113 -20.15 -25.01 -21.82
CA GLY G 113 -21.30 -24.12 -21.85
C GLY G 113 -21.45 -23.14 -20.70
N SER G 114 -20.40 -22.88 -19.94
CA SER G 114 -20.51 -22.04 -18.74
C SER G 114 -19.63 -20.79 -18.82
N ILE G 115 -20.26 -19.63 -18.98
CA ILE G 115 -19.55 -18.36 -18.93
C ILE G 115 -18.99 -18.10 -17.53
N ALA G 116 -19.77 -18.44 -16.50
CA ALA G 116 -19.27 -18.35 -15.12
C ALA G 116 -17.95 -19.11 -14.95
N ASN G 117 -17.82 -20.30 -15.53
CA ASN G 117 -16.60 -21.05 -15.35
C ASN G 117 -15.42 -20.52 -16.16
N LEU G 118 -15.68 -20.17 -17.41
CA LEU G 118 -14.65 -19.58 -18.27
C LEU G 118 -14.07 -18.32 -17.58
N THR G 119 -14.96 -17.46 -17.09
CA THR G 119 -14.55 -16.21 -16.46
C THR G 119 -13.90 -16.43 -15.09
N ALA G 120 -14.38 -17.42 -14.34
CA ALA G 120 -13.73 -17.76 -13.05
C ALA G 120 -12.22 -17.99 -13.22
N SER G 121 -11.84 -18.67 -14.28
CA SER G 121 -10.40 -18.86 -14.59
C SER G 121 -9.78 -17.58 -15.14
N ILE G 122 -10.33 -17.08 -16.24
CA ILE G 122 -9.65 -16.04 -17.03
C ILE G 122 -9.58 -14.69 -16.29
N ILE G 123 -10.61 -14.36 -15.52
CA ILE G 123 -10.65 -13.08 -14.80
C ILE G 123 -10.82 -13.21 -13.28
N GLY G 124 -10.83 -14.42 -12.74
CA GLY G 124 -11.15 -14.64 -11.33
C GLY G 124 -10.34 -13.82 -10.35
N ASN G 125 -9.02 -14.06 -10.37
CA ASN G 125 -8.10 -13.45 -9.41
C ASN G 125 -6.99 -12.58 -9.97
N VAL G 126 -6.57 -12.82 -11.21
CA VAL G 126 -5.31 -12.24 -11.71
C VAL G 126 -5.24 -10.70 -11.76
N PHE G 127 -6.39 -10.04 -11.83
CA PHE G 127 -6.45 -8.56 -11.90
C PHE G 127 -6.14 -7.90 -10.57
N GLY G 128 -6.18 -8.66 -9.47
CA GLY G 128 -5.85 -8.16 -8.14
C GLY G 128 -4.46 -8.52 -7.64
N PHE G 129 -3.62 -9.13 -8.47
CA PHE G 129 -2.26 -9.52 -8.05
C PHE G 129 -1.38 -8.30 -7.84
N LYS G 130 -0.71 -8.25 -6.67
CA LYS G 130 0.20 -7.16 -6.37
C LYS G 130 1.27 -7.01 -7.46
N ALA G 131 1.75 -8.12 -7.99
CA ALA G 131 2.85 -8.13 -8.97
C ALA G 131 2.56 -7.41 -10.27
N VAL G 132 1.28 -7.23 -10.63
CA VAL G 132 0.92 -6.40 -11.79
C VAL G 132 0.23 -5.12 -11.30
N LYS G 133 0.71 -3.97 -11.76
CA LYS G 133 0.06 -2.71 -11.39
C LYS G 133 -1.21 -2.48 -12.21
N ALA G 134 -1.29 -3.12 -13.38
CA ALA G 134 -2.50 -3.09 -14.20
C ALA G 134 -2.57 -4.27 -15.16
N LEU G 135 -3.78 -4.61 -15.56
CA LEU G 135 -4.05 -5.79 -16.37
C LEU G 135 -5.35 -5.57 -17.12
N ARG G 136 -5.33 -5.83 -18.43
CA ARG G 136 -6.54 -5.75 -19.25
C ARG G 136 -6.65 -6.95 -20.17
N LEU G 137 -7.82 -7.59 -20.15
CA LEU G 137 -8.12 -8.64 -21.12
C LEU G 137 -8.59 -7.96 -22.40
N GLU G 138 -7.85 -8.16 -23.50
CA GLU G 138 -8.13 -7.50 -24.77
C GLU G 138 -8.93 -8.34 -25.76
N ASP G 139 -8.61 -9.63 -25.84
CA ASP G 139 -9.26 -10.53 -26.78
C ASP G 139 -9.09 -11.96 -26.30
N MET G 140 -9.91 -12.85 -26.85
CA MET G 140 -9.79 -14.27 -26.63
C MET G 140 -10.08 -14.99 -27.93
N ARG G 141 -9.43 -16.14 -28.12
CA ARG G 141 -9.77 -17.05 -29.20
C ARG G 141 -10.55 -18.19 -28.55
N ILE G 142 -11.86 -18.19 -28.78
CA ILE G 142 -12.71 -19.26 -28.29
C ILE G 142 -12.76 -20.30 -29.41
N PRO G 143 -12.21 -21.50 -29.17
CA PRO G 143 -12.12 -22.47 -30.25
C PRO G 143 -13.49 -23.04 -30.58
N VAL G 144 -13.62 -23.52 -31.82
CA VAL G 144 -14.91 -24.06 -32.30
C VAL G 144 -15.45 -25.16 -31.36
N ALA G 145 -14.58 -26.05 -30.89
CA ALA G 145 -15.00 -27.16 -30.03
C ALA G 145 -15.59 -26.70 -28.69
N TYR G 146 -15.16 -25.55 -28.17
CA TYR G 146 -15.76 -24.99 -26.97
C TYR G 146 -17.03 -24.20 -27.31
N LEU G 147 -17.01 -23.45 -28.41
CA LEU G 147 -18.20 -22.71 -28.86
C LEU G 147 -19.41 -23.62 -29.05
N LYS G 148 -19.20 -24.83 -29.57
CA LYS G 148 -20.30 -25.77 -29.81
C LYS G 148 -21.02 -26.23 -28.53
N THR G 149 -20.41 -25.98 -27.37
CA THR G 149 -21.06 -26.27 -26.09
C THR G 149 -22.00 -25.14 -25.62
N PHE G 150 -22.10 -24.04 -26.39
CA PHE G 150 -22.96 -22.90 -26.06
C PHE G 150 -24.08 -22.77 -27.07
N GLN G 151 -25.19 -22.20 -26.63
CA GLN G 151 -26.34 -22.04 -27.47
C GLN G 151 -26.10 -21.04 -28.59
N GLY G 152 -25.43 -19.94 -28.29
CA GLY G 152 -25.44 -18.79 -29.17
C GLY G 152 -26.78 -18.09 -29.04
N PRO G 153 -26.97 -16.98 -29.77
CA PRO G 153 -28.20 -16.20 -29.67
C PRO G 153 -29.49 -17.03 -29.86
N ALA G 154 -30.45 -16.77 -28.97
CA ALA G 154 -31.74 -17.43 -28.98
C ALA G 154 -32.44 -17.32 -30.35
N THR G 155 -32.41 -16.11 -30.90
CA THR G 155 -33.11 -15.75 -32.13
C THR G 155 -32.09 -15.47 -33.23
N GLY G 156 -31.23 -14.48 -33.00
CA GLY G 156 -30.25 -14.06 -34.00
C GLY G 156 -30.87 -13.11 -35.01
N ILE G 157 -30.05 -12.28 -35.66
CA ILE G 157 -30.57 -11.20 -36.52
C ILE G 157 -31.39 -11.71 -37.70
N VAL G 158 -31.02 -12.87 -38.23
CA VAL G 158 -31.71 -13.40 -39.40
C VAL G 158 -33.16 -13.75 -39.07
N VAL G 159 -33.34 -14.57 -38.03
CA VAL G 159 -34.70 -14.91 -37.59
C VAL G 159 -35.44 -13.68 -37.05
N GLU G 160 -34.73 -12.77 -36.40
CA GLU G 160 -35.33 -11.54 -35.92
C GLU G 160 -35.96 -10.73 -37.05
N ARG G 161 -35.21 -10.53 -38.14
CA ARG G 161 -35.72 -9.80 -39.29
C ARG G 161 -36.93 -10.53 -39.91
N GLU G 162 -36.88 -11.85 -39.93
CA GLU G 162 -37.99 -12.67 -40.41
C GLU G 162 -39.26 -12.49 -39.55
N ARG G 163 -39.11 -12.49 -38.22
CA ARG G 163 -40.25 -12.24 -37.32
C ARG G 163 -40.82 -10.83 -37.47
N MET G 164 -39.95 -9.84 -37.66
CA MET G 164 -40.36 -8.45 -37.82
C MET G 164 -40.80 -8.12 -39.25
N ASP G 165 -40.46 -8.99 -40.20
CA ASP G 165 -40.67 -8.77 -41.63
C ASP G 165 -40.01 -7.46 -42.07
N LYS G 166 -38.78 -7.23 -41.60
CA LYS G 166 -38.06 -5.99 -41.87
C LYS G 166 -36.64 -6.27 -42.35
N PHE G 167 -36.39 -5.98 -43.63
CA PHE G 167 -35.14 -6.31 -44.29
C PHE G 167 -34.55 -5.11 -45.02
N GLY G 168 -33.24 -5.07 -45.14
CA GLY G 168 -32.55 -4.08 -45.98
C GLY G 168 -32.35 -2.71 -45.37
N ARG G 169 -32.62 -2.57 -44.09
CA ARG G 169 -32.37 -1.33 -43.38
C ARG G 169 -32.13 -1.62 -41.92
N PRO G 170 -31.48 -0.68 -41.21
CA PRO G 170 -31.46 -0.75 -39.76
C PRO G 170 -32.85 -0.75 -39.15
N PHE G 171 -32.99 -1.33 -37.97
CA PHE G 171 -34.18 -1.15 -37.16
C PHE G 171 -34.09 0.22 -36.48
N GLY G 173 -35.47 2.37 -32.90
CA GLY G 173 -36.03 2.28 -31.57
C GLY G 173 -35.92 3.59 -30.82
N ALA G 174 -36.30 3.54 -29.55
CA ALA G 174 -36.22 4.69 -28.67
C ALA G 174 -36.45 4.23 -27.24
N THR G 175 -35.64 4.73 -26.31
CA THR G 175 -35.89 4.55 -24.90
C THR G 175 -36.92 5.59 -24.43
N VAL G 176 -37.92 5.13 -23.67
CA VAL G 176 -38.93 6.01 -23.08
C VAL G 176 -38.25 6.91 -22.04
N LYS G 177 -38.62 8.19 -22.04
CA LYS G 177 -38.07 9.20 -21.12
C LYS G 177 -39.20 10.03 -20.52
N PRO G 178 -39.06 10.57 -19.30
CA PRO G 178 -37.86 10.50 -18.46
C PRO G 178 -37.50 9.09 -18.04
N LYS G 179 -36.26 8.89 -17.60
CA LYS G 179 -35.78 7.53 -17.30
C LYS G 179 -36.68 6.88 -16.24
N LEU G 180 -36.90 7.62 -15.15
CA LEU G 180 -37.73 7.16 -14.04
C LEU G 180 -38.85 8.16 -13.78
N GLY G 181 -39.93 7.65 -13.21
CA GLY G 181 -41.02 8.47 -12.72
C GLY G 181 -42.35 8.24 -13.41
N LEU G 182 -42.35 7.75 -14.65
CA LEU G 182 -43.60 7.57 -15.40
C LEU G 182 -44.45 6.43 -14.86
N SER G 183 -45.77 6.62 -14.94
CA SER G 183 -46.72 5.58 -14.60
C SER G 183 -46.84 4.57 -15.74
N GLY G 184 -47.42 3.41 -15.46
CA GLY G 184 -47.70 2.41 -16.49
C GLY G 184 -48.53 2.92 -17.67
N LYS G 185 -49.61 3.62 -17.35
CA LYS G 185 -50.48 4.24 -18.36
C LYS G 185 -49.73 5.24 -19.25
N ASN G 186 -48.92 6.09 -18.63
CA ASN G 186 -48.13 7.06 -19.38
C ASN G 186 -47.04 6.42 -20.23
N TYR G 187 -46.47 5.32 -19.72
CA TYR G 187 -45.51 4.52 -20.49
C TYR G 187 -46.18 4.04 -21.78
N GLY G 188 -47.36 3.47 -21.65
CA GLY G 188 -48.13 3.01 -22.79
C GLY G 188 -48.42 4.10 -23.81
N ARG G 189 -48.74 5.30 -23.33
CA ARG G 189 -48.96 6.44 -24.21
C ARG G 189 -47.73 6.73 -25.07
N VAL G 190 -46.57 6.81 -24.43
CA VAL G 190 -45.33 7.12 -25.14
C VAL G 190 -45.03 6.03 -26.18
N VAL G 191 -45.20 4.77 -25.77
CA VAL G 191 -44.96 3.61 -26.65
C VAL G 191 -45.88 3.67 -27.89
N TYR G 192 -47.17 3.92 -27.65
CA TYR G 192 -48.13 4.03 -28.75
C TYR G 192 -47.73 5.12 -29.74
N GLU G 193 -47.43 6.31 -29.23
CA GLU G 193 -47.09 7.45 -30.08
C GLU G 193 -45.81 7.18 -30.90
N GLY G 194 -44.80 6.57 -30.26
CA GLY G 194 -43.53 6.32 -30.94
C GLY G 194 -43.63 5.27 -32.03
N LEU G 195 -44.31 4.17 -31.73
CA LEU G 195 -44.51 3.09 -32.71
C LEU G 195 -45.42 3.55 -33.83
N ARG G 196 -46.53 4.17 -33.47
CA ARG G 196 -47.51 4.65 -34.45
C ARG G 196 -46.91 5.68 -35.40
N GLY G 197 -45.96 6.47 -34.90
CA GLY G 197 -45.30 7.49 -35.69
C GLY G 197 -44.14 7.02 -36.57
N GLY G 198 -43.73 5.76 -36.42
CA GLY G 198 -42.72 5.19 -37.31
C GLY G 198 -41.61 4.34 -36.74
N LEU G 199 -41.44 4.29 -35.41
CA LEU G 199 -40.40 3.45 -34.82
C LEU G 199 -40.78 1.97 -34.89
N ASP G 200 -39.79 1.10 -35.08
CA ASP G 200 -40.02 -0.34 -35.05
C ASP G 200 -40.22 -0.84 -33.62
N PHE G 201 -39.45 -0.26 -32.70
CA PHE G 201 -39.41 -0.63 -31.31
C PHE G 201 -39.42 0.60 -30.40
N LEU G 202 -39.88 0.42 -29.17
CA LEU G 202 -39.43 1.24 -28.05
C LEU G 202 -38.93 0.31 -26.95
N ASP G 204 -38.19 -0.13 -22.43
CA ASP G 204 -38.04 0.30 -21.06
C ASP G 204 -36.61 0.79 -20.89
N ASP G 205 -36.42 1.80 -20.05
CA ASP G 205 -35.07 2.19 -19.67
C ASP G 205 -34.46 1.05 -18.83
N GLU G 206 -33.14 0.95 -18.82
CA GLU G 206 -32.47 -0.11 -18.06
C GLU G 206 -32.87 -0.15 -16.58
N ASN G 207 -33.11 1.03 -16.01
CA ASN G 207 -33.47 1.13 -14.61
C ASN G 207 -34.98 1.08 -14.31
N ILE G 208 -35.79 0.86 -15.35
CA ILE G 208 -37.24 0.66 -15.20
C ILE G 208 -37.49 -0.85 -15.00
N ASN G 209 -37.78 -1.23 -13.76
CA ASN G 209 -38.06 -2.63 -13.43
C ASN G 209 -39.46 -2.67 -12.80
N SER G 210 -39.53 -2.56 -11.46
CA SER G 210 -40.81 -2.36 -10.76
C SER G 210 -40.52 -1.49 -9.56
N GLN G 211 -41.28 -0.41 -9.41
CA GLN G 211 -40.95 0.66 -8.44
C GLN G 211 -42.22 1.32 -7.87
N PRO G 212 -42.08 2.11 -6.79
CA PRO G 212 -43.27 2.79 -6.24
C PRO G 212 -44.08 3.62 -7.24
N PHE G 213 -43.39 4.33 -8.14
CA PHE G 213 -44.07 5.14 -9.18
C PHE G 213 -44.74 4.33 -10.31
N MET G 214 -44.37 3.07 -10.48
CA MET G 214 -44.94 2.20 -11.53
C MET G 214 -44.53 0.77 -11.27
N ARG G 215 -45.50 -0.12 -11.08
CA ARG G 215 -45.22 -1.54 -10.92
C ARG G 215 -45.23 -2.20 -12.28
N TRP G 216 -44.52 -3.31 -12.38
CA TRP G 216 -44.18 -3.86 -13.69
C TRP G 216 -45.37 -4.36 -14.52
N LYS G 217 -46.36 -4.96 -13.86
CA LYS G 217 -47.46 -5.60 -14.61
C LYS G 217 -48.28 -4.61 -15.44
N GLU G 218 -48.66 -3.48 -14.84
CA GLU G 218 -49.43 -2.48 -15.60
C GLU G 218 -48.61 -1.94 -16.77
N ARG G 219 -47.30 -1.80 -16.60
CA ARG G 219 -46.46 -1.34 -17.70
C ARG G 219 -46.52 -2.32 -18.87
N PHE G 220 -46.45 -3.63 -18.57
CA PHE G 220 -46.44 -4.64 -19.64
C PHE G 220 -47.79 -4.65 -20.36
N LEU G 221 -48.88 -4.58 -19.58
CA LEU G 221 -50.24 -4.58 -20.11
C LEU G 221 -50.53 -3.38 -21.00
N TYR G 222 -50.14 -2.19 -20.54
CA TYR G 222 -50.31 -0.98 -21.35
C TYR G 222 -49.41 -0.98 -22.58
N SER G 223 -48.19 -1.50 -22.43
CA SER G 223 -47.25 -1.55 -23.54
C SER G 223 -47.74 -2.46 -24.67
N ILE G 224 -48.30 -3.62 -24.34
CA ILE G 224 -48.81 -4.53 -25.38
C ILE G 224 -50.06 -3.96 -26.06
N GLU G 225 -50.92 -3.26 -25.31
CA GLU G 225 -52.01 -2.49 -25.91
C GLU G 225 -51.48 -1.47 -26.92
N ALA G 226 -50.47 -0.70 -26.51
CA ALA G 226 -49.82 0.29 -27.39
C ALA G 226 -49.22 -0.35 -28.64
N VAL G 227 -48.52 -1.46 -28.44
CA VAL G 227 -47.95 -2.22 -29.54
C VAL G 227 -49.03 -2.65 -30.53
N ASN G 228 -50.09 -3.29 -30.02
CA ASN G 228 -51.12 -3.82 -30.92
C ASN G 228 -51.95 -2.73 -31.59
N ARG G 229 -52.18 -1.62 -30.89
CA ARG G 229 -52.74 -0.41 -31.51
C ARG G 229 -51.87 0.03 -32.69
N SER G 230 -50.55 0.08 -32.49
CA SER G 230 -49.65 0.56 -33.54
C SER G 230 -49.56 -0.40 -34.73
N ILE G 231 -49.65 -1.70 -34.45
CA ILE G 231 -49.67 -2.72 -35.51
C ILE G 231 -50.94 -2.54 -36.36
N ALA G 232 -52.09 -2.42 -35.71
CA ALA G 232 -53.36 -2.19 -36.41
C ALA G 232 -53.32 -0.91 -37.25
N ALA G 233 -52.65 0.12 -36.73
CA ALA G 233 -52.59 1.43 -37.38
C ALA G 233 -51.68 1.48 -38.59
N THR G 234 -50.65 0.62 -38.64
CA THR G 234 -49.59 0.67 -39.64
C THR G 234 -49.45 -0.56 -40.54
N GLY G 235 -49.96 -1.72 -40.11
CA GLY G 235 -49.72 -2.98 -40.81
C GLY G 235 -48.32 -3.57 -40.66
N GLU G 236 -47.50 -3.00 -39.77
CA GLU G 236 -46.16 -3.50 -39.50
C GLU G 236 -46.16 -4.31 -38.22
N VAL G 237 -45.30 -5.31 -38.14
CA VAL G 237 -44.93 -5.88 -36.84
C VAL G 237 -44.17 -4.80 -36.04
N LYS G 238 -44.55 -4.65 -34.78
CA LYS G 238 -43.96 -3.70 -33.84
C LYS G 238 -43.65 -4.41 -32.54
N GLY G 239 -42.78 -3.82 -31.72
CA GLY G 239 -42.47 -4.39 -30.41
C GLY G 239 -42.03 -3.36 -29.40
N HIS G 240 -42.18 -3.72 -28.14
CA HIS G 240 -41.64 -2.94 -27.04
C HIS G 240 -40.82 -3.83 -26.12
N TYR G 241 -39.58 -3.43 -25.83
CA TYR G 241 -38.72 -4.23 -24.97
C TYR G 241 -39.22 -4.13 -23.52
N MET G 242 -39.99 -5.12 -23.09
CA MET G 242 -40.41 -5.23 -21.70
C MET G 242 -39.23 -5.73 -20.85
N ASN G 243 -38.83 -4.92 -19.88
CA ASN G 243 -37.67 -5.21 -19.06
C ASN G 243 -38.07 -6.16 -17.92
N VAL G 244 -37.47 -7.34 -17.92
CA VAL G 244 -37.78 -8.39 -16.95
C VAL G 244 -36.69 -8.50 -15.88
N THR G 245 -35.69 -7.61 -15.94
CA THR G 245 -34.64 -7.50 -14.93
C THR G 245 -35.28 -7.48 -13.52
N ALA G 246 -34.77 -8.33 -12.63
CA ALA G 246 -35.31 -8.41 -11.27
C ALA G 246 -34.29 -9.00 -10.31
N ALA G 247 -34.61 -8.93 -9.02
CA ALA G 247 -33.67 -9.33 -7.98
C ALA G 247 -33.33 -10.83 -7.96
N THR G 248 -34.31 -11.67 -8.27
CA THR G 248 -34.16 -13.11 -8.21
C THR G 248 -34.56 -13.76 -9.51
N MET G 249 -34.07 -14.98 -9.73
CA MET G 249 -34.40 -15.69 -10.96
C MET G 249 -35.90 -15.95 -11.05
N GLU G 250 -36.54 -16.26 -9.92
CA GLU G 250 -37.97 -16.57 -9.90
C GLU G 250 -38.78 -15.35 -10.33
N GLU G 251 -38.39 -14.17 -9.84
CA GLU G 251 -39.05 -12.93 -10.26
C GLU G 251 -38.83 -12.64 -11.74
N MET G 252 -37.61 -12.84 -12.22
CA MET G 252 -37.34 -12.68 -13.65
C MET G 252 -38.19 -13.61 -14.52
N TYR G 253 -38.28 -14.88 -14.13
CA TYR G 253 -39.15 -15.82 -14.84
C TYR G 253 -40.62 -15.41 -14.83
N GLU G 254 -41.11 -14.93 -13.68
CA GLU G 254 -42.49 -14.47 -13.56
C GLU G 254 -42.76 -13.35 -14.59
N ARG G 255 -41.83 -12.42 -14.69
CA ARG G 255 -41.98 -11.28 -15.59
C ARG G 255 -41.87 -11.71 -17.05
N ALA G 256 -40.90 -12.57 -17.35
CA ALA G 256 -40.75 -13.11 -18.70
C ALA G 256 -41.96 -13.93 -19.15
N GLU G 257 -42.47 -14.77 -18.25
CA GLU G 257 -43.65 -15.60 -18.55
C GLU G 257 -44.87 -14.73 -18.80
N PHE G 258 -45.03 -13.65 -18.04
CA PHE G 258 -46.16 -12.75 -18.25
C PHE G 258 -46.05 -12.05 -19.60
N ALA G 259 -44.86 -11.56 -19.91
CA ALA G 259 -44.58 -10.94 -21.21
C ALA G 259 -44.91 -11.89 -22.37
N LYS G 260 -44.48 -13.13 -22.23
CA LYS G 260 -44.81 -14.22 -23.17
C LYS G 260 -46.32 -14.42 -23.30
N GLN G 261 -47.01 -14.46 -22.16
CA GLN G 261 -48.47 -14.65 -22.16
C GLN G 261 -49.18 -13.51 -22.88
N LEU G 262 -48.67 -12.29 -22.73
CA LEU G 262 -49.22 -11.12 -23.45
C LEU G 262 -48.93 -11.14 -24.95
N GLY G 263 -47.92 -11.89 -25.38
CA GLY G 263 -47.59 -12.03 -26.78
C GLY G 263 -46.54 -11.05 -27.31
N THR G 264 -45.69 -10.50 -26.42
CA THR G 264 -44.61 -9.65 -26.92
C THR G 264 -43.66 -10.43 -27.81
N VAL G 265 -43.18 -9.77 -28.86
CA VAL G 265 -42.13 -10.32 -29.72
C VAL G 265 -40.74 -10.20 -29.05
N ILE G 266 -40.62 -9.34 -28.03
CA ILE G 266 -39.31 -8.94 -27.49
C ILE G 266 -39.39 -8.61 -26.01
N ILE G 267 -38.35 -9.00 -25.28
CA ILE G 267 -38.08 -8.56 -23.91
C ILE G 267 -36.63 -8.05 -23.80
N MET G 268 -36.32 -7.38 -22.70
CA MET G 268 -34.94 -6.98 -22.39
C MET G 268 -34.52 -7.38 -20.99
N ILE G 269 -33.19 -7.44 -20.81
CA ILE G 269 -32.53 -7.70 -19.54
C ILE G 269 -31.31 -6.78 -19.44
N ASP G 270 -30.88 -6.50 -18.21
CA ASP G 270 -29.69 -5.68 -17.93
C ASP G 270 -28.50 -6.58 -17.60
N LEU G 271 -27.30 -6.20 -18.06
CA LEU G 271 -26.06 -6.94 -17.77
C LEU G 271 -25.81 -7.11 -16.28
N VAL G 272 -26.23 -6.15 -15.47
CA VAL G 272 -26.10 -6.25 -14.01
C VAL G 272 -26.78 -7.46 -13.36
N ILE G 273 -27.72 -8.12 -14.04
CA ILE G 273 -28.26 -9.38 -13.49
C ILE G 273 -27.16 -10.43 -13.42
N GLY G 274 -26.19 -10.36 -14.32
CA GLY G 274 -25.02 -11.24 -14.30
C GLY G 274 -25.10 -12.48 -15.15
N TYR G 275 -23.95 -13.12 -15.33
CA TYR G 275 -23.78 -14.14 -16.37
C TYR G 275 -24.71 -15.34 -16.28
N THR G 276 -24.94 -15.83 -15.07
CA THR G 276 -25.76 -17.02 -14.88
C THR G 276 -27.24 -16.74 -15.18
N ALA G 277 -27.77 -15.61 -14.70
CA ALA G 277 -29.12 -15.20 -15.05
C ALA G 277 -29.22 -14.90 -16.55
N ILE G 278 -28.17 -14.33 -17.16
CA ILE G 278 -28.19 -14.07 -18.61
C ILE G 278 -28.25 -15.37 -19.42
N GLN G 279 -27.42 -16.36 -19.08
CA GLN G 279 -27.47 -17.67 -19.77
C GLN G 279 -28.80 -18.37 -19.58
N THR G 280 -29.36 -18.26 -18.37
CA THR G 280 -30.67 -18.82 -18.06
C THR G 280 -31.75 -18.18 -18.96
N MET G 281 -31.72 -16.85 -19.09
CA MET G 281 -32.65 -16.16 -19.96
C MET G 281 -32.42 -16.48 -21.45
N GLY G 282 -31.16 -16.64 -21.84
CA GLY G 282 -30.83 -16.99 -23.22
C GLY G 282 -31.47 -18.30 -23.64
N ILE G 283 -31.37 -19.30 -22.76
CA ILE G 283 -32.02 -20.59 -22.97
C ILE G 283 -33.54 -20.43 -22.96
N TRP G 284 -34.07 -19.64 -22.02
CA TRP G 284 -35.53 -19.41 -21.96
C TRP G 284 -36.04 -18.77 -23.26
N ALA G 285 -35.31 -17.80 -23.79
CA ALA G 285 -35.72 -17.10 -25.00
C ALA G 285 -35.75 -18.01 -26.23
N ARG G 286 -34.82 -18.96 -26.31
CA ARG G 286 -34.82 -19.98 -27.38
C ARG G 286 -36.03 -20.91 -27.23
N LYS G 287 -36.28 -21.34 -25.99
CA LYS G 287 -37.41 -22.22 -25.72
C LYS G 287 -38.76 -21.55 -26.01
N ASN G 288 -38.82 -20.23 -25.84
CA ASN G 288 -40.07 -19.47 -25.89
C ASN G 288 -40.19 -18.44 -27.03
N ASP G 289 -39.39 -18.62 -28.09
CA ASP G 289 -39.48 -17.80 -29.31
C ASP G 289 -39.54 -16.30 -29.02
N MET G 290 -38.57 -15.84 -28.23
CA MET G 290 -38.52 -14.47 -27.77
C MET G 290 -37.20 -13.83 -28.18
N ILE G 291 -37.28 -12.60 -28.70
CA ILE G 291 -36.07 -11.79 -28.91
C ILE G 291 -35.62 -11.29 -27.53
N LEU G 292 -34.32 -11.50 -27.22
CA LEU G 292 -33.75 -11.13 -25.93
C LEU G 292 -32.73 -10.01 -26.08
N HIS G 293 -33.15 -8.80 -25.71
CA HIS G 293 -32.28 -7.64 -25.83
C HIS G 293 -31.47 -7.49 -24.55
N LEU G 294 -30.15 -7.39 -24.68
CA LEU G 294 -29.28 -7.12 -23.54
C LEU G 294 -28.83 -5.66 -23.53
N HIS G 295 -29.18 -4.96 -22.47
CA HIS G 295 -28.63 -3.66 -22.14
C HIS G 295 -27.37 -3.94 -21.35
N ARG G 296 -26.29 -3.20 -21.64
CA ARG G 296 -24.97 -3.51 -21.06
C ARG G 296 -24.65 -2.74 -19.78
N ALA G 297 -25.67 -2.54 -18.95
CA ALA G 297 -25.56 -1.80 -17.70
C ALA G 297 -24.33 -2.20 -16.89
N GLY G 298 -23.49 -1.22 -16.55
CA GLY G 298 -22.30 -1.44 -15.74
C GLY G 298 -21.02 -1.75 -16.51
N ASN G 299 -21.13 -2.05 -17.80
CA ASN G 299 -20.00 -2.47 -18.63
C ASN G 299 -18.81 -1.51 -18.56
N SER G 300 -19.09 -0.21 -18.62
CA SER G 300 -18.05 0.81 -18.60
C SER G 300 -17.26 0.97 -17.28
N THR G 301 -17.72 0.35 -16.20
CA THR G 301 -16.91 0.28 -14.96
C THR G 301 -15.57 -0.43 -15.17
N TYR G 302 -15.51 -1.39 -16.09
CA TYR G 302 -14.26 -2.12 -16.41
C TYR G 302 -13.78 -1.95 -17.85
N SER G 303 -14.59 -1.37 -18.73
CA SER G 303 -14.30 -1.32 -20.18
C SER G 303 -13.70 -0.01 -20.68
N ARG G 304 -13.64 1.03 -19.84
CA ARG G 304 -13.32 2.39 -20.29
C ARG G 304 -11.84 2.67 -20.41
N GLN G 305 -11.07 2.24 -19.41
CA GLN G 305 -9.66 2.60 -19.30
C GLN G 305 -8.79 1.57 -20.03
N LYS G 306 -7.95 2.08 -20.92
CA LYS G 306 -7.13 1.26 -21.79
C LYS G 306 -6.15 0.36 -21.05
N ILE G 307 -5.62 0.80 -19.91
CA ILE G 307 -4.62 -0.01 -19.19
C ILE G 307 -5.18 -1.08 -18.25
N HIS G 308 -6.47 -1.01 -17.91
CA HIS G 308 -7.03 -1.95 -16.93
C HIS G 308 -8.49 -2.29 -17.16
N GLY G 309 -8.79 -3.59 -17.05
CA GLY G 309 -10.17 -4.10 -17.05
C GLY G 309 -10.41 -5.11 -18.15
N MET G 310 -11.53 -4.98 -18.85
CA MET G 310 -11.84 -5.89 -19.95
C MET G 310 -12.32 -5.09 -21.14
N ASN G 311 -11.70 -5.29 -22.30
CA ASN G 311 -12.19 -4.65 -23.50
C ASN G 311 -13.56 -5.23 -23.87
N PHE G 312 -14.47 -4.36 -24.26
CA PHE G 312 -15.83 -4.75 -24.62
C PHE G 312 -15.92 -5.85 -25.70
N ARG G 313 -14.93 -5.98 -26.57
CA ARG G 313 -15.02 -7.05 -27.58
C ARG G 313 -15.08 -8.44 -26.96
N VAL G 314 -14.46 -8.60 -25.79
CA VAL G 314 -14.52 -9.86 -25.06
C VAL G 314 -15.91 -10.11 -24.51
N ILE G 315 -16.53 -9.05 -24.00
CA ILE G 315 -17.92 -9.11 -23.51
C ILE G 315 -18.86 -9.46 -24.66
N CYS G 316 -18.62 -8.88 -25.84
CA CYS G 316 -19.36 -9.26 -27.05
C CYS G 316 -19.30 -10.77 -27.29
N LYS G 317 -18.11 -11.38 -27.16
CA LYS G 317 -17.96 -12.80 -27.41
C LYS G 317 -18.76 -13.63 -26.38
N TRP G 318 -18.58 -13.31 -25.10
CA TRP G 318 -19.24 -14.07 -24.03
C TRP G 318 -20.78 -13.94 -24.10
N MET G 319 -21.27 -12.76 -24.45
CA MET G 319 -22.72 -12.53 -24.51
C MET G 319 -23.34 -13.13 -25.77
N ARG G 320 -22.61 -13.13 -26.89
CA ARG G 320 -23.03 -13.87 -28.07
C ARG G 320 -23.12 -15.37 -27.75
N MET G 321 -22.10 -15.89 -27.06
CA MET G 321 -22.11 -17.29 -26.61
C MET G 321 -23.32 -17.58 -25.69
N ALA G 322 -23.56 -16.67 -24.74
CA ALA G 322 -24.57 -16.84 -23.69
C ALA G 322 -26.00 -16.87 -24.22
N GLY G 323 -26.26 -16.22 -25.36
CA GLY G 323 -27.55 -16.33 -26.04
C GLY G 323 -28.41 -15.10 -26.18
N VAL G 324 -27.84 -13.92 -25.99
CA VAL G 324 -28.58 -12.68 -26.21
C VAL G 324 -28.72 -12.40 -27.71
N ASP G 325 -29.77 -11.68 -28.07
CA ASP G 325 -30.08 -11.37 -29.47
C ASP G 325 -29.69 -9.96 -29.89
N HIS G 326 -29.65 -9.05 -28.92
CA HIS G 326 -29.13 -7.69 -29.14
C HIS G 326 -28.10 -7.42 -28.04
N ILE G 327 -27.13 -6.56 -28.36
CA ILE G 327 -26.34 -5.92 -27.29
C ILE G 327 -25.99 -4.50 -27.75
N HIS G 328 -26.03 -3.56 -26.81
CA HIS G 328 -25.58 -2.20 -27.07
C HIS G 328 -24.09 -2.24 -27.40
N ALA G 329 -23.69 -1.56 -28.47
CA ALA G 329 -22.32 -1.64 -28.98
C ALA G 329 -21.70 -0.31 -29.43
N GLY G 330 -22.39 0.83 -29.19
CA GLY G 330 -21.82 2.14 -29.46
C GLY G 330 -22.41 2.84 -30.66
N THR G 331 -22.22 4.15 -30.69
CA THR G 331 -22.70 5.02 -31.76
C THR G 331 -21.62 5.79 -32.52
N VAL G 332 -20.41 5.87 -31.95
CA VAL G 332 -19.32 6.77 -32.40
C VAL G 332 -19.63 8.25 -32.12
N VAL G 333 -20.75 8.73 -32.65
CA VAL G 333 -21.09 10.16 -32.66
C VAL G 333 -22.02 10.63 -31.52
N GLY G 334 -22.48 9.70 -30.68
CA GLY G 334 -23.40 10.02 -29.59
C GLY G 334 -22.70 10.43 -28.31
N LYS G 335 -23.46 10.35 -27.21
CA LYS G 335 -23.01 10.84 -25.90
C LYS G 335 -22.06 9.90 -25.15
N LEU G 336 -22.01 8.62 -25.55
CA LEU G 336 -21.14 7.63 -24.89
C LEU G 336 -19.90 7.34 -25.72
N GLU G 337 -18.82 6.96 -25.02
CA GLU G 337 -17.52 6.59 -25.60
C GLU G 337 -17.64 5.68 -26.84
N GLY G 338 -16.88 5.97 -27.89
CA GLY G 338 -16.87 5.10 -29.05
C GLY G 338 -15.95 5.51 -30.17
N ASP G 339 -14.70 5.07 -30.09
CA ASP G 339 -13.76 5.22 -31.19
C ASP G 339 -14.26 4.41 -32.41
N PRO G 340 -14.23 5.00 -33.63
CA PRO G 340 -14.83 4.26 -34.77
C PRO G 340 -14.19 2.90 -35.10
N LEU G 341 -12.87 2.78 -35.02
CA LEU G 341 -12.21 1.51 -35.30
C LEU G 341 -12.47 0.44 -34.22
N MET G 342 -12.52 0.85 -32.95
CA MET G 342 -12.89 -0.08 -31.88
C MET G 342 -14.32 -0.57 -32.07
N ILE G 343 -15.21 0.36 -32.40
CA ILE G 343 -16.62 0.04 -32.62
C ILE G 343 -16.80 -0.89 -33.80
N ARG G 344 -16.03 -0.66 -34.86
CA ARG G 344 -16.05 -1.57 -36.00
C ARG G 344 -15.68 -2.99 -35.58
N GLY G 345 -14.66 -3.10 -34.71
CA GLY G 345 -14.28 -4.38 -34.14
C GLY G 345 -15.38 -5.03 -33.33
N PHE G 346 -16.10 -4.23 -32.54
CA PHE G 346 -17.22 -4.75 -31.75
C PHE G 346 -18.35 -5.28 -32.64
N TYR G 347 -18.77 -4.48 -33.61
CA TYR G 347 -19.86 -4.86 -34.52
C TYR G 347 -19.51 -6.11 -35.31
N ASN G 348 -18.27 -6.19 -35.82
CA ASN G 348 -17.81 -7.39 -36.51
C ASN G 348 -17.78 -8.64 -35.62
N THR G 349 -17.35 -8.49 -34.37
CA THR G 349 -17.33 -9.58 -33.40
C THR G 349 -18.76 -10.14 -33.20
N LEU G 350 -19.73 -9.24 -33.16
CA LEU G 350 -21.13 -9.59 -32.94
C LEU G 350 -21.82 -10.19 -34.16
N LEU G 351 -21.46 -9.73 -35.36
CA LEU G 351 -22.20 -10.03 -36.60
C LEU G 351 -21.57 -11.03 -37.55
N LEU G 352 -20.25 -11.15 -37.57
CA LEU G 352 -19.61 -11.94 -38.62
C LEU G 352 -19.59 -13.42 -38.26
N PRO G 353 -19.60 -14.31 -39.28
CA PRO G 353 -19.42 -15.74 -39.05
C PRO G 353 -17.96 -16.14 -38.83
N TYR G 354 -17.03 -15.24 -39.15
CA TYR G 354 -15.59 -15.51 -39.10
C TYR G 354 -14.86 -14.17 -39.10
N LEU G 355 -13.87 -14.02 -38.22
CA LEU G 355 -13.05 -12.82 -38.17
C LEU G 355 -11.59 -13.16 -38.40
N GLU G 356 -10.98 -12.41 -39.31
CA GLU G 356 -9.53 -12.45 -39.50
C GLU G 356 -8.91 -11.44 -38.56
N VAL G 357 -7.61 -11.63 -38.27
CA VAL G 357 -6.85 -10.67 -37.50
C VAL G 357 -6.96 -9.29 -38.16
N ASN G 358 -7.22 -8.27 -37.36
CA ASN G 358 -7.34 -6.90 -37.84
C ASN G 358 -6.90 -5.99 -36.69
N LEU G 359 -5.60 -5.74 -36.64
CA LEU G 359 -5.00 -5.03 -35.51
C LEU G 359 -5.54 -3.60 -35.32
N PRO G 360 -5.74 -2.85 -36.42
CA PRO G 360 -6.38 -1.53 -36.26
C PRO G 360 -7.77 -1.53 -35.60
N GLN G 361 -8.52 -2.63 -35.74
CA GLN G 361 -9.85 -2.79 -35.10
C GLN G 361 -9.78 -3.48 -33.73
N GLY G 362 -8.57 -3.82 -33.27
CA GLY G 362 -8.39 -4.52 -32.02
C GLY G 362 -8.80 -5.99 -32.07
N ILE G 363 -8.84 -6.58 -33.27
CA ILE G 363 -9.13 -8.00 -33.43
C ILE G 363 -7.79 -8.73 -33.50
N PHE G 364 -7.39 -9.33 -32.38
CA PHE G 364 -6.05 -9.92 -32.24
C PHE G 364 -6.00 -11.39 -32.60
N PHE G 365 -7.14 -12.07 -32.59
CA PHE G 365 -7.22 -13.48 -32.90
C PHE G 365 -8.13 -13.73 -34.09
N GLN G 366 -7.74 -14.66 -34.94
CA GLN G 366 -8.65 -15.25 -35.91
C GLN G 366 -9.77 -15.95 -35.11
N GLN G 367 -11.03 -15.70 -35.46
CA GLN G 367 -12.17 -16.22 -34.70
C GLN G 367 -13.24 -16.82 -35.62
N ASP G 368 -13.35 -18.14 -35.59
CA ASP G 368 -14.41 -18.87 -36.26
C ASP G 368 -15.60 -18.92 -35.29
N TRP G 369 -16.76 -18.45 -35.73
CA TRP G 369 -17.93 -18.40 -34.86
C TRP G 369 -18.77 -19.69 -34.85
N ALA G 370 -18.33 -20.72 -35.55
CA ALA G 370 -18.92 -22.08 -35.44
C ALA G 370 -20.40 -22.13 -35.81
N SER G 371 -20.80 -21.23 -36.71
CA SER G 371 -22.19 -21.03 -37.11
C SER G 371 -23.14 -20.67 -35.96
N LEU G 372 -22.62 -20.15 -34.85
CA LEU G 372 -23.49 -19.53 -33.85
C LEU G 372 -24.21 -18.37 -34.47
N ARG G 373 -25.46 -18.17 -34.08
CA ARG G 373 -26.25 -17.05 -34.59
C ARG G 373 -25.61 -15.69 -34.26
N LYS G 374 -26.10 -14.67 -34.96
CA LYS G 374 -25.52 -13.33 -34.91
C LYS G 374 -26.29 -12.43 -33.94
N VAL G 375 -25.56 -11.64 -33.16
CA VAL G 375 -26.17 -10.65 -32.27
C VAL G 375 -26.35 -9.33 -33.04
N THR G 376 -27.54 -8.75 -32.92
CA THR G 376 -27.82 -7.43 -33.49
C THR G 376 -27.19 -6.33 -32.61
N PRO G 377 -26.20 -5.60 -33.14
CA PRO G 377 -25.70 -4.47 -32.35
C PRO G 377 -26.77 -3.39 -32.19
N VAL G 378 -26.70 -2.68 -31.07
CA VAL G 378 -27.64 -1.60 -30.79
C VAL G 378 -26.85 -0.32 -30.56
N ALA G 379 -27.20 0.71 -31.33
CA ALA G 379 -26.57 2.01 -31.29
C ALA G 379 -27.53 2.94 -30.58
N SER G 380 -27.13 3.45 -29.42
CA SER G 380 -28.02 4.21 -28.57
C SER G 380 -27.25 5.24 -27.73
N GLY G 381 -27.85 6.40 -27.55
CA GLY G 381 -27.38 7.39 -26.59
C GLY G 381 -26.89 8.65 -27.25
N GLY G 382 -27.67 9.71 -27.15
CA GLY G 382 -27.27 11.02 -27.64
C GLY G 382 -27.19 11.13 -29.15
N ILE G 383 -27.97 10.33 -29.87
CA ILE G 383 -27.95 10.40 -31.34
C ILE G 383 -29.21 11.09 -31.87
N HIS G 384 -29.13 11.66 -33.06
CA HIS G 384 -30.26 12.36 -33.65
C HIS G 384 -30.19 12.25 -35.16
N CYS G 385 -31.30 12.55 -35.83
CA CYS G 385 -31.44 12.24 -37.28
C CYS G 385 -30.52 13.08 -38.20
N GLY G 386 -30.05 14.22 -37.71
CA GLY G 386 -28.96 14.96 -38.37
C GLY G 386 -27.65 14.21 -38.57
N GLN G 387 -27.47 13.10 -37.84
CA GLN G 387 -26.29 12.25 -37.94
C GLN G 387 -26.51 10.99 -38.79
N MET G 388 -27.66 10.86 -39.45
CA MET G 388 -28.05 9.58 -40.06
C MET G 388 -27.04 9.00 -41.04
N HIS G 389 -26.44 9.88 -41.85
CA HIS G 389 -25.34 9.51 -42.74
C HIS G 389 -24.13 8.93 -42.00
N GLN G 390 -23.73 9.55 -40.90
CA GLN G 390 -22.63 9.04 -40.08
C GLN G 390 -23.01 7.70 -39.44
N LEU G 391 -24.26 7.58 -38.98
CA LEU G 391 -24.71 6.35 -38.34
C LEU G 391 -24.68 5.16 -39.34
N LEU G 392 -25.20 5.36 -40.55
CA LEU G 392 -25.18 4.31 -41.57
C LEU G 392 -23.76 3.92 -42.00
N ASP G 393 -22.87 4.91 -42.08
CA ASP G 393 -21.45 4.69 -42.46
C ASP G 393 -20.64 3.99 -41.37
N TYR G 394 -20.64 4.54 -40.17
CA TYR G 394 -19.88 3.96 -39.06
C TYR G 394 -20.43 2.63 -38.57
N LEU G 395 -21.76 2.47 -38.63
CA LEU G 395 -22.44 1.37 -37.94
C LEU G 395 -23.04 0.32 -38.87
N GLY G 396 -23.30 0.67 -40.13
CA GLY G 396 -23.73 -0.30 -41.13
C GLY G 396 -25.22 -0.54 -41.13
N ASN G 397 -25.63 -1.60 -41.81
CA ASN G 397 -27.04 -1.87 -42.07
C ASN G 397 -27.71 -2.70 -40.96
N ASP G 398 -26.91 -3.49 -40.23
CA ASP G 398 -27.42 -4.44 -39.25
C ASP G 398 -27.20 -3.93 -37.84
N VAL G 399 -28.23 -3.24 -37.35
CA VAL G 399 -28.14 -2.46 -36.12
C VAL G 399 -29.57 -1.98 -35.78
N VAL G 400 -29.81 -1.76 -34.48
CA VAL G 400 -30.95 -0.95 -34.05
C VAL G 400 -30.45 0.45 -33.68
N LEU G 401 -30.91 1.47 -34.40
CA LEU G 401 -30.60 2.85 -34.07
C LEU G 401 -31.68 3.36 -33.11
N GLN G 402 -31.29 3.64 -31.87
CA GLN G 402 -32.24 4.03 -30.82
C GLN G 402 -32.13 5.52 -30.52
N PHE G 403 -33.27 6.20 -30.66
CA PHE G 403 -33.38 7.65 -30.49
C PHE G 403 -34.38 7.97 -29.38
N GLY G 404 -33.92 7.97 -28.12
CA GLY G 404 -34.77 8.29 -26.97
C GLY G 404 -35.10 9.77 -26.93
N GLY G 405 -34.16 10.58 -26.46
CA GLY G 405 -34.30 12.03 -26.46
C GLY G 405 -34.54 12.55 -27.88
N GLY G 406 -33.90 11.91 -28.86
CA GLY G 406 -34.04 12.31 -30.27
C GLY G 406 -35.38 12.01 -30.92
N THR G 407 -36.27 11.30 -30.22
CA THR G 407 -37.68 11.18 -30.63
C THR G 407 -38.56 12.01 -29.72
N ILE G 408 -38.48 11.73 -28.42
CA ILE G 408 -39.38 12.31 -27.42
C ILE G 408 -39.10 13.81 -27.18
N GLY G 409 -37.88 14.27 -27.46
CA GLY G 409 -37.56 15.69 -27.39
C GLY G 409 -38.08 16.56 -28.54
N HIS G 410 -38.80 15.96 -29.49
CA HIS G 410 -39.27 16.71 -30.66
C HIS G 410 -40.39 17.70 -30.25
N PRO G 411 -40.28 18.99 -30.63
CA PRO G 411 -41.26 20.00 -30.17
C PRO G 411 -42.71 19.78 -30.57
N ASP G 412 -42.92 19.17 -31.74
CA ASP G 412 -44.25 18.83 -32.24
C ASP G 412 -44.81 17.47 -31.85
N GLY G 413 -44.17 16.77 -30.91
CA GLY G 413 -44.72 15.57 -30.29
C GLY G 413 -43.98 14.31 -30.68
N ILE G 414 -44.35 13.21 -30.02
CA ILE G 414 -43.63 11.96 -30.11
C ILE G 414 -43.79 11.31 -31.48
N GLN G 415 -45.00 11.34 -32.04
CA GLN G 415 -45.23 10.84 -33.40
C GLN G 415 -44.34 11.54 -34.41
N ALA G 416 -44.26 12.87 -34.31
CA ALA G 416 -43.42 13.67 -35.19
C ALA G 416 -41.95 13.29 -35.06
N GLY G 417 -41.49 13.11 -33.83
CA GLY G 417 -40.12 12.67 -33.60
C GLY G 417 -39.80 11.35 -34.29
N ALA G 418 -40.71 10.40 -34.14
CA ALA G 418 -40.60 9.07 -34.76
C ALA G 418 -40.61 9.17 -36.28
N THR G 419 -41.53 9.99 -36.82
CA THR G 419 -41.62 10.17 -38.27
C THR G 419 -40.33 10.76 -38.84
N ALA G 420 -39.77 11.76 -38.16
CA ALA G 420 -38.50 12.37 -38.57
C ALA G 420 -37.39 11.34 -38.70
N ASN G 421 -37.25 10.48 -37.69
CA ASN G 421 -36.22 9.45 -37.68
C ASN G 421 -36.42 8.40 -38.78
N ARG G 422 -37.65 7.95 -38.96
CA ARG G 422 -38.00 6.96 -39.98
C ARG G 422 -37.73 7.49 -41.40
N VAL G 423 -38.18 8.71 -41.69
CA VAL G 423 -37.97 9.30 -43.02
C VAL G 423 -36.48 9.55 -43.27
N ALA G 424 -35.77 10.06 -42.25
CA ALA G 424 -34.33 10.27 -42.38
C ALA G 424 -33.63 8.96 -42.72
N LEU G 425 -34.01 7.87 -42.05
CA LEU G 425 -33.35 6.59 -42.25
C LEU G 425 -33.59 6.06 -43.67
N GLU G 426 -34.85 6.00 -44.08
CA GLU G 426 -35.19 5.48 -45.42
C GLU G 426 -34.59 6.31 -46.54
N SER G 427 -34.56 7.63 -46.35
CA SER G 427 -33.91 8.54 -47.30
C SER G 427 -32.42 8.27 -47.43
N MET G 428 -31.76 7.98 -46.31
CA MET G 428 -30.34 7.67 -46.34
C MET G 428 -30.08 6.30 -46.94
N VAL G 429 -30.89 5.31 -46.58
CA VAL G 429 -30.74 3.95 -47.12
C VAL G 429 -30.93 3.94 -48.64
N ILE G 430 -31.98 4.58 -49.14
CA ILE G 430 -32.22 4.59 -50.58
C ILE G 430 -31.06 5.28 -51.32
N ALA G 431 -30.52 6.36 -50.75
CA ALA G 431 -29.37 7.05 -51.34
C ALA G 431 -28.15 6.12 -51.43
N ARG G 432 -27.84 5.45 -50.32
CA ARG G 432 -26.75 4.47 -50.29
C ARG G 432 -26.95 3.40 -51.36
N ASN G 433 -28.14 2.78 -51.39
CA ASN G 433 -28.41 1.72 -52.37
C ASN G 433 -28.31 2.20 -53.83
N GLU G 434 -28.63 3.47 -54.07
CA GLU G 434 -28.49 4.06 -55.41
C GLU G 434 -27.03 4.37 -55.84
N GLY G 435 -26.05 4.13 -54.97
CA GLY G 435 -24.64 4.35 -55.30
C GLY G 435 -24.14 5.76 -55.01
N ARG G 436 -24.94 6.56 -54.32
CA ARG G 436 -24.53 7.92 -53.99
C ARG G 436 -23.45 7.96 -52.91
N ASP G 437 -22.60 8.99 -52.96
CA ASP G 437 -21.61 9.23 -51.91
C ASP G 437 -22.35 9.90 -50.76
N TYR G 438 -23.09 9.08 -50.01
CA TYR G 438 -24.03 9.57 -49.00
C TYR G 438 -23.34 10.14 -47.75
N VAL G 439 -22.07 9.80 -47.51
CA VAL G 439 -21.33 10.38 -46.40
C VAL G 439 -20.99 11.83 -46.75
N ALA G 440 -20.42 12.04 -47.94
CA ALA G 440 -20.09 13.40 -48.40
C ALA G 440 -21.34 14.25 -48.58
N GLU G 441 -22.39 13.65 -49.14
CA GLU G 441 -23.65 14.37 -49.44
C GLU G 441 -24.73 14.23 -48.36
N GLY G 442 -24.40 13.56 -47.25
CA GLY G 442 -25.38 13.26 -46.20
C GLY G 442 -26.20 14.40 -45.70
N PRO G 443 -25.54 15.49 -45.27
CA PRO G 443 -26.32 16.64 -44.79
C PRO G 443 -27.29 17.19 -45.84
N GLN G 444 -26.87 17.26 -47.10
CA GLN G 444 -27.78 17.66 -48.20
C GLN G 444 -28.90 16.65 -48.45
N ILE G 445 -28.57 15.36 -48.44
CA ILE G 445 -29.60 14.28 -48.55
C ILE G 445 -30.69 14.49 -47.49
N LEU G 446 -30.30 14.83 -46.27
CA LEU G 446 -31.22 15.07 -45.18
C LEU G 446 -32.01 16.36 -45.33
N ARG G 447 -31.33 17.44 -45.72
CA ARG G 447 -32.05 18.69 -46.03
C ARG G 447 -33.06 18.48 -47.16
N ASP G 448 -32.68 17.74 -48.19
CA ASP G 448 -33.58 17.41 -49.30
C ASP G 448 -34.83 16.67 -48.81
N ALA G 449 -34.64 15.64 -47.99
CA ALA G 449 -35.76 14.87 -47.42
C ALA G 449 -36.65 15.71 -46.51
N ALA G 450 -36.01 16.62 -45.76
CA ALA G 450 -36.72 17.56 -44.90
C ALA G 450 -37.72 18.45 -45.64
N LYS G 451 -37.45 18.76 -46.91
CA LYS G 451 -38.40 19.53 -47.74
C LYS G 451 -39.72 18.81 -47.98
N THR G 452 -39.73 17.48 -47.83
CA THR G 452 -40.93 16.65 -47.96
C THR G 452 -41.56 16.23 -46.62
N GLY G 454 -42.18 17.76 -42.69
CA GLY G 454 -42.14 18.81 -41.67
C GLY G 454 -41.43 18.41 -40.38
N PRO G 455 -41.79 17.23 -39.81
CA PRO G 455 -41.05 16.73 -38.63
C PRO G 455 -39.53 16.64 -38.81
N LEU G 456 -39.06 16.17 -39.96
CA LEU G 456 -37.62 16.08 -40.19
C LEU G 456 -36.98 17.49 -40.28
N GLN G 457 -37.65 18.43 -40.94
CA GLN G 457 -37.15 19.82 -40.99
C GLN G 457 -36.98 20.39 -39.59
N THR G 458 -38.01 20.20 -38.76
CA THR G 458 -37.99 20.70 -37.38
C THR G 458 -36.85 20.06 -36.56
N ALA G 459 -36.67 18.75 -36.71
CA ALA G 459 -35.63 18.04 -35.98
C ALA G 459 -34.25 18.52 -36.38
N LEU G 460 -34.02 18.71 -37.69
CA LEU G 460 -32.75 19.26 -38.17
C LEU G 460 -32.51 20.70 -37.66
N ASP G 461 -33.56 21.54 -37.69
CA ASP G 461 -33.45 22.91 -37.15
C ASP G 461 -33.05 22.90 -35.67
N LEU G 462 -33.58 21.94 -34.92
CA LEU G 462 -33.33 21.85 -33.49
C LEU G 462 -31.93 21.30 -33.17
N TRP G 463 -31.54 20.20 -33.80
CA TRP G 463 -30.39 19.41 -33.36
C TRP G 463 -29.20 19.33 -34.31
N LYS G 464 -29.30 19.87 -35.53
CA LYS G 464 -28.26 19.62 -36.55
C LYS G 464 -26.83 19.92 -36.10
N ASP G 465 -26.64 20.93 -35.26
CA ASP G 465 -25.31 21.33 -34.79
C ASP G 465 -24.89 20.70 -33.45
N ILE G 466 -25.70 19.78 -32.92
CA ILE G 466 -25.34 19.08 -31.68
C ILE G 466 -24.31 17.99 -32.01
N THR G 467 -23.12 18.11 -31.41
CA THR G 467 -22.05 17.12 -31.54
C THR G 467 -21.52 16.77 -30.15
N PHE G 468 -20.85 15.63 -30.05
CA PHE G 468 -20.17 15.20 -28.84
C PHE G 468 -18.73 14.83 -29.21
N ASN G 469 -17.90 15.86 -29.40
CA ASN G 469 -16.50 15.68 -29.81
C ASN G 469 -15.60 15.67 -28.59
N TYR G 470 -15.16 14.49 -28.19
CA TYR G 470 -14.24 14.31 -27.07
C TYR G 470 -13.20 13.28 -27.45
N THR G 471 -12.03 13.35 -26.81
CA THR G 471 -10.97 12.36 -27.00
C THR G 471 -11.43 11.01 -26.42
N SER G 472 -11.23 9.94 -27.19
CA SER G 472 -11.55 8.59 -26.76
C SER G 472 -10.55 8.10 -25.71
N THR G 473 -11.02 7.32 -24.75
CA THR G 473 -10.17 6.60 -23.80
C THR G 473 -9.77 5.22 -24.33
N ASP G 474 -10.67 4.57 -25.07
CA ASP G 474 -10.48 3.20 -25.53
C ASP G 474 -10.11 3.24 -27.03
N THR G 475 -8.82 3.10 -27.32
CA THR G 475 -8.29 3.29 -28.68
C THR G 475 -7.32 2.17 -29.07
N ALA G 476 -7.11 2.03 -30.38
CA ALA G 476 -6.21 1.02 -30.91
C ALA G 476 -4.76 1.31 -30.54
N ASP G 477 -3.92 0.28 -30.68
CA ASP G 477 -2.47 0.40 -30.57
C ASP G 477 -1.78 0.31 -31.94
N PHE G 478 -2.53 -0.07 -32.97
CA PHE G 478 -2.02 -0.15 -34.34
C PHE G 478 -2.92 0.65 -35.26
N VAL G 479 -2.35 1.19 -36.33
CA VAL G 479 -3.09 2.04 -37.27
C VAL G 479 -3.06 1.48 -38.69
N GLU G 480 -4.03 1.92 -39.49
CA GLU G 480 -4.06 1.77 -40.95
C GLU G 480 -4.08 0.31 -41.42
N MET H 1 -55.53 4.16 -45.04
CA MET H 1 -54.17 4.15 -44.41
C MET H 1 -53.13 3.67 -45.42
N ARG H 2 -51.86 3.89 -45.08
CA ARG H 2 -50.75 3.43 -45.89
C ARG H 2 -50.11 2.23 -45.19
N LEU H 3 -50.08 1.08 -45.86
CA LEU H 3 -49.40 -0.10 -45.33
C LEU H 3 -47.89 0.16 -45.38
N THR H 4 -47.23 0.24 -44.22
CA THR H 4 -45.81 0.59 -44.17
C THR H 4 -44.87 -0.60 -43.95
N GLN H 5 -45.32 -1.79 -44.35
CA GLN H 5 -44.44 -2.90 -44.62
C GLN H 5 -43.54 -2.51 -45.78
N GLY H 6 -42.33 -3.06 -45.80
CA GLY H 6 -41.37 -2.83 -46.88
C GLY H 6 -40.33 -1.79 -46.49
N THR H 7 -39.17 -1.88 -47.12
CA THR H 7 -38.00 -1.09 -46.74
C THR H 7 -38.16 0.44 -46.95
N PHE H 8 -38.99 0.83 -47.92
CA PHE H 8 -39.10 2.23 -48.36
C PHE H 8 -40.52 2.80 -48.28
N SER H 9 -41.39 2.24 -47.43
CA SER H 9 -42.79 2.68 -47.42
C SER H 9 -43.10 4.01 -46.72
N PHE H 10 -42.12 4.61 -46.05
CA PHE H 10 -42.26 5.99 -45.58
C PHE H 10 -41.84 7.02 -46.63
N LEU H 11 -41.35 6.54 -47.78
CA LEU H 11 -41.09 7.39 -48.94
C LEU H 11 -42.26 7.21 -49.90
N PRO H 12 -42.43 8.15 -50.86
CA PRO H 12 -43.49 7.97 -51.85
C PRO H 12 -43.31 6.68 -52.65
N ASP H 13 -44.41 6.19 -53.22
CA ASP H 13 -44.36 5.01 -54.09
C ASP H 13 -43.24 5.19 -55.13
N LEU H 14 -42.46 4.13 -55.33
CA LEU H 14 -41.25 4.22 -56.15
C LEU H 14 -41.62 4.30 -57.63
N THR H 15 -40.90 5.15 -58.37
CA THR H 15 -41.04 5.19 -59.82
C THR H 15 -40.33 3.97 -60.41
N ASP H 16 -40.60 3.68 -61.68
CA ASP H 16 -39.90 2.57 -62.35
C ASP H 16 -38.37 2.73 -62.37
N GLU H 17 -37.91 3.98 -62.47
CA GLU H 17 -36.49 4.30 -62.46
C GLU H 17 -35.87 4.01 -61.10
N GLN H 18 -36.55 4.40 -60.03
CA GLN H 18 -36.14 4.05 -58.67
C GLN H 18 -36.10 2.55 -58.42
N ILE H 19 -37.14 1.85 -58.87
CA ILE H 19 -37.19 0.38 -58.75
C ILE H 19 -35.97 -0.24 -59.43
N LYS H 20 -35.70 0.19 -60.65
CA LYS H 20 -34.57 -0.34 -61.41
C LYS H 20 -33.22 -0.10 -60.72
N LYS H 21 -33.07 1.05 -60.05
CA LYS H 21 -31.84 1.30 -59.29
C LYS H 21 -31.68 0.31 -58.12
N GLN H 22 -32.79 -0.04 -57.46
CA GLN H 22 -32.74 -1.06 -56.41
C GLN H 22 -32.42 -2.44 -56.96
N VAL H 23 -33.01 -2.76 -58.12
CA VAL H 23 -32.70 -4.01 -58.81
C VAL H 23 -31.21 -4.06 -59.18
N ASP H 24 -30.68 -2.97 -59.75
CA ASP H 24 -29.22 -2.85 -60.03
C ASP H 24 -28.36 -3.07 -58.77
N TYR H 25 -28.78 -2.48 -57.66
CA TYR H 25 -28.08 -2.70 -56.39
C TYR H 25 -28.04 -4.20 -56.04
N ALA H 26 -29.19 -4.86 -56.09
CA ALA H 26 -29.26 -6.29 -55.77
C ALA H 26 -28.41 -7.13 -56.71
N ILE H 27 -28.45 -6.82 -58.01
CA ILE H 27 -27.60 -7.51 -59.01
C ILE H 27 -26.11 -7.32 -58.70
N SER H 28 -25.71 -6.10 -58.35
CA SER H 28 -24.30 -5.81 -58.00
C SER H 28 -23.80 -6.65 -56.82
N GLN H 29 -24.70 -7.00 -55.90
CA GLN H 29 -24.37 -7.86 -54.74
C GLN H 29 -24.54 -9.35 -55.01
N ASN H 30 -24.83 -9.74 -56.26
CA ASN H 30 -25.14 -11.13 -56.64
C ASN H 30 -26.29 -11.75 -55.83
N TRP H 31 -27.31 -10.94 -55.51
CA TRP H 31 -28.50 -11.44 -54.82
C TRP H 31 -29.52 -11.98 -55.81
N ALA H 32 -30.26 -13.01 -55.41
CA ALA H 32 -31.40 -13.49 -56.18
C ALA H 32 -32.57 -12.54 -55.95
N ILE H 33 -33.42 -12.37 -56.96
CA ILE H 33 -34.54 -11.45 -56.89
C ILE H 33 -35.82 -12.21 -57.22
N ASN H 34 -36.88 -11.96 -56.44
CA ASN H 34 -38.21 -12.44 -56.83
C ASN H 34 -39.31 -11.41 -56.59
N ILE H 35 -40.46 -11.68 -57.18
CA ILE H 35 -41.61 -10.78 -57.17
C ILE H 35 -42.76 -11.57 -56.55
N GLU H 36 -43.44 -10.95 -55.59
CA GLU H 36 -44.58 -11.57 -54.92
C GLU H 36 -45.73 -10.59 -54.82
N TYR H 37 -46.95 -11.12 -54.70
CA TYR H 37 -48.16 -10.29 -54.64
C TYR H 37 -49.16 -10.85 -53.63
N THR H 38 -50.01 -9.98 -53.10
CA THR H 38 -51.05 -10.42 -52.16
C THR H 38 -52.24 -9.48 -52.08
N GLU H 39 -53.37 -10.06 -51.67
CA GLU H 39 -54.53 -9.28 -51.27
C GLU H 39 -54.95 -9.59 -49.83
N ASP H 40 -54.00 -10.08 -49.02
CA ASP H 40 -54.16 -10.12 -47.58
C ASP H 40 -53.00 -9.30 -46.98
N PRO H 41 -53.28 -8.08 -46.53
CA PRO H 41 -52.22 -7.20 -46.02
C PRO H 41 -51.76 -7.48 -44.57
N HIS H 42 -52.26 -8.56 -43.96
CA HIS H 42 -51.96 -8.90 -42.56
C HIS H 42 -50.44 -8.86 -42.30
N PRO H 43 -50.01 -8.24 -41.19
CA PRO H 43 -48.55 -8.15 -40.89
C PRO H 43 -47.83 -9.50 -40.77
N ARG H 44 -48.56 -10.55 -40.43
CA ARG H 44 -48.02 -11.91 -40.35
C ARG H 44 -48.42 -12.81 -41.52
N ASN H 45 -48.84 -12.22 -42.63
CA ASN H 45 -49.03 -12.97 -43.86
C ASN H 45 -47.66 -13.19 -44.49
N ASN H 46 -46.99 -14.24 -44.03
CA ASN H 46 -45.59 -14.50 -44.39
C ASN H 46 -45.40 -14.92 -45.84
N PHE H 47 -46.41 -15.55 -46.43
CA PHE H 47 -46.29 -16.17 -47.75
C PHE H 47 -47.19 -15.50 -48.77
N TRP H 48 -46.71 -14.35 -49.26
CA TRP H 48 -47.35 -13.69 -50.39
C TRP H 48 -47.22 -14.64 -51.58
N GLU H 49 -48.08 -14.49 -52.58
CA GLU H 49 -48.10 -15.40 -53.72
C GLU H 49 -46.87 -15.19 -54.60
N LEU H 50 -46.30 -16.27 -55.10
CA LEU H 50 -45.14 -16.19 -55.99
C LEU H 50 -45.57 -15.76 -57.40
N TRP H 51 -44.83 -14.83 -57.99
CA TRP H 51 -44.92 -14.53 -59.43
C TRP H 51 -43.74 -15.26 -60.09
N GLY H 52 -44.00 -16.48 -60.55
CA GLY H 52 -42.96 -17.34 -61.14
C GLY H 52 -41.91 -17.78 -60.14
N LEU H 53 -40.77 -18.19 -60.66
CA LEU H 53 -39.62 -18.55 -59.84
C LEU H 53 -38.74 -17.35 -59.57
N PRO H 54 -37.98 -17.38 -58.46
CA PRO H 54 -36.94 -16.37 -58.29
C PRO H 54 -35.96 -16.40 -59.45
N LEU H 55 -35.34 -15.25 -59.70
CA LEU H 55 -34.33 -15.12 -60.74
C LEU H 55 -32.97 -15.14 -60.06
N PHE H 56 -32.16 -16.14 -60.41
CA PHE H 56 -30.82 -16.29 -59.88
C PHE H 56 -29.81 -15.95 -60.99
N ASP H 57 -28.62 -15.46 -60.60
CA ASP H 57 -27.53 -15.13 -61.55
C ASP H 57 -27.97 -14.12 -62.63
N ILE H 58 -28.59 -13.02 -62.19
CA ILE H 58 -29.20 -12.06 -63.12
C ILE H 58 -28.13 -11.12 -63.66
N ASN H 59 -28.08 -10.97 -64.98
CA ASN H 59 -27.16 -10.03 -65.64
C ASN H 59 -27.80 -8.67 -65.86
N ASP H 60 -29.06 -8.66 -66.30
CA ASP H 60 -29.74 -7.47 -66.80
C ASP H 60 -30.94 -7.13 -65.91
N ALA H 61 -31.00 -5.89 -65.42
CA ALA H 61 -32.15 -5.44 -64.66
C ALA H 61 -33.47 -5.47 -65.46
N ALA H 62 -33.38 -5.32 -66.78
CA ALA H 62 -34.58 -5.33 -67.66
C ALA H 62 -35.39 -6.63 -67.57
N THR H 63 -34.71 -7.76 -67.35
CA THR H 63 -35.37 -9.05 -67.13
C THR H 63 -36.34 -8.97 -65.93
N VAL H 64 -35.87 -8.37 -64.84
CA VAL H 64 -36.68 -8.17 -63.65
C VAL H 64 -37.80 -7.15 -63.94
N MET H 65 -37.46 -6.07 -64.63
CA MET H 65 -38.46 -5.05 -64.96
C MET H 65 -39.58 -5.63 -65.84
N TYR H 66 -39.22 -6.51 -66.78
CA TYR H 66 -40.20 -7.15 -67.64
C TYR H 66 -41.21 -7.95 -66.82
N GLU H 67 -40.71 -8.73 -65.87
CA GLU H 67 -41.57 -9.54 -64.99
C GLU H 67 -42.40 -8.69 -64.02
N ILE H 68 -41.84 -7.57 -63.56
CA ILE H 68 -42.61 -6.62 -62.75
C ILE H 68 -43.83 -6.13 -63.57
N GLY H 69 -43.59 -5.74 -64.82
CA GLY H 69 -44.67 -5.31 -65.71
C GLY H 69 -45.70 -6.39 -65.96
N SER H 70 -45.22 -7.63 -66.17
CA SER H 70 -46.12 -8.76 -66.40
C SER H 70 -46.99 -9.02 -65.17
N CYS H 71 -46.39 -8.98 -63.98
CA CYS H 71 -47.15 -9.18 -62.74
C CYS H 71 -48.21 -8.10 -62.55
N ARG H 72 -47.81 -6.85 -62.79
CA ARG H 72 -48.72 -5.70 -62.72
C ARG H 72 -49.95 -5.80 -63.64
N GLN H 73 -49.75 -6.31 -64.85
CA GLN H 73 -50.87 -6.49 -65.78
C GLN H 73 -51.95 -7.43 -65.23
N GLN H 74 -51.54 -8.41 -64.43
CA GLN H 74 -52.47 -9.35 -63.81
C GLN H 74 -52.91 -8.94 -62.40
N HIS H 75 -52.11 -8.14 -61.70
CA HIS H 75 -52.29 -7.90 -60.25
C HIS H 75 -52.00 -6.46 -59.74
N SER H 76 -51.96 -5.43 -60.58
CA SER H 76 -51.59 -4.07 -60.07
C SER H 76 -52.64 -3.38 -59.17
N ASN H 77 -53.87 -3.91 -59.15
CA ASN H 77 -54.88 -3.49 -58.15
C ASN H 77 -54.57 -3.91 -56.67
N VAL H 78 -53.64 -4.84 -56.48
CA VAL H 78 -53.32 -5.36 -55.13
C VAL H 78 -51.87 -5.01 -54.77
N TYR H 79 -51.33 -5.62 -53.71
CA TYR H 79 -49.94 -5.41 -53.31
C TYR H 79 -48.99 -6.26 -54.14
N ILE H 80 -47.88 -5.67 -54.54
CA ILE H 80 -46.78 -6.37 -55.18
C ILE H 80 -45.49 -5.88 -54.51
N LYS H 81 -44.58 -6.80 -54.22
CA LYS H 81 -43.29 -6.46 -53.64
C LYS H 81 -42.15 -7.16 -54.37
N VAL H 82 -40.97 -6.57 -54.27
CA VAL H 82 -39.74 -7.15 -54.81
C VAL H 82 -38.88 -7.54 -53.61
N ASN H 83 -38.39 -8.78 -53.63
CA ASN H 83 -37.49 -9.28 -52.60
C ASN H 83 -36.14 -9.64 -53.21
N ALA H 84 -35.07 -9.43 -52.45
CA ALA H 84 -33.74 -9.91 -52.79
C ALA H 84 -33.27 -10.88 -51.70
N PHE H 85 -32.61 -11.97 -52.13
CA PHE H 85 -32.20 -13.06 -51.24
C PHE H 85 -30.72 -13.30 -51.38
N ASP H 86 -30.06 -13.52 -50.24
CA ASP H 86 -28.65 -13.81 -50.18
C ASP H 86 -28.47 -15.20 -49.57
N ASN H 87 -27.97 -16.15 -50.37
CA ASN H 87 -27.75 -17.54 -49.92
C ASN H 87 -26.36 -17.83 -49.31
N THR H 88 -25.57 -16.79 -49.01
CA THR H 88 -24.31 -16.94 -48.28
C THR H 88 -24.58 -17.59 -46.93
N ARG H 89 -23.75 -18.56 -46.52
CA ARG H 89 -23.99 -19.21 -45.22
C ARG H 89 -23.97 -18.18 -44.10
N GLY H 90 -24.93 -18.31 -43.18
CA GLY H 90 -25.12 -17.36 -42.09
C GLY H 90 -26.10 -16.24 -42.41
N VAL H 91 -26.46 -16.07 -43.69
CA VAL H 91 -27.52 -15.16 -44.07
C VAL H 91 -28.68 -16.04 -44.52
N GLU H 92 -28.62 -16.57 -45.74
CA GLU H 92 -29.63 -17.50 -46.25
C GLU H 92 -31.04 -17.00 -45.95
N SER H 93 -31.28 -15.77 -46.39
CA SER H 93 -32.49 -15.05 -46.06
C SER H 93 -32.69 -13.88 -46.98
N CYS H 94 -33.88 -13.31 -46.92
CA CYS H 94 -34.17 -12.06 -47.56
C CYS H 94 -33.27 -10.97 -46.97
N VAL H 95 -32.74 -10.11 -47.83
CA VAL H 95 -31.92 -8.98 -47.42
C VAL H 95 -32.46 -7.62 -47.90
N LEU H 96 -33.62 -7.61 -48.55
CA LEU H 96 -34.24 -6.39 -49.06
C LEU H 96 -35.64 -6.76 -49.54
N SER H 97 -36.63 -5.99 -49.11
CA SER H 97 -38.01 -6.23 -49.53
C SER H 97 -38.77 -4.93 -49.51
N PHE H 98 -39.27 -4.51 -50.67
CA PHE H 98 -39.98 -3.25 -50.79
C PHE H 98 -41.20 -3.37 -51.69
N LEU H 99 -42.23 -2.60 -51.35
CA LEU H 99 -43.47 -2.59 -52.11
C LEU H 99 -43.27 -1.81 -53.41
N ILE H 100 -43.81 -2.33 -54.50
CA ILE H 100 -43.84 -1.63 -55.80
C ILE H 100 -45.24 -1.32 -56.29
N ASN H 101 -46.26 -1.92 -55.68
CA ASN H 101 -47.65 -1.58 -55.94
C ASN H 101 -48.44 -1.69 -54.66
N ARG H 102 -49.44 -0.81 -54.55
CA ARG H 102 -50.40 -0.88 -53.47
C ARG H 102 -51.76 -0.50 -54.03
N PRO H 103 -52.85 -0.97 -53.41
CA PRO H 103 -54.19 -0.61 -53.87
C PRO H 103 -54.42 0.90 -53.77
N SER H 104 -55.33 1.41 -54.60
CA SER H 104 -55.67 2.84 -54.57
C SER H 104 -56.24 3.25 -53.21
N TYR H 105 -57.00 2.35 -52.59
CA TYR H 105 -57.48 2.56 -51.22
C TYR H 105 -57.27 1.31 -50.34
N GLU H 106 -56.56 1.52 -49.22
CA GLU H 106 -56.34 0.49 -48.22
C GLU H 106 -57.11 0.88 -46.95
N PRO H 107 -58.24 0.19 -46.67
CA PRO H 107 -58.98 0.51 -45.45
C PRO H 107 -58.28 0.17 -44.14
N GLY H 108 -57.38 -0.81 -44.18
CA GLY H 108 -56.53 -1.12 -43.03
C GLY H 108 -57.18 -2.14 -42.12
N PHE H 109 -57.06 -1.94 -40.81
CA PHE H 109 -57.38 -2.99 -39.83
C PHE H 109 -58.28 -2.53 -38.70
N ARG H 110 -59.19 -3.42 -38.30
CA ARG H 110 -59.87 -3.33 -37.02
C ARG H 110 -59.05 -4.07 -35.96
N LEU H 111 -58.74 -3.40 -34.85
CA LEU H 111 -58.14 -4.07 -33.70
C LEU H 111 -59.24 -4.74 -32.90
N VAL H 112 -59.23 -6.08 -32.89
CA VAL H 112 -60.22 -6.88 -32.18
C VAL H 112 -59.63 -7.27 -30.83
N ARG H 113 -60.43 -7.12 -29.78
CA ARG H 113 -60.03 -7.43 -28.41
C ARG H 113 -60.99 -8.45 -27.81
N SER H 114 -60.46 -9.37 -27.01
CA SER H 114 -61.29 -10.28 -26.23
C SER H 114 -60.85 -10.24 -24.78
N GLU H 115 -61.83 -10.33 -23.88
CA GLU H 115 -61.54 -10.43 -22.45
C GLU H 115 -60.85 -11.75 -22.18
N ASP H 116 -59.82 -11.75 -21.35
CA ASP H 116 -59.17 -12.99 -20.95
C ASP H 116 -58.99 -12.99 -19.45
N ILE H 117 -57.94 -13.62 -18.92
CA ILE H 117 -57.83 -13.79 -17.48
C ILE H 117 -57.40 -12.48 -16.81
N SER H 118 -57.99 -12.18 -15.65
CA SER H 118 -57.76 -10.93 -14.95
C SER H 118 -57.87 -9.73 -15.92
N ARG H 119 -56.81 -8.94 -16.11
CA ARG H 119 -56.82 -7.80 -17.05
C ARG H 119 -56.24 -8.16 -18.42
N ASN H 120 -55.77 -9.38 -18.62
CA ASN H 120 -55.18 -9.78 -19.89
C ASN H 120 -56.25 -9.78 -20.99
N GLN H 121 -55.87 -9.36 -22.19
CA GLN H 121 -56.73 -9.48 -23.36
C GLN H 121 -56.04 -10.30 -24.45
N LYS H 122 -56.85 -10.84 -25.35
CA LYS H 122 -56.34 -11.47 -26.57
C LYS H 122 -56.69 -10.56 -27.72
N TYR H 123 -55.75 -10.38 -28.65
CA TYR H 123 -55.90 -9.42 -29.73
C TYR H 123 -55.84 -10.10 -31.09
N SER H 124 -56.53 -9.50 -32.06
CA SER H 124 -56.52 -9.95 -33.46
C SER H 124 -56.53 -8.72 -34.36
N PHE H 125 -55.81 -8.81 -35.47
CA PHE H 125 -55.80 -7.77 -36.51
C PHE H 125 -56.71 -8.24 -37.66
N HIS H 126 -57.88 -7.61 -37.78
CA HIS H 126 -58.85 -7.92 -38.82
C HIS H 126 -58.71 -6.96 -40.01
N SER H 127 -58.38 -7.50 -41.19
CA SER H 127 -58.24 -6.68 -42.41
C SER H 127 -59.61 -6.38 -42.97
N TYR H 128 -59.94 -5.09 -43.08
CA TYR H 128 -61.22 -4.69 -43.71
C TYR H 128 -61.33 -5.19 -45.15
N ALA H 129 -60.22 -5.18 -45.89
CA ALA H 129 -60.23 -5.70 -47.27
C ALA H 129 -60.71 -7.15 -47.33
N THR H 130 -60.31 -7.96 -46.34
CA THR H 130 -60.71 -9.37 -46.26
C THR H 130 -62.18 -9.61 -45.86
N ASP H 131 -62.96 -8.55 -45.62
CA ASP H 131 -64.42 -8.69 -45.50
C ASP H 131 -65.04 -9.19 -46.80
N LYS H 132 -64.35 -9.01 -47.92
CA LYS H 132 -64.75 -9.56 -49.20
C LYS H 132 -63.85 -10.71 -49.64
N PRO H 133 -64.37 -11.60 -50.50
CA PRO H 133 -63.55 -12.69 -51.02
C PRO H 133 -62.43 -12.24 -51.94
N GLU H 134 -61.43 -13.11 -52.10
CA GLU H 134 -60.32 -12.87 -53.02
C GLU H 134 -60.86 -12.58 -54.43
N GLY H 135 -60.27 -11.59 -55.09
CA GLY H 135 -60.76 -11.11 -56.38
C GLY H 135 -61.73 -9.95 -56.29
N SER H 136 -62.32 -9.72 -55.11
CA SER H 136 -63.28 -8.64 -54.87
C SER H 136 -62.86 -7.68 -53.75
N ARG H 137 -61.59 -7.75 -53.33
CA ARG H 137 -61.16 -7.00 -52.12
C ARG H 137 -60.74 -5.58 -52.38
N TYR H 138 -60.08 -5.36 -53.52
CA TYR H 138 -59.51 -4.07 -53.85
C TYR H 138 -59.86 -3.68 -55.28
N SER I 2 -24.39 -24.69 48.02
CA SER I 2 -24.49 -25.20 46.62
C SER I 2 -24.07 -24.11 45.61
N VAL I 3 -23.58 -24.55 44.45
CA VAL I 3 -23.19 -23.63 43.36
C VAL I 3 -24.35 -22.68 42.96
N GLU I 4 -25.58 -23.21 42.96
CA GLU I 4 -26.78 -22.43 42.64
C GLU I 4 -26.94 -21.28 43.64
N GLU I 5 -26.79 -21.58 44.93
CA GLU I 5 -26.91 -20.58 45.98
C GLU I 5 -25.81 -19.52 45.89
N ARG I 6 -24.56 -19.98 45.69
CA ARG I 6 -23.41 -19.07 45.55
C ARG I 6 -23.49 -18.14 44.34
N THR I 7 -24.07 -18.63 43.22
CA THR I 7 -24.14 -17.87 41.97
C THR I 7 -25.47 -17.08 41.77
N ARG I 8 -26.33 -17.06 42.80
CA ARG I 8 -27.53 -16.19 42.81
C ARG I 8 -27.14 -14.75 42.54
N ILE I 9 -27.91 -14.07 41.69
CA ILE I 9 -27.65 -12.65 41.38
C ILE I 9 -28.09 -11.80 42.59
N LYS I 10 -27.17 -10.95 43.04
CA LYS I 10 -27.39 -10.04 44.18
C LYS I 10 -27.80 -8.62 43.75
N ASN I 11 -27.35 -8.21 42.56
CA ASN I 11 -27.76 -6.93 41.94
C ASN I 11 -29.24 -6.62 42.10
N GLU I 12 -29.56 -5.39 42.52
CA GLU I 12 -30.93 -4.96 42.83
C GLU I 12 -31.91 -5.29 41.70
N ARG I 13 -31.54 -4.91 40.47
CA ARG I 13 -32.42 -5.01 39.30
C ARG I 13 -32.68 -6.47 38.87
N TYR I 14 -31.64 -7.31 38.94
CA TYR I 14 -31.74 -8.70 38.43
C TYR I 14 -31.74 -9.80 39.49
N GLU I 15 -31.82 -9.46 40.78
CA GLU I 15 -32.10 -10.48 41.80
C GLU I 15 -33.58 -10.88 41.71
N SER I 16 -33.87 -12.12 42.05
CA SER I 16 -35.21 -12.68 41.91
C SER I 16 -36.26 -11.89 42.67
N GLY I 17 -37.45 -11.81 42.08
CA GLY I 17 -38.61 -11.24 42.75
C GLY I 17 -39.34 -10.24 41.87
N VAL I 18 -40.43 -9.72 42.42
CA VAL I 18 -41.31 -8.80 41.71
C VAL I 18 -40.91 -7.38 42.01
N ILE I 19 -40.72 -6.57 40.96
CA ILE I 19 -40.57 -5.13 41.11
C ILE I 19 -41.51 -4.45 40.11
N PRO I 20 -41.95 -3.20 40.39
CA PRO I 20 -42.85 -2.51 39.47
C PRO I 20 -42.27 -2.38 38.06
N TYR I 21 -43.12 -2.45 37.04
CA TYR I 21 -42.68 -2.28 35.65
C TYR I 21 -42.00 -0.93 35.41
N ALA I 22 -42.47 0.11 36.10
CA ALA I 22 -41.88 1.44 35.99
C ALA I 22 -40.45 1.55 36.54
N LYS I 23 -40.00 0.55 37.30
CA LYS I 23 -38.60 0.46 37.72
C LYS I 23 -37.83 -0.65 37.00
N MET I 24 -38.42 -1.25 35.98
CA MET I 24 -37.77 -2.32 35.20
C MET I 24 -37.19 -1.81 33.87
N GLY I 25 -37.37 -0.50 33.59
CA GLY I 25 -36.89 0.13 32.35
C GLY I 25 -38.00 0.47 31.36
N TYR I 26 -39.26 0.22 31.72
CA TYR I 26 -40.38 0.43 30.80
C TYR I 26 -41.05 1.82 30.94
N TRP I 27 -40.52 2.66 31.84
CA TRP I 27 -40.89 4.06 31.98
C TRP I 27 -39.65 4.89 31.81
N ASP I 28 -39.63 5.76 30.80
CA ASP I 28 -38.52 6.66 30.59
C ASP I 28 -39.03 7.96 29.94
N PRO I 29 -39.35 8.96 30.78
CA PRO I 29 -39.86 10.23 30.25
C PRO I 29 -38.82 11.06 29.48
N ASN I 30 -37.54 10.72 29.56
CA ASN I 30 -36.51 11.38 28.77
C ASN I 30 -36.06 10.57 27.54
N TYR I 31 -36.76 9.49 27.23
CA TYR I 31 -36.39 8.67 26.07
C TYR I 31 -36.45 9.50 24.78
N ALA I 32 -35.37 9.44 24.00
CA ALA I 32 -35.29 10.12 22.71
C ALA I 32 -35.85 9.19 21.61
N VAL I 33 -37.03 9.51 21.09
CA VAL I 33 -37.69 8.69 20.08
C VAL I 33 -36.86 8.66 18.80
N LYS I 34 -36.63 7.47 18.27
CA LYS I 34 -35.93 7.32 17.01
C LYS I 34 -36.92 7.27 15.85
N ASP I 35 -36.45 7.71 14.69
CA ASP I 35 -37.26 7.72 13.47
C ASP I 35 -37.59 6.32 12.94
N THR I 36 -36.87 5.30 13.43
CA THR I 36 -37.21 3.90 13.15
C THR I 36 -38.11 3.22 14.19
N ASP I 37 -38.40 3.87 15.31
CA ASP I 37 -39.25 3.28 16.34
C ASP I 37 -40.69 3.17 15.87
N ILE I 38 -41.33 2.06 16.24
CA ILE I 38 -42.78 1.92 16.16
C ILE I 38 -43.31 2.61 17.41
N LEU I 39 -44.27 3.52 17.24
CA LEU I 39 -44.92 4.18 18.39
C LEU I 39 -46.37 3.75 18.47
N ALA I 40 -46.89 3.63 19.70
CA ALA I 40 -48.30 3.34 19.94
C ALA I 40 -48.84 4.32 20.96
N LEU I 41 -50.10 4.72 20.76
CA LEU I 41 -50.82 5.55 21.72
C LEU I 41 -51.95 4.72 22.27
N PHE I 42 -51.91 4.47 23.58
CA PHE I 42 -52.97 3.76 24.27
C PHE I 42 -53.77 4.75 25.14
N ARG I 43 -55.09 4.55 25.18
CA ARG I 43 -55.97 5.16 26.18
C ARG I 43 -56.05 4.16 27.34
N VAL I 44 -55.43 4.52 28.46
CA VAL I 44 -55.23 3.61 29.60
C VAL I 44 -56.12 4.02 30.76
N SER I 45 -56.97 3.09 31.21
CA SER I 45 -57.84 3.28 32.37
C SER I 45 -57.38 2.34 33.49
N PRO I 46 -56.53 2.82 34.40
CA PRO I 46 -56.05 1.95 35.47
C PRO I 46 -57.14 1.55 36.46
N GLN I 47 -56.99 0.37 37.05
CA GLN I 47 -57.83 0.01 38.20
C GLN I 47 -57.62 1.05 39.31
N PRO I 48 -58.62 1.22 40.20
CA PRO I 48 -58.40 2.13 41.32
C PRO I 48 -57.21 1.66 42.18
N GLY I 49 -56.37 2.61 42.58
CA GLY I 49 -55.16 2.33 43.35
C GLY I 49 -53.92 2.05 42.51
N VAL I 50 -54.08 1.86 41.20
CA VAL I 50 -52.93 1.62 40.31
C VAL I 50 -52.46 2.97 39.76
N ASP I 51 -51.19 3.26 39.97
CA ASP I 51 -50.58 4.49 39.49
C ASP I 51 -50.62 4.55 37.95
N PRO I 52 -50.99 5.71 37.36
CA PRO I 52 -51.08 5.83 35.89
C PRO I 52 -49.79 5.50 35.13
N VAL I 53 -48.64 5.90 35.67
CA VAL I 53 -47.32 5.59 35.07
C VAL I 53 -47.02 4.10 35.19
N GLU I 54 -47.33 3.51 36.35
CA GLU I 54 -47.17 2.06 36.53
C GLU I 54 -48.05 1.25 35.55
N ALA I 55 -49.30 1.67 35.34
CA ALA I 55 -50.19 0.98 34.41
C ALA I 55 -49.63 1.09 32.98
N SER I 56 -49.15 2.29 32.64
CA SER I 56 -48.55 2.56 31.32
C SER I 56 -47.28 1.75 31.09
N ALA I 57 -46.41 1.69 32.10
CA ALA I 57 -45.22 0.86 32.05
C ALA I 57 -45.52 -0.65 31.95
N ALA I 58 -46.61 -1.10 32.57
CA ALA I 58 -47.05 -2.50 32.47
C ALA I 58 -47.46 -2.84 31.05
N VAL I 59 -48.18 -1.92 30.41
CA VAL I 59 -48.58 -2.11 29.01
C VAL I 59 -47.32 -2.17 28.13
N ALA I 60 -46.38 -1.26 28.36
CA ALA I 60 -45.11 -1.25 27.62
C ALA I 60 -44.30 -2.53 27.86
N GLY I 61 -44.23 -2.96 29.11
CA GLY I 61 -43.52 -4.18 29.47
C GLY I 61 -44.08 -5.44 28.84
N GLU I 62 -45.37 -5.63 29.01
CA GLU I 62 -46.04 -6.85 28.57
C GLU I 62 -46.39 -6.88 27.08
N SER I 63 -46.13 -5.79 26.36
CA SER I 63 -46.20 -5.77 24.90
C SER I 63 -44.80 -5.75 24.27
N SER I 64 -43.75 -5.98 25.07
CA SER I 64 -42.39 -5.98 24.54
C SER I 64 -41.57 -7.15 25.08
N THR I 65 -40.95 -6.99 26.26
CA THR I 65 -40.01 -8.00 26.79
C THR I 65 -40.27 -8.49 28.22
N ALA I 66 -41.17 -7.84 28.94
CA ALA I 66 -41.32 -8.07 30.38
C ALA I 66 -42.17 -9.29 30.69
N THR I 67 -41.97 -9.81 31.90
CA THR I 67 -43.00 -10.60 32.56
C THR I 67 -43.20 -10.05 33.99
N TRP I 68 -43.92 -10.78 34.82
CA TRP I 68 -44.41 -10.28 36.12
C TRP I 68 -43.37 -10.34 37.25
N THR I 69 -42.27 -11.05 37.00
CA THR I 69 -41.19 -11.22 37.96
C THR I 69 -39.86 -11.11 37.19
N VAL I 70 -38.77 -10.85 37.91
CA VAL I 70 -37.48 -10.60 37.29
C VAL I 70 -36.89 -11.90 36.74
N VAL I 71 -36.26 -11.83 35.56
CA VAL I 71 -35.63 -12.99 34.94
C VAL I 71 -34.19 -12.66 34.53
N TRP I 72 -33.24 -13.52 34.94
CA TRP I 72 -31.82 -13.31 34.65
C TRP I 72 -31.51 -13.37 33.16
N THR I 73 -32.34 -14.10 32.43
CA THR I 73 -32.18 -14.28 30.98
C THR I 73 -32.25 -12.98 30.18
N ASP I 74 -32.80 -11.90 30.77
CA ASP I 74 -32.64 -10.54 30.21
C ASP I 74 -31.20 -10.22 29.82
N LEU I 75 -30.25 -10.64 30.66
CA LEU I 75 -28.85 -10.28 30.51
C LEU I 75 -28.12 -11.03 29.38
N LEU I 76 -28.78 -12.03 28.80
CA LEU I 76 -28.33 -12.67 27.55
C LEU I 76 -28.66 -11.84 26.30
N THR I 77 -29.46 -10.79 26.44
CA THR I 77 -29.90 -9.95 25.33
C THR I 77 -29.45 -8.51 25.53
N ALA I 78 -29.58 -7.70 24.47
CA ALA I 78 -29.38 -6.25 24.55
C ALA I 78 -30.69 -5.66 25.10
N CYS I 79 -30.93 -5.92 26.39
CA CYS I 79 -32.23 -5.68 26.99
C CYS I 79 -32.63 -4.19 27.00
N ASP I 80 -31.65 -3.28 27.17
CA ASP I 80 -31.95 -1.84 27.18
C ASP I 80 -32.51 -1.32 25.86
N LEU I 81 -32.11 -1.97 24.77
CA LEU I 81 -32.63 -1.65 23.45
C LEU I 81 -34.01 -2.27 23.23
N TYR I 82 -34.21 -3.53 23.60
CA TYR I 82 -35.46 -4.24 23.29
C TYR I 82 -36.66 -3.87 24.17
N ARG I 83 -36.42 -3.47 25.41
CA ARG I 83 -37.53 -2.99 26.25
C ARG I 83 -38.25 -1.85 25.55
N ALA I 84 -39.57 -1.91 25.50
CA ALA I 84 -40.37 -0.76 25.05
C ALA I 84 -40.39 0.27 26.17
N LYS I 85 -40.52 1.55 25.81
CA LYS I 85 -40.54 2.62 26.82
C LYS I 85 -41.80 3.42 26.67
N ALA I 86 -42.62 3.43 27.73
CA ALA I 86 -43.63 4.47 27.89
C ALA I 86 -42.82 5.75 28.11
N TYR I 87 -42.95 6.70 27.20
CA TYR I 87 -42.14 7.93 27.24
C TYR I 87 -42.94 9.21 27.54
N LYS I 88 -44.28 9.11 27.50
CA LYS I 88 -45.14 10.22 27.86
C LYS I 88 -46.48 9.66 28.34
N VAL I 89 -46.97 10.16 29.48
CA VAL I 89 -48.26 9.77 30.04
C VAL I 89 -49.03 11.05 30.41
N GLU I 90 -50.16 11.29 29.77
CA GLU I 90 -50.96 12.51 29.97
C GLU I 90 -52.39 12.17 30.35
N SER I 91 -53.05 13.09 31.06
CA SER I 91 -54.49 12.98 31.31
C SER I 91 -55.28 13.16 30.03
N VAL I 92 -56.27 12.30 29.82
CA VAL I 92 -57.21 12.47 28.72
C VAL I 92 -58.13 13.64 29.10
N PRO I 93 -58.30 14.63 28.22
CA PRO I 93 -59.21 15.75 28.50
C PRO I 93 -60.61 15.29 28.91
N ASN I 94 -61.19 15.96 29.89
CA ASN I 94 -62.56 15.73 30.35
C ASN I 94 -62.82 14.35 30.99
N THR I 95 -61.77 13.70 31.48
CA THR I 95 -61.86 12.47 32.27
C THR I 95 -60.87 12.58 33.42
N SER I 96 -61.11 11.86 34.51
CA SER I 96 -60.22 11.94 35.69
C SER I 96 -59.29 10.74 35.87
N ASP I 97 -59.64 9.60 35.28
CA ASP I 97 -58.90 8.35 35.53
C ASP I 97 -58.53 7.65 34.21
N GLN I 98 -58.36 8.43 33.14
CA GLN I 98 -58.01 7.96 31.80
C GLN I 98 -56.76 8.69 31.33
N TYR I 99 -55.84 7.96 30.71
CA TYR I 99 -54.55 8.54 30.35
C TYR I 99 -54.13 8.15 28.96
N PHE I 100 -53.45 9.06 28.27
CA PHE I 100 -52.81 8.76 27.00
C PHE I 100 -51.38 8.32 27.30
N ALA I 101 -51.05 7.07 26.92
CA ALA I 101 -49.70 6.55 27.10
C ALA I 101 -49.04 6.36 25.74
N TYR I 102 -47.95 7.11 25.54
CA TYR I 102 -47.16 7.03 24.32
C TYR I 102 -46.01 6.05 24.61
N ILE I 103 -45.91 5.00 23.78
CA ILE I 103 -44.96 3.91 23.99
C ILE I 103 -44.15 3.70 22.70
N SER I 104 -42.84 3.55 22.87
CA SER I 104 -41.89 3.35 21.77
C SER I 104 -41.36 1.92 21.77
N TYR I 105 -41.30 1.33 20.58
CA TYR I 105 -40.82 -0.04 20.37
C TYR I 105 -39.74 -0.02 19.29
N ASP I 106 -38.60 -0.64 19.56
CA ASP I 106 -37.56 -0.69 18.55
C ASP I 106 -38.01 -1.50 17.34
N ILE I 107 -37.58 -1.09 16.16
CA ILE I 107 -37.91 -1.79 14.92
C ILE I 107 -37.49 -3.27 14.93
N ASP I 108 -36.41 -3.60 15.65
CA ASP I 108 -35.93 -5.00 15.74
C ASP I 108 -36.85 -5.95 16.48
N LEU I 109 -37.85 -5.43 17.20
CA LEU I 109 -38.85 -6.28 17.84
C LEU I 109 -39.77 -7.00 16.87
N PHE I 110 -39.83 -6.55 15.61
CA PHE I 110 -40.90 -6.94 14.72
C PHE I 110 -40.43 -7.74 13.52
N GLU I 111 -41.24 -8.72 13.13
CA GLU I 111 -41.02 -9.44 11.89
C GLU I 111 -41.41 -8.54 10.73
N GLU I 112 -40.50 -8.45 9.77
CA GLU I 112 -40.67 -7.65 8.58
C GLU I 112 -41.92 -8.16 7.83
N GLY I 113 -42.78 -7.23 7.45
CA GLY I 113 -43.94 -7.53 6.61
C GLY I 113 -45.05 -8.34 7.23
N SER I 114 -45.09 -8.46 8.55
CA SER I 114 -46.07 -9.30 9.23
C SER I 114 -47.01 -8.51 10.16
N ILE I 115 -48.27 -8.38 9.73
CA ILE I 115 -49.31 -7.83 10.59
C ILE I 115 -49.56 -8.74 11.80
N ALA I 116 -49.61 -10.06 11.58
CA ALA I 116 -49.72 -11.00 12.70
C ALA I 116 -48.67 -10.76 13.78
N ASN I 117 -47.42 -10.53 13.39
CA ASN I 117 -46.37 -10.28 14.39
C ASN I 117 -46.49 -8.92 15.09
N LEU I 118 -46.78 -7.88 14.31
CA LEU I 118 -46.97 -6.54 14.85
C LEU I 118 -48.07 -6.57 15.90
N THR I 119 -49.21 -7.15 15.55
CA THR I 119 -50.36 -7.21 16.45
C THR I 119 -50.14 -8.15 17.62
N ALA I 120 -49.38 -9.24 17.41
CA ALA I 120 -49.03 -10.15 18.51
C ALA I 120 -48.41 -9.37 19.69
N SER I 121 -47.49 -8.47 19.40
CA SER I 121 -46.89 -7.62 20.44
C SER I 121 -47.86 -6.56 20.95
N ILE I 122 -48.36 -5.73 20.03
CA ILE I 122 -49.08 -4.52 20.43
C ILE I 122 -50.44 -4.82 21.08
N ILE I 123 -51.15 -5.83 20.58
CA ILE I 123 -52.48 -6.18 21.14
C ILE I 123 -52.61 -7.59 21.73
N GLY I 124 -51.52 -8.36 21.79
CA GLY I 124 -51.59 -9.78 22.17
C GLY I 124 -52.25 -10.08 23.50
N ASN I 125 -51.69 -9.50 24.56
CA ASN I 125 -52.11 -9.78 25.95
C ASN I 125 -52.56 -8.60 26.78
N VAL I 126 -52.08 -7.39 26.46
CA VAL I 126 -52.23 -6.24 27.38
C VAL I 126 -53.67 -5.80 27.67
N PHE I 127 -54.60 -6.11 26.78
CA PHE I 127 -56.02 -5.73 26.96
C PHE I 127 -56.72 -6.56 28.02
N GLY I 128 -56.13 -7.69 28.40
CA GLY I 128 -56.68 -8.57 29.43
C GLY I 128 -56.02 -8.45 30.79
N PHE I 129 -55.09 -7.50 30.96
CA PHE I 129 -54.42 -7.34 32.26
C PHE I 129 -55.34 -6.85 33.35
N LYS I 130 -55.33 -7.56 34.49
CA LYS I 130 -56.18 -7.22 35.63
C LYS I 130 -56.01 -5.77 36.05
N ALA I 131 -54.76 -5.30 36.08
CA ALA I 131 -54.43 -3.99 36.65
C ALA I 131 -54.95 -2.79 35.84
N VAL I 132 -55.35 -3.01 34.58
CA VAL I 132 -56.06 -2.00 33.79
C VAL I 132 -57.50 -2.47 33.58
N LYS I 133 -58.48 -1.67 34.01
CA LYS I 133 -59.87 -2.04 33.80
C LYS I 133 -60.34 -1.79 32.37
N ALA I 134 -59.64 -0.91 31.65
CA ALA I 134 -59.88 -0.70 30.22
C ALA I 134 -58.64 -0.20 29.49
N LEU I 135 -58.60 -0.46 28.20
CA LEU I 135 -57.45 -0.16 27.37
C LEU I 135 -57.91 -0.03 25.92
N ARG I 136 -57.49 1.03 25.26
CA ARG I 136 -57.82 1.21 23.85
C ARG I 136 -56.60 1.67 23.06
N LEU I 137 -56.33 1.00 21.95
CA LEU I 137 -55.27 1.42 21.03
C LEU I 137 -55.84 2.48 20.10
N GLU I 138 -55.32 3.70 20.19
CA GLU I 138 -55.88 4.86 19.47
C GLU I 138 -55.17 5.14 18.15
N ASP I 139 -53.84 5.07 18.16
CA ASP I 139 -53.05 5.35 16.97
C ASP I 139 -51.69 4.66 17.08
N MET I 140 -51.00 4.58 15.95
CA MET I 140 -49.64 4.09 15.90
C MET I 140 -48.85 4.90 14.90
N ARG I 141 -47.55 5.11 15.18
CA ARG I 141 -46.63 5.64 14.19
C ARG I 141 -45.84 4.46 13.62
N ILE I 142 -46.15 4.09 12.38
CA ILE I 142 -45.43 3.04 11.68
C ILE I 142 -44.33 3.75 10.91
N PRO I 143 -43.06 3.52 11.29
CA PRO I 143 -41.97 4.26 10.66
C PRO I 143 -41.76 3.81 9.21
N VAL I 144 -41.18 4.70 8.41
CA VAL I 144 -40.94 4.44 6.99
C VAL I 144 -40.17 3.13 6.78
N ALA I 145 -39.15 2.89 7.61
CA ALA I 145 -38.31 1.70 7.47
C ALA I 145 -39.05 0.39 7.71
N TYR I 146 -40.11 0.43 8.53
CA TYR I 146 -40.97 -0.75 8.70
C TYR I 146 -42.03 -0.84 7.59
N LEU I 147 -42.59 0.29 7.19
CA LEU I 147 -43.55 0.33 6.07
C LEU I 147 -42.99 -0.25 4.78
N LYS I 148 -41.70 0.00 4.51
CA LYS I 148 -41.07 -0.54 3.31
C LYS I 148 -40.97 -2.08 3.26
N THR I 149 -41.24 -2.76 4.37
CA THR I 149 -41.31 -4.23 4.39
C THR I 149 -42.70 -4.78 4.03
N PHE I 150 -43.66 -3.88 3.77
CA PHE I 150 -45.03 -4.27 3.40
C PHE I 150 -45.34 -3.87 1.96
N GLN I 151 -46.23 -4.63 1.32
CA GLN I 151 -46.59 -4.37 -0.06
C GLN I 151 -47.37 -3.06 -0.21
N GLY I 152 -48.25 -2.76 0.75
CA GLY I 152 -49.26 -1.74 0.52
C GLY I 152 -50.30 -2.26 -0.45
N PRO I 153 -51.35 -1.44 -0.75
CA PRO I 153 -52.45 -1.87 -1.62
C PRO I 153 -52.00 -2.52 -2.92
N ALA I 154 -52.64 -3.65 -3.27
CA ALA I 154 -52.32 -4.38 -4.50
C ALA I 154 -52.42 -3.47 -5.74
N THR I 155 -53.51 -2.71 -5.77
CA THR I 155 -53.86 -1.88 -6.89
C THR I 155 -53.76 -0.41 -6.52
N GLY I 156 -54.50 0.00 -5.51
CA GLY I 156 -54.55 1.40 -5.08
C GLY I 156 -55.47 2.22 -5.98
N ILE I 157 -55.94 3.35 -5.44
CA ILE I 157 -56.98 4.13 -6.11
C ILE I 157 -56.58 4.68 -7.49
N VAL I 158 -55.30 5.03 -7.66
CA VAL I 158 -54.83 5.62 -8.91
C VAL I 158 -54.93 4.58 -10.04
N VAL I 159 -54.36 3.39 -9.81
CA VAL I 159 -54.45 2.33 -10.82
C VAL I 159 -55.90 1.85 -10.97
N GLU I 160 -56.65 1.84 -9.88
CA GLU I 160 -58.05 1.44 -9.93
C GLU I 160 -58.84 2.35 -10.87
N ARG I 161 -58.68 3.66 -10.76
CA ARG I 161 -59.38 4.59 -11.65
C ARG I 161 -58.94 4.41 -13.09
N GLU I 162 -57.66 4.12 -13.30
CA GLU I 162 -57.15 3.85 -14.65
C GLU I 162 -57.76 2.58 -15.24
N ARG I 163 -57.87 1.52 -14.45
CA ARG I 163 -58.56 0.30 -14.92
C ARG I 163 -60.04 0.50 -15.25
N MET I 164 -60.72 1.30 -14.43
CA MET I 164 -62.13 1.56 -14.63
C MET I 164 -62.39 2.69 -15.64
N ASP I 165 -61.34 3.45 -15.99
CA ASP I 165 -61.44 4.68 -16.81
C ASP I 165 -62.49 5.63 -16.23
N LYS I 166 -62.42 5.87 -14.91
CA LYS I 166 -63.36 6.74 -14.21
C LYS I 166 -62.62 7.69 -13.26
N PHE I 167 -62.66 8.98 -13.61
CA PHE I 167 -61.89 10.02 -12.93
C PHE I 167 -62.79 11.19 -12.58
N GLY I 168 -62.48 11.87 -11.47
CA GLY I 168 -63.14 13.11 -11.10
C GLY I 168 -64.49 12.99 -10.41
N ARG I 169 -64.87 11.78 -10.01
CA ARG I 169 -66.07 11.58 -9.22
C ARG I 169 -65.93 10.35 -8.34
N PRO I 170 -66.75 10.26 -7.28
CA PRO I 170 -66.85 9.00 -6.56
C PRO I 170 -67.28 7.86 -7.48
N PHE I 171 -66.88 6.64 -7.13
CA PHE I 171 -67.49 5.45 -7.71
C PHE I 171 -68.85 5.23 -7.06
N GLY I 173 -71.71 2.05 -6.10
CA GLY I 173 -71.92 0.64 -5.91
C GLY I 173 -73.24 0.34 -5.22
N ALA I 174 -73.46 -0.93 -4.95
CA ALA I 174 -74.63 -1.43 -4.27
C ALA I 174 -74.43 -2.88 -3.85
N THR I 175 -74.83 -3.21 -2.63
CA THR I 175 -74.89 -4.58 -2.17
C THR I 175 -76.21 -5.18 -2.64
N VAL I 176 -76.15 -6.37 -3.21
CA VAL I 176 -77.34 -7.12 -3.62
C VAL I 176 -78.15 -7.49 -2.35
N LYS I 177 -79.48 -7.38 -2.46
CA LYS I 177 -80.42 -7.69 -1.36
C LYS I 177 -81.57 -8.53 -1.90
N PRO I 178 -82.20 -9.38 -1.08
CA PRO I 178 -81.93 -9.59 0.35
C PRO I 178 -80.52 -10.13 0.63
N LYS I 179 -80.04 -10.00 1.87
CA LYS I 179 -78.65 -10.35 2.17
C LYS I 179 -78.39 -11.82 1.81
N LEU I 180 -79.29 -12.70 2.23
CA LEU I 180 -79.19 -14.14 1.97
C LEU I 180 -80.49 -14.64 1.33
N GLY I 181 -80.39 -15.74 0.60
CA GLY I 181 -81.53 -16.46 0.06
C GLY I 181 -81.63 -16.51 -1.45
N LEU I 182 -81.05 -15.52 -2.14
CA LEU I 182 -81.12 -15.48 -3.60
C LEU I 182 -80.34 -16.61 -4.25
N SER I 183 -80.83 -17.09 -5.39
CA SER I 183 -80.13 -18.04 -6.23
C SER I 183 -79.05 -17.33 -7.06
N GLY I 184 -78.12 -18.11 -7.62
CA GLY I 184 -77.11 -17.57 -8.53
C GLY I 184 -77.70 -16.80 -9.70
N LYS I 185 -78.72 -17.37 -10.34
CA LYS I 185 -79.36 -16.72 -11.49
C LYS I 185 -80.03 -15.40 -11.10
N ASN I 186 -80.72 -15.39 -9.96
CA ASN I 186 -81.34 -14.17 -9.45
C ASN I 186 -80.31 -13.13 -9.05
N TYR I 187 -79.18 -13.59 -8.51
CA TYR I 187 -78.07 -12.70 -8.19
C TYR I 187 -77.61 -11.97 -9.44
N GLY I 188 -77.37 -12.73 -10.51
CA GLY I 188 -76.96 -12.16 -11.80
C GLY I 188 -77.97 -11.16 -12.35
N ARG I 189 -79.26 -11.46 -12.20
CA ARG I 189 -80.31 -10.52 -12.62
C ARG I 189 -80.14 -9.16 -11.92
N VAL I 190 -79.96 -9.18 -10.60
CA VAL I 190 -79.85 -7.94 -9.84
C VAL I 190 -78.59 -7.16 -10.27
N VAL I 191 -77.49 -7.90 -10.44
CA VAL I 191 -76.24 -7.30 -10.91
C VAL I 191 -76.41 -6.67 -12.29
N TYR I 192 -77.03 -7.40 -13.22
CA TYR I 192 -77.25 -6.86 -14.55
C TYR I 192 -78.06 -5.55 -14.48
N GLU I 193 -79.19 -5.57 -13.77
CA GLU I 193 -80.08 -4.41 -13.71
C GLU I 193 -79.39 -3.19 -13.08
N GLY I 194 -78.64 -3.40 -12.00
CA GLY I 194 -77.92 -2.33 -11.31
C GLY I 194 -76.82 -1.68 -12.13
N LEU I 195 -75.99 -2.51 -12.75
CA LEU I 195 -74.89 -2.00 -13.58
C LEU I 195 -75.43 -1.32 -14.83
N ARG I 196 -76.37 -1.98 -15.48
CA ARG I 196 -76.95 -1.47 -16.72
C ARG I 196 -77.68 -0.15 -16.47
N GLY I 197 -78.23 0.01 -15.26
CA GLY I 197 -78.91 1.24 -14.86
C GLY I 197 -78.05 2.42 -14.45
N GLY I 198 -76.74 2.23 -14.30
CA GLY I 198 -75.85 3.34 -13.96
C GLY I 198 -74.80 3.13 -12.88
N LEU I 199 -74.87 2.04 -12.12
CA LEU I 199 -73.88 1.80 -11.09
C LEU I 199 -72.57 1.31 -11.72
N ASP I 200 -71.45 1.69 -11.09
CA ASP I 200 -70.12 1.24 -11.54
C ASP I 200 -69.87 -0.20 -11.10
N PHE I 201 -70.33 -0.51 -9.88
CA PHE I 201 -70.13 -1.78 -9.23
C PHE I 201 -71.43 -2.29 -8.59
N LEU I 202 -71.51 -3.59 -8.39
CA LEU I 202 -72.30 -4.16 -7.31
C LEU I 202 -71.41 -5.11 -6.52
N ASP I 204 -71.34 -8.80 -3.78
CA ASP I 204 -71.91 -9.83 -2.90
C ASP I 204 -72.03 -9.23 -1.51
N ASP I 205 -73.03 -9.67 -0.76
CA ASP I 205 -73.11 -9.26 0.64
C ASP I 205 -71.97 -9.98 1.38
N GLU I 206 -71.51 -9.40 2.50
CA GLU I 206 -70.42 -10.03 3.27
C GLU I 206 -70.64 -11.50 3.63
N ASN I 207 -71.89 -11.85 3.91
CA ASN I 207 -72.25 -13.20 4.31
C ASN I 207 -72.67 -14.14 3.18
N ILE I 208 -72.55 -13.66 1.93
CA ILE I 208 -72.78 -14.48 0.74
C ILE I 208 -71.44 -15.11 0.35
N ASN I 209 -71.30 -16.40 0.65
CA ASN I 209 -70.08 -17.15 0.33
C ASN I 209 -70.48 -18.33 -0.56
N SER I 210 -70.72 -19.50 0.03
CA SER I 210 -71.34 -20.62 -0.67
C SER I 210 -72.27 -21.31 0.32
N GLN I 211 -73.52 -21.53 -0.07
CA GLN I 211 -74.57 -21.95 0.86
C GLN I 211 -75.59 -22.85 0.17
N PRO I 212 -76.43 -23.55 0.95
CA PRO I 212 -77.48 -24.39 0.34
C PRO I 212 -78.37 -23.67 -0.69
N PHE I 213 -78.71 -22.42 -0.44
CA PHE I 213 -79.57 -21.62 -1.36
C PHE I 213 -78.84 -21.14 -2.63
N MET I 214 -77.49 -21.16 -2.64
CA MET I 214 -76.72 -20.71 -3.80
C MET I 214 -75.27 -21.11 -3.60
N ARG I 215 -74.74 -21.95 -4.49
CA ARG I 215 -73.32 -22.28 -4.44
C ARG I 215 -72.54 -21.23 -5.23
N TRP I 216 -71.28 -21.08 -4.86
CA TRP I 216 -70.50 -19.93 -5.30
C TRP I 216 -70.24 -19.87 -6.79
N LYS I 217 -69.99 -21.01 -7.43
CA LYS I 217 -69.60 -21.01 -8.84
C LYS I 217 -70.67 -20.42 -9.75
N GLU I 218 -71.92 -20.85 -9.57
CA GLU I 218 -73.01 -20.28 -10.41
C GLU I 218 -73.15 -18.79 -10.20
N ARG I 219 -72.96 -18.30 -8.98
CA ARG I 219 -73.02 -16.86 -8.73
C ARG I 219 -71.95 -16.14 -9.55
N PHE I 220 -70.72 -16.63 -9.53
CA PHE I 220 -69.62 -15.98 -10.26
C PHE I 220 -69.90 -15.98 -11.77
N LEU I 221 -70.40 -17.12 -12.27
CA LEU I 221 -70.68 -17.29 -13.70
C LEU I 221 -71.79 -16.36 -14.17
N TYR I 222 -72.87 -16.31 -13.40
CA TYR I 222 -73.98 -15.40 -13.71
C TYR I 222 -73.58 -13.95 -13.53
N SER I 223 -72.77 -13.66 -12.51
CA SER I 223 -72.31 -12.30 -12.28
C SER I 223 -71.43 -11.76 -13.42
N ILE I 224 -70.53 -12.58 -13.98
CA ILE I 224 -69.67 -12.10 -15.06
C ILE I 224 -70.45 -11.91 -16.37
N GLU I 225 -71.44 -12.78 -16.61
CA GLU I 225 -72.41 -12.55 -17.70
C GLU I 225 -73.09 -11.20 -17.53
N ALA I 226 -73.62 -10.93 -16.33
CA ALA I 226 -74.29 -9.65 -16.04
C ALA I 226 -73.37 -8.43 -16.25
N VAL I 227 -72.16 -8.52 -15.73
CA VAL I 227 -71.14 -7.48 -15.91
C VAL I 227 -70.89 -7.20 -17.40
N ASN I 228 -70.60 -8.25 -18.17
CA ASN I 228 -70.29 -8.10 -19.59
C ASN I 228 -71.49 -7.63 -20.43
N ARG I 229 -72.70 -8.09 -20.09
CA ARG I 229 -73.93 -7.49 -20.65
C ARG I 229 -74.00 -5.98 -20.39
N SER I 230 -73.70 -5.57 -19.17
CA SER I 230 -73.75 -4.14 -18.80
C SER I 230 -72.65 -3.30 -19.48
N ILE I 231 -71.48 -3.89 -19.65
CA ILE I 231 -70.38 -3.24 -20.39
C ILE I 231 -70.79 -3.01 -21.85
N ALA I 232 -71.29 -4.05 -22.51
CA ALA I 232 -71.77 -3.94 -23.90
C ALA I 232 -72.91 -2.91 -24.05
N ALA I 233 -73.79 -2.85 -23.05
CA ALA I 233 -74.94 -1.94 -23.05
C ALA I 233 -74.57 -0.46 -22.86
N THR I 234 -73.47 -0.19 -22.16
CA THR I 234 -73.11 1.17 -21.75
C THR I 234 -71.79 1.73 -22.30
N GLY I 235 -70.90 0.85 -22.75
CA GLY I 235 -69.55 1.26 -23.11
C GLY I 235 -68.64 1.63 -21.95
N GLU I 236 -69.05 1.34 -20.71
CA GLU I 236 -68.24 1.59 -19.52
C GLU I 236 -67.64 0.28 -19.03
N VAL I 237 -66.47 0.37 -18.39
CA VAL I 237 -65.97 -0.73 -17.58
C VAL I 237 -66.86 -0.82 -16.33
N LYS I 238 -67.25 -2.04 -15.98
CA LYS I 238 -68.08 -2.33 -14.82
C LYS I 238 -67.46 -3.49 -14.05
N GLY I 239 -67.87 -3.66 -12.80
CA GLY I 239 -67.38 -4.77 -11.99
C GLY I 239 -68.41 -5.25 -10.98
N HIS I 240 -68.30 -6.51 -10.59
CA HIS I 240 -69.06 -7.05 -9.49
C HIS I 240 -68.12 -7.69 -8.49
N TYR I 241 -68.16 -7.27 -7.24
CA TYR I 241 -67.30 -7.84 -6.18
C TYR I 241 -67.73 -9.29 -5.92
N MET I 242 -67.04 -10.23 -6.50
CA MET I 242 -67.22 -11.65 -6.22
C MET I 242 -66.56 -11.99 -4.89
N ASN I 243 -67.33 -12.48 -3.92
CA ASN I 243 -66.82 -12.72 -2.58
C ASN I 243 -66.15 -14.09 -2.51
N VAL I 244 -64.85 -14.10 -2.23
CA VAL I 244 -64.05 -15.32 -2.19
C VAL I 244 -63.74 -15.79 -0.77
N THR I 245 -64.27 -15.07 0.22
CA THR I 245 -64.25 -15.49 1.63
C THR I 245 -64.63 -16.97 1.76
N ALA I 246 -63.79 -17.74 2.44
CA ALA I 246 -64.06 -19.16 2.65
C ALA I 246 -63.34 -19.65 3.90
N ALA I 247 -63.60 -20.91 4.26
CA ALA I 247 -63.12 -21.48 5.52
C ALA I 247 -61.61 -21.67 5.55
N THR I 248 -61.03 -22.06 4.41
CA THR I 248 -59.63 -22.40 4.33
C THR I 248 -58.94 -21.59 3.23
N MET I 249 -57.62 -21.50 3.31
CA MET I 249 -56.88 -20.75 2.29
C MET I 249 -57.01 -21.40 0.91
N GLU I 250 -57.06 -22.74 0.88
CA GLU I 250 -57.18 -23.48 -0.39
C GLU I 250 -58.50 -23.18 -1.07
N GLU I 251 -59.57 -23.11 -0.28
CA GLU I 251 -60.88 -22.78 -0.83
C GLU I 251 -60.93 -21.33 -1.32
N MET I 252 -60.31 -20.41 -0.57
CA MET I 252 -60.24 -19.01 -0.99
C MET I 252 -59.48 -18.87 -2.30
N TYR I 253 -58.34 -19.55 -2.42
CA TYR I 253 -57.60 -19.53 -3.68
C TYR I 253 -58.40 -20.11 -4.84
N GLU I 254 -59.15 -21.19 -4.60
CA GLU I 254 -59.98 -21.81 -5.65
C GLU I 254 -60.98 -20.79 -6.20
N ARG I 255 -61.58 -20.03 -5.29
CA ARG I 255 -62.60 -19.05 -5.66
C ARG I 255 -61.98 -17.84 -6.37
N ALA I 256 -60.87 -17.35 -5.83
CA ALA I 256 -60.14 -16.23 -6.45
C ALA I 256 -59.63 -16.58 -7.84
N GLU I 257 -59.03 -17.78 -7.98
CA GLU I 257 -58.54 -18.25 -9.29
C GLU I 257 -59.67 -18.38 -10.31
N PHE I 258 -60.84 -18.85 -9.86
CA PHE I 258 -62.01 -18.96 -10.74
C PHE I 258 -62.48 -17.57 -11.20
N ALA I 259 -62.57 -16.62 -10.26
CA ALA I 259 -62.95 -15.24 -10.58
C ALA I 259 -61.98 -14.61 -11.58
N LYS I 260 -60.69 -14.87 -11.35
CA LYS I 260 -59.62 -14.49 -12.28
C LYS I 260 -59.81 -15.10 -13.66
N GLN I 261 -60.10 -16.40 -13.72
CA GLN I 261 -60.33 -17.08 -15.00
C GLN I 261 -61.51 -16.51 -15.76
N LEU I 262 -62.55 -16.09 -15.04
CA LEU I 262 -63.72 -15.49 -15.69
C LEU I 262 -63.47 -14.06 -16.15
N GLY I 263 -62.46 -13.40 -15.58
CA GLY I 263 -62.06 -12.07 -16.03
C GLY I 263 -62.62 -10.91 -15.22
N THR I 264 -63.00 -11.14 -13.96
CA THR I 264 -63.49 -10.04 -13.13
C THR I 264 -62.36 -9.03 -12.89
N VAL I 265 -62.72 -7.75 -12.87
CA VAL I 265 -61.81 -6.67 -12.49
C VAL I 265 -61.64 -6.60 -10.98
N ILE I 266 -62.57 -7.22 -10.23
CA ILE I 266 -62.64 -7.03 -8.78
C ILE I 266 -63.17 -8.26 -8.01
N ILE I 267 -62.62 -8.49 -6.82
CA ILE I 267 -63.15 -9.48 -5.87
C ILE I 267 -63.23 -8.83 -4.50
N MET I 268 -63.89 -9.51 -3.56
CA MET I 268 -63.95 -9.04 -2.20
C MET I 268 -63.62 -10.15 -1.20
N ILE I 269 -63.21 -9.70 -0.02
CA ILE I 269 -62.94 -10.55 1.13
C ILE I 269 -63.50 -9.86 2.37
N ASP I 270 -63.76 -10.66 3.39
CA ASP I 270 -64.27 -10.19 4.68
C ASP I 270 -63.15 -10.15 5.71
N LEU I 271 -63.16 -9.16 6.59
CA LEU I 271 -62.16 -9.02 7.65
C LEU I 271 -62.09 -10.26 8.57
N VAL I 272 -63.23 -10.93 8.78
CA VAL I 272 -63.29 -12.17 9.59
C VAL I 272 -62.40 -13.32 9.09
N ILE I 273 -61.91 -13.29 7.85
CA ILE I 273 -60.93 -14.30 7.44
C ILE I 273 -59.62 -14.14 8.21
N GLY I 274 -59.33 -12.90 8.64
CA GLY I 274 -58.20 -12.59 9.48
C GLY I 274 -56.93 -12.19 8.76
N TYR I 275 -56.00 -11.65 9.53
CA TYR I 275 -54.87 -10.91 8.98
C TYR I 275 -53.98 -11.70 8.03
N THR I 276 -53.70 -12.96 8.35
CA THR I 276 -52.81 -13.77 7.51
C THR I 276 -53.45 -14.11 6.15
N ALA I 277 -54.70 -14.56 6.14
CA ALA I 277 -55.42 -14.74 4.89
C ALA I 277 -55.54 -13.42 4.10
N ILE I 278 -55.73 -12.28 4.79
CA ILE I 278 -55.81 -10.96 4.13
C ILE I 278 -54.48 -10.60 3.44
N GLN I 279 -53.37 -10.73 4.16
CA GLN I 279 -52.05 -10.44 3.57
C GLN I 279 -51.77 -11.37 2.39
N THR I 280 -52.13 -12.64 2.55
CA THR I 280 -51.99 -13.63 1.48
C THR I 280 -52.79 -13.21 0.26
N MET I 281 -54.03 -12.75 0.46
CA MET I 281 -54.84 -12.23 -0.66
C MET I 281 -54.33 -10.91 -1.23
N GLY I 282 -53.76 -10.06 -0.38
CA GLY I 282 -53.12 -8.82 -0.84
C GLY I 282 -52.01 -9.08 -1.84
N ILE I 283 -51.17 -10.07 -1.53
CA ILE I 283 -50.08 -10.47 -2.42
C ILE I 283 -50.63 -11.12 -3.70
N TRP I 284 -51.62 -12.00 -3.55
CA TRP I 284 -52.27 -12.64 -4.69
C TRP I 284 -52.85 -11.59 -5.65
N ALA I 285 -53.52 -10.57 -5.10
CA ALA I 285 -54.15 -9.52 -5.91
C ALA I 285 -53.14 -8.68 -6.71
N ARG I 286 -51.99 -8.38 -6.10
CA ARG I 286 -50.88 -7.72 -6.81
C ARG I 286 -50.37 -8.61 -7.95
N LYS I 287 -50.18 -9.89 -7.65
CA LYS I 287 -49.69 -10.86 -8.65
C LYS I 287 -50.65 -11.05 -9.82
N ASN I 288 -51.95 -10.90 -9.57
CA ASN I 288 -52.99 -11.25 -10.53
C ASN I 288 -53.85 -10.06 -11.00
N ASP I 289 -53.32 -8.85 -10.88
CA ASP I 289 -53.97 -7.61 -11.37
C ASP I 289 -55.45 -7.52 -11.00
N MET I 290 -55.72 -7.62 -9.71
CA MET I 290 -57.09 -7.70 -9.22
C MET I 290 -57.34 -6.62 -8.18
N ILE I 291 -58.48 -5.95 -8.28
CA ILE I 291 -58.88 -5.02 -7.23
C ILE I 291 -59.40 -5.86 -6.08
N LEU I 292 -58.87 -5.63 -4.88
CA LEU I 292 -59.22 -6.37 -3.68
C LEU I 292 -60.00 -5.52 -2.68
N HIS I 293 -61.31 -5.73 -2.64
CA HIS I 293 -62.20 -5.02 -1.70
C HIS I 293 -62.27 -5.74 -0.37
N LEU I 294 -62.03 -5.00 0.72
CA LEU I 294 -62.15 -5.55 2.07
C LEU I 294 -63.40 -5.01 2.74
N HIS I 295 -64.31 -5.94 3.03
CA HIS I 295 -65.43 -5.68 3.90
C HIS I 295 -64.93 -5.83 5.34
N ARG I 296 -65.30 -4.91 6.24
CA ARG I 296 -64.73 -4.89 7.60
C ARG I 296 -65.52 -5.70 8.65
N ALA I 297 -66.09 -6.81 8.22
CA ALA I 297 -66.96 -7.68 9.04
C ALA I 297 -66.36 -7.92 10.40
N GLY I 298 -67.10 -7.58 11.45
CA GLY I 298 -66.66 -7.80 12.83
C GLY I 298 -65.87 -6.67 13.48
N ASN I 299 -65.46 -5.68 12.70
CA ASN I 299 -64.65 -4.57 13.18
C ASN I 299 -65.27 -3.86 14.40
N SER I 300 -66.59 -3.64 14.36
CA SER I 300 -67.28 -2.95 15.46
C SER I 300 -67.35 -3.71 16.80
N THR I 301 -66.99 -4.99 16.83
CA THR I 301 -66.89 -5.71 18.12
C THR I 301 -65.83 -5.11 19.04
N TYR I 302 -64.77 -4.54 18.47
CA TYR I 302 -63.71 -3.88 19.24
C TYR I 302 -63.58 -2.37 18.99
N SER I 303 -64.26 -1.82 17.98
CA SER I 303 -64.03 -0.42 17.55
C SER I 303 -65.07 0.60 18.03
N ARG I 304 -66.14 0.14 18.68
CA ARG I 304 -67.31 0.99 18.93
C ARG I 304 -67.19 1.84 20.19
N GLN I 305 -66.63 1.25 21.25
CA GLN I 305 -66.64 1.87 22.58
C GLN I 305 -65.32 2.64 22.78
N LYS I 306 -65.46 3.91 23.18
CA LYS I 306 -64.33 4.81 23.31
C LYS I 306 -63.30 4.37 24.37
N ILE I 307 -63.76 3.71 25.43
CA ILE I 307 -62.84 3.33 26.51
C ILE I 307 -62.06 2.04 26.29
N HIS I 308 -62.53 1.17 25.40
CA HIS I 308 -61.85 -0.11 25.22
C HIS I 308 -61.88 -0.65 23.79
N GLY I 309 -60.73 -1.18 23.37
CA GLY I 309 -60.60 -1.94 22.13
C GLY I 309 -59.55 -1.34 21.22
N MET I 310 -59.89 -1.19 19.95
CA MET I 310 -59.00 -0.61 18.96
C MET I 310 -59.77 0.36 18.11
N ASN I 311 -59.25 1.59 18.00
CA ASN I 311 -59.85 2.57 17.11
C ASN I 311 -59.65 2.15 15.65
N PHE I 312 -60.68 2.32 14.83
CA PHE I 312 -60.64 1.93 13.41
C PHE I 312 -59.47 2.52 12.61
N ARG I 313 -58.97 3.70 12.99
CA ARG I 313 -57.84 4.30 12.23
C ARG I 313 -56.59 3.40 12.25
N VAL I 314 -56.41 2.64 13.34
CA VAL I 314 -55.30 1.69 13.42
C VAL I 314 -55.53 0.53 12.46
N ILE I 315 -56.77 0.03 12.41
CA ILE I 315 -57.17 -1.01 11.46
C ILE I 315 -56.93 -0.51 10.02
N CYS I 316 -57.27 0.75 9.75
CA CYS I 316 -56.98 1.36 8.44
C CYS I 316 -55.50 1.26 8.08
N LYS I 317 -54.63 1.59 9.04
CA LYS I 317 -53.19 1.50 8.80
C LYS I 317 -52.75 0.08 8.49
N TRP I 318 -53.19 -0.88 9.30
CA TRP I 318 -52.78 -2.28 9.12
C TRP I 318 -53.27 -2.87 7.80
N MET I 319 -54.50 -2.52 7.41
CA MET I 319 -55.08 -3.07 6.18
C MET I 319 -54.51 -2.42 4.92
N ARG I 320 -54.19 -1.12 5.00
CA ARG I 320 -53.45 -0.45 3.94
C ARG I 320 -52.08 -1.13 3.75
N MET I 321 -51.39 -1.38 4.87
CA MET I 321 -50.11 -2.12 4.85
C MET I 321 -50.28 -3.52 4.25
N ALA I 322 -51.33 -4.21 4.68
CA ALA I 322 -51.62 -5.59 4.25
C ALA I 322 -51.89 -5.76 2.77
N GLY I 323 -52.39 -4.73 2.11
CA GLY I 323 -52.55 -4.74 0.66
C GLY I 323 -53.94 -4.74 0.08
N VAL I 324 -54.95 -4.39 0.87
CA VAL I 324 -56.31 -4.26 0.35
C VAL I 324 -56.45 -2.97 -0.44
N ASP I 325 -57.40 -2.95 -1.39
CA ASP I 325 -57.62 -1.80 -2.28
C ASP I 325 -58.78 -0.92 -1.92
N HIS I 326 -59.80 -1.51 -1.29
CA HIS I 326 -60.93 -0.78 -0.68
C HIS I 326 -61.02 -1.20 0.77
N ILE I 327 -61.48 -0.29 1.64
CA ILE I 327 -62.05 -0.68 2.92
C ILE I 327 -63.24 0.21 3.25
N HIS I 328 -64.25 -0.40 3.86
CA HIS I 328 -65.40 0.34 4.36
C HIS I 328 -64.92 1.25 5.48
N ALA I 329 -65.33 2.53 5.41
CA ALA I 329 -64.82 3.54 6.34
C ALA I 329 -65.84 4.56 6.87
N GLY I 330 -67.14 4.34 6.62
CA GLY I 330 -68.19 5.16 7.19
C GLY I 330 -68.90 6.06 6.20
N THR I 331 -70.11 6.47 6.58
CA THR I 331 -70.95 7.35 5.78
C THR I 331 -71.30 8.69 6.45
N VAL I 332 -71.15 8.75 7.78
CA VAL I 332 -71.66 9.85 8.64
C VAL I 332 -73.19 9.82 8.77
N VAL I 333 -73.89 9.86 7.65
CA VAL I 333 -75.35 10.06 7.62
C VAL I 333 -76.18 8.78 7.47
N GLY I 334 -75.51 7.64 7.30
CA GLY I 334 -76.18 6.35 7.11
C GLY I 334 -76.54 5.64 8.42
N LYS I 335 -76.82 4.35 8.31
CA LYS I 335 -77.32 3.53 9.41
C LYS I 335 -76.26 3.07 10.41
N LEU I 336 -74.97 3.20 10.07
CA LEU I 336 -73.87 2.76 10.94
C LEU I 336 -73.14 3.97 11.55
N GLU I 337 -72.55 3.72 12.74
CA GLU I 337 -71.76 4.70 13.51
C GLU I 337 -70.78 5.51 12.65
N GLY I 338 -70.75 6.82 12.85
CA GLY I 338 -69.85 7.65 12.09
C GLY I 338 -69.81 9.13 12.40
N ASP I 339 -69.09 9.49 13.45
CA ASP I 339 -68.81 10.90 13.73
C ASP I 339 -68.01 11.53 12.57
N PRO I 340 -68.40 12.73 12.10
CA PRO I 340 -67.75 13.35 10.92
C PRO I 340 -66.24 13.50 11.04
N LEU I 341 -65.75 13.98 12.18
CA LEU I 341 -64.30 14.21 12.35
C LEU I 341 -63.51 12.91 12.50
N MET I 342 -64.08 11.90 13.16
CA MET I 342 -63.45 10.59 13.21
C MET I 342 -63.33 10.02 11.79
N ILE I 343 -64.41 10.12 11.02
CA ILE I 343 -64.43 9.65 9.64
C ILE I 343 -63.42 10.40 8.74
N ARG I 344 -63.28 11.72 8.90
CA ARG I 344 -62.23 12.46 8.19
C ARG I 344 -60.86 11.87 8.49
N GLY I 345 -60.60 11.57 9.76
CA GLY I 345 -59.34 10.93 10.16
C GLY I 345 -59.12 9.57 9.49
N PHE I 346 -60.18 8.76 9.42
CA PHE I 346 -60.11 7.45 8.76
C PHE I 346 -59.79 7.59 7.27
N TYR I 347 -60.56 8.44 6.59
CA TYR I 347 -60.39 8.66 5.16
C TYR I 347 -58.99 9.19 4.85
N ASN I 348 -58.52 10.14 5.64
CA ASN I 348 -57.17 10.69 5.46
C ASN I 348 -56.09 9.63 5.70
N THR I 349 -56.29 8.79 6.70
CA THR I 349 -55.34 7.70 6.98
C THR I 349 -55.21 6.74 5.76
N LEU I 350 -56.33 6.51 5.08
CA LEU I 350 -56.40 5.62 3.92
C LEU I 350 -55.86 6.24 2.61
N LEU I 351 -56.08 7.55 2.43
CA LEU I 351 -55.83 8.22 1.15
C LEU I 351 -54.60 9.10 1.07
N LEU I 352 -54.15 9.67 2.18
CA LEU I 352 -53.07 10.66 2.08
C LEU I 352 -51.69 10.00 2.00
N PRO I 353 -50.72 10.68 1.32
CA PRO I 353 -49.33 10.21 1.35
C PRO I 353 -48.57 10.57 2.64
N TYR I 354 -49.13 11.50 3.42
CA TYR I 354 -48.48 11.98 4.63
C TYR I 354 -49.56 12.61 5.50
N LEU I 355 -49.57 12.32 6.81
CA LEU I 355 -50.52 12.96 7.72
C LEU I 355 -49.76 13.74 8.78
N GLU I 356 -50.21 14.96 9.02
CA GLU I 356 -49.74 15.74 10.16
C GLU I 356 -50.65 15.44 11.36
N VAL I 357 -50.14 15.70 12.55
CA VAL I 357 -50.92 15.58 13.78
C VAL I 357 -52.17 16.45 13.60
N ASN I 358 -53.32 15.88 13.92
CA ASN I 358 -54.60 16.58 13.84
C ASN I 358 -55.50 16.03 14.94
N LEU I 359 -55.37 16.61 16.13
CA LEU I 359 -56.04 16.06 17.30
C LEU I 359 -57.58 16.03 17.17
N PRO I 360 -58.21 17.06 16.58
CA PRO I 360 -59.66 16.99 16.37
C PRO I 360 -60.14 15.81 15.51
N GLN I 361 -59.29 15.31 14.62
CA GLN I 361 -59.57 14.13 13.78
C GLN I 361 -59.05 12.81 14.36
N GLY I 362 -58.45 12.85 15.55
CA GLY I 362 -57.90 11.64 16.16
C GLY I 362 -56.59 11.16 15.56
N ILE I 363 -55.90 12.03 14.84
CA ILE I 363 -54.60 11.71 14.25
C ILE I 363 -53.54 12.21 15.25
N PHE I 364 -52.99 11.27 16.02
CA PHE I 364 -52.09 11.62 17.11
C PHE I 364 -50.61 11.62 16.73
N PHE I 365 -50.27 10.96 15.62
CA PHE I 365 -48.89 10.85 15.16
C PHE I 365 -48.75 11.39 13.74
N GLN I 366 -47.66 12.10 13.50
CA GLN I 366 -47.21 12.38 12.15
C GLN I 366 -46.94 11.03 11.47
N GLN I 367 -47.49 10.82 10.28
CA GLN I 367 -47.42 9.51 9.60
C GLN I 367 -47.01 9.70 8.14
N ASP I 368 -45.78 9.32 7.83
CA ASP I 368 -45.30 9.27 6.46
C ASP I 368 -45.71 7.90 5.91
N TRP I 369 -46.42 7.88 4.77
CA TRP I 369 -46.88 6.61 4.21
C TRP I 369 -45.88 5.93 3.27
N ALA I 370 -44.67 6.50 3.13
CA ALA I 370 -43.56 5.84 2.43
C ALA I 370 -43.88 5.48 0.99
N SER I 371 -44.73 6.29 0.38
CA SER I 371 -45.24 6.06 -0.97
C SER I 371 -45.99 4.72 -1.18
N LEU I 372 -46.49 4.11 -0.10
CA LEU I 372 -47.41 2.98 -0.28
C LEU I 372 -48.68 3.49 -0.98
N ARG I 373 -49.26 2.64 -1.81
CA ARG I 373 -50.47 3.03 -2.54
C ARG I 373 -51.63 3.36 -1.59
N LYS I 374 -52.66 3.97 -2.16
CA LYS I 374 -53.80 4.52 -1.40
C LYS I 374 -54.98 3.58 -1.43
N VAL I 375 -55.64 3.40 -0.28
CA VAL I 375 -56.86 2.59 -0.19
C VAL I 375 -58.08 3.46 -0.49
N THR I 376 -58.97 2.97 -1.35
CA THR I 376 -60.23 3.65 -1.63
C THR I 376 -61.22 3.43 -0.48
N PRO I 377 -61.59 4.50 0.25
CA PRO I 377 -62.65 4.31 1.25
C PRO I 377 -63.97 3.96 0.61
N VAL I 378 -64.76 3.19 1.33
CA VAL I 378 -66.07 2.76 0.86
C VAL I 378 -67.09 3.22 1.89
N ALA I 379 -68.07 3.99 1.41
CA ALA I 379 -69.15 4.51 2.23
C ALA I 379 -70.40 3.72 1.91
N SER I 380 -70.92 3.01 2.91
CA SER I 380 -72.00 2.04 2.69
C SER I 380 -72.86 1.93 3.92
N GLY I 381 -74.16 1.71 3.71
CA GLY I 381 -75.08 1.34 4.77
C GLY I 381 -76.08 2.43 5.08
N GLY I 382 -77.32 2.25 4.65
CA GLY I 382 -78.40 3.16 4.97
C GLY I 382 -78.32 4.54 4.33
N ILE I 383 -77.65 4.66 3.18
CA ILE I 383 -77.59 5.94 2.48
C ILE I 383 -78.52 5.99 1.28
N HIS I 384 -78.86 7.21 0.87
CA HIS I 384 -79.78 7.43 -0.25
C HIS I 384 -79.46 8.73 -0.97
N CYS I 385 -79.92 8.84 -2.21
CA CYS I 385 -79.49 9.93 -3.10
C CYS I 385 -79.93 11.33 -2.63
N GLY I 386 -80.97 11.40 -1.81
CA GLY I 386 -81.35 12.64 -1.11
C GLY I 386 -80.26 13.22 -0.22
N GLN I 387 -79.28 12.39 0.17
CA GLN I 387 -78.11 12.83 0.96
C GLN I 387 -76.87 13.17 0.13
N MET I 388 -76.98 13.25 -1.20
CA MET I 388 -75.78 13.28 -2.07
C MET I 388 -74.83 14.45 -1.77
N HIS I 389 -75.39 15.62 -1.54
CA HIS I 389 -74.62 16.79 -1.04
C HIS I 389 -73.85 16.55 0.27
N GLN I 390 -74.48 15.87 1.22
CA GLN I 390 -73.83 15.55 2.49
C GLN I 390 -72.72 14.52 2.27
N LEU I 391 -72.98 13.54 1.41
CA LEU I 391 -71.99 12.49 1.12
C LEU I 391 -70.73 13.09 0.47
N LEU I 392 -70.94 13.98 -0.50
CA LEU I 392 -69.82 14.60 -1.21
C LEU I 392 -69.01 15.50 -0.26
N ASP I 393 -69.70 16.18 0.64
CA ASP I 393 -69.07 17.10 1.60
C ASP I 393 -68.30 16.38 2.71
N TYR I 394 -68.96 15.44 3.38
CA TYR I 394 -68.32 14.68 4.47
C TYR I 394 -67.24 13.71 3.98
N LEU I 395 -67.47 13.09 2.82
CA LEU I 395 -66.66 11.95 2.38
C LEU I 395 -65.69 12.27 1.25
N GLY I 396 -65.95 13.33 0.48
CA GLY I 396 -65.05 13.76 -0.59
C GLY I 396 -65.20 13.00 -1.90
N ASN I 397 -64.21 13.17 -2.76
CA ASN I 397 -64.27 12.69 -4.13
C ASN I 397 -63.79 11.25 -4.32
N ASP I 398 -62.93 10.79 -3.41
CA ASP I 398 -62.25 9.51 -3.53
C ASP I 398 -62.89 8.52 -2.58
N VAL I 399 -63.88 7.80 -3.10
CA VAL I 399 -64.75 6.96 -2.30
C VAL I 399 -65.63 6.13 -3.24
N VAL I 400 -66.09 4.97 -2.77
CA VAL I 400 -67.20 4.26 -3.41
C VAL I 400 -68.44 4.50 -2.53
N LEU I 401 -69.46 5.14 -3.09
CA LEU I 401 -70.73 5.34 -2.39
C LEU I 401 -71.61 4.15 -2.76
N GLN I 402 -71.94 3.32 -1.78
CA GLN I 402 -72.70 2.08 -2.02
C GLN I 402 -74.14 2.22 -1.53
N PHE I 403 -75.09 2.00 -2.44
CA PHE I 403 -76.53 2.13 -2.18
C PHE I 403 -77.21 0.79 -2.46
N GLY I 404 -77.28 -0.07 -1.44
CA GLY I 404 -77.92 -1.38 -1.59
C GLY I 404 -79.43 -1.23 -1.61
N GLY I 405 -80.02 -1.07 -0.42
CA GLY I 405 -81.43 -0.70 -0.29
C GLY I 405 -81.79 0.55 -1.09
N GLY I 406 -80.86 1.51 -1.15
CA GLY I 406 -81.04 2.77 -1.87
C GLY I 406 -81.07 2.67 -3.39
N THR I 407 -80.75 1.49 -3.93
CA THR I 407 -80.99 1.15 -5.34
C THR I 407 -82.16 0.14 -5.50
N ILE I 408 -82.05 -0.99 -4.81
CA ILE I 408 -82.95 -2.12 -5.04
C ILE I 408 -84.34 -1.86 -4.44
N GLY I 409 -84.41 -1.00 -3.43
CA GLY I 409 -85.70 -0.57 -2.87
C GLY I 409 -86.47 0.46 -3.70
N HIS I 410 -86.00 0.80 -4.90
CA HIS I 410 -86.69 1.79 -5.73
C HIS I 410 -87.99 1.20 -6.29
N PRO I 411 -89.14 1.91 -6.15
CA PRO I 411 -90.43 1.32 -6.55
C PRO I 411 -90.59 0.98 -8.03
N ASP I 412 -89.90 1.71 -8.90
CA ASP I 412 -89.89 1.46 -10.33
C ASP I 412 -88.79 0.52 -10.87
N GLY I 413 -88.09 -0.17 -9.98
CA GLY I 413 -87.15 -1.22 -10.38
C GLY I 413 -85.71 -0.85 -10.15
N ILE I 414 -84.85 -1.85 -10.38
CA ILE I 414 -83.43 -1.74 -10.02
C ILE I 414 -82.71 -0.74 -10.94
N GLN I 415 -82.99 -0.80 -12.25
CA GLN I 415 -82.40 0.17 -13.19
C GLN I 415 -82.72 1.61 -12.80
N ALA I 416 -83.99 1.85 -12.46
CA ALA I 416 -84.44 3.17 -12.00
C ALA I 416 -83.68 3.63 -10.76
N GLY I 417 -83.51 2.74 -9.79
CA GLY I 417 -82.73 3.07 -8.59
C GLY I 417 -81.29 3.44 -8.90
N ALA I 418 -80.65 2.68 -9.78
CA ALA I 418 -79.28 2.94 -10.20
C ALA I 418 -79.17 4.29 -10.92
N THR I 419 -80.09 4.54 -11.84
CA THR I 419 -80.13 5.80 -12.59
C THR I 419 -80.29 7.00 -11.67
N ALA I 420 -81.20 6.89 -10.69
CA ALA I 420 -81.40 7.98 -9.72
C ALA I 420 -80.08 8.33 -9.01
N ASN I 421 -79.39 7.30 -8.54
CA ASN I 421 -78.11 7.50 -7.83
C ASN I 421 -77.03 8.13 -8.71
N ARG I 422 -76.92 7.65 -9.94
CA ARG I 422 -75.93 8.14 -10.91
C ARG I 422 -76.21 9.60 -11.29
N VAL I 423 -77.47 9.92 -11.59
CA VAL I 423 -77.83 11.28 -11.97
C VAL I 423 -77.60 12.25 -10.80
N ALA I 424 -78.01 11.84 -9.60
CA ALA I 424 -77.78 12.62 -8.38
C ALA I 424 -76.29 12.92 -8.16
N LEU I 425 -75.45 11.89 -8.33
CA LEU I 425 -74.01 12.04 -8.16
C LEU I 425 -73.42 13.06 -9.13
N GLU I 426 -73.69 12.87 -10.42
CA GLU I 426 -73.12 13.73 -11.44
C GLU I 426 -73.61 15.18 -11.32
N SER I 427 -74.89 15.33 -10.94
CA SER I 427 -75.45 16.66 -10.72
C SER I 427 -74.75 17.38 -9.58
N MET I 428 -74.42 16.64 -8.53
CA MET I 428 -73.74 17.22 -7.37
C MET I 428 -72.26 17.52 -7.66
N VAL I 429 -71.61 16.62 -8.37
CA VAL I 429 -70.21 16.82 -8.75
C VAL I 429 -70.06 18.03 -9.66
N ILE I 430 -70.92 18.16 -10.68
CA ILE I 430 -70.79 19.29 -11.60
C ILE I 430 -71.01 20.63 -10.84
N ALA I 431 -71.98 20.66 -9.93
CA ALA I 431 -72.23 21.83 -9.08
C ALA I 431 -71.04 22.20 -8.19
N ARG I 432 -70.43 21.19 -7.58
CA ARG I 432 -69.23 21.40 -6.77
C ARG I 432 -68.11 22.01 -7.59
N ASN I 433 -67.81 21.40 -8.74
CA ASN I 433 -66.74 21.86 -9.62
C ASN I 433 -66.96 23.28 -10.15
N GLU I 434 -68.22 23.66 -10.32
CA GLU I 434 -68.57 25.03 -10.74
C GLU I 434 -68.41 26.08 -9.63
N GLY I 435 -68.04 25.65 -8.41
CA GLY I 435 -67.83 26.55 -7.29
C GLY I 435 -69.08 26.91 -6.51
N ARG I 436 -70.17 26.16 -6.70
CA ARG I 436 -71.42 26.42 -6.00
C ARG I 436 -71.36 25.96 -4.56
N ASP I 437 -72.11 26.63 -3.69
CA ASP I 437 -72.27 26.22 -2.30
C ASP I 437 -73.28 25.06 -2.33
N TYR I 438 -72.79 23.90 -2.75
CA TYR I 438 -73.63 22.73 -2.99
C TYR I 438 -74.16 22.08 -1.72
N VAL I 439 -73.55 22.35 -0.57
CA VAL I 439 -74.09 21.89 0.71
C VAL I 439 -75.36 22.67 1.03
N ALA I 440 -75.25 24.00 1.03
CA ALA I 440 -76.41 24.89 1.24
C ALA I 440 -77.51 24.66 0.21
N GLU I 441 -77.12 24.49 -1.06
CA GLU I 441 -78.05 24.37 -2.19
C GLU I 441 -78.34 22.92 -2.61
N GLY I 442 -77.78 21.95 -1.89
CA GLY I 442 -77.88 20.53 -2.24
C GLY I 442 -79.27 20.01 -2.56
N PRO I 443 -80.23 20.21 -1.63
CA PRO I 443 -81.60 19.76 -1.89
C PRO I 443 -82.20 20.35 -3.18
N GLN I 444 -81.94 21.63 -3.44
CA GLN I 444 -82.41 22.26 -4.69
C GLN I 444 -81.67 21.73 -5.93
N ILE I 445 -80.37 21.45 -5.81
CA ILE I 445 -79.61 20.86 -6.93
C ILE I 445 -80.22 19.49 -7.31
N LEU I 446 -80.57 18.70 -6.31
CA LEU I 446 -81.19 17.40 -6.52
C LEU I 446 -82.60 17.55 -7.14
N ARG I 447 -83.43 18.42 -6.57
CA ARG I 447 -84.75 18.75 -7.14
C ARG I 447 -84.66 19.20 -8.61
N ASP I 448 -83.68 20.06 -8.92
CA ASP I 448 -83.48 20.54 -10.30
C ASP I 448 -83.15 19.41 -11.27
N ALA I 449 -82.25 18.51 -10.86
CA ALA I 449 -81.94 17.33 -11.66
C ALA I 449 -83.18 16.42 -11.82
N ALA I 450 -83.96 16.29 -10.75
CA ALA I 450 -85.18 15.45 -10.79
C ALA I 450 -86.25 15.95 -11.78
N LYS I 451 -86.22 17.23 -12.13
CA LYS I 451 -87.15 17.80 -13.12
C LYS I 451 -87.06 17.14 -14.50
N THR I 452 -85.90 16.55 -14.84
CA THR I 452 -85.76 15.77 -16.08
C THR I 452 -85.31 14.33 -15.81
N CYS I 453 -85.62 13.78 -14.63
CA CYS I 453 -85.25 12.41 -14.30
C CYS I 453 -86.26 11.80 -13.34
N GLY I 454 -87.28 11.16 -13.91
CA GLY I 454 -88.32 10.46 -13.15
C GLY I 454 -87.83 9.56 -12.03
N PRO I 455 -86.81 8.72 -12.32
CA PRO I 455 -86.22 7.87 -11.28
C PRO I 455 -85.73 8.64 -10.06
N LEU I 456 -85.04 9.76 -10.28
CA LEU I 456 -84.56 10.58 -9.18
C LEU I 456 -85.71 11.23 -8.41
N GLN I 457 -86.69 11.78 -9.13
CA GLN I 457 -87.89 12.34 -8.49
C GLN I 457 -88.53 11.34 -7.53
N THR I 458 -88.76 10.14 -8.02
CA THR I 458 -89.38 9.06 -7.24
C THR I 458 -88.55 8.73 -6.00
N ALA I 459 -87.23 8.64 -6.16
CA ALA I 459 -86.32 8.33 -5.03
C ALA I 459 -86.33 9.42 -3.97
N LEU I 460 -86.32 10.67 -4.41
CA LEU I 460 -86.39 11.80 -3.50
C LEU I 460 -87.72 11.81 -2.76
N ASP I 461 -88.83 11.64 -3.47
CA ASP I 461 -90.15 11.54 -2.82
C ASP I 461 -90.21 10.43 -1.77
N LEU I 462 -89.59 9.28 -2.07
CA LEU I 462 -89.65 8.13 -1.16
C LEU I 462 -88.79 8.31 0.10
N TRP I 463 -87.55 8.76 -0.08
CA TRP I 463 -86.55 8.74 0.99
C TRP I 463 -86.06 10.10 1.53
N LYS I 464 -86.43 11.23 0.91
CA LYS I 464 -85.81 12.53 1.31
C LYS I 464 -85.79 12.86 2.80
N ASP I 465 -86.79 12.39 3.56
CA ASP I 465 -86.89 12.68 4.99
C ASP I 465 -86.27 11.60 5.88
N ILE I 466 -85.70 10.54 5.28
CA ILE I 466 -85.08 9.48 6.08
C ILE I 466 -83.74 9.97 6.61
N THR I 467 -83.61 10.02 7.93
CA THR I 467 -82.36 10.34 8.61
C THR I 467 -82.08 9.27 9.66
N PHE I 468 -80.82 9.21 10.09
CA PHE I 468 -80.37 8.33 11.16
C PHE I 468 -79.58 9.20 12.14
N ASN I 469 -80.30 9.99 12.92
CA ASN I 469 -79.70 10.93 13.87
C ASN I 469 -79.60 10.32 15.27
N TYR I 470 -78.40 9.88 15.62
CA TYR I 470 -78.12 9.30 16.93
C TYR I 470 -76.80 9.84 17.44
N THR I 471 -76.63 9.85 18.76
CA THR I 471 -75.38 10.27 19.39
C THR I 471 -74.28 9.23 19.11
N SER I 472 -73.10 9.71 18.76
CA SER I 472 -71.94 8.87 18.46
C SER I 472 -71.34 8.28 19.73
N THR I 473 -70.83 7.05 19.63
CA THR I 473 -70.06 6.40 20.68
C THR I 473 -68.56 6.70 20.54
N ASP I 474 -68.09 6.80 19.30
CA ASP I 474 -66.67 6.97 18.99
C ASP I 474 -66.44 8.43 18.57
N THR I 475 -65.92 9.23 19.50
CA THR I 475 -65.79 10.69 19.34
C THR I 475 -64.41 11.18 19.75
N ALA I 476 -64.06 12.37 19.30
CA ALA I 476 -62.76 12.98 19.59
C ALA I 476 -62.66 13.40 21.06
N ASP I 477 -61.43 13.62 21.51
CA ASP I 477 -61.14 14.19 22.82
C ASP I 477 -60.71 15.65 22.73
N PHE I 478 -60.48 16.15 21.52
CA PHE I 478 -60.08 17.54 21.29
C PHE I 478 -60.98 18.16 20.22
N VAL I 479 -61.16 19.49 20.27
CA VAL I 479 -61.93 20.24 19.26
C VAL I 479 -61.05 21.32 18.61
N GLU I 480 -61.50 21.87 17.48
CA GLU I 480 -60.66 22.76 16.64
C GLU I 480 -60.39 24.10 17.32
N MET J 1 -77.39 3.98 -28.81
CA MET J 1 -77.14 4.13 -27.34
C MET J 1 -76.28 5.36 -27.07
N ARG J 2 -76.18 5.72 -25.80
CA ARG J 2 -75.33 6.82 -25.36
C ARG J 2 -74.11 6.24 -24.65
N LEU J 3 -72.92 6.57 -25.13
CA LEU J 3 -71.68 6.10 -24.51
C LEU J 3 -71.50 6.88 -23.20
N THR J 4 -71.48 6.17 -22.06
CA THR J 4 -71.45 6.83 -20.76
C THR J 4 -70.09 6.72 -20.05
N GLN J 5 -69.03 6.62 -20.85
CA GLN J 5 -67.70 7.02 -20.44
C GLN J 5 -67.71 8.51 -20.14
N GLY J 6 -66.82 8.94 -19.24
CA GLY J 6 -66.69 10.33 -18.89
C GLY J 6 -67.45 10.67 -17.63
N THR J 7 -67.01 11.71 -16.95
CA THR J 7 -67.52 12.07 -15.64
C THR J 7 -68.97 12.56 -15.62
N PHE J 8 -69.44 13.14 -16.73
CA PHE J 8 -70.77 13.79 -16.78
C PHE J 8 -71.72 13.25 -17.85
N SER J 9 -71.56 11.99 -18.26
CA SER J 9 -72.33 11.48 -19.40
C SER J 9 -73.77 11.05 -19.10
N PHE J 10 -74.16 11.04 -17.83
CA PHE J 10 -75.58 10.90 -17.46
C PHE J 10 -76.31 12.24 -17.44
N LEU J 11 -75.58 13.32 -17.65
CA LEU J 11 -76.16 14.66 -17.84
C LEU J 11 -76.19 14.95 -19.33
N PRO J 12 -77.03 15.91 -19.76
CA PRO J 12 -77.02 16.29 -21.18
C PRO J 12 -75.64 16.74 -21.65
N ASP J 13 -75.42 16.66 -22.96
CA ASP J 13 -74.18 17.13 -23.55
C ASP J 13 -73.89 18.54 -23.04
N LEU J 14 -72.65 18.78 -22.61
CA LEU J 14 -72.30 20.03 -21.97
C LEU J 14 -72.28 21.20 -22.96
N THR J 15 -72.79 22.34 -22.52
CA THR J 15 -72.68 23.57 -23.31
C THR J 15 -71.23 24.09 -23.22
N ASP J 16 -70.87 25.02 -24.11
CA ASP J 16 -69.55 25.63 -24.06
C ASP J 16 -69.28 26.36 -22.73
N GLU J 17 -70.30 27.02 -22.18
CA GLU J 17 -70.17 27.67 -20.87
C GLU J 17 -69.90 26.64 -19.76
N GLN J 18 -70.64 25.54 -19.76
CA GLN J 18 -70.40 24.45 -18.80
C GLN J 18 -68.98 23.90 -18.93
N ILE J 19 -68.54 23.66 -20.17
CA ILE J 19 -67.19 23.18 -20.41
C ILE J 19 -66.18 24.17 -19.85
N LYS J 20 -66.37 25.46 -20.15
CA LYS J 20 -65.46 26.51 -19.68
C LYS J 20 -65.32 26.55 -18.15
N LYS J 21 -66.43 26.31 -17.44
CA LYS J 21 -66.40 26.24 -15.98
C LYS J 21 -65.58 25.03 -15.47
N GLN J 22 -65.65 23.90 -16.15
CA GLN J 22 -64.80 22.74 -15.80
C GLN J 22 -63.33 23.06 -16.05
N VAL J 23 -63.05 23.72 -17.18
CA VAL J 23 -61.70 24.17 -17.50
C VAL J 23 -61.19 25.13 -16.42
N ASP J 24 -62.03 26.09 -16.02
CA ASP J 24 -61.70 27.01 -14.92
C ASP J 24 -61.40 26.27 -13.62
N TYR J 25 -62.19 25.24 -13.32
CA TYR J 25 -61.94 24.41 -12.13
C TYR J 25 -60.56 23.77 -12.20
N ALA J 26 -60.24 23.15 -13.34
CA ALA J 26 -58.94 22.51 -13.54
C ALA J 26 -57.77 23.49 -13.40
N ILE J 27 -57.91 24.67 -14.00
CA ILE J 27 -56.90 25.74 -13.89
C ILE J 27 -56.66 26.17 -12.45
N SER J 28 -57.74 26.35 -11.68
CA SER J 28 -57.64 26.76 -10.28
C SER J 28 -56.88 25.73 -9.43
N GLN J 29 -56.91 24.46 -9.82
CA GLN J 29 -56.14 23.39 -9.16
C GLN J 29 -54.73 23.20 -9.72
N ASN J 30 -54.31 24.05 -10.67
CA ASN J 30 -53.05 23.90 -11.39
C ASN J 30 -52.86 22.55 -12.13
N TRP J 31 -53.96 21.98 -12.62
CA TRP J 31 -53.92 20.74 -13.39
C TRP J 31 -53.60 21.03 -14.85
N ALA J 32 -52.88 20.10 -15.49
CA ALA J 32 -52.60 20.20 -16.91
C ALA J 32 -53.85 19.70 -17.64
N ILE J 33 -54.14 20.27 -18.79
CA ILE J 33 -55.33 19.93 -19.57
C ILE J 33 -54.92 19.46 -20.95
N ASN J 34 -55.56 18.40 -21.44
CA ASN J 34 -55.42 18.05 -22.85
C ASN J 34 -56.73 17.61 -23.46
N ILE J 35 -56.72 17.50 -24.78
CA ILE J 35 -57.89 17.20 -25.59
C ILE J 35 -57.55 15.96 -26.40
N GLU J 36 -58.47 15.00 -26.42
CA GLU J 36 -58.28 13.76 -27.14
C GLU J 36 -59.54 13.38 -27.89
N TYR J 37 -59.38 12.60 -28.96
CA TYR J 37 -60.49 12.22 -29.80
C TYR J 37 -60.35 10.77 -30.26
N THR J 38 -61.47 10.12 -30.54
CA THR J 38 -61.45 8.75 -31.05
C THR J 38 -62.66 8.39 -31.86
N GLU J 39 -62.47 7.41 -32.74
CA GLU J 39 -63.58 6.72 -33.40
C GLU J 39 -63.57 5.21 -33.10
N ASP J 40 -62.89 4.80 -32.02
CA ASP J 40 -63.08 3.47 -31.44
C ASP J 40 -63.63 3.68 -30.02
N PRO J 41 -64.95 3.44 -29.82
CA PRO J 41 -65.58 3.67 -28.52
C PRO J 41 -65.36 2.57 -27.47
N HIS J 42 -64.54 1.56 -27.77
CA HIS J 42 -64.32 0.41 -26.87
C HIS J 42 -63.95 0.88 -25.46
N PRO J 43 -64.56 0.27 -24.42
CA PRO J 43 -64.28 0.72 -23.04
C PRO J 43 -62.83 0.59 -22.58
N ARG J 44 -62.07 -0.27 -23.23
CA ARG J 44 -60.64 -0.44 -22.99
C ARG J 44 -59.73 0.15 -24.07
N ASN J 45 -60.26 1.07 -24.88
CA ASN J 45 -59.45 1.87 -25.78
C ASN J 45 -58.78 2.96 -24.94
N ASN J 46 -57.64 2.61 -24.32
CA ASN J 46 -56.97 3.51 -23.37
C ASN J 46 -56.36 4.75 -24.01
N PHE J 47 -55.95 4.66 -25.27
CA PHE J 47 -55.17 5.72 -25.93
C PHE J 47 -55.95 6.36 -27.07
N TRP J 48 -56.84 7.27 -26.70
CA TRP J 48 -57.50 8.12 -27.69
C TRP J 48 -56.42 8.99 -28.34
N GLU J 49 -56.72 9.52 -29.51
CA GLU J 49 -55.73 10.27 -30.27
C GLU J 49 -55.50 11.64 -29.64
N LEU J 50 -54.24 12.05 -29.56
CA LEU J 50 -53.86 13.33 -28.99
C LEU J 50 -54.17 14.46 -29.94
N TRP J 51 -54.81 15.51 -29.45
CA TRP J 51 -54.92 16.78 -30.17
C TRP J 51 -53.81 17.70 -29.64
N GLY J 52 -52.66 17.64 -30.29
CA GLY J 52 -51.46 18.36 -29.85
C GLY J 52 -50.92 17.87 -28.52
N LEU J 53 -50.15 18.72 -27.86
CA LEU J 53 -49.60 18.44 -26.53
C LEU J 53 -50.56 18.91 -25.46
N PRO J 54 -50.45 18.35 -24.25
CA PRO J 54 -51.19 18.92 -23.13
C PRO J 54 -50.76 20.37 -22.86
N LEU J 55 -51.66 21.19 -22.34
CA LEU J 55 -51.33 22.54 -21.89
C LEU J 55 -50.93 22.47 -20.42
N PHE J 56 -49.71 22.92 -20.11
CA PHE J 56 -49.20 22.93 -18.74
C PHE J 56 -49.12 24.38 -18.25
N ASP J 57 -49.27 24.57 -16.93
CA ASP J 57 -49.23 25.90 -16.28
C ASP J 57 -50.15 26.91 -16.99
N ILE J 58 -51.44 26.60 -17.03
CA ILE J 58 -52.40 27.32 -17.88
C ILE J 58 -52.91 28.57 -17.15
N ASN J 59 -52.91 29.68 -17.85
CA ASN J 59 -53.31 30.96 -17.29
C ASN J 59 -54.79 31.24 -17.56
N ASP J 60 -55.19 31.00 -18.80
CA ASP J 60 -56.46 31.49 -19.36
C ASP J 60 -57.25 30.31 -19.94
N ALA J 61 -58.51 30.20 -19.55
CA ALA J 61 -59.42 29.20 -20.10
C ALA J 61 -59.66 29.35 -21.62
N ALA J 62 -59.59 30.60 -22.11
CA ALA J 62 -59.79 30.90 -23.54
C ALA J 62 -58.88 30.12 -24.47
N THR J 63 -57.64 29.88 -24.06
CA THR J 63 -56.69 29.08 -24.82
C THR J 63 -57.16 27.64 -25.02
N VAL J 64 -57.71 27.07 -23.95
CA VAL J 64 -58.27 25.72 -24.01
C VAL J 64 -59.52 25.71 -24.91
N MET J 65 -60.40 26.69 -24.72
CA MET J 65 -61.62 26.79 -25.54
C MET J 65 -61.30 26.97 -27.01
N TYR J 66 -60.22 27.71 -27.31
CA TYR J 66 -59.75 27.87 -28.68
C TYR J 66 -59.39 26.52 -29.30
N GLU J 67 -58.57 25.74 -28.61
CA GLU J 67 -58.18 24.41 -29.12
C GLU J 67 -59.33 23.42 -29.18
N ILE J 68 -60.30 23.54 -28.25
CA ILE J 68 -61.53 22.74 -28.32
C ILE J 68 -62.26 23.01 -29.64
N GLY J 69 -62.44 24.29 -29.96
CA GLY J 69 -63.04 24.69 -31.22
C GLY J 69 -62.27 24.19 -32.43
N SER J 70 -60.94 24.30 -32.35
CA SER J 70 -60.06 23.88 -33.44
C SER J 70 -60.13 22.35 -33.66
N CYS J 71 -60.13 21.58 -32.57
CA CYS J 71 -60.30 20.13 -32.67
C CYS J 71 -61.67 19.78 -33.26
N ARG J 72 -62.72 20.47 -32.81
CA ARG J 72 -64.09 20.24 -33.32
C ARG J 72 -64.25 20.45 -34.80
N GLN J 73 -63.56 21.46 -35.35
CA GLN J 73 -63.58 21.69 -36.80
C GLN J 73 -63.07 20.48 -37.60
N GLN J 74 -62.10 19.75 -37.05
CA GLN J 74 -61.55 18.55 -37.68
C GLN J 74 -62.27 17.25 -37.29
N HIS J 75 -62.87 17.19 -36.10
CA HIS J 75 -63.32 15.93 -35.50
C HIS J 75 -64.67 15.93 -34.75
N SER J 76 -65.53 16.92 -34.97
CA SER J 76 -66.83 16.97 -34.23
C SER J 76 -67.85 15.89 -34.62
N ASN J 77 -67.61 15.16 -35.71
CA ASN J 77 -68.38 13.95 -36.01
C ASN J 77 -68.04 12.70 -35.15
N VAL J 78 -66.95 12.74 -34.39
CA VAL J 78 -66.53 11.58 -33.57
C VAL J 78 -66.52 11.98 -32.09
N TYR J 79 -65.93 11.14 -31.24
CA TYR J 79 -65.80 11.45 -29.82
C TYR J 79 -64.65 12.41 -29.57
N ILE J 80 -64.87 13.40 -28.70
CA ILE J 80 -63.80 14.26 -28.19
C ILE J 80 -64.00 14.35 -26.69
N LYS J 81 -62.89 14.28 -25.95
CA LYS J 81 -62.90 14.41 -24.49
C LYS J 81 -61.84 15.38 -24.02
N VAL J 82 -62.09 15.97 -22.86
CA VAL J 82 -61.16 16.85 -22.17
C VAL J 82 -60.70 16.10 -20.92
N ASN J 83 -59.39 16.02 -20.73
CA ASN J 83 -58.80 15.42 -19.54
C ASN J 83 -58.00 16.44 -18.74
N ALA J 84 -57.95 16.25 -17.43
CA ALA J 84 -57.09 17.04 -16.56
C ALA J 84 -56.16 16.11 -15.78
N PHE J 85 -54.89 16.51 -15.66
CA PHE J 85 -53.83 15.67 -15.06
C PHE J 85 -53.19 16.39 -13.90
N ASP J 86 -52.92 15.64 -12.84
CA ASP J 86 -52.27 16.14 -11.64
C ASP J 86 -50.96 15.37 -11.44
N ASN J 87 -49.84 16.10 -11.57
CA ASN J 87 -48.50 15.48 -11.41
C ASN J 87 -47.92 15.52 -9.97
N THR J 88 -48.74 15.89 -8.99
CA THR J 88 -48.40 15.74 -7.57
C THR J 88 -48.01 14.30 -7.26
N ARG J 89 -46.88 14.07 -6.56
CA ARG J 89 -46.48 12.70 -6.23
C ARG J 89 -47.60 11.97 -5.49
N GLY J 90 -47.84 10.73 -5.91
CA GLY J 90 -48.90 9.91 -5.35
C GLY J 90 -50.20 10.01 -6.10
N VAL J 91 -50.35 11.01 -6.98
CA VAL J 91 -51.46 11.06 -7.92
C VAL J 91 -50.85 10.71 -9.27
N GLU J 92 -50.17 11.68 -9.91
CA GLU J 92 -49.50 11.45 -11.18
C GLU J 92 -50.38 10.68 -12.16
N SER J 93 -51.58 11.23 -12.35
CA SER J 93 -52.62 10.60 -13.14
C SER J 93 -53.67 11.61 -13.55
N CYS J 94 -54.56 11.15 -14.42
CA CYS J 94 -55.77 11.86 -14.76
C CYS J 94 -56.63 12.01 -13.50
N VAL J 95 -57.21 13.20 -13.32
CA VAL J 95 -58.14 13.46 -12.22
C VAL J 95 -59.52 13.95 -12.66
N LEU J 96 -59.74 14.06 -13.98
CA LEU J 96 -61.02 14.48 -14.53
C LEU J 96 -60.99 14.15 -16.01
N SER J 97 -62.04 13.51 -16.52
CA SER J 97 -62.16 13.22 -17.93
C SER J 97 -63.62 13.21 -18.33
N PHE J 98 -64.01 14.10 -19.25
CA PHE J 98 -65.41 14.20 -19.67
C PHE J 98 -65.53 14.43 -21.16
N LEU J 99 -66.60 13.86 -21.73
CA LEU J 99 -66.85 13.93 -23.15
C LEU J 99 -67.40 15.31 -23.50
N ILE J 100 -66.87 15.91 -24.56
CA ILE J 100 -67.38 17.18 -25.09
C ILE J 100 -67.99 17.08 -26.49
N ASN J 101 -67.77 15.98 -27.19
CA ASN J 101 -68.43 15.70 -28.46
C ASN J 101 -68.72 14.24 -28.57
N ARG J 102 -69.85 13.92 -29.20
CA ARG J 102 -70.19 12.55 -29.50
C ARG J 102 -70.86 12.51 -30.86
N PRO J 103 -70.81 11.36 -31.54
CA PRO J 103 -71.45 11.25 -32.85
C PRO J 103 -72.96 11.41 -32.74
N SER J 104 -73.61 11.79 -33.84
CA SER J 104 -75.07 11.90 -33.87
C SER J 104 -75.75 10.56 -33.57
N TYR J 105 -75.18 9.45 -34.04
CA TYR J 105 -75.68 8.12 -33.72
C TYR J 105 -74.56 7.17 -33.32
N GLU J 106 -74.69 6.59 -32.12
CA GLU J 106 -73.76 5.56 -31.65
C GLU J 106 -74.50 4.23 -31.64
N PRO J 107 -74.17 3.33 -32.58
CA PRO J 107 -74.86 2.03 -32.57
C PRO J 107 -74.47 1.12 -31.39
N GLY J 108 -73.29 1.32 -30.80
CA GLY J 108 -72.91 0.60 -29.58
C GLY J 108 -72.20 -0.71 -29.89
N PHE J 109 -72.51 -1.74 -29.11
CA PHE J 109 -71.71 -2.97 -29.09
C PHE J 109 -72.54 -4.25 -29.22
N ARG J 110 -71.98 -5.23 -29.95
CA ARG J 110 -72.44 -6.62 -29.90
C ARG J 110 -71.65 -7.33 -28.82
N LEU J 111 -72.32 -8.00 -27.90
CA LEU J 111 -71.64 -8.91 -26.97
C LEU J 111 -71.40 -10.25 -27.63
N VAL J 112 -70.14 -10.59 -27.86
CA VAL J 112 -69.73 -11.83 -28.50
C VAL J 112 -69.36 -12.82 -27.40
N ARG J 113 -69.88 -14.04 -27.51
CA ARG J 113 -69.62 -15.13 -26.56
C ARG J 113 -69.01 -16.32 -27.29
N SER J 114 -68.07 -17.00 -26.63
CA SER J 114 -67.50 -18.25 -27.13
C SER J 114 -67.56 -19.30 -26.05
N GLU J 115 -67.85 -20.53 -26.44
CA GLU J 115 -67.87 -21.66 -25.52
C GLU J 115 -66.45 -21.94 -25.07
N ASP J 116 -66.27 -22.15 -23.76
CA ASP J 116 -64.96 -22.51 -23.25
C ASP J 116 -65.13 -23.73 -22.35
N ILE J 117 -64.33 -23.88 -21.30
CA ILE J 117 -64.31 -25.13 -20.57
C ILE J 117 -65.51 -25.22 -19.63
N SER J 118 -66.08 -26.41 -19.53
CA SER J 118 -67.30 -26.64 -18.77
C SER J 118 -68.34 -25.55 -19.13
N ARG J 119 -68.78 -24.74 -18.15
CA ARG J 119 -69.74 -23.65 -18.39
C ARG J 119 -69.11 -22.28 -18.64
N ASN J 120 -67.79 -22.18 -18.54
CA ASN J 120 -67.11 -20.90 -18.73
C ASN J 120 -67.26 -20.45 -20.16
N GLN J 121 -67.36 -19.13 -20.36
CA GLN J 121 -67.36 -18.55 -21.68
C GLN J 121 -66.28 -17.46 -21.79
N LYS J 122 -65.86 -17.18 -23.03
CA LYS J 122 -65.00 -16.03 -23.32
C LYS J 122 -65.87 -14.97 -23.96
N TYR J 123 -65.64 -13.72 -23.58
CA TYR J 123 -66.44 -12.60 -24.06
C TYR J 123 -65.60 -11.55 -24.81
N SER J 124 -66.25 -10.89 -25.77
CA SER J 124 -65.65 -9.77 -26.51
C SER J 124 -66.71 -8.71 -26.77
N PHE J 125 -66.30 -7.44 -26.73
CA PHE J 125 -67.17 -6.31 -27.01
C PHE J 125 -66.83 -5.84 -28.40
N HIS J 126 -67.76 -6.06 -29.33
CA HIS J 126 -67.59 -5.67 -30.73
C HIS J 126 -68.32 -4.36 -31.00
N SER J 127 -67.56 -3.32 -31.38
CA SER J 127 -68.15 -2.03 -31.76
C SER J 127 -68.74 -2.11 -33.17
N TYR J 128 -70.05 -1.91 -33.28
CA TYR J 128 -70.71 -1.78 -34.58
C TYR J 128 -70.08 -0.68 -35.45
N ALA J 129 -69.71 0.44 -34.85
CA ALA J 129 -69.05 1.53 -35.60
C ALA J 129 -67.79 1.02 -36.33
N THR J 130 -67.03 0.15 -35.66
CA THR J 130 -65.80 -0.43 -36.23
C THR J 130 -66.03 -1.48 -37.29
N ASP J 131 -67.28 -1.80 -37.64
CA ASP J 131 -67.57 -2.58 -38.86
C ASP J 131 -67.08 -1.87 -40.12
N LYS J 132 -66.93 -0.55 -40.05
CA LYS J 132 -66.36 0.23 -41.14
C LYS J 132 -64.99 0.78 -40.78
N PRO J 133 -64.17 1.08 -41.80
CA PRO J 133 -62.83 1.63 -41.55
C PRO J 133 -62.85 3.03 -40.95
N GLU J 134 -61.75 3.39 -40.29
CA GLU J 134 -61.55 4.76 -39.80
C GLU J 134 -61.82 5.77 -40.92
N GLY J 135 -62.53 6.84 -40.60
CA GLY J 135 -62.95 7.82 -41.59
C GLY J 135 -64.34 7.59 -42.14
N SER J 136 -64.86 6.36 -42.02
CA SER J 136 -66.19 5.99 -42.53
C SER J 136 -67.11 5.44 -41.43
N ARG J 137 -66.78 5.69 -40.16
CA ARG J 137 -67.48 5.06 -39.04
C ARG J 137 -68.67 5.86 -38.54
N TYR J 138 -68.52 7.17 -38.48
CA TYR J 138 -69.58 8.03 -37.93
C TYR J 138 -69.86 9.20 -38.88
N SER K 2 -16.77 -84.18 0.90
CA SER K 2 -17.49 -82.90 1.16
C SER K 2 -18.97 -82.99 0.73
N VAL K 3 -19.82 -82.20 1.38
CA VAL K 3 -21.24 -82.12 1.04
C VAL K 3 -21.49 -81.72 -0.43
N GLU K 4 -20.66 -80.81 -0.94
CA GLU K 4 -20.76 -80.36 -2.34
C GLU K 4 -20.53 -81.54 -3.27
N GLU K 5 -19.49 -82.34 -2.99
CA GLU K 5 -19.20 -83.53 -3.81
C GLU K 5 -20.33 -84.56 -3.72
N ARG K 6 -20.79 -84.84 -2.50
CA ARG K 6 -21.89 -85.81 -2.27
C ARG K 6 -23.21 -85.40 -2.92
N THR K 7 -23.49 -84.09 -2.99
CA THR K 7 -24.75 -83.58 -3.55
C THR K 7 -24.67 -83.19 -5.04
N ARG K 8 -23.55 -83.46 -5.71
CA ARG K 8 -23.45 -83.35 -7.18
C ARG K 8 -24.56 -84.13 -7.86
N ILE K 9 -25.17 -83.54 -8.89
CA ILE K 9 -26.21 -84.21 -9.67
C ILE K 9 -25.53 -85.25 -10.58
N LYS K 10 -26.08 -86.48 -10.57
CA LYS K 10 -25.59 -87.58 -11.41
C LYS K 10 -26.55 -87.95 -12.55
N ASN K 11 -27.78 -87.42 -12.53
CA ASN K 11 -28.72 -87.53 -13.65
C ASN K 11 -28.06 -87.08 -14.96
N GLU K 12 -28.27 -87.85 -16.02
CA GLU K 12 -27.60 -87.61 -17.32
C GLU K 12 -27.84 -86.19 -17.87
N ARG K 13 -29.07 -85.70 -17.77
CA ARG K 13 -29.42 -84.38 -18.30
C ARG K 13 -28.85 -83.21 -17.49
N TYR K 14 -28.85 -83.32 -16.15
CA TYR K 14 -28.48 -82.18 -15.29
C TYR K 14 -27.13 -82.34 -14.55
N GLU K 15 -26.34 -83.36 -14.90
CA GLU K 15 -24.95 -83.40 -14.44
C GLU K 15 -24.16 -82.33 -15.19
N SER K 16 -23.14 -81.78 -14.56
CA SER K 16 -22.35 -80.71 -15.17
C SER K 16 -21.71 -81.15 -16.47
N GLY K 17 -21.62 -80.21 -17.41
CA GLY K 17 -20.92 -80.42 -18.66
C GLY K 17 -21.69 -79.87 -19.85
N VAL K 18 -21.01 -79.88 -20.98
CA VAL K 18 -21.57 -79.41 -22.24
C VAL K 18 -22.26 -80.59 -22.93
N ILE K 19 -23.52 -80.41 -23.31
CA ILE K 19 -24.21 -81.33 -24.20
C ILE K 19 -24.87 -80.55 -25.35
N PRO K 20 -25.13 -81.20 -26.51
CA PRO K 20 -25.74 -80.47 -27.63
C PRO K 20 -27.09 -79.84 -27.27
N TYR K 21 -27.40 -78.67 -27.84
CA TYR K 21 -28.71 -78.02 -27.61
C TYR K 21 -29.88 -78.93 -28.03
N ALA K 22 -29.71 -79.68 -29.12
CA ALA K 22 -30.74 -80.63 -29.58
C ALA K 22 -31.01 -81.81 -28.61
N LYS K 23 -30.14 -82.02 -27.60
CA LYS K 23 -30.40 -82.97 -26.50
C LYS K 23 -30.80 -82.31 -25.18
N MET K 24 -30.94 -80.98 -25.17
CA MET K 24 -31.29 -80.22 -23.96
C MET K 24 -32.79 -79.89 -23.90
N GLY K 25 -33.56 -80.34 -24.90
CA GLY K 25 -34.99 -80.07 -24.97
C GLY K 25 -35.40 -78.99 -25.96
N TYR K 26 -34.46 -78.48 -26.74
CA TYR K 26 -34.72 -77.38 -27.69
C TYR K 26 -35.04 -77.85 -29.11
N TRP K 27 -35.02 -79.16 -29.33
CA TRP K 27 -35.45 -79.78 -30.58
C TRP K 27 -36.58 -80.76 -30.25
N ASP K 28 -37.75 -80.52 -30.83
CA ASP K 28 -38.87 -81.43 -30.68
C ASP K 28 -39.76 -81.38 -31.92
N PRO K 29 -39.51 -82.28 -32.88
CA PRO K 29 -40.34 -82.32 -34.09
C PRO K 29 -41.77 -82.82 -33.88
N ASN K 30 -42.08 -83.36 -32.70
CA ASN K 30 -43.46 -83.75 -32.34
C ASN K 30 -44.17 -82.72 -31.45
N TYR K 31 -43.59 -81.53 -31.29
CA TYR K 31 -44.18 -80.52 -30.42
C TYR K 31 -45.52 -80.02 -30.97
N ALA K 32 -46.53 -79.97 -30.11
CA ALA K 32 -47.86 -79.51 -30.51
C ALA K 32 -47.94 -78.01 -30.25
N VAL K 33 -47.92 -77.22 -31.33
CA VAL K 33 -47.96 -75.76 -31.24
C VAL K 33 -49.28 -75.32 -30.59
N LYS K 34 -49.17 -74.44 -29.59
CA LYS K 34 -50.32 -73.87 -28.92
C LYS K 34 -50.72 -72.54 -29.58
N ASP K 35 -52.00 -72.21 -29.54
CA ASP K 35 -52.49 -70.96 -30.12
C ASP K 35 -52.01 -69.72 -29.36
N THR K 36 -51.49 -69.89 -28.13
CA THR K 36 -50.84 -68.81 -27.40
C THR K 36 -49.32 -68.67 -27.64
N ASP K 37 -48.70 -69.60 -28.37
CA ASP K 37 -47.25 -69.58 -28.56
C ASP K 37 -46.87 -68.45 -29.51
N ILE K 38 -45.73 -67.82 -29.23
CA ILE K 38 -45.06 -66.96 -30.20
C ILE K 38 -44.24 -67.90 -31.09
N LEU K 39 -44.40 -67.76 -32.41
CA LEU K 39 -43.62 -68.55 -33.35
C LEU K 39 -42.66 -67.65 -34.11
N ALA K 40 -41.46 -68.17 -34.41
CA ALA K 40 -40.51 -67.45 -35.25
C ALA K 40 -40.04 -68.37 -36.36
N LEU K 41 -39.85 -67.80 -37.55
CA LEU K 41 -39.18 -68.50 -38.64
C LEU K 41 -37.83 -67.86 -38.92
N PHE K 42 -36.77 -68.65 -38.78
CA PHE K 42 -35.41 -68.22 -39.05
C PHE K 42 -34.90 -68.90 -40.32
N ARG K 43 -34.13 -68.17 -41.11
CA ARG K 43 -33.34 -68.74 -42.20
C ARG K 43 -31.95 -68.98 -41.61
N VAL K 44 -31.57 -70.25 -41.48
CA VAL K 44 -30.35 -70.65 -40.76
C VAL K 44 -29.29 -71.15 -41.73
N SER K 45 -28.09 -70.58 -41.67
CA SER K 45 -26.93 -71.00 -42.47
C SER K 45 -25.85 -71.50 -41.53
N PRO K 46 -25.77 -72.82 -41.30
CA PRO K 46 -24.77 -73.33 -40.36
C PRO K 46 -23.35 -73.21 -40.89
N GLN K 47 -22.39 -73.11 -39.98
CA GLN K 47 -20.98 -73.23 -40.34
C GLN K 47 -20.73 -74.65 -40.85
N PRO K 48 -19.67 -74.84 -41.66
CA PRO K 48 -19.32 -76.20 -42.10
C PRO K 48 -19.14 -77.15 -40.92
N GLY K 49 -19.71 -78.35 -41.05
CA GLY K 49 -19.62 -79.36 -40.00
C GLY K 49 -20.68 -79.29 -38.91
N VAL K 50 -21.50 -78.23 -38.91
CA VAL K 50 -22.55 -78.07 -37.91
C VAL K 50 -23.84 -78.66 -38.47
N ASP K 51 -24.47 -79.52 -37.67
CA ASP K 51 -25.71 -80.15 -38.07
C ASP K 51 -26.83 -79.10 -38.12
N PRO K 52 -27.66 -79.11 -39.17
CA PRO K 52 -28.79 -78.15 -39.28
C PRO K 52 -29.77 -78.17 -38.10
N VAL K 53 -30.10 -79.35 -37.58
CA VAL K 53 -30.98 -79.44 -36.41
C VAL K 53 -30.31 -78.86 -35.14
N GLU K 54 -29.02 -79.15 -34.96
CA GLU K 54 -28.27 -78.59 -33.83
C GLU K 54 -28.18 -77.06 -33.92
N ALA K 55 -27.91 -76.53 -35.11
CA ALA K 55 -27.87 -75.08 -35.31
C ALA K 55 -29.23 -74.46 -34.96
N SER K 56 -30.30 -75.09 -35.43
CA SER K 56 -31.66 -74.64 -35.14
C SER K 56 -32.00 -74.74 -33.65
N ALA K 57 -31.59 -75.84 -33.01
CA ALA K 57 -31.77 -76.00 -31.56
C ALA K 57 -30.95 -74.97 -30.76
N ALA K 58 -29.76 -74.62 -31.25
CA ALA K 58 -28.93 -73.58 -30.62
C ALA K 58 -29.64 -72.22 -30.64
N VAL K 59 -30.25 -71.90 -31.78
CA VAL K 59 -31.02 -70.66 -31.91
C VAL K 59 -32.19 -70.68 -30.92
N ALA K 60 -32.94 -71.79 -30.89
CA ALA K 60 -34.07 -71.94 -29.96
C ALA K 60 -33.61 -71.79 -28.51
N GLY K 61 -32.52 -72.48 -28.16
CA GLY K 61 -31.98 -72.44 -26.80
C GLY K 61 -31.53 -71.08 -26.34
N GLU K 62 -30.70 -70.44 -27.16
CA GLU K 62 -30.08 -69.17 -26.78
C GLU K 62 -31.01 -67.95 -26.95
N SER K 63 -32.19 -68.15 -27.55
CA SER K 63 -33.27 -67.15 -27.55
C SER K 63 -34.38 -67.44 -26.53
N SER K 64 -34.17 -68.42 -25.64
CA SER K 64 -35.17 -68.74 -24.63
C SER K 64 -34.54 -68.90 -23.25
N THR K 65 -34.04 -70.10 -22.93
CA THR K 65 -33.56 -70.40 -21.56
C THR K 65 -32.14 -70.98 -21.43
N ALA K 66 -31.52 -71.35 -22.56
CA ALA K 66 -30.30 -72.13 -22.54
C ALA K 66 -29.07 -71.27 -22.30
N THR K 67 -28.01 -71.90 -21.80
CA THR K 67 -26.66 -71.43 -22.06
C THR K 67 -25.83 -72.60 -22.62
N TRP K 68 -24.52 -72.42 -22.67
CA TRP K 68 -23.59 -73.31 -23.40
C TRP K 68 -23.19 -74.59 -22.64
N THR K 69 -23.52 -74.63 -21.36
CA THR K 69 -23.21 -75.75 -20.47
C THR K 69 -24.44 -75.93 -19.56
N VAL K 70 -24.59 -77.12 -19.00
CA VAL K 70 -25.76 -77.48 -18.21
C VAL K 70 -25.77 -76.75 -16.87
N VAL K 71 -26.94 -76.25 -16.47
CA VAL K 71 -27.07 -75.58 -15.17
C VAL K 71 -28.20 -76.22 -14.34
N TRP K 72 -27.88 -76.53 -13.08
CA TRP K 72 -28.85 -77.16 -12.16
C TRP K 72 -30.06 -76.28 -11.87
N THR K 73 -29.86 -74.97 -11.92
CA THR K 73 -30.90 -73.99 -11.65
C THR K 73 -32.12 -74.10 -12.58
N ASP K 74 -32.00 -74.75 -13.74
CA ASP K 74 -33.17 -75.15 -14.56
C ASP K 74 -34.27 -75.81 -13.70
N LEU K 75 -33.85 -76.65 -12.75
CA LEU K 75 -34.76 -77.45 -11.92
C LEU K 75 -35.56 -76.64 -10.88
N LEU K 76 -35.19 -75.38 -10.68
CA LEU K 76 -36.00 -74.47 -9.87
C LEU K 76 -37.20 -73.90 -10.63
N THR K 77 -37.27 -74.14 -11.94
CA THR K 77 -38.28 -73.55 -12.80
C THR K 77 -39.08 -74.64 -13.48
N ALA K 78 -40.19 -74.25 -14.10
CA ALA K 78 -40.96 -75.16 -14.97
C ALA K 78 -40.26 -75.21 -16.33
N CYS K 79 -39.09 -75.84 -16.36
CA CYS K 79 -38.17 -75.70 -17.50
C CYS K 79 -38.72 -76.34 -18.78
N ASP K 80 -39.48 -77.43 -18.67
CA ASP K 80 -40.11 -78.07 -19.84
C ASP K 80 -41.01 -77.11 -20.61
N LEU K 81 -41.70 -76.22 -19.89
CA LEU K 81 -42.58 -75.23 -20.50
C LEU K 81 -41.80 -74.03 -21.06
N TYR K 82 -40.81 -73.54 -20.33
CA TYR K 82 -40.11 -72.31 -20.71
C TYR K 82 -39.11 -72.48 -21.86
N ARG K 83 -38.53 -73.67 -22.02
CA ARG K 83 -37.66 -73.93 -23.18
C ARG K 83 -38.41 -73.70 -24.50
N ALA K 84 -37.81 -72.94 -25.40
CA ALA K 84 -38.35 -72.83 -26.76
C ALA K 84 -38.04 -74.13 -27.48
N LYS K 85 -38.89 -74.48 -28.46
CA LYS K 85 -38.71 -75.69 -29.26
C LYS K 85 -38.60 -75.35 -30.74
N ALA K 86 -37.47 -75.70 -31.35
CA ALA K 86 -37.40 -75.83 -32.80
C ALA K 86 -38.23 -77.07 -33.10
N TYR K 87 -39.31 -76.90 -33.86
CA TYR K 87 -40.24 -78.01 -34.14
C TYR K 87 -40.29 -78.44 -35.60
N LYS K 88 -39.63 -77.69 -36.49
CA LYS K 88 -39.54 -78.05 -37.88
C LYS K 88 -38.31 -77.40 -38.50
N VAL K 89 -37.49 -78.21 -39.17
CA VAL K 89 -36.29 -77.74 -39.88
C VAL K 89 -36.36 -78.30 -41.29
N GLU K 90 -36.42 -77.41 -42.29
CA GLU K 90 -36.53 -77.79 -43.70
C GLU K 90 -35.41 -77.15 -44.49
N SER K 91 -35.02 -77.79 -45.60
CA SER K 91 -34.15 -77.16 -46.58
C SER K 91 -34.85 -76.01 -47.28
N VAL K 92 -34.15 -74.89 -47.44
CA VAL K 92 -34.63 -73.78 -48.26
C VAL K 92 -34.46 -74.18 -49.72
N PRO K 93 -35.50 -73.98 -50.55
CA PRO K 93 -35.38 -74.35 -51.98
C PRO K 93 -34.20 -73.66 -52.68
N ASN K 94 -33.56 -74.37 -53.61
CA ASN K 94 -32.47 -73.83 -54.44
C ASN K 94 -31.30 -73.29 -53.63
N THR K 95 -30.93 -74.00 -52.56
CA THR K 95 -29.75 -73.67 -51.75
C THR K 95 -29.08 -74.97 -51.33
N SER K 96 -27.81 -74.87 -50.95
CA SER K 96 -27.03 -76.06 -50.60
C SER K 96 -26.99 -76.33 -49.09
N ASP K 97 -26.83 -75.28 -48.28
CA ASP K 97 -26.66 -75.44 -46.82
C ASP K 97 -27.43 -74.36 -46.04
N GLN K 98 -28.70 -74.20 -46.38
CA GLN K 98 -29.55 -73.17 -45.78
C GLN K 98 -30.89 -73.76 -45.40
N TYR K 99 -31.39 -73.42 -44.21
CA TYR K 99 -32.58 -74.09 -43.64
C TYR K 99 -33.60 -73.12 -43.10
N PHE K 100 -34.87 -73.51 -43.19
CA PHE K 100 -35.93 -72.80 -42.48
C PHE K 100 -36.16 -73.51 -41.16
N ALA K 101 -36.01 -72.78 -40.06
CA ALA K 101 -36.25 -73.30 -38.72
C ALA K 101 -37.45 -72.60 -38.09
N TYR K 102 -38.47 -73.40 -37.76
CA TYR K 102 -39.67 -72.93 -37.08
C TYR K 102 -39.49 -73.19 -35.59
N ILE K 103 -39.64 -72.13 -34.78
CA ILE K 103 -39.39 -72.19 -33.33
C ILE K 103 -40.60 -71.64 -32.58
N SER K 104 -40.98 -72.33 -31.50
CA SER K 104 -42.12 -71.96 -30.68
C SER K 104 -41.65 -71.49 -29.30
N TYR K 105 -42.26 -70.40 -28.83
CA TYR K 105 -41.94 -69.78 -27.54
C TYR K 105 -43.21 -69.60 -26.74
N ASP K 106 -43.23 -70.08 -25.50
CA ASP K 106 -44.42 -69.90 -24.67
C ASP K 106 -44.69 -68.41 -24.41
N ILE K 107 -45.96 -68.05 -24.34
CA ILE K 107 -46.37 -66.68 -24.09
C ILE K 107 -45.79 -66.10 -22.78
N ASP K 108 -45.60 -66.95 -21.76
CA ASP K 108 -45.05 -66.52 -20.47
C ASP K 108 -43.59 -66.07 -20.49
N LEU K 109 -42.87 -66.32 -21.58
CA LEU K 109 -41.50 -65.82 -21.72
C LEU K 109 -41.42 -64.29 -21.87
N PHE K 110 -42.54 -63.63 -22.20
CA PHE K 110 -42.48 -62.26 -22.70
C PHE K 110 -43.19 -61.27 -21.81
N GLU K 111 -42.62 -60.08 -21.73
CA GLU K 111 -43.26 -58.98 -21.02
C GLU K 111 -44.40 -58.47 -21.88
N GLU K 112 -45.54 -58.32 -21.25
CA GLU K 112 -46.74 -57.86 -21.89
C GLU K 112 -46.49 -56.44 -22.42
N GLY K 113 -46.86 -56.21 -23.68
CA GLY K 113 -46.80 -54.88 -24.28
C GLY K 113 -45.44 -54.29 -24.56
N SER K 114 -44.38 -55.14 -24.57
CA SER K 114 -43.01 -54.65 -24.71
C SER K 114 -42.30 -55.21 -25.95
N ILE K 115 -42.11 -54.36 -26.96
CA ILE K 115 -41.26 -54.70 -28.11
C ILE K 115 -39.80 -54.93 -27.69
N ALA K 116 -39.29 -54.11 -26.78
CA ALA K 116 -37.92 -54.31 -26.26
C ALA K 116 -37.74 -55.70 -25.69
N ASN K 117 -38.72 -56.20 -24.94
CA ASN K 117 -38.58 -57.52 -24.37
C ASN K 117 -38.70 -58.65 -25.41
N LEU K 118 -39.72 -58.55 -26.26
CA LEU K 118 -39.89 -59.52 -27.34
C LEU K 118 -38.59 -59.65 -28.14
N THR K 119 -38.05 -58.51 -28.55
CA THR K 119 -36.85 -58.50 -29.38
C THR K 119 -35.59 -58.93 -28.61
N ALA K 120 -35.51 -58.59 -27.33
CA ALA K 120 -34.37 -59.03 -26.51
C ALA K 120 -34.19 -60.56 -26.57
N SER K 121 -35.30 -61.31 -26.54
CA SER K 121 -35.21 -62.76 -26.69
C SER K 121 -34.95 -63.16 -28.13
N ILE K 122 -35.80 -62.69 -29.04
CA ILE K 122 -35.83 -63.24 -30.39
C ILE K 122 -34.58 -62.87 -31.20
N ILE K 123 -34.06 -61.65 -31.02
CA ILE K 123 -32.88 -61.17 -31.77
C ILE K 123 -31.69 -60.75 -30.90
N GLY K 124 -31.76 -60.97 -29.59
CA GLY K 124 -30.76 -60.44 -28.68
C GLY K 124 -29.34 -60.87 -28.98
N ASN K 125 -29.10 -62.17 -28.98
CA ASN K 125 -27.74 -62.72 -29.12
C ASN K 125 -27.51 -63.70 -30.28
N VAL K 126 -28.56 -64.34 -30.77
CA VAL K 126 -28.41 -65.51 -31.67
C VAL K 126 -27.80 -65.21 -33.04
N PHE K 127 -27.85 -63.94 -33.49
CA PHE K 127 -27.27 -63.56 -34.78
C PHE K 127 -25.74 -63.49 -34.74
N GLY K 128 -25.17 -63.43 -33.52
CA GLY K 128 -23.73 -63.40 -33.34
C GLY K 128 -23.09 -64.74 -33.01
N PHE K 129 -23.85 -65.84 -33.00
CA PHE K 129 -23.29 -67.15 -32.64
C PHE K 129 -22.30 -67.65 -33.67
N LYS K 130 -21.11 -68.04 -33.20
CA LYS K 130 -20.07 -68.55 -34.08
C LYS K 130 -20.56 -69.69 -34.97
N ALA K 131 -21.35 -70.59 -34.39
CA ALA K 131 -21.75 -71.84 -35.07
C ALA K 131 -22.73 -71.66 -36.24
N VAL K 132 -23.38 -70.50 -36.34
CA VAL K 132 -24.16 -70.15 -37.53
C VAL K 132 -23.45 -69.00 -38.24
N LYS K 133 -23.06 -69.21 -39.50
CA LYS K 133 -22.37 -68.15 -40.24
C LYS K 133 -23.33 -67.05 -40.69
N ALA K 134 -24.61 -67.37 -40.79
CA ALA K 134 -25.64 -66.37 -41.07
C ALA K 134 -27.01 -66.81 -40.55
N LEU K 135 -27.86 -65.81 -40.29
CA LEU K 135 -29.14 -66.02 -39.65
C LEU K 135 -30.04 -64.87 -40.05
N ARG K 136 -31.27 -65.18 -40.45
CA ARG K 136 -32.24 -64.14 -40.75
C ARG K 136 -33.60 -64.49 -40.20
N LEU K 137 -34.21 -63.52 -39.51
CA LEU K 137 -35.57 -63.66 -39.02
C LEU K 137 -36.52 -63.26 -40.14
N GLU K 138 -37.31 -64.22 -40.60
CA GLU K 138 -38.16 -64.03 -41.80
C GLU K 138 -39.60 -63.65 -41.45
N ASP K 139 -40.16 -64.30 -40.43
CA ASP K 139 -41.54 -64.04 -40.02
C ASP K 139 -41.73 -64.47 -38.57
N MET K 140 -42.82 -64.00 -37.98
CA MET K 140 -43.24 -64.40 -36.65
C MET K 140 -44.74 -64.56 -36.63
N ARG K 141 -45.23 -65.47 -35.79
CA ARG K 141 -46.65 -65.57 -35.50
C ARG K 141 -46.84 -64.98 -34.12
N ILE K 142 -47.41 -63.78 -34.08
CA ILE K 142 -47.73 -63.13 -32.82
C ILE K 142 -49.17 -63.53 -32.48
N PRO K 143 -49.35 -64.29 -31.38
CA PRO K 143 -50.67 -64.81 -31.07
C PRO K 143 -51.60 -63.72 -30.56
N VAL K 144 -52.90 -63.92 -30.76
CA VAL K 144 -53.91 -62.95 -30.36
C VAL K 144 -53.76 -62.52 -28.89
N ALA K 145 -53.49 -63.50 -28.02
CA ALA K 145 -53.37 -63.22 -26.59
C ALA K 145 -52.20 -62.28 -26.24
N TYR K 146 -51.12 -62.32 -27.02
CA TYR K 146 -50.02 -61.39 -26.82
C TYR K 146 -50.31 -60.04 -27.52
N LEU K 147 -50.92 -60.06 -28.70
CA LEU K 147 -51.31 -58.82 -29.39
C LEU K 147 -52.20 -57.90 -28.57
N LYS K 148 -53.10 -58.49 -27.78
CA LYS K 148 -54.04 -57.73 -26.95
C LYS K 148 -53.37 -56.92 -25.84
N THR K 149 -52.10 -57.21 -25.55
CA THR K 149 -51.31 -56.43 -24.59
C THR K 149 -50.63 -55.20 -25.22
N PHE K 150 -50.80 -55.01 -26.54
CA PHE K 150 -50.27 -53.85 -27.25
C PHE K 150 -51.39 -52.93 -27.72
N GLN K 151 -51.07 -51.65 -27.85
CA GLN K 151 -52.06 -50.66 -28.27
C GLN K 151 -52.50 -50.84 -29.72
N GLY K 152 -51.55 -51.15 -30.59
CA GLY K 152 -51.76 -51.00 -32.01
C GLY K 152 -51.77 -49.52 -32.38
N PRO K 153 -51.93 -49.21 -33.68
CA PRO K 153 -51.87 -47.83 -34.15
C PRO K 153 -52.73 -46.84 -33.36
N ALA K 154 -52.13 -45.71 -33.00
CA ALA K 154 -52.81 -44.64 -32.29
C ALA K 154 -54.11 -44.23 -32.98
N THR K 155 -54.01 -44.05 -34.30
CA THR K 155 -55.09 -43.54 -35.12
C THR K 155 -55.64 -44.63 -36.03
N GLY K 156 -54.76 -45.19 -36.86
CA GLY K 156 -55.15 -46.18 -37.87
C GLY K 156 -55.77 -45.54 -39.09
N ILE K 157 -55.69 -46.24 -40.22
CA ILE K 157 -56.07 -45.66 -41.51
C ILE K 157 -57.55 -45.20 -41.55
N VAL K 158 -58.43 -45.90 -40.85
CA VAL K 158 -59.86 -45.58 -40.88
C VAL K 158 -60.13 -44.22 -40.25
N VAL K 159 -59.67 -44.04 -39.01
CA VAL K 159 -59.82 -42.76 -38.33
C VAL K 159 -59.02 -41.67 -39.05
N GLU K 160 -57.84 -42.01 -39.58
CA GLU K 160 -57.05 -41.05 -40.35
C GLU K 160 -57.85 -40.48 -41.53
N ARG K 161 -58.45 -41.36 -42.34
CA ARG K 161 -59.27 -40.89 -43.47
C ARG K 161 -60.44 -40.03 -43.02
N GLU K 162 -61.03 -40.38 -41.87
CA GLU K 162 -62.13 -39.59 -41.29
C GLU K 162 -61.65 -38.22 -40.83
N ARG K 163 -60.48 -38.14 -40.20
CA ARG K 163 -59.88 -36.86 -39.84
C ARG K 163 -59.56 -35.98 -41.06
N MET K 164 -59.04 -36.59 -42.11
CA MET K 164 -58.69 -35.87 -43.34
C MET K 164 -59.89 -35.62 -44.26
N ASP K 165 -61.01 -36.32 -44.02
CA ASP K 165 -62.17 -36.35 -44.90
C ASP K 165 -61.78 -36.72 -46.34
N LYS K 166 -61.01 -37.78 -46.48
CA LYS K 166 -60.47 -38.20 -47.78
C LYS K 166 -60.59 -39.72 -47.94
N PHE K 167 -61.48 -40.14 -48.84
CA PHE K 167 -61.85 -41.54 -49.02
C PHE K 167 -61.77 -41.94 -50.48
N GLY K 168 -61.50 -43.21 -50.73
CA GLY K 168 -61.57 -43.77 -52.09
C GLY K 168 -60.38 -43.50 -52.97
N ARG K 169 -59.29 -42.96 -52.41
CA ARG K 169 -58.07 -42.76 -53.14
C ARG K 169 -56.88 -42.81 -52.20
N PRO K 170 -55.69 -43.06 -52.76
CA PRO K 170 -54.47 -42.80 -51.99
C PRO K 170 -54.36 -41.35 -51.53
N PHE K 171 -53.66 -41.16 -50.42
CA PHE K 171 -53.20 -39.84 -50.03
C PHE K 171 -51.99 -39.49 -50.89
N GLY K 173 -48.35 -37.02 -50.80
CA GLY K 173 -47.41 -36.25 -50.01
C GLY K 173 -46.16 -35.89 -50.79
N ALA K 174 -45.22 -35.28 -50.06
CA ALA K 174 -43.92 -34.91 -50.61
C ALA K 174 -42.96 -34.55 -49.48
N THR K 175 -41.73 -35.04 -49.57
CA THR K 175 -40.66 -34.60 -48.69
C THR K 175 -40.06 -33.31 -49.23
N VAL K 176 -39.93 -32.32 -48.36
CA VAL K 176 -39.30 -31.04 -48.69
C VAL K 176 -37.82 -31.28 -49.02
N LYS K 177 -37.35 -30.59 -50.06
CA LYS K 177 -35.97 -30.71 -50.55
C LYS K 177 -35.43 -29.30 -50.84
N PRO K 178 -34.12 -29.07 -50.76
CA PRO K 178 -33.08 -30.07 -50.41
C PRO K 178 -33.24 -30.67 -49.03
N LYS K 179 -32.63 -31.83 -48.80
CA LYS K 179 -32.82 -32.55 -47.54
C LYS K 179 -32.45 -31.68 -46.35
N LEU K 180 -31.27 -31.08 -46.41
CA LEU K 180 -30.75 -30.21 -45.34
C LEU K 180 -30.39 -28.85 -45.93
N GLY K 181 -30.45 -27.82 -45.09
CA GLY K 181 -29.94 -26.49 -45.38
C GLY K 181 -30.99 -25.39 -45.42
N LEU K 182 -32.25 -25.76 -45.63
CA LEU K 182 -33.32 -24.76 -45.71
C LEU K 182 -33.60 -24.14 -44.34
N SER K 183 -34.02 -22.88 -44.37
CA SER K 183 -34.46 -22.16 -43.17
C SER K 183 -35.91 -22.51 -42.87
N GLY K 184 -36.36 -22.20 -41.65
CA GLY K 184 -37.76 -22.40 -41.28
C GLY K 184 -38.72 -21.68 -42.22
N LYS K 185 -38.40 -20.43 -42.54
CA LYS K 185 -39.25 -19.63 -43.42
C LYS K 185 -39.31 -20.23 -44.82
N ASN K 186 -38.17 -20.66 -45.36
CA ASN K 186 -38.16 -21.33 -46.66
C ASN K 186 -38.85 -22.70 -46.62
N TYR K 187 -38.75 -23.40 -45.49
CA TYR K 187 -39.49 -24.65 -45.29
C TYR K 187 -40.98 -24.38 -45.43
N GLY K 188 -41.46 -23.34 -44.76
CA GLY K 188 -42.87 -22.97 -44.80
C GLY K 188 -43.35 -22.63 -46.20
N ARG K 189 -42.50 -21.92 -46.95
CA ARG K 189 -42.82 -21.59 -48.34
C ARG K 189 -43.11 -22.85 -49.16
N VAL K 190 -42.22 -23.85 -49.05
CA VAL K 190 -42.34 -25.07 -49.84
C VAL K 190 -43.61 -25.82 -49.45
N VAL K 191 -43.88 -25.87 -48.15
CA VAL K 191 -45.07 -26.55 -47.62
C VAL K 191 -46.33 -25.88 -48.16
N TYR K 192 -46.37 -24.55 -48.10
CA TYR K 192 -47.53 -23.81 -48.59
C TYR K 192 -47.75 -24.10 -50.07
N GLU K 193 -46.70 -23.99 -50.88
CA GLU K 193 -46.83 -24.17 -52.33
C GLU K 193 -47.30 -25.59 -52.68
N GLY K 194 -46.73 -26.60 -51.99
CA GLY K 194 -47.08 -28.00 -52.24
C GLY K 194 -48.52 -28.35 -51.87
N LEU K 195 -48.94 -27.93 -50.68
CA LEU K 195 -50.32 -28.17 -50.22
C LEU K 195 -51.34 -27.40 -51.05
N ARG K 196 -51.05 -26.11 -51.26
CA ARG K 196 -51.94 -25.26 -52.03
C ARG K 196 -52.11 -25.77 -53.48
N GLY K 197 -51.06 -26.36 -54.05
CA GLY K 197 -51.10 -26.92 -55.40
C GLY K 197 -51.78 -28.28 -55.56
N GLY K 198 -52.14 -28.94 -54.45
CA GLY K 198 -52.85 -30.22 -54.54
C GLY K 198 -52.46 -31.34 -53.62
N LEU K 199 -51.32 -31.26 -52.94
CA LEU K 199 -50.92 -32.37 -52.07
C LEU K 199 -51.72 -32.37 -50.77
N ASP K 200 -51.96 -33.55 -50.22
CA ASP K 200 -52.66 -33.67 -48.93
C ASP K 200 -51.71 -33.36 -47.77
N PHE K 201 -50.46 -33.81 -47.92
CA PHE K 201 -49.42 -33.69 -46.91
C PHE K 201 -48.12 -33.21 -47.53
N LEU K 202 -47.26 -32.58 -46.72
CA LEU K 202 -45.82 -32.62 -46.96
C LEU K 202 -45.17 -33.13 -45.67
N ASP K 204 -41.28 -33.08 -43.17
CA ASP K 204 -39.89 -32.87 -42.87
C ASP K 204 -39.12 -34.08 -43.39
N ASP K 205 -37.89 -33.86 -43.86
CA ASP K 205 -37.01 -34.98 -44.16
C ASP K 205 -36.63 -35.66 -42.84
N GLU K 206 -36.33 -36.95 -42.93
CA GLU K 206 -35.98 -37.75 -41.74
C GLU K 206 -34.86 -37.11 -40.92
N ASN K 207 -33.88 -36.52 -41.61
CA ASN K 207 -32.73 -35.88 -40.95
C ASN K 207 -32.94 -34.40 -40.57
N ILE K 208 -34.14 -33.87 -40.79
CA ILE K 208 -34.50 -32.49 -40.40
C ILE K 208 -35.08 -32.60 -38.98
N ASN K 209 -34.27 -32.21 -38.00
CA ASN K 209 -34.68 -32.22 -36.60
C ASN K 209 -34.52 -30.78 -36.06
N SER K 210 -33.37 -30.44 -35.48
CA SER K 210 -33.05 -29.04 -35.14
C SER K 210 -31.55 -28.86 -35.36
N GLN K 211 -31.15 -27.86 -36.14
CA GLN K 211 -29.76 -27.74 -36.59
C GLN K 211 -29.34 -26.26 -36.71
N PRO K 212 -28.03 -25.98 -36.85
CA PRO K 212 -27.57 -24.60 -37.04
C PRO K 212 -28.29 -23.82 -38.16
N PHE K 213 -28.57 -24.48 -39.29
CA PHE K 213 -29.26 -23.83 -40.42
C PHE K 213 -30.77 -23.59 -40.19
N MET K 214 -31.37 -24.27 -39.22
CA MET K 214 -32.80 -24.13 -38.92
C MET K 214 -33.12 -24.80 -37.60
N ARG K 215 -33.59 -24.04 -36.63
CA ARG K 215 -34.03 -24.65 -35.37
C ARG K 215 -35.49 -25.04 -35.48
N TRP K 216 -35.90 -26.00 -34.67
CA TRP K 216 -37.18 -26.69 -34.88
C TRP K 216 -38.44 -25.84 -34.70
N LYS K 217 -38.42 -24.93 -33.72
CA LYS K 217 -39.65 -24.18 -33.39
C LYS K 217 -40.11 -23.31 -34.56
N GLU K 218 -39.19 -22.56 -35.18
CA GLU K 218 -39.58 -21.74 -36.34
C GLU K 218 -40.12 -22.59 -37.50
N ARG K 219 -39.57 -23.79 -37.70
CA ARG K 219 -40.09 -24.67 -38.75
C ARG K 219 -41.53 -25.04 -38.48
N PHE K 220 -41.82 -25.43 -37.24
CA PHE K 220 -43.18 -25.84 -36.88
C PHE K 220 -44.16 -24.65 -37.02
N LEU K 221 -43.73 -23.46 -36.57
CA LEU K 221 -44.55 -22.24 -36.67
C LEU K 221 -44.85 -21.85 -38.12
N TYR K 222 -43.83 -21.84 -38.96
CA TYR K 222 -44.04 -21.54 -40.38
C TYR K 222 -44.84 -22.64 -41.10
N SER K 223 -44.60 -23.90 -40.72
CA SER K 223 -45.32 -25.03 -41.32
C SER K 223 -46.82 -24.98 -41.04
N ILE K 224 -47.22 -24.66 -39.81
CA ILE K 224 -48.65 -24.59 -39.48
C ILE K 224 -49.31 -23.38 -40.16
N GLU K 225 -48.59 -22.26 -40.29
CA GLU K 225 -49.08 -21.12 -41.11
C GLU K 225 -49.36 -21.60 -42.54
N ALA K 226 -48.39 -22.29 -43.12
CA ALA K 226 -48.51 -22.83 -44.49
C ALA K 226 -49.71 -23.77 -44.63
N VAL K 227 -49.83 -24.69 -43.67
CA VAL K 227 -50.96 -25.63 -43.64
C VAL K 227 -52.29 -24.88 -43.61
N ASN K 228 -52.43 -23.93 -42.69
CA ASN K 228 -53.70 -23.21 -42.54
C ASN K 228 -54.01 -22.27 -43.72
N ARG K 229 -52.98 -21.69 -44.31
CA ARG K 229 -53.14 -20.98 -45.58
C ARG K 229 -53.72 -21.89 -46.67
N SER K 230 -53.16 -23.09 -46.78
CA SER K 230 -53.59 -24.03 -47.82
C SER K 230 -54.99 -24.58 -47.57
N ILE K 231 -55.33 -24.78 -46.30
CA ILE K 231 -56.70 -25.20 -45.95
C ILE K 231 -57.72 -24.12 -46.36
N ALA K 232 -57.44 -22.87 -46.01
CA ALA K 232 -58.31 -21.75 -46.40
C ALA K 232 -58.43 -21.60 -47.90
N ALA K 233 -57.34 -21.87 -48.62
CA ALA K 233 -57.29 -21.72 -50.09
C ALA K 233 -58.06 -22.81 -50.84
N THR K 234 -58.21 -23.98 -50.24
CA THR K 234 -58.76 -25.17 -50.91
C THR K 234 -60.04 -25.76 -50.31
N GLY K 235 -60.32 -25.48 -49.04
CA GLY K 235 -61.41 -26.11 -48.32
C GLY K 235 -61.16 -27.57 -47.93
N GLU K 236 -59.92 -28.03 -48.06
CA GLU K 236 -59.51 -29.39 -47.68
C GLU K 236 -58.77 -29.35 -46.36
N VAL K 237 -58.91 -30.42 -45.58
CA VAL K 237 -57.99 -30.66 -44.48
C VAL K 237 -56.63 -31.01 -45.08
N LYS K 238 -55.58 -30.41 -44.52
CA LYS K 238 -54.20 -30.62 -44.95
C LYS K 238 -53.33 -30.86 -43.72
N GLY K 239 -52.14 -31.41 -43.95
CA GLY K 239 -51.17 -31.65 -42.87
C GLY K 239 -49.73 -31.54 -43.31
N HIS K 240 -48.85 -31.20 -42.37
CA HIS K 240 -47.42 -31.31 -42.59
C HIS K 240 -46.83 -32.16 -41.47
N TYR K 241 -46.02 -33.16 -41.83
CA TYR K 241 -45.43 -34.04 -40.80
C TYR K 241 -44.27 -33.30 -40.11
N MET K 242 -44.56 -32.75 -38.94
CA MET K 242 -43.54 -32.09 -38.12
C MET K 242 -42.71 -33.17 -37.43
N ASN K 243 -41.39 -33.16 -37.68
CA ASN K 243 -40.51 -34.22 -37.20
C ASN K 243 -40.06 -33.88 -35.78
N VAL K 244 -40.50 -34.71 -34.84
CA VAL K 244 -40.18 -34.52 -33.41
C VAL K 244 -39.03 -35.39 -32.92
N THR K 245 -38.41 -36.13 -33.82
CA THR K 245 -37.20 -36.90 -33.52
C THR K 245 -36.17 -36.06 -32.77
N ALA K 246 -35.65 -36.59 -31.68
CA ALA K 246 -34.64 -35.86 -30.89
C ALA K 246 -33.83 -36.81 -30.04
N ALA K 247 -32.79 -36.25 -29.42
CA ALA K 247 -31.80 -37.05 -28.69
C ALA K 247 -32.36 -37.74 -27.45
N THR K 248 -33.26 -37.06 -26.75
CA THR K 248 -33.80 -37.55 -25.48
C THR K 248 -35.32 -37.56 -25.52
N MET K 249 -35.91 -38.35 -24.64
CA MET K 249 -37.37 -38.41 -24.56
C MET K 249 -37.98 -37.07 -24.20
N GLU K 250 -37.32 -36.33 -23.30
CA GLU K 250 -37.83 -35.04 -22.86
C GLU K 250 -37.87 -34.05 -24.04
N GLU K 251 -36.85 -34.05 -24.88
CA GLU K 251 -36.84 -33.17 -26.04
C GLU K 251 -37.91 -33.59 -27.05
N MET K 252 -38.09 -34.88 -27.26
CA MET K 252 -39.16 -35.37 -28.14
C MET K 252 -40.54 -34.93 -27.65
N TYR K 253 -40.80 -35.08 -26.36
CA TYR K 253 -42.06 -34.61 -25.79
C TYR K 253 -42.26 -33.10 -25.95
N GLU K 254 -41.20 -32.32 -25.75
CA GLU K 254 -41.29 -30.88 -25.91
C GLU K 254 -41.74 -30.53 -27.34
N ARG K 255 -41.16 -31.23 -28.31
CA ARG K 255 -41.46 -30.96 -29.72
C ARG K 255 -42.88 -31.41 -30.08
N ALA K 256 -43.27 -32.58 -29.59
CA ALA K 256 -44.61 -33.14 -29.83
C ALA K 256 -45.68 -32.28 -29.16
N GLU K 257 -45.44 -31.86 -27.92
CA GLU K 257 -46.36 -30.97 -27.22
C GLU K 257 -46.52 -29.62 -27.95
N PHE K 258 -45.43 -29.08 -28.49
CA PHE K 258 -45.51 -27.82 -29.24
C PHE K 258 -46.34 -28.00 -30.52
N ALA K 259 -46.03 -29.05 -31.28
CA ALA K 259 -46.82 -29.38 -32.48
C ALA K 259 -48.31 -29.52 -32.16
N LYS K 260 -48.62 -30.23 -31.07
CA LYS K 260 -49.99 -30.33 -30.54
C LYS K 260 -50.59 -28.95 -30.24
N GLN K 261 -49.83 -28.09 -29.56
CA GLN K 261 -50.32 -26.75 -29.23
C GLN K 261 -50.62 -25.92 -30.47
N LEU K 262 -49.87 -26.14 -31.55
CA LEU K 262 -50.10 -25.43 -32.80
C LEU K 262 -51.29 -25.96 -33.60
N GLY K 263 -51.74 -27.18 -33.28
CA GLY K 263 -52.91 -27.80 -33.91
C GLY K 263 -52.61 -28.68 -35.10
N THR K 264 -51.39 -29.21 -35.22
CA THR K 264 -51.10 -30.12 -36.35
C THR K 264 -51.96 -31.38 -36.26
N VAL K 265 -52.41 -31.87 -37.41
CA VAL K 265 -53.09 -33.18 -37.51
C VAL K 265 -52.09 -34.34 -37.45
N ILE K 266 -50.80 -34.07 -37.72
CA ILE K 266 -49.82 -35.13 -37.92
C ILE K 266 -48.41 -34.70 -37.46
N ILE K 267 -47.68 -35.68 -36.91
CA ILE K 267 -46.25 -35.56 -36.63
C ILE K 267 -45.53 -36.77 -37.19
N MET K 268 -44.21 -36.71 -37.25
CA MET K 268 -43.39 -37.86 -37.62
C MET K 268 -42.25 -38.11 -36.66
N ILE K 269 -41.78 -39.35 -36.68
CA ILE K 269 -40.64 -39.83 -35.92
C ILE K 269 -39.81 -40.75 -36.81
N ASP K 270 -38.52 -40.90 -36.48
CA ASP K 270 -37.62 -41.76 -37.23
C ASP K 270 -37.39 -43.06 -36.45
N LEU K 271 -37.27 -44.17 -37.16
CA LEU K 271 -37.00 -45.47 -36.54
C LEU K 271 -35.73 -45.49 -35.66
N VAL K 272 -34.72 -44.70 -36.03
CA VAL K 272 -33.49 -44.60 -35.23
C VAL K 272 -33.68 -44.11 -33.79
N ILE K 273 -34.83 -43.52 -33.44
CA ILE K 273 -35.08 -43.22 -32.01
C ILE K 273 -35.16 -44.52 -31.21
N GLY K 274 -35.64 -45.57 -31.85
CA GLY K 274 -35.67 -46.91 -31.26
C GLY K 274 -36.97 -47.28 -30.59
N TYR K 275 -37.10 -48.56 -30.28
CA TYR K 275 -38.41 -49.15 -29.97
C TYR K 275 -39.09 -48.55 -28.75
N THR K 276 -38.33 -48.27 -27.70
CA THR K 276 -38.93 -47.73 -26.48
C THR K 276 -39.49 -46.32 -26.69
N ALA K 277 -38.70 -45.43 -27.31
CA ALA K 277 -39.20 -44.10 -27.67
C ALA K 277 -40.37 -44.18 -28.66
N ILE K 278 -40.34 -45.14 -29.59
CA ILE K 278 -41.46 -45.35 -30.52
C ILE K 278 -42.74 -45.72 -29.77
N GLN K 279 -42.66 -46.71 -28.87
CA GLN K 279 -43.84 -47.13 -28.11
C GLN K 279 -44.37 -45.99 -27.24
N THR K 280 -43.45 -45.22 -26.65
CA THR K 280 -43.81 -44.06 -25.85
C THR K 280 -44.58 -43.05 -26.71
N MET K 281 -44.08 -42.77 -27.91
CA MET K 281 -44.79 -41.86 -28.84
C MET K 281 -46.12 -42.43 -29.34
N GLY K 282 -46.19 -43.75 -29.54
CA GLY K 282 -47.43 -44.42 -29.93
C GLY K 282 -48.54 -44.17 -28.93
N ILE K 283 -48.20 -44.31 -27.65
CA ILE K 283 -49.14 -44.06 -26.56
C ILE K 283 -49.50 -42.57 -26.50
N TRP K 284 -48.51 -41.71 -26.62
CA TRP K 284 -48.74 -40.27 -26.63
C TRP K 284 -49.68 -39.85 -27.77
N ALA K 285 -49.49 -40.43 -28.95
CA ALA K 285 -50.31 -40.07 -30.12
C ALA K 285 -51.79 -40.46 -29.94
N ARG K 286 -52.04 -41.61 -29.31
CA ARG K 286 -53.40 -42.02 -28.94
C ARG K 286 -54.01 -41.06 -27.91
N LYS K 287 -53.24 -40.70 -26.88
CA LYS K 287 -53.70 -39.77 -25.84
C LYS K 287 -53.99 -38.37 -26.39
N ASN K 288 -53.27 -37.99 -27.43
CA ASN K 288 -53.33 -36.63 -27.99
C ASN K 288 -53.90 -36.49 -29.40
N ASP K 289 -54.68 -37.48 -29.85
CA ASP K 289 -55.38 -37.41 -31.15
C ASP K 289 -54.48 -36.96 -32.28
N MET K 290 -53.35 -37.64 -32.43
CA MET K 290 -52.32 -37.27 -33.40
C MET K 290 -52.03 -38.43 -34.33
N ILE K 291 -51.92 -38.15 -35.63
CA ILE K 291 -51.42 -39.14 -36.58
C ILE K 291 -49.90 -39.20 -36.39
N LEU K 292 -49.38 -40.40 -36.19
CA LEU K 292 -47.96 -40.64 -35.94
C LEU K 292 -47.30 -41.37 -37.11
N HIS K 293 -46.58 -40.62 -37.93
CA HIS K 293 -45.89 -41.17 -39.08
C HIS K 293 -44.52 -41.71 -38.68
N LEU K 294 -44.24 -42.97 -39.01
CA LEU K 294 -42.90 -43.54 -38.79
C LEU K 294 -42.12 -43.62 -40.09
N HIS K 295 -41.03 -42.86 -40.15
CA HIS K 295 -40.01 -43.02 -41.15
C HIS K 295 -39.09 -44.16 -40.69
N ARG K 296 -38.71 -45.06 -41.60
CA ARG K 296 -37.96 -46.28 -41.23
C ARG K 296 -36.42 -46.15 -41.28
N ALA K 297 -35.92 -44.97 -40.90
CA ALA K 297 -34.50 -44.64 -40.95
C ALA K 297 -33.66 -45.78 -40.40
N GLY K 298 -32.74 -46.28 -41.22
CA GLY K 298 -31.79 -47.31 -40.79
C GLY K 298 -32.24 -48.75 -40.96
N ASN K 299 -33.50 -48.96 -41.31
CA ASN K 299 -34.07 -50.30 -41.49
C ASN K 299 -33.23 -51.17 -42.44
N SER K 300 -32.75 -50.57 -43.54
CA SER K 300 -32.02 -51.35 -44.55
C SER K 300 -30.61 -51.82 -44.12
N THR K 301 -30.10 -51.35 -42.98
CA THR K 301 -28.84 -51.88 -42.43
C THR K 301 -28.93 -53.39 -42.13
N TYR K 302 -30.13 -53.87 -41.75
CA TYR K 302 -30.36 -55.30 -41.44
C TYR K 302 -31.38 -55.98 -42.36
N SER K 303 -32.10 -55.23 -43.20
CA SER K 303 -33.23 -55.79 -43.97
C SER K 303 -32.93 -56.09 -45.44
N ARG K 304 -31.73 -55.73 -45.91
CA ARG K 304 -31.41 -55.76 -47.35
C ARG K 304 -31.00 -57.13 -47.86
N GLN K 305 -30.16 -57.82 -47.11
CA GLN K 305 -29.52 -59.05 -47.56
C GLN K 305 -30.38 -60.27 -47.19
N LYS K 306 -30.63 -61.13 -48.17
CA LYS K 306 -31.50 -62.29 -47.97
C LYS K 306 -30.97 -63.30 -46.94
N ILE K 307 -29.65 -63.44 -46.87
CA ILE K 307 -29.02 -64.45 -45.99
C ILE K 307 -28.94 -64.05 -44.52
N HIS K 308 -29.02 -62.76 -44.21
CA HIS K 308 -28.78 -62.33 -42.83
C HIS K 308 -29.54 -61.06 -42.46
N GLY K 309 -30.08 -61.06 -41.24
CA GLY K 309 -30.69 -59.87 -40.66
C GLY K 309 -32.14 -60.09 -40.27
N MET K 310 -32.99 -59.13 -40.57
CA MET K 310 -34.42 -59.23 -40.30
C MET K 310 -35.19 -58.76 -41.52
N ASN K 311 -36.13 -59.57 -41.99
CA ASN K 311 -36.98 -59.17 -43.09
C ASN K 311 -37.94 -58.09 -42.59
N PHE K 312 -38.17 -57.09 -43.44
CA PHE K 312 -39.01 -55.95 -43.08
C PHE K 312 -40.41 -56.32 -42.61
N ARG K 313 -40.96 -57.44 -43.08
CA ARG K 313 -42.32 -57.81 -42.66
C ARG K 313 -42.43 -58.01 -41.14
N VAL K 314 -41.35 -58.42 -40.50
CA VAL K 314 -41.31 -58.55 -39.04
C VAL K 314 -41.34 -57.17 -38.39
N ILE K 315 -40.55 -56.25 -38.94
CA ILE K 315 -40.54 -54.85 -38.47
C ILE K 315 -41.96 -54.24 -38.61
N CYS K 316 -42.64 -54.53 -39.71
CA CYS K 316 -44.05 -54.11 -39.90
C CYS K 316 -44.94 -54.58 -38.75
N LYS K 317 -44.79 -55.85 -38.37
CA LYS K 317 -45.57 -56.39 -37.26
C LYS K 317 -45.29 -55.63 -35.97
N TRP K 318 -44.01 -55.49 -35.66
CA TRP K 318 -43.60 -54.85 -34.39
C TRP K 318 -44.05 -53.39 -34.33
N MET K 319 -43.95 -52.67 -35.44
CA MET K 319 -44.31 -51.25 -35.45
C MET K 319 -45.83 -51.04 -35.45
N ARG K 320 -46.56 -51.92 -36.13
CA ARG K 320 -48.02 -51.93 -36.01
C ARG K 320 -48.44 -52.16 -34.56
N MET K 321 -47.82 -53.13 -33.90
CA MET K 321 -48.06 -53.38 -32.46
C MET K 321 -47.71 -52.14 -31.62
N ALA K 322 -46.57 -51.53 -31.92
CA ALA K 322 -46.04 -50.38 -31.16
C ALA K 322 -46.91 -49.10 -31.18
N GLY K 323 -47.72 -48.95 -32.23
CA GLY K 323 -48.68 -47.86 -32.30
C GLY K 323 -48.46 -46.78 -33.35
N VAL K 324 -47.60 -47.01 -34.34
CA VAL K 324 -47.42 -46.02 -35.42
C VAL K 324 -48.60 -46.11 -36.40
N ASP K 325 -48.87 -44.97 -37.05
CA ASP K 325 -50.02 -44.81 -37.96
C ASP K 325 -49.67 -44.93 -39.43
N HIS K 326 -48.44 -44.54 -39.77
CA HIS K 326 -47.86 -44.75 -41.11
C HIS K 326 -46.54 -45.47 -40.94
N ILE K 327 -46.15 -46.26 -41.94
CA ILE K 327 -44.75 -46.66 -42.08
C ILE K 327 -44.41 -46.75 -43.57
N HIS K 328 -43.20 -46.33 -43.90
CA HIS K 328 -42.67 -46.48 -45.25
C HIS K 328 -42.54 -47.95 -45.57
N ALA K 329 -43.05 -48.38 -46.72
CA ALA K 329 -43.09 -49.81 -47.06
C ALA K 329 -42.77 -50.16 -48.51
N GLY K 330 -42.29 -49.19 -49.29
CA GLY K 330 -41.80 -49.45 -50.65
C GLY K 330 -42.68 -48.93 -51.75
N THR K 331 -42.06 -48.80 -52.93
CA THR K 331 -42.72 -48.28 -54.13
C THR K 331 -42.73 -49.25 -55.31
N VAL K 332 -41.86 -50.26 -55.27
CA VAL K 332 -41.54 -51.14 -56.40
C VAL K 332 -40.74 -50.45 -57.50
N VAL K 333 -41.25 -49.34 -58.00
CA VAL K 333 -40.73 -48.69 -59.20
C VAL K 333 -39.81 -47.50 -58.93
N GLY K 334 -39.67 -47.11 -57.66
CA GLY K 334 -38.83 -45.96 -57.28
C GLY K 334 -37.36 -46.28 -57.06
N LYS K 335 -36.67 -45.38 -56.35
CA LYS K 335 -35.22 -45.45 -56.18
C LYS K 335 -34.75 -46.46 -55.13
N LEU K 336 -35.65 -46.94 -54.28
CA LEU K 336 -35.27 -47.87 -53.22
C LEU K 336 -35.80 -49.26 -53.48
N GLU K 337 -35.05 -50.23 -52.96
CA GLU K 337 -35.32 -51.68 -53.09
C GLU K 337 -36.80 -52.02 -52.87
N GLY K 338 -37.33 -52.92 -53.70
CA GLY K 338 -38.72 -53.33 -53.54
C GLY K 338 -39.23 -54.29 -54.59
N ASP K 339 -38.98 -55.57 -54.36
CA ASP K 339 -39.59 -56.64 -55.15
C ASP K 339 -41.12 -56.59 -54.97
N PRO K 340 -41.88 -56.69 -56.08
CA PRO K 340 -43.35 -56.53 -56.00
C PRO K 340 -44.07 -57.49 -55.03
N LEU K 341 -43.68 -58.76 -55.02
CA LEU K 341 -44.36 -59.73 -54.16
C LEU K 341 -43.97 -59.57 -52.69
N MET K 342 -42.72 -59.19 -52.42
CA MET K 342 -42.29 -58.85 -51.06
C MET K 342 -43.07 -57.63 -50.56
N ILE K 343 -43.19 -56.61 -51.41
CA ILE K 343 -43.93 -55.39 -51.05
C ILE K 343 -45.41 -55.70 -50.78
N ARG K 344 -46.02 -56.54 -51.61
CA ARG K 344 -47.41 -56.96 -51.35
C ARG K 344 -47.55 -57.63 -49.98
N GLY K 345 -46.59 -58.46 -49.62
CA GLY K 345 -46.54 -59.03 -48.28
C GLY K 345 -46.47 -57.98 -47.18
N PHE K 346 -45.61 -56.98 -47.35
CA PHE K 346 -45.45 -55.88 -46.38
C PHE K 346 -46.75 -55.09 -46.23
N TYR K 347 -47.33 -54.69 -47.36
CA TYR K 347 -48.57 -53.94 -47.37
C TYR K 347 -49.72 -54.72 -46.69
N ASN K 348 -49.85 -56.01 -47.02
CA ASN K 348 -50.88 -56.85 -46.39
C ASN K 348 -50.68 -57.02 -44.88
N THR K 349 -49.43 -57.18 -44.46
CA THR K 349 -49.11 -57.27 -43.03
C THR K 349 -49.58 -56.02 -42.27
N LEU K 350 -49.40 -54.86 -42.89
CA LEU K 350 -49.75 -53.56 -42.27
C LEU K 350 -51.25 -53.26 -42.27
N LEU K 351 -51.95 -53.70 -43.32
CA LEU K 351 -53.33 -53.31 -43.58
C LEU K 351 -54.43 -54.34 -43.31
N LEU K 352 -54.13 -55.63 -43.41
CA LEU K 352 -55.19 -56.64 -43.30
C LEU K 352 -55.53 -56.96 -41.85
N PRO K 353 -56.80 -57.36 -41.60
CA PRO K 353 -57.17 -57.86 -40.27
C PRO K 353 -56.73 -59.29 -40.01
N TYR K 354 -56.38 -60.02 -41.07
CA TYR K 354 -56.06 -61.43 -40.97
C TYR K 354 -55.25 -61.82 -42.22
N LEU K 355 -54.15 -62.52 -42.04
CA LEU K 355 -53.34 -63.00 -43.16
C LEU K 355 -53.28 -64.52 -43.18
N GLU K 356 -53.53 -65.10 -44.34
CA GLU K 356 -53.32 -66.53 -44.57
C GLU K 356 -51.90 -66.71 -45.07
N VAL K 357 -51.38 -67.91 -44.90
CA VAL K 357 -50.06 -68.27 -45.42
C VAL K 357 -50.06 -67.96 -46.92
N ASN K 358 -49.01 -67.31 -47.38
CA ASN K 358 -48.87 -66.95 -48.79
C ASN K 358 -47.37 -66.91 -49.06
N LEU K 359 -46.83 -68.07 -49.41
CA LEU K 359 -45.39 -68.23 -49.50
C LEU K 359 -44.77 -67.35 -50.59
N PRO K 360 -45.45 -67.19 -51.76
CA PRO K 360 -44.88 -66.26 -52.75
C PRO K 360 -44.73 -64.80 -52.27
N GLN K 361 -45.52 -64.39 -51.27
CA GLN K 361 -45.39 -63.07 -50.65
C GLN K 361 -44.54 -63.05 -49.38
N GLY K 362 -43.92 -64.18 -49.04
CA GLY K 362 -43.14 -64.29 -47.81
C GLY K 362 -43.96 -64.32 -46.54
N ILE K 363 -45.25 -64.64 -46.64
CA ILE K 363 -46.12 -64.75 -45.46
C ILE K 363 -46.12 -66.22 -45.04
N PHE K 364 -45.29 -66.54 -44.05
CA PHE K 364 -45.07 -67.92 -43.64
C PHE K 364 -46.01 -68.38 -42.53
N PHE K 365 -46.61 -67.43 -41.80
CA PHE K 365 -47.54 -67.75 -40.72
C PHE K 365 -48.90 -67.13 -40.96
N GLN K 366 -49.93 -67.90 -40.64
CA GLN K 366 -51.27 -67.37 -40.51
C GLN K 366 -51.22 -66.33 -39.38
N GLN K 367 -51.73 -65.12 -39.62
CA GLN K 367 -51.63 -64.04 -38.63
C GLN K 367 -52.98 -63.36 -38.43
N ASP K 368 -53.58 -63.60 -37.27
CA ASP K 368 -54.76 -62.88 -36.85
C ASP K 368 -54.29 -61.57 -36.18
N TRP K 369 -54.80 -60.42 -36.62
CA TRP K 369 -54.37 -59.13 -36.06
C TRP K 369 -55.16 -58.66 -34.82
N ALA K 370 -56.10 -59.48 -34.36
CA ALA K 370 -56.81 -59.25 -33.09
C ALA K 370 -57.51 -57.88 -33.04
N SER K 371 -57.98 -57.44 -34.21
CA SER K 371 -58.63 -56.14 -34.37
C SER K 371 -57.78 -54.90 -34.03
N LEU K 372 -56.45 -55.04 -33.96
CA LEU K 372 -55.59 -53.87 -33.87
C LEU K 372 -55.81 -53.03 -35.12
N ARG K 373 -55.72 -51.72 -34.96
CA ARG K 373 -55.87 -50.82 -36.08
C ARG K 373 -54.82 -51.04 -37.18
N LYS K 374 -55.08 -50.46 -38.34
CA LYS K 374 -54.29 -50.70 -39.54
C LYS K 374 -53.28 -49.56 -39.76
N VAL K 375 -52.06 -49.89 -40.15
CA VAL K 375 -51.04 -48.90 -40.46
C VAL K 375 -51.17 -48.54 -41.94
N THR K 376 -51.16 -47.25 -42.24
CA THR K 376 -51.11 -46.76 -43.62
C THR K 376 -49.69 -46.93 -44.22
N PRO K 377 -49.53 -47.78 -45.25
CA PRO K 377 -48.23 -47.85 -45.91
C PRO K 377 -47.88 -46.54 -46.61
N VAL K 378 -46.59 -46.22 -46.64
CA VAL K 378 -46.13 -45.03 -47.31
C VAL K 378 -45.16 -45.44 -48.42
N ALA K 379 -45.47 -44.99 -49.63
CA ALA K 379 -44.67 -45.27 -50.82
C ALA K 379 -43.93 -44.00 -51.17
N SER K 380 -42.60 -44.06 -51.06
CA SER K 380 -41.77 -42.86 -51.16
C SER K 380 -40.40 -43.18 -51.75
N GLY K 381 -39.88 -42.26 -52.57
CA GLY K 381 -38.50 -42.31 -53.03
C GLY K 381 -38.37 -42.57 -54.52
N GLY K 382 -38.05 -41.53 -55.26
CA GLY K 382 -37.78 -41.68 -56.69
C GLY K 382 -38.99 -42.02 -57.54
N ILE K 383 -40.19 -41.64 -57.11
CA ILE K 383 -41.38 -41.90 -57.92
C ILE K 383 -41.87 -40.63 -58.61
N HIS K 384 -42.60 -40.80 -59.71
CA HIS K 384 -43.12 -39.67 -60.50
C HIS K 384 -44.45 -40.03 -61.14
N CYS K 385 -45.19 -39.00 -61.57
CA CYS K 385 -46.58 -39.19 -61.99
C CYS K 385 -46.77 -40.03 -63.26
N GLY K 386 -45.73 -40.11 -64.09
CA GLY K 386 -45.69 -41.07 -65.20
C GLY K 386 -45.78 -42.55 -64.83
N GLN K 387 -45.57 -42.86 -63.55
CA GLN K 387 -45.71 -44.21 -63.00
C GLN K 387 -47.07 -44.47 -62.34
N MET K 388 -48.00 -43.52 -62.40
CA MET K 388 -49.21 -43.59 -61.55
C MET K 388 -50.03 -44.88 -61.67
N HIS K 389 -50.23 -45.37 -62.89
CA HIS K 389 -50.83 -46.70 -63.12
C HIS K 389 -50.11 -47.87 -62.41
N GLN K 390 -48.78 -47.87 -62.45
CA GLN K 390 -47.99 -48.89 -61.77
C GLN K 390 -48.12 -48.78 -60.25
N LEU K 391 -48.11 -47.54 -59.74
CA LEU K 391 -48.23 -47.30 -58.31
C LEU K 391 -49.58 -47.78 -57.78
N LEU K 392 -50.65 -47.44 -58.50
CA LEU K 392 -52.00 -47.84 -58.11
C LEU K 392 -52.17 -49.38 -58.17
N ASP K 393 -51.54 -50.01 -59.15
CA ASP K 393 -51.59 -51.47 -59.31
C ASP K 393 -50.75 -52.22 -58.27
N TYR K 394 -49.47 -51.87 -58.14
CA TYR K 394 -48.59 -52.55 -57.19
C TYR K 394 -48.95 -52.26 -55.74
N LEU K 395 -49.38 -51.03 -55.45
CA LEU K 395 -49.48 -50.53 -54.08
C LEU K 395 -50.90 -50.34 -53.56
N GLY K 396 -51.88 -50.27 -54.46
CA GLY K 396 -53.27 -50.25 -54.07
C GLY K 396 -53.77 -48.88 -53.65
N ASN K 397 -54.96 -48.89 -53.04
CA ASN K 397 -55.70 -47.67 -52.74
C ASN K 397 -55.33 -47.05 -51.39
N ASP K 398 -54.84 -47.88 -50.47
CA ASP K 398 -54.57 -47.47 -49.10
C ASP K 398 -53.07 -47.31 -48.91
N VAL K 399 -52.62 -46.07 -49.15
CA VAL K 399 -51.21 -45.73 -49.22
C VAL K 399 -51.08 -44.22 -49.26
N VAL K 400 -49.94 -43.70 -48.80
CA VAL K 400 -49.56 -42.32 -49.08
C VAL K 400 -48.49 -42.40 -50.16
N LEU K 401 -48.77 -41.81 -51.32
CA LEU K 401 -47.79 -41.72 -52.39
C LEU K 401 -47.05 -40.40 -52.21
N GLN K 402 -45.76 -40.47 -51.90
CA GLN K 402 -44.95 -39.28 -51.62
C GLN K 402 -44.00 -38.97 -52.78
N PHE K 403 -44.12 -37.75 -53.30
CA PHE K 403 -43.36 -37.25 -54.44
C PHE K 403 -42.57 -36.01 -54.02
N GLY K 404 -41.36 -36.21 -53.51
CA GLY K 404 -40.49 -35.10 -53.09
C GLY K 404 -39.89 -34.40 -54.30
N GLY K 405 -38.85 -35.01 -54.86
CA GLY K 405 -38.27 -34.56 -56.11
C GLY K 405 -39.31 -34.46 -57.21
N GLY K 406 -40.24 -35.43 -57.23
CA GLY K 406 -41.34 -35.48 -58.18
C GLY K 406 -42.37 -34.37 -58.10
N THR K 407 -42.31 -33.55 -57.04
CA THR K 407 -43.09 -32.31 -56.95
C THR K 407 -42.18 -31.10 -57.12
N ILE K 408 -41.16 -31.02 -56.28
CA ILE K 408 -40.31 -29.82 -56.19
C ILE K 408 -39.40 -29.65 -57.41
N GLY K 409 -39.10 -30.75 -58.09
CA GLY K 409 -38.32 -30.74 -59.32
C GLY K 409 -39.07 -30.30 -60.58
N HIS K 410 -40.35 -29.95 -60.46
CA HIS K 410 -41.16 -29.53 -61.60
C HIS K 410 -40.67 -28.17 -62.14
N PRO K 411 -40.43 -28.07 -63.47
CA PRO K 411 -39.84 -26.83 -64.03
C PRO K 411 -40.67 -25.56 -63.82
N ASP K 412 -41.98 -25.71 -63.81
CA ASP K 412 -42.92 -24.61 -63.59
C ASP K 412 -43.29 -24.28 -62.14
N GLY K 413 -42.57 -24.85 -61.19
CA GLY K 413 -42.77 -24.54 -59.78
C GLY K 413 -43.45 -25.65 -59.00
N ILE K 414 -43.51 -25.43 -57.69
CA ILE K 414 -43.97 -26.44 -56.74
C ILE K 414 -45.47 -26.69 -56.85
N GLN K 415 -46.26 -25.61 -56.97
CA GLN K 415 -47.71 -25.76 -57.18
C GLN K 415 -48.02 -26.61 -58.42
N ALA K 416 -47.32 -26.32 -59.51
CA ALA K 416 -47.49 -27.08 -60.73
C ALA K 416 -47.14 -28.56 -60.54
N GLY K 417 -46.05 -28.84 -59.82
CA GLY K 417 -45.66 -30.21 -59.49
C GLY K 417 -46.73 -30.96 -58.71
N ALA K 418 -47.29 -30.28 -57.71
CA ALA K 418 -48.36 -30.84 -56.90
C ALA K 418 -49.62 -31.10 -57.74
N THR K 419 -50.00 -30.14 -58.57
CA THR K 419 -51.18 -30.25 -59.42
C THR K 419 -51.06 -31.43 -60.41
N ALA K 420 -49.90 -31.58 -61.02
CA ALA K 420 -49.62 -32.71 -61.91
C ALA K 420 -49.86 -34.05 -61.21
N ASN K 421 -49.32 -34.19 -60.01
CA ASN K 421 -49.47 -35.42 -59.23
C ASN K 421 -50.92 -35.70 -58.84
N ARG K 422 -51.64 -34.66 -58.42
CA ARG K 422 -53.04 -34.78 -58.01
C ARG K 422 -53.95 -35.13 -59.20
N VAL K 423 -53.76 -34.45 -60.33
CA VAL K 423 -54.56 -34.75 -61.53
C VAL K 423 -54.26 -36.17 -62.05
N ALA K 424 -52.98 -36.53 -62.10
CA ALA K 424 -52.58 -37.90 -62.47
C ALA K 424 -53.27 -38.95 -61.59
N LEU K 425 -53.26 -38.72 -60.27
CA LEU K 425 -53.87 -39.68 -59.34
C LEU K 425 -55.37 -39.81 -59.59
N GLU K 426 -56.08 -38.69 -59.61
CA GLU K 426 -57.55 -38.74 -59.77
C GLU K 426 -57.96 -39.32 -61.12
N SER K 427 -57.20 -39.00 -62.18
CA SER K 427 -57.44 -39.55 -63.51
C SER K 427 -57.29 -41.08 -63.51
N MET K 428 -56.31 -41.59 -62.77
CA MET K 428 -56.09 -43.04 -62.70
C MET K 428 -57.13 -43.73 -61.84
N VAL K 429 -57.50 -43.11 -60.72
CA VAL K 429 -58.49 -43.67 -59.81
C VAL K 429 -59.85 -43.80 -60.49
N ILE K 430 -60.26 -42.76 -61.21
CA ILE K 430 -61.57 -42.79 -61.87
C ILE K 430 -61.62 -43.88 -62.95
N ALA K 431 -60.52 -44.06 -63.69
CA ALA K 431 -60.40 -45.11 -64.71
C ALA K 431 -60.45 -46.51 -64.09
N ARG K 432 -59.73 -46.71 -62.99
CA ARG K 432 -59.81 -47.97 -62.26
C ARG K 432 -61.26 -48.25 -61.84
N ASN K 433 -61.90 -47.28 -61.19
CA ASN K 433 -63.26 -47.45 -60.70
C ASN K 433 -64.28 -47.77 -61.81
N GLU K 434 -64.07 -47.18 -62.98
CA GLU K 434 -64.91 -47.46 -64.16
C GLU K 434 -64.71 -48.85 -64.80
N GLY K 435 -63.76 -49.64 -64.30
CA GLY K 435 -63.50 -51.00 -64.80
C GLY K 435 -62.54 -51.06 -65.98
N ARG K 436 -61.82 -49.97 -66.26
CA ARG K 436 -60.84 -49.97 -67.34
C ARG K 436 -59.59 -50.75 -66.96
N ASP K 437 -58.94 -51.35 -67.97
CA ASP K 437 -57.63 -51.96 -67.79
C ASP K 437 -56.57 -50.84 -67.72
N TYR K 438 -56.55 -50.17 -66.57
CA TYR K 438 -55.75 -48.97 -66.39
C TYR K 438 -54.23 -49.23 -66.38
N VAL K 439 -53.81 -50.47 -66.14
CA VAL K 439 -52.39 -50.83 -66.23
C VAL K 439 -51.95 -50.81 -67.69
N ALA K 440 -52.68 -51.51 -68.55
CA ALA K 440 -52.38 -51.52 -69.99
C ALA K 440 -52.59 -50.14 -70.63
N GLU K 441 -53.65 -49.44 -70.22
CA GLU K 441 -54.01 -48.13 -70.78
C GLU K 441 -53.39 -46.94 -70.02
N GLY K 442 -52.61 -47.21 -68.97
CA GLY K 442 -52.12 -46.17 -68.06
C GLY K 442 -51.41 -45.00 -68.70
N PRO K 443 -50.40 -45.28 -69.56
CA PRO K 443 -49.74 -44.19 -70.26
C PRO K 443 -50.71 -43.32 -71.07
N GLN K 444 -51.69 -43.94 -71.74
CA GLN K 444 -52.70 -43.17 -72.48
C GLN K 444 -53.65 -42.38 -71.57
N ILE K 445 -54.06 -42.98 -70.46
CA ILE K 445 -54.88 -42.30 -69.46
C ILE K 445 -54.18 -41.01 -69.00
N LEU K 446 -52.88 -41.10 -68.76
CA LEU K 446 -52.09 -39.94 -68.33
C LEU K 446 -51.96 -38.89 -69.43
N ARG K 447 -51.69 -39.35 -70.67
CA ARG K 447 -51.59 -38.45 -71.82
C ARG K 447 -52.92 -37.75 -72.12
N ASP K 448 -54.04 -38.48 -71.98
CA ASP K 448 -55.38 -37.89 -72.11
C ASP K 448 -55.59 -36.77 -71.09
N ALA K 449 -55.27 -37.04 -69.82
CA ALA K 449 -55.37 -36.04 -68.75
C ALA K 449 -54.45 -34.83 -69.00
N ALA K 450 -53.26 -35.10 -69.53
CA ALA K 450 -52.31 -34.05 -69.83
C ALA K 450 -52.79 -33.04 -70.89
N LYS K 451 -53.70 -33.45 -71.77
CA LYS K 451 -54.26 -32.55 -72.81
C LYS K 451 -54.95 -31.31 -72.23
N THR K 452 -55.59 -31.45 -71.08
CA THR K 452 -56.22 -30.33 -70.39
C THR K 452 -55.52 -29.94 -69.07
N GLY K 454 -51.74 -28.57 -68.18
CA GLY K 454 -50.37 -28.18 -68.54
C GLY K 454 -49.28 -28.70 -67.61
N PRO K 455 -49.46 -28.56 -66.28
CA PRO K 455 -48.50 -29.14 -65.34
C PRO K 455 -48.23 -30.62 -65.55
N LEU K 456 -49.28 -31.41 -65.82
CA LEU K 456 -49.09 -32.84 -66.04
C LEU K 456 -48.35 -33.12 -67.34
N GLN K 457 -48.69 -32.39 -68.41
CA GLN K 457 -47.97 -32.53 -69.67
C GLN K 457 -46.47 -32.33 -69.46
N THR K 458 -46.13 -31.26 -68.76
CA THR K 458 -44.74 -30.91 -68.50
C THR K 458 -44.02 -31.99 -67.69
N ALA K 459 -44.68 -32.48 -66.63
CA ALA K 459 -44.11 -33.55 -65.79
C ALA K 459 -43.85 -34.84 -66.59
N LEU K 460 -44.79 -35.22 -67.45
CA LEU K 460 -44.61 -36.40 -68.32
C LEU K 460 -43.46 -36.22 -69.30
N ASP K 461 -43.42 -35.07 -69.98
CA ASP K 461 -42.31 -34.73 -70.90
C ASP K 461 -40.95 -34.85 -70.21
N LEU K 462 -40.86 -34.38 -68.97
CA LEU K 462 -39.61 -34.39 -68.21
C LEU K 462 -39.20 -35.78 -67.73
N TRP K 463 -40.12 -36.53 -67.13
CA TRP K 463 -39.79 -37.73 -66.35
C TRP K 463 -40.31 -39.08 -66.89
N LYS K 464 -41.12 -39.11 -67.95
CA LYS K 464 -41.82 -40.37 -68.30
C LYS K 464 -40.89 -41.56 -68.62
N ASP K 465 -39.68 -41.28 -69.11
CA ASP K 465 -38.68 -42.35 -69.38
C ASP K 465 -37.70 -42.62 -68.22
N ILE K 466 -37.92 -42.03 -67.05
CA ILE K 466 -37.09 -42.32 -65.88
C ILE K 466 -37.59 -43.62 -65.24
N THR K 467 -36.69 -44.60 -65.17
CA THR K 467 -36.94 -45.89 -64.51
C THR K 467 -35.77 -46.24 -63.59
N PHE K 468 -36.04 -47.14 -62.65
CA PHE K 468 -35.05 -47.64 -61.71
C PHE K 468 -35.09 -49.16 -61.74
N ASN K 469 -34.59 -49.73 -62.83
CA ASN K 469 -34.65 -51.16 -63.06
C ASN K 469 -33.35 -51.82 -62.63
N TYR K 470 -33.41 -52.53 -61.50
CA TYR K 470 -32.25 -53.21 -60.93
C TYR K 470 -32.68 -54.57 -60.39
N THR K 471 -31.73 -55.50 -60.34
CA THR K 471 -31.94 -56.80 -59.70
C THR K 471 -32.19 -56.60 -58.20
N SER K 472 -33.24 -57.23 -57.67
CA SER K 472 -33.59 -57.14 -56.25
C SER K 472 -32.64 -57.99 -55.39
N THR K 473 -32.40 -57.55 -54.15
CA THR K 473 -31.66 -58.34 -53.16
C THR K 473 -32.59 -59.19 -52.27
N ASP K 474 -33.78 -58.65 -51.99
CA ASP K 474 -34.72 -59.26 -51.04
C ASP K 474 -35.86 -59.88 -51.85
N THR K 475 -35.77 -61.18 -52.12
CA THR K 475 -36.71 -61.89 -53.00
C THR K 475 -37.30 -63.14 -52.35
N ALA K 476 -38.40 -63.62 -52.94
CA ALA K 476 -39.09 -64.81 -52.47
C ALA K 476 -38.28 -66.09 -52.69
N ASP K 477 -38.64 -67.12 -51.92
CA ASP K 477 -38.11 -68.47 -52.10
C ASP K 477 -39.08 -69.39 -52.83
N PHE K 478 -40.34 -68.97 -52.94
CA PHE K 478 -41.39 -69.76 -53.59
C PHE K 478 -42.08 -68.88 -54.61
N VAL K 479 -42.62 -69.53 -55.65
CA VAL K 479 -43.36 -68.83 -56.71
C VAL K 479 -44.80 -69.32 -56.80
N GLU K 480 -45.65 -68.48 -57.40
CA GLU K 480 -47.07 -68.81 -57.62
C GLU K 480 -47.25 -69.35 -59.03
N MET L 1 -63.54 -19.67 -55.93
CA MET L 1 -62.59 -20.82 -55.81
C MET L 1 -63.35 -22.12 -55.98
N ARG L 2 -62.61 -23.21 -56.18
CA ARG L 2 -63.18 -24.54 -56.29
C ARG L 2 -62.92 -25.29 -54.98
N LEU L 3 -63.99 -25.77 -54.35
CA LEU L 3 -63.87 -26.59 -53.15
C LEU L 3 -63.40 -27.96 -53.60
N THR L 4 -62.21 -28.36 -53.15
CA THR L 4 -61.61 -29.63 -53.60
C THR L 4 -61.67 -30.74 -52.54
N GLN L 5 -62.66 -30.66 -51.67
CA GLN L 5 -63.17 -31.85 -50.95
C GLN L 5 -63.70 -32.84 -51.99
N GLY L 6 -63.66 -34.14 -51.67
CA GLY L 6 -64.18 -35.17 -52.56
C GLY L 6 -63.09 -35.86 -53.35
N THR L 7 -63.37 -37.08 -53.79
CA THR L 7 -62.37 -37.93 -54.43
C THR L 7 -61.91 -37.43 -55.81
N PHE L 8 -62.79 -36.72 -56.51
CA PHE L 8 -62.56 -36.38 -57.92
C PHE L 8 -62.61 -34.88 -58.22
N SER L 9 -62.33 -34.03 -57.22
CA SER L 9 -62.55 -32.59 -57.40
C SER L 9 -61.46 -31.82 -58.18
N PHE L 10 -60.34 -32.48 -58.49
CA PHE L 10 -59.37 -31.93 -59.45
C PHE L 10 -59.72 -32.30 -60.90
N LEU L 11 -60.76 -33.11 -61.09
CA LEU L 11 -61.29 -33.39 -62.42
C LEU L 11 -62.49 -32.49 -62.65
N PRO L 12 -62.88 -32.28 -63.93
CA PRO L 12 -64.10 -31.49 -64.15
C PRO L 12 -65.33 -32.10 -63.47
N ASP L 13 -66.31 -31.26 -63.19
CA ASP L 13 -67.60 -31.72 -62.65
C ASP L 13 -68.09 -32.94 -63.42
N LEU L 14 -68.49 -33.98 -62.70
CA LEU L 14 -68.83 -35.25 -63.30
C LEU L 14 -70.15 -35.18 -64.05
N THR L 15 -70.20 -35.81 -65.22
CA THR L 15 -71.45 -36.04 -65.95
C THR L 15 -72.28 -37.10 -65.24
N ASP L 16 -73.57 -37.15 -65.57
CA ASP L 16 -74.45 -38.19 -65.02
C ASP L 16 -73.95 -39.61 -65.36
N GLU L 17 -73.37 -39.79 -66.54
CA GLU L 17 -72.82 -41.08 -66.93
C GLU L 17 -71.61 -41.46 -66.08
N GLN L 18 -70.72 -40.50 -65.85
CA GLN L 18 -69.58 -40.72 -64.95
C GLN L 18 -70.05 -41.08 -63.54
N ILE L 19 -71.06 -40.35 -63.05
CA ILE L 19 -71.62 -40.61 -61.73
C ILE L 19 -72.19 -42.04 -61.67
N LYS L 20 -72.95 -42.42 -62.70
CA LYS L 20 -73.54 -43.76 -62.77
C LYS L 20 -72.48 -44.86 -62.74
N LYS L 21 -71.34 -44.64 -63.39
CA LYS L 21 -70.24 -45.62 -63.34
C LYS L 21 -69.66 -45.78 -61.92
N GLN L 22 -69.53 -44.68 -61.18
CA GLN L 22 -69.09 -44.75 -59.77
C GLN L 22 -70.12 -45.47 -58.90
N VAL L 23 -71.40 -45.21 -59.16
CA VAL L 23 -72.48 -45.93 -58.48
C VAL L 23 -72.41 -47.44 -58.80
N ASP L 24 -72.20 -47.78 -60.07
CA ASP L 24 -72.03 -49.21 -60.45
C ASP L 24 -70.84 -49.86 -59.73
N TYR L 25 -69.74 -49.14 -59.63
CA TYR L 25 -68.56 -49.61 -58.90
C TYR L 25 -68.91 -49.91 -57.44
N ALA L 26 -69.55 -48.95 -56.76
CA ALA L 26 -69.99 -49.14 -55.37
C ALA L 26 -70.91 -50.35 -55.23
N ILE L 27 -71.88 -50.47 -56.13
CA ILE L 27 -72.80 -51.62 -56.14
C ILE L 27 -72.06 -52.95 -56.31
N SER L 28 -71.08 -53.00 -57.21
CA SER L 28 -70.31 -54.24 -57.44
C SER L 28 -69.49 -54.69 -56.21
N GLN L 29 -69.15 -53.75 -55.33
CA GLN L 29 -68.47 -54.03 -54.06
C GLN L 29 -69.42 -54.26 -52.88
N ASN L 30 -70.73 -54.18 -53.12
CA ASN L 30 -71.76 -54.34 -52.09
C ASN L 30 -71.70 -53.25 -51.00
N TRP L 31 -71.29 -52.05 -51.41
CA TRP L 31 -71.27 -50.91 -50.50
C TRP L 31 -72.63 -50.25 -50.45
N ALA L 32 -72.96 -49.70 -49.28
CA ALA L 32 -74.14 -48.88 -49.11
C ALA L 32 -73.85 -47.50 -49.67
N ILE L 33 -74.86 -46.86 -50.24
CA ILE L 33 -74.71 -45.55 -50.88
C ILE L 33 -75.66 -44.57 -50.24
N ASN L 34 -75.18 -43.36 -49.94
CA ASN L 34 -76.09 -42.29 -49.57
C ASN L 34 -75.75 -40.96 -50.24
N ILE L 35 -76.69 -40.02 -50.12
CA ILE L 35 -76.61 -38.71 -50.72
C ILE L 35 -76.73 -37.71 -49.59
N GLU L 36 -75.84 -36.71 -49.60
CA GLU L 36 -75.80 -35.69 -48.57
C GLU L 36 -75.59 -34.32 -49.22
N TYR L 37 -76.07 -33.28 -48.55
CA TYR L 37 -75.96 -31.92 -49.07
C TYR L 37 -75.61 -30.92 -47.98
N THR L 38 -75.02 -29.80 -48.37
CA THR L 38 -74.71 -28.75 -47.40
C THR L 38 -74.56 -27.38 -48.02
N GLU L 39 -74.76 -26.36 -47.18
CA GLU L 39 -74.39 -25.00 -47.51
C GLU L 39 -73.42 -24.41 -46.48
N ASP L 40 -72.73 -25.28 -45.73
CA ASP L 40 -71.52 -24.88 -44.99
C ASP L 40 -70.35 -25.70 -45.53
N PRO L 41 -69.47 -25.07 -46.32
CA PRO L 41 -68.36 -25.78 -46.97
C PRO L 41 -67.12 -26.01 -46.09
N HIS L 42 -67.21 -25.69 -44.79
CA HIS L 42 -66.05 -25.77 -43.85
C HIS L 42 -65.42 -27.17 -43.95
N PRO L 43 -64.08 -27.26 -43.99
CA PRO L 43 -63.42 -28.58 -44.10
C PRO L 43 -63.72 -29.58 -42.96
N ARG L 44 -64.15 -29.06 -41.83
CA ARG L 44 -64.49 -29.85 -40.65
C ARG L 44 -66.00 -29.89 -40.39
N ASN L 45 -66.81 -29.54 -41.39
CA ASN L 45 -68.24 -29.76 -41.30
C ASN L 45 -68.50 -31.25 -41.59
N ASN L 46 -68.36 -32.07 -40.55
CA ASN L 46 -68.42 -33.53 -40.67
C ASN L 46 -69.77 -34.08 -41.09
N PHE L 47 -70.84 -33.39 -40.70
CA PHE L 47 -72.20 -33.88 -40.85
C PHE L 47 -73.01 -33.02 -41.82
N TRP L 48 -72.81 -33.29 -43.10
CA TRP L 48 -73.67 -32.74 -44.15
C TRP L 48 -75.08 -33.30 -43.95
N GLU L 49 -76.08 -32.60 -44.47
CA GLU L 49 -77.48 -33.00 -44.28
C GLU L 49 -77.81 -34.27 -45.08
N LEU L 50 -78.53 -35.18 -44.45
CA LEU L 50 -78.92 -36.44 -45.09
C LEU L 50 -80.06 -36.23 -46.06
N TRP L 51 -79.92 -36.78 -47.27
CA TRP L 51 -81.05 -36.89 -48.20
C TRP L 51 -81.66 -38.28 -48.03
N GLY L 52 -82.66 -38.38 -47.17
CA GLY L 52 -83.24 -39.68 -46.81
C GLY L 52 -82.28 -40.61 -46.10
N LEU L 53 -82.59 -41.90 -46.12
CA LEU L 53 -81.72 -42.92 -45.53
C LEU L 53 -80.72 -43.42 -46.57
N PRO L 54 -79.60 -44.01 -46.11
CA PRO L 54 -78.73 -44.69 -47.06
C PRO L 54 -79.45 -45.87 -47.73
N LEU L 55 -79.08 -46.15 -48.97
CA LEU L 55 -79.60 -47.31 -49.68
C LEU L 55 -78.67 -48.50 -49.40
N PHE L 56 -79.21 -49.51 -48.75
CA PHE L 56 -78.48 -50.76 -48.48
C PHE L 56 -78.92 -51.85 -49.46
N ASP L 57 -78.03 -52.81 -49.72
CA ASP L 57 -78.31 -53.97 -50.60
C ASP L 57 -78.89 -53.55 -51.97
N ILE L 58 -78.14 -52.70 -52.67
CA ILE L 58 -78.64 -52.02 -53.86
C ILE L 58 -78.36 -52.93 -55.05
N ASN L 59 -79.39 -53.20 -55.86
CA ASN L 59 -79.23 -54.00 -57.08
C ASN L 59 -79.06 -53.13 -58.34
N ASP L 60 -79.68 -51.95 -58.34
CA ASP L 60 -79.90 -51.15 -59.55
C ASP L 60 -79.40 -49.71 -59.37
N ALA L 61 -78.47 -49.27 -60.21
CA ALA L 61 -77.98 -47.90 -60.21
C ALA L 61 -79.07 -46.86 -60.47
N ALA L 62 -80.10 -47.22 -61.24
CA ALA L 62 -81.21 -46.32 -61.57
C ALA L 62 -81.94 -45.75 -60.34
N THR L 63 -82.06 -46.55 -59.28
CA THR L 63 -82.65 -46.08 -58.02
C THR L 63 -81.83 -44.95 -57.38
N VAL L 64 -80.50 -45.08 -57.44
CA VAL L 64 -79.61 -44.05 -56.89
C VAL L 64 -79.67 -42.78 -57.75
N MET L 65 -79.62 -42.96 -59.07
CA MET L 65 -79.69 -41.82 -60.01
C MET L 65 -81.01 -41.06 -59.88
N TYR L 66 -82.10 -41.77 -59.58
CA TYR L 66 -83.39 -41.14 -59.33
C TYR L 66 -83.33 -40.21 -58.14
N GLU L 67 -82.80 -40.71 -57.03
CA GLU L 67 -82.67 -39.89 -55.81
C GLU L 67 -81.70 -38.74 -55.95
N ILE L 68 -80.66 -38.91 -56.76
CA ILE L 68 -79.76 -37.80 -57.12
C ILE L 68 -80.56 -36.70 -57.83
N GLY L 69 -81.35 -37.08 -58.84
CA GLY L 69 -82.23 -36.15 -59.53
C GLY L 69 -83.18 -35.42 -58.58
N SER L 70 -83.80 -36.18 -57.68
CA SER L 70 -84.75 -35.63 -56.72
C SER L 70 -84.09 -34.68 -55.71
N CYS L 71 -82.92 -35.07 -55.19
CA CYS L 71 -82.14 -34.17 -54.31
C CYS L 71 -81.78 -32.86 -55.07
N ARG L 72 -81.32 -33.01 -56.30
CA ARG L 72 -80.95 -31.86 -57.14
C ARG L 72 -82.09 -30.88 -57.38
N GLN L 73 -83.31 -31.39 -57.55
CA GLN L 73 -84.48 -30.53 -57.72
C GLN L 73 -84.71 -29.63 -56.51
N GLN L 74 -84.37 -30.11 -55.31
CA GLN L 74 -84.46 -29.32 -54.08
C GLN L 74 -83.19 -28.53 -53.74
N HIS L 75 -82.01 -29.04 -54.15
CA HIS L 75 -80.72 -28.54 -53.63
C HIS L 75 -79.59 -28.37 -54.64
N SER L 76 -79.89 -28.22 -55.95
CA SER L 76 -78.82 -28.06 -56.96
C SER L 76 -78.03 -26.74 -56.86
N ASN L 77 -78.56 -25.74 -56.14
CA ASN L 77 -77.80 -24.51 -55.86
C ASN L 77 -76.67 -24.64 -54.81
N VAL L 78 -76.66 -25.73 -54.05
CA VAL L 78 -75.67 -25.92 -52.97
C VAL L 78 -74.79 -27.15 -53.28
N TYR L 79 -74.01 -27.61 -52.30
CA TYR L 79 -73.18 -28.80 -52.46
C TYR L 79 -73.99 -30.07 -52.27
N ILE L 80 -73.77 -31.05 -53.14
CA ILE L 80 -74.30 -32.38 -52.97
C ILE L 80 -73.16 -33.35 -53.21
N LYS L 81 -73.08 -34.38 -52.37
CA LYS L 81 -72.08 -35.43 -52.53
C LYS L 81 -72.72 -36.80 -52.42
N VAL L 82 -72.05 -37.78 -53.01
CA VAL L 82 -72.42 -39.19 -52.92
C VAL L 82 -71.33 -39.89 -52.13
N ASN L 83 -71.73 -40.66 -51.12
CA ASN L 83 -70.84 -41.45 -50.30
C ASN L 83 -71.14 -42.93 -50.45
N ALA L 84 -70.10 -43.77 -50.34
CA ALA L 84 -70.25 -45.21 -50.23
C ALA L 84 -69.65 -45.70 -48.91
N PHE L 85 -70.31 -46.68 -48.28
CA PHE L 85 -69.95 -47.16 -46.93
C PHE L 85 -69.75 -48.67 -46.98
N ASP L 86 -68.70 -49.13 -46.29
CA ASP L 86 -68.35 -50.53 -46.21
C ASP L 86 -68.43 -50.94 -44.74
N ASN L 87 -69.40 -51.79 -44.41
CA ASN L 87 -69.59 -52.26 -43.04
C ASN L 87 -68.84 -53.56 -42.66
N THR L 88 -67.92 -53.99 -43.52
CA THR L 88 -66.97 -55.08 -43.20
C THR L 88 -66.20 -54.74 -41.93
N ARG L 89 -66.04 -55.71 -41.01
CA ARG L 89 -65.31 -55.43 -39.77
C ARG L 89 -63.88 -54.97 -40.08
N GLY L 90 -63.45 -53.92 -39.39
CA GLY L 90 -62.14 -53.34 -39.61
C GLY L 90 -62.14 -52.21 -40.64
N VAL L 91 -63.27 -52.01 -41.33
CA VAL L 91 -63.47 -50.84 -42.17
C VAL L 91 -64.56 -50.03 -41.51
N GLU L 92 -65.83 -50.44 -41.66
CA GLU L 92 -66.94 -49.78 -40.96
C GLU L 92 -66.85 -48.25 -41.09
N SER L 93 -66.72 -47.81 -42.34
CA SER L 93 -66.47 -46.41 -42.65
C SER L 93 -66.82 -46.11 -44.09
N CYS L 94 -66.85 -44.82 -44.37
CA CYS L 94 -66.91 -44.34 -45.75
C CYS L 94 -65.68 -44.84 -46.50
N VAL L 95 -65.89 -45.28 -47.75
CA VAL L 95 -64.80 -45.72 -48.63
C VAL L 95 -64.76 -45.00 -49.98
N LEU L 96 -65.65 -44.04 -50.19
CA LEU L 96 -65.68 -43.23 -51.42
C LEU L 96 -66.62 -42.07 -51.14
N SER L 97 -66.20 -40.86 -51.48
CA SER L 97 -67.03 -39.66 -51.30
C SER L 97 -66.64 -38.62 -52.34
N PHE L 98 -67.58 -38.28 -53.21
CA PHE L 98 -67.32 -37.30 -54.26
C PHE L 98 -68.46 -36.34 -54.46
N LEU L 99 -68.11 -35.12 -54.86
CA LEU L 99 -69.08 -34.06 -55.08
C LEU L 99 -69.76 -34.28 -56.42
N ILE L 100 -71.08 -34.12 -56.43
CA ILE L 100 -71.88 -34.20 -57.68
C ILE L 100 -72.59 -32.90 -58.03
N ASN L 101 -72.66 -31.96 -57.08
CA ASN L 101 -73.13 -30.59 -57.34
C ASN L 101 -72.31 -29.60 -56.56
N ARG L 102 -72.11 -28.43 -57.13
CA ARG L 102 -71.52 -27.31 -56.42
C ARG L 102 -72.25 -26.03 -56.83
N PRO L 103 -72.17 -24.98 -55.98
CA PRO L 103 -72.80 -23.72 -56.34
C PRO L 103 -72.08 -23.08 -57.52
N SER L 104 -72.75 -22.16 -58.21
CA SER L 104 -72.16 -21.51 -59.39
C SER L 104 -70.96 -20.64 -59.01
N TYR L 105 -71.00 -20.04 -57.82
CA TYR L 105 -69.86 -19.31 -57.28
C TYR L 105 -69.61 -19.69 -55.82
N GLU L 106 -68.38 -20.10 -55.52
CA GLU L 106 -67.94 -20.36 -54.15
C GLU L 106 -66.92 -19.29 -53.76
N PRO L 107 -67.28 -18.36 -52.85
CA PRO L 107 -66.32 -17.33 -52.46
C PRO L 107 -65.12 -17.87 -51.66
N GLY L 108 -65.28 -19.00 -50.99
CA GLY L 108 -64.21 -19.63 -50.23
C GLY L 108 -64.10 -19.09 -48.82
N PHE L 109 -62.86 -18.92 -48.32
CA PHE L 109 -62.61 -18.69 -46.90
C PHE L 109 -61.69 -17.52 -46.63
N ARG L 110 -61.99 -16.77 -45.55
CA ARG L 110 -61.04 -15.85 -44.93
C ARG L 110 -60.25 -16.63 -43.86
N LEU L 111 -58.92 -16.52 -43.89
CA LEU L 111 -58.09 -17.07 -42.82
C LEU L 111 -58.02 -16.05 -41.71
N VAL L 112 -58.59 -16.39 -40.56
CA VAL L 112 -58.62 -15.53 -39.40
C VAL L 112 -57.46 -15.94 -38.50
N ARG L 113 -56.69 -14.95 -38.04
CA ARG L 113 -55.56 -15.17 -37.14
C ARG L 113 -55.77 -14.35 -35.86
N SER L 114 -55.41 -14.92 -34.73
CA SER L 114 -55.33 -14.20 -33.44
C SER L 114 -53.95 -14.36 -32.81
N GLU L 115 -53.47 -13.31 -32.17
CA GLU L 115 -52.21 -13.33 -31.43
C GLU L 115 -52.38 -14.25 -30.22
N ASP L 116 -51.40 -15.10 -29.94
CA ASP L 116 -51.45 -15.92 -28.74
C ASP L 116 -50.09 -15.80 -28.01
N ILE L 117 -49.64 -16.85 -27.32
CA ILE L 117 -48.45 -16.73 -26.48
C ILE L 117 -47.20 -16.71 -27.36
N SER L 118 -46.24 -15.86 -26.98
CA SER L 118 -45.03 -15.65 -27.77
C SER L 118 -45.37 -15.45 -29.25
N ARG L 119 -44.91 -16.33 -30.15
CA ARG L 119 -45.16 -16.22 -31.59
C ARG L 119 -46.33 -17.10 -32.06
N ASN L 120 -46.89 -17.91 -31.17
CA ASN L 120 -48.02 -18.77 -31.52
C ASN L 120 -49.25 -17.94 -31.90
N GLN L 121 -50.01 -18.45 -32.86
CA GLN L 121 -51.29 -17.87 -33.22
C GLN L 121 -52.38 -18.93 -33.20
N LYS L 122 -53.61 -18.46 -33.09
CA LYS L 122 -54.80 -19.29 -33.21
C LYS L 122 -55.46 -18.94 -34.53
N TYR L 123 -55.95 -19.97 -35.22
CA TYR L 123 -56.49 -19.81 -36.55
C TYR L 123 -57.95 -20.27 -36.65
N SER L 124 -58.68 -19.66 -37.58
CA SER L 124 -60.06 -20.04 -37.87
C SER L 124 -60.31 -19.87 -39.37
N PHE L 125 -61.10 -20.78 -39.93
CA PHE L 125 -61.48 -20.72 -41.34
C PHE L 125 -62.90 -20.19 -41.37
N HIS L 126 -63.05 -18.98 -41.90
CA HIS L 126 -64.35 -18.32 -42.00
C HIS L 126 -64.88 -18.47 -43.41
N SER L 127 -66.01 -19.14 -43.58
CA SER L 127 -66.68 -19.24 -44.88
C SER L 127 -67.40 -17.94 -45.23
N TYR L 128 -67.03 -17.33 -46.35
CA TYR L 128 -67.75 -16.15 -46.85
C TYR L 128 -69.24 -16.43 -47.09
N ALA L 129 -69.57 -17.61 -47.59
CA ALA L 129 -70.97 -17.98 -47.81
C ALA L 129 -71.79 -17.87 -46.53
N THR L 130 -71.19 -18.26 -45.40
CA THR L 130 -71.87 -18.21 -44.11
C THR L 130 -72.02 -16.80 -43.54
N ASP L 131 -71.56 -15.77 -44.25
CA ASP L 131 -71.92 -14.37 -43.94
C ASP L 131 -73.42 -14.15 -44.05
N LYS L 132 -74.10 -14.98 -44.83
CA LYS L 132 -75.56 -14.96 -44.92
C LYS L 132 -76.19 -16.18 -44.27
N PRO L 133 -77.46 -16.06 -43.85
CA PRO L 133 -78.14 -17.20 -43.23
C PRO L 133 -78.41 -18.33 -44.20
N GLU L 134 -78.60 -19.53 -43.67
CA GLU L 134 -79.01 -20.68 -44.48
C GLU L 134 -80.22 -20.32 -45.34
N GLY L 135 -80.21 -20.77 -46.60
CA GLY L 135 -81.23 -20.42 -47.57
C GLY L 135 -80.90 -19.20 -48.42
N SER L 136 -79.98 -18.35 -47.95
CA SER L 136 -79.58 -17.13 -48.67
C SER L 136 -78.07 -17.11 -48.98
N ARG L 137 -77.42 -18.27 -48.95
CA ARG L 137 -75.96 -18.32 -49.05
C ARG L 137 -75.42 -18.42 -50.47
N TYR L 138 -76.10 -19.21 -51.31
CA TYR L 138 -75.63 -19.47 -52.67
C TYR L 138 -76.76 -19.28 -53.68
N SER M 2 68.48 87.58 -14.17
CA SER M 2 67.63 86.75 -13.27
C SER M 2 68.32 86.43 -11.94
N VAL M 3 67.51 86.13 -10.92
CA VAL M 3 68.02 85.70 -9.60
C VAL M 3 68.92 84.46 -9.67
N GLU M 4 68.62 83.55 -10.59
CA GLU M 4 69.41 82.33 -10.78
C GLU M 4 70.84 82.69 -11.22
N GLU M 5 70.95 83.56 -12.22
CA GLU M 5 72.27 84.08 -12.68
C GLU M 5 73.03 84.78 -11.57
N ARG M 6 72.35 85.68 -10.85
CA ARG M 6 72.96 86.49 -9.79
C ARG M 6 73.50 85.65 -8.62
N THR M 7 72.76 84.60 -8.24
CA THR M 7 73.15 83.73 -7.11
C THR M 7 74.01 82.52 -7.51
N ARG M 8 74.46 82.44 -8.77
CA ARG M 8 75.46 81.44 -9.18
C ARG M 8 76.69 81.50 -8.28
N ILE M 9 77.20 80.34 -7.86
CA ILE M 9 78.40 80.28 -7.04
C ILE M 9 79.62 80.55 -7.94
N LYS M 10 80.44 81.53 -7.54
CA LYS M 10 81.67 81.91 -8.24
C LYS M 10 82.95 81.35 -7.58
N ASN M 11 82.85 80.95 -6.31
CA ASN M 11 83.91 80.20 -5.62
C ASN M 11 84.41 79.04 -6.48
N GLU M 12 85.72 78.98 -6.70
CA GLU M 12 86.32 78.05 -7.67
C GLU M 12 86.05 76.56 -7.39
N ARG M 13 85.93 76.20 -6.11
CA ARG M 13 85.62 74.81 -5.74
C ARG M 13 84.18 74.44 -6.05
N TYR M 14 83.24 75.37 -5.81
CA TYR M 14 81.80 75.07 -5.91
C TYR M 14 81.06 75.76 -7.07
N GLU M 15 81.80 76.39 -7.98
CA GLU M 15 81.18 76.82 -9.24
C GLU M 15 81.02 75.58 -10.11
N SER M 16 79.99 75.59 -10.95
CA SER M 16 79.66 74.42 -11.76
C SER M 16 80.77 74.04 -12.72
N GLY M 17 80.86 72.74 -13.01
CA GLY M 17 81.80 72.19 -13.97
C GLY M 17 82.55 71.01 -13.41
N VAL M 18 83.34 70.39 -14.27
CA VAL M 18 84.14 69.21 -13.93
C VAL M 18 85.51 69.67 -13.45
N ILE M 19 85.91 69.17 -12.29
CA ILE M 19 87.29 69.33 -11.82
C ILE M 19 87.79 67.93 -11.38
N PRO M 20 89.12 67.70 -11.43
CA PRO M 20 89.63 66.37 -11.07
C PRO M 20 89.27 65.97 -9.63
N TYR M 21 89.03 64.68 -9.40
CA TYR M 21 88.68 64.20 -8.05
C TYR M 21 89.76 64.53 -7.02
N ALA M 22 91.03 64.51 -7.44
CA ALA M 22 92.15 64.86 -6.55
C ALA M 22 92.21 66.34 -6.13
N LYS M 23 91.41 67.19 -6.77
CA LYS M 23 91.24 68.60 -6.37
C LYS M 23 89.90 68.86 -5.67
N MET M 24 89.09 67.83 -5.48
CA MET M 24 87.76 67.96 -4.82
C MET M 24 87.80 67.62 -3.31
N GLY M 25 88.94 67.18 -2.80
CA GLY M 25 89.10 66.80 -1.38
C GLY M 25 89.37 65.31 -1.15
N TYR M 26 89.32 64.50 -2.20
CA TYR M 26 89.46 63.05 -2.07
C TYR M 26 90.92 62.53 -2.12
N TRP M 27 91.88 63.44 -2.26
CA TRP M 27 93.30 63.11 -2.12
C TRP M 27 93.90 63.96 -1.01
N ASP M 28 94.43 63.31 0.03
CA ASP M 28 95.07 64.02 1.13
C ASP M 28 96.16 63.16 1.78
N PRO M 29 97.42 63.31 1.31
CA PRO M 29 98.52 62.53 1.85
C PRO M 29 98.95 62.94 3.27
N ASN M 30 98.39 64.03 3.79
CA ASN M 30 98.63 64.45 5.17
C ASN M 30 97.47 64.14 6.12
N TYR M 31 96.51 63.33 5.68
CA TYR M 31 95.33 63.02 6.49
C TYR M 31 95.71 62.17 7.71
N ALA M 32 95.24 62.59 8.88
CA ALA M 32 95.45 61.84 10.13
C ALA M 32 94.34 60.80 10.28
N VAL M 33 94.68 59.52 10.09
CA VAL M 33 93.71 58.44 10.21
C VAL M 33 93.20 58.36 11.66
N LYS M 34 91.87 58.31 11.81
CA LYS M 34 91.24 58.21 13.14
C LYS M 34 91.00 56.73 13.46
N ASP M 35 90.97 56.40 14.75
CA ASP M 35 90.71 55.01 15.15
C ASP M 35 89.28 54.53 14.85
N THR M 36 88.35 55.45 14.60
CA THR M 36 87.00 55.12 14.15
C THR M 36 86.85 55.02 12.62
N ASP M 37 87.88 55.36 11.84
CA ASP M 37 87.76 55.32 10.39
C ASP M 37 87.69 53.88 9.87
N ILE M 38 86.86 53.67 8.85
CA ILE M 38 86.94 52.45 8.04
C ILE M 38 88.04 52.73 7.01
N LEU M 39 88.98 51.80 6.87
CA LEU M 39 90.04 51.92 5.87
C LEU M 39 89.85 50.82 4.83
N ALA M 40 90.14 51.12 3.57
CA ALA M 40 90.19 50.12 2.51
C ALA M 40 91.53 50.21 1.79
N LEU M 41 92.03 49.07 1.32
CA LEU M 41 93.21 49.02 0.46
C LEU M 41 92.77 48.48 -0.88
N PHE M 42 92.91 49.30 -1.93
CA PHE M 42 92.61 48.89 -3.30
C PHE M 42 93.89 48.71 -4.10
N ARG M 43 93.90 47.69 -4.95
CA ARG M 43 94.92 47.52 -5.97
C ARG M 43 94.37 48.18 -7.23
N VAL M 44 94.98 49.30 -7.62
CA VAL M 44 94.47 50.16 -8.69
C VAL M 44 95.34 50.03 -9.94
N SER M 45 94.70 49.70 -11.07
CA SER M 45 95.35 49.67 -12.39
C SER M 45 94.73 50.75 -13.28
N PRO M 46 95.36 51.94 -13.36
CA PRO M 46 94.77 53.01 -14.19
C PRO M 46 94.82 52.72 -15.70
N GLN M 47 93.88 53.30 -16.45
CA GLN M 47 93.95 53.32 -17.91
C GLN M 47 95.17 54.13 -18.35
N PRO M 48 95.70 53.86 -19.56
CA PRO M 48 96.82 54.67 -20.06
C PRO M 48 96.50 56.16 -20.03
N GLY M 49 97.42 56.97 -19.50
CA GLY M 49 97.24 58.42 -19.43
C GLY M 49 96.54 58.94 -18.19
N VAL M 50 96.00 58.03 -17.35
CA VAL M 50 95.37 58.41 -16.10
C VAL M 50 96.42 58.43 -15.00
N ASP M 51 96.51 59.55 -14.29
CA ASP M 51 97.43 59.70 -13.17
C ASP M 51 97.02 58.76 -12.01
N PRO M 52 98.00 58.05 -11.38
CA PRO M 52 97.70 57.10 -10.28
C PRO M 52 96.95 57.69 -9.09
N VAL M 53 97.29 58.93 -8.73
CA VAL M 53 96.64 59.64 -7.62
C VAL M 53 95.21 60.05 -8.00
N GLU M 54 95.02 60.51 -9.24
CA GLU M 54 93.68 60.85 -9.71
C GLU M 54 92.77 59.61 -9.75
N ALA M 55 93.28 58.51 -10.27
CA ALA M 55 92.55 57.24 -10.26
C ALA M 55 92.14 56.84 -8.86
N SER M 56 93.09 56.95 -7.92
CA SER M 56 92.87 56.66 -6.52
C SER M 56 91.86 57.61 -5.87
N ALA M 57 91.95 58.89 -6.22
CA ALA M 57 91.00 59.90 -5.75
C ALA M 57 89.59 59.68 -6.33
N ALA M 58 89.51 59.17 -7.56
CA ALA M 58 88.23 58.80 -8.17
C ALA M 58 87.55 57.67 -7.42
N VAL M 59 88.33 56.67 -7.02
CA VAL M 59 87.80 55.54 -6.25
C VAL M 59 87.27 56.06 -4.91
N ALA M 60 88.08 56.86 -4.21
CA ALA M 60 87.70 57.48 -2.94
C ALA M 60 86.43 58.33 -3.06
N GLY M 61 86.37 59.15 -4.12
CA GLY M 61 85.25 60.04 -4.35
C GLY M 61 83.96 59.30 -4.62
N GLU M 62 84.00 58.38 -5.57
CA GLU M 62 82.80 57.68 -6.00
C GLU M 62 82.40 56.50 -5.10
N SER M 63 83.20 56.20 -4.08
CA SER M 63 82.79 55.30 -2.99
C SER M 63 82.39 56.05 -1.71
N SER M 64 82.27 57.38 -1.79
CA SER M 64 81.89 58.18 -0.63
C SER M 64 80.81 59.22 -0.95
N THR M 65 81.21 60.40 -1.44
CA THR M 65 80.28 61.51 -1.62
C THR M 65 80.29 62.18 -3.01
N ALA M 66 81.24 61.80 -3.87
CA ALA M 66 81.47 62.53 -5.13
C ALA M 66 80.56 62.07 -6.26
N THR M 67 80.34 62.97 -7.21
CA THR M 67 79.99 62.59 -8.55
C THR M 67 80.96 63.25 -9.55
N TRP M 68 80.64 63.14 -10.84
CA TRP M 68 81.54 63.50 -11.94
C TRP M 68 81.68 65.01 -12.19
N THR M 69 80.79 65.79 -11.61
CA THR M 69 80.76 67.25 -11.77
C THR M 69 80.41 67.84 -10.41
N VAL M 70 80.72 69.13 -10.23
CA VAL M 70 80.60 69.80 -8.95
C VAL M 70 79.13 70.06 -8.60
N VAL M 71 78.75 69.82 -7.34
CA VAL M 71 77.39 70.09 -6.87
C VAL M 71 77.38 71.00 -5.64
N TRP M 72 76.58 72.06 -5.71
CA TRP M 72 76.44 73.02 -4.61
C TRP M 72 75.87 72.39 -3.34
N THR M 73 75.07 71.34 -3.52
CA THR M 73 74.43 70.65 -2.40
C THR M 73 75.42 70.05 -1.40
N ASP M 74 76.68 69.85 -1.81
CA ASP M 74 77.77 69.56 -0.85
C ASP M 74 77.77 70.49 0.37
N LEU M 75 77.47 71.77 0.13
CA LEU M 75 77.54 72.80 1.16
C LEU M 75 76.39 72.74 2.17
N LEU M 76 75.36 71.93 1.92
CA LEU M 76 74.35 71.64 2.93
C LEU M 76 74.80 70.59 3.97
N THR M 77 75.96 69.97 3.76
CA THR M 77 76.47 68.91 4.61
C THR M 77 77.83 69.31 5.19
N ALA M 78 78.28 68.55 6.18
CA ALA M 78 79.65 68.68 6.70
C ALA M 78 80.59 67.93 5.74
N CYS M 79 80.76 68.49 4.55
CA CYS M 79 81.35 67.75 3.43
C CYS M 79 82.80 67.38 3.65
N ASP M 80 83.56 68.24 4.35
CA ASP M 80 84.99 67.98 4.63
C ASP M 80 85.17 66.71 5.46
N LEU M 81 84.19 66.39 6.29
CA LEU M 81 84.23 65.17 7.07
C LEU M 81 83.73 63.94 6.30
N TYR M 82 82.66 64.09 5.52
CA TYR M 82 82.06 62.94 4.83
C TYR M 82 82.85 62.42 3.62
N ARG M 83 83.61 63.29 2.97
CA ARG M 83 84.50 62.88 1.89
C ARG M 83 85.49 61.83 2.38
N ALA M 84 85.60 60.72 1.65
CA ALA M 84 86.67 59.77 1.88
C ALA M 84 87.97 60.38 1.38
N LYS M 85 89.09 59.98 1.97
CA LYS M 85 90.40 60.49 1.57
C LYS M 85 91.31 59.35 1.17
N ALA M 86 91.75 59.35 -0.08
CA ALA M 86 92.94 58.57 -0.46
C ALA M 86 94.10 59.25 0.26
N TYR M 87 94.75 58.55 1.17
CA TYR M 87 95.82 59.15 2.00
C TYR M 87 97.21 58.58 1.74
N LYS M 88 97.31 57.53 0.94
CA LYS M 88 98.60 56.97 0.57
C LYS M 88 98.44 56.22 -0.74
N VAL M 89 99.32 56.52 -1.69
CA VAL M 89 99.34 55.84 -2.99
C VAL M 89 100.77 55.42 -3.28
N GLU M 90 100.99 54.14 -3.53
CA GLU M 90 102.33 53.63 -3.79
C GLU M 90 102.33 52.56 -4.87
N SER M 91 103.49 52.38 -5.49
CA SER M 91 103.65 51.35 -6.51
C SER M 91 103.59 49.96 -5.91
N VAL M 92 102.88 49.05 -6.59
CA VAL M 92 102.92 47.64 -6.23
C VAL M 92 104.26 47.08 -6.71
N PRO M 93 104.98 46.33 -5.82
CA PRO M 93 106.25 45.74 -6.25
C PRO M 93 106.13 44.86 -7.50
N ASN M 94 107.14 44.93 -8.36
CA ASN M 94 107.23 44.07 -9.56
C ASN M 94 106.06 44.23 -10.53
N THR M 95 105.61 45.47 -10.70
CA THR M 95 104.56 45.83 -11.67
C THR M 95 104.93 47.16 -12.30
N SER M 96 104.36 47.46 -13.46
CA SER M 96 104.68 48.69 -14.20
C SER M 96 103.71 49.85 -13.93
N ASP M 97 102.39 49.59 -13.94
CA ASP M 97 101.38 50.64 -13.73
C ASP M 97 100.24 50.13 -12.83
N GLN M 98 100.62 49.69 -11.64
CA GLN M 98 99.68 49.16 -10.64
C GLN M 98 100.04 49.74 -9.28
N TYR M 99 99.02 50.19 -8.54
CA TYR M 99 99.23 50.93 -7.29
C TYR M 99 98.38 50.42 -6.14
N PHE M 100 98.93 50.51 -4.93
CA PHE M 100 98.16 50.32 -3.71
C PHE M 100 97.63 51.67 -3.27
N ALA M 101 96.30 51.79 -3.15
CA ALA M 101 95.65 53.03 -2.69
C ALA M 101 94.95 52.76 -1.34
N TYR M 102 95.41 53.46 -0.31
CA TYR M 102 94.83 53.38 1.04
C TYR M 102 93.82 54.52 1.15
N ILE M 103 92.58 54.19 1.52
CA ILE M 103 91.47 55.16 1.55
C ILE M 103 90.75 55.09 2.91
N SER M 104 90.49 56.25 3.49
CA SER M 104 89.82 56.38 4.78
C SER M 104 88.38 56.87 4.63
N TYR M 105 87.46 56.25 5.38
CA TYR M 105 86.03 56.59 5.34
C TYR M 105 85.58 56.82 6.77
N ASP M 106 84.93 57.95 7.04
CA ASP M 106 84.42 58.22 8.37
C ASP M 106 83.35 57.19 8.75
N ILE M 107 83.31 56.87 10.04
CA ILE M 107 82.33 55.91 10.57
C ILE M 107 80.88 56.32 10.29
N ASP M 108 80.58 57.61 10.29
CA ASP M 108 79.22 58.11 10.03
C ASP M 108 78.69 57.87 8.62
N LEU M 109 79.53 57.45 7.69
CA LEU M 109 79.08 57.09 6.35
C LEU M 109 78.25 55.81 6.28
N PHE M 110 78.32 54.97 7.32
CA PHE M 110 77.82 53.62 7.24
C PHE M 110 76.64 53.34 8.17
N GLU M 111 75.73 52.49 7.70
CA GLU M 111 74.65 52.01 8.53
C GLU M 111 75.22 50.98 9.50
N GLU M 112 74.89 51.15 10.77
CA GLU M 112 75.30 50.26 11.84
C GLU M 112 74.80 48.84 11.53
N GLY M 113 75.68 47.86 11.63
CA GLY M 113 75.31 46.45 11.53
C GLY M 113 74.92 45.93 10.15
N SER M 114 75.24 46.67 9.09
CA SER M 114 74.76 46.35 7.75
C SER M 114 75.90 46.11 6.76
N ILE M 115 76.09 44.85 6.38
CA ILE M 115 77.05 44.48 5.33
C ILE M 115 76.60 45.05 3.98
N ALA M 116 75.29 45.00 3.70
CA ALA M 116 74.77 45.59 2.47
C ALA M 116 75.15 47.06 2.33
N ASN M 117 75.07 47.83 3.41
CA ASN M 117 75.44 49.24 3.33
C ASN M 117 76.95 49.46 3.18
N LEU M 118 77.73 48.76 3.99
CA LEU M 118 79.19 48.84 3.90
C LEU M 118 79.66 48.56 2.47
N THR M 119 79.20 47.44 1.92
CA THR M 119 79.57 47.04 0.55
C THR M 119 78.99 47.98 -0.52
N ALA M 120 77.78 48.49 -0.32
CA ALA M 120 77.19 49.43 -1.27
C ALA M 120 78.11 50.64 -1.53
N SER M 121 78.75 51.14 -0.49
CA SER M 121 79.77 52.19 -0.66
C SER M 121 81.08 51.65 -1.25
N ILE M 122 81.69 50.68 -0.58
CA ILE M 122 83.07 50.27 -0.88
C ILE M 122 83.21 49.60 -2.25
N ILE M 123 82.23 48.77 -2.63
CA ILE M 123 82.27 48.04 -3.89
C ILE M 123 81.12 48.35 -4.86
N GLY M 124 80.27 49.33 -4.54
CA GLY M 124 79.04 49.56 -5.32
C GLY M 124 79.25 49.83 -6.80
N ASN M 125 79.98 50.90 -7.09
CA ASN M 125 80.17 51.39 -8.47
C ASN M 125 81.61 51.45 -8.97
N VAL M 126 82.58 51.56 -8.07
CA VAL M 126 83.96 51.91 -8.46
C VAL M 126 84.70 50.88 -9.34
N PHE M 127 84.28 49.62 -9.32
CA PHE M 127 84.91 48.58 -10.14
C PHE M 127 84.53 48.67 -11.62
N GLY M 128 83.46 49.40 -11.93
CA GLY M 128 83.03 49.63 -13.30
C GLY M 128 83.50 50.93 -13.94
N PHE M 129 84.33 51.72 -13.26
CA PHE M 129 84.76 53.03 -13.80
C PHE M 129 85.69 52.88 -15.00
N LYS M 130 85.37 53.58 -16.09
CA LYS M 130 86.15 53.49 -17.33
C LYS M 130 87.63 53.81 -17.11
N ALA M 131 87.88 54.83 -16.28
CA ALA M 131 89.24 55.37 -16.04
C ALA M 131 90.21 54.40 -15.36
N VAL M 132 89.66 53.39 -14.68
CA VAL M 132 90.43 52.33 -14.06
C VAL M 132 90.17 51.05 -14.85
N LYS M 133 91.19 50.47 -15.47
CA LYS M 133 90.98 49.24 -16.25
C LYS M 133 90.88 47.99 -15.37
N ALA M 134 91.41 48.07 -14.15
CA ALA M 134 91.20 47.01 -13.16
C ALA M 134 91.32 47.55 -11.73
N LEU M 135 90.64 46.87 -10.81
CA LEU M 135 90.54 47.31 -9.43
C LEU M 135 90.29 46.08 -8.58
N ARG M 136 91.02 45.97 -7.47
CA ARG M 136 90.81 44.89 -6.53
C ARG M 136 90.81 45.40 -5.10
N LEU M 137 89.80 45.01 -4.33
CA LEU M 137 89.77 45.30 -2.90
C LEU M 137 90.58 44.21 -2.21
N GLU M 138 91.66 44.61 -1.53
CA GLU M 138 92.61 43.66 -0.93
C GLU M 138 92.42 43.45 0.55
N ASP M 139 92.14 44.52 1.28
CA ASP M 139 91.95 44.45 2.72
C ASP M 139 91.13 45.63 3.19
N MET M 140 90.60 45.51 4.39
CA MET M 140 89.93 46.62 5.06
C MET M 140 90.28 46.63 6.53
N ARG M 141 90.29 47.83 7.12
CA ARG M 141 90.42 47.98 8.56
C ARG M 141 89.03 48.34 9.07
N ILE M 142 88.37 47.38 9.72
CA ILE M 142 87.06 47.62 10.31
C ILE M 142 87.32 48.05 11.75
N PRO M 143 86.98 49.29 12.11
CA PRO M 143 87.33 49.75 13.45
C PRO M 143 86.45 49.09 14.50
N VAL M 144 86.94 49.03 15.74
CA VAL M 144 86.22 48.40 16.84
C VAL M 144 84.80 49.00 17.01
N ALA M 145 84.69 50.32 16.91
CA ALA M 145 83.42 51.01 17.11
C ALA M 145 82.32 50.61 16.10
N TYR M 146 82.74 50.27 14.88
CA TYR M 146 81.81 49.73 13.87
C TYR M 146 81.56 48.22 14.04
N LEU M 147 82.60 47.45 14.38
CA LEU M 147 82.45 46.01 14.69
C LEU M 147 81.44 45.72 15.80
N LYS M 148 81.41 46.59 16.82
CA LYS M 148 80.48 46.40 17.94
C LYS M 148 79.01 46.54 17.52
N THR M 149 78.75 47.05 16.32
CA THR M 149 77.39 47.09 15.78
C THR M 149 76.98 45.77 15.07
N PHE M 150 77.89 44.80 14.98
CA PHE M 150 77.61 43.50 14.36
C PHE M 150 77.59 42.39 15.42
N GLN M 151 76.83 41.34 15.14
CA GLN M 151 76.71 40.22 16.05
C GLN M 151 78.02 39.44 16.14
N GLY M 152 78.68 39.24 15.01
CA GLY M 152 79.73 38.25 14.93
C GLY M 152 79.09 36.86 14.94
N PRO M 153 79.93 35.79 14.86
CA PRO M 153 79.43 34.42 14.79
C PRO M 153 78.38 34.10 15.83
N ALA M 154 77.30 33.48 15.38
CA ALA M 154 76.22 33.02 16.25
C ALA M 154 76.74 32.15 17.39
N THR M 155 77.58 31.19 17.03
CA THR M 155 78.08 30.19 17.95
C THR M 155 79.57 30.42 18.24
N GLY M 156 80.38 30.43 17.19
CA GLY M 156 81.83 30.55 17.34
C GLY M 156 82.49 29.24 17.70
N ILE M 157 83.77 29.09 17.36
CA ILE M 157 84.44 27.80 17.54
C ILE M 157 84.48 27.30 18.98
N VAL M 158 84.57 28.21 19.95
CA VAL M 158 84.66 27.82 21.35
C VAL M 158 83.37 27.11 21.79
N VAL M 159 82.21 27.74 21.55
CA VAL M 159 80.94 27.15 21.96
C VAL M 159 80.63 25.93 21.11
N GLU M 160 81.05 25.95 19.83
CA GLU M 160 80.88 24.80 18.94
C GLU M 160 81.56 23.55 19.48
N ARG M 161 82.82 23.67 19.90
CA ARG M 161 83.54 22.55 20.49
C ARG M 161 82.88 22.08 21.80
N GLU M 162 82.36 23.02 22.58
CA GLU M 162 81.61 22.66 23.79
C GLU M 162 80.34 21.89 23.47
N ARG M 163 79.59 22.34 22.46
CA ARG M 163 78.40 21.61 21.99
C ARG M 163 78.71 20.20 21.48
N MET M 164 79.81 20.07 20.75
CA MET M 164 80.23 18.79 20.17
C MET M 164 81.02 17.93 21.15
N ASP M 165 81.52 18.54 22.23
CA ASP M 165 82.41 17.90 23.21
C ASP M 165 83.67 17.34 22.53
N LYS M 166 84.26 18.16 21.68
CA LYS M 166 85.40 17.74 20.85
C LYS M 166 86.47 18.83 20.88
N PHE M 167 87.58 18.53 21.56
CA PHE M 167 88.66 19.49 21.81
C PHE M 167 90.00 18.92 21.39
N GLY M 168 90.93 19.79 21.01
CA GLY M 168 92.32 19.40 20.78
C GLY M 168 92.62 18.70 19.46
N ARG M 169 91.66 18.71 18.53
CA ARG M 169 91.90 18.21 17.19
C ARG M 169 91.01 18.94 16.20
N PRO M 170 91.34 18.87 14.90
CA PRO M 170 90.37 19.26 13.88
C PRO M 170 89.09 18.44 13.96
N PHE M 171 87.99 19.04 13.52
CA PHE M 171 86.79 18.32 13.21
C PHE M 171 86.98 17.62 11.87
N GLY M 173 84.72 16.00 8.48
CA GLY M 173 83.48 16.02 7.73
C GLY M 173 83.60 15.37 6.37
N ALA M 174 82.52 15.44 5.60
CA ALA M 174 82.47 14.90 4.25
C ALA M 174 81.19 15.38 3.58
N THR M 175 81.32 15.84 2.34
CA THR M 175 80.17 16.13 1.49
C THR M 175 79.64 14.82 0.90
N VAL M 176 78.33 14.61 0.98
CA VAL M 176 77.69 13.44 0.37
C VAL M 176 77.85 13.51 -1.15
N LYS M 177 78.15 12.38 -1.78
CA LYS M 177 78.34 12.27 -3.24
C LYS M 177 77.55 11.06 -3.79
N PRO M 178 77.11 11.09 -5.05
CA PRO M 178 77.29 12.20 -6.02
C PRO M 178 76.63 13.52 -5.61
N LYS M 179 77.05 14.62 -6.23
CA LYS M 179 76.58 15.96 -5.83
C LYS M 179 75.06 16.04 -5.89
N LEU M 180 74.50 15.62 -7.03
CA LEU M 180 73.06 15.61 -7.25
C LEU M 180 72.59 14.22 -7.65
N GLY M 181 71.32 13.95 -7.38
CA GLY M 181 70.64 12.75 -7.87
C GLY M 181 70.20 11.78 -6.81
N LEU M 182 70.80 11.83 -5.61
CA LEU M 182 70.42 10.91 -4.54
C LEU M 182 69.02 11.22 -3.97
N SER M 183 68.31 10.17 -3.58
CA SER M 183 67.08 10.29 -2.84
C SER M 183 67.36 10.63 -1.37
N GLY M 184 66.32 11.08 -0.66
CA GLY M 184 66.43 11.35 0.76
C GLY M 184 66.88 10.14 1.58
N LYS M 185 66.29 8.99 1.28
CA LYS M 185 66.62 7.75 1.98
C LYS M 185 68.08 7.34 1.74
N ASN M 186 68.53 7.44 0.49
CA ASN M 186 69.93 7.19 0.16
C ASN M 186 70.87 8.22 0.77
N TYR M 187 70.41 9.47 0.87
CA TYR M 187 71.18 10.49 1.59
C TYR M 187 71.41 10.04 3.03
N GLY M 188 70.33 9.62 3.71
CA GLY M 188 70.42 9.15 5.09
C GLY M 188 71.38 7.98 5.28
N ARG M 189 71.32 7.01 4.35
CA ARG M 189 72.25 5.88 4.36
C ARG M 189 73.70 6.36 4.38
N VAL M 190 74.04 7.28 3.48
CA VAL M 190 75.41 7.77 3.36
C VAL M 190 75.83 8.48 4.66
N VAL M 191 74.91 9.30 5.19
CA VAL M 191 75.18 10.04 6.41
C VAL M 191 75.39 9.07 7.58
N TYR M 192 74.52 8.06 7.69
CA TYR M 192 74.69 7.07 8.75
C TYR M 192 76.06 6.38 8.69
N GLU M 193 76.41 5.88 7.52
CA GLU M 193 77.65 5.12 7.34
C GLU M 193 78.89 5.99 7.63
N GLY M 194 78.89 7.23 7.17
CA GLY M 194 79.99 8.15 7.39
C GLY M 194 80.20 8.52 8.86
N LEU M 195 79.11 8.87 9.55
CA LEU M 195 79.18 9.25 10.95
C LEU M 195 79.52 8.05 11.83
N ARG M 196 78.81 6.95 11.62
CA ARG M 196 79.06 5.66 12.30
C ARG M 196 80.52 5.24 12.14
N GLY M 197 81.09 5.47 10.95
CA GLY M 197 82.47 5.08 10.65
C GLY M 197 83.56 5.96 11.26
N GLY M 198 83.20 7.12 11.80
CA GLY M 198 84.19 7.98 12.44
C GLY M 198 84.12 9.47 12.20
N LEU M 199 83.36 9.94 11.21
CA LEU M 199 83.31 11.38 10.92
C LEU M 199 82.48 12.10 12.00
N ASP M 200 82.84 13.34 12.28
CA ASP M 200 82.08 14.17 13.22
C ASP M 200 80.81 14.72 12.55
N PHE M 201 80.96 15.09 11.27
CA PHE M 201 79.92 15.70 10.47
C PHE M 201 79.83 15.05 9.10
N LEU M 202 78.66 15.15 8.45
CA LEU M 202 78.59 15.15 6.99
C LEU M 202 77.80 16.38 6.57
N ASP M 204 75.14 18.21 3.31
CA ASP M 204 74.52 18.41 2.01
C ASP M 204 75.55 19.09 1.09
N ASP M 205 75.56 18.73 -0.18
CA ASP M 205 76.32 19.51 -1.17
C ASP M 205 75.66 20.90 -1.30
N GLU M 206 76.46 21.90 -1.69
CA GLU M 206 75.97 23.27 -1.84
C GLU M 206 74.75 23.38 -2.74
N ASN M 207 74.72 22.55 -3.79
CA ASN M 207 73.60 22.56 -4.74
C ASN M 207 72.41 21.63 -4.42
N ILE M 208 72.48 20.94 -3.28
CA ILE M 208 71.37 20.11 -2.78
C ILE M 208 70.48 21.02 -1.93
N ASN M 209 69.33 21.39 -2.46
CA ASN M 209 68.35 22.21 -1.74
C ASN M 209 67.03 21.41 -1.73
N SER M 210 66.17 21.59 -2.73
CA SER M 210 64.98 20.75 -2.90
C SER M 210 64.75 20.62 -4.39
N GLN M 211 64.64 19.39 -4.89
CA GLN M 211 64.66 19.13 -6.33
C GLN M 211 63.75 17.95 -6.67
N PRO M 212 63.44 17.76 -7.98
CA PRO M 212 62.60 16.60 -8.35
C PRO M 212 63.11 15.23 -7.88
N PHE M 213 64.43 15.04 -7.86
CA PHE M 213 65.04 13.77 -7.39
C PHE M 213 65.04 13.59 -5.88
N MET M 214 64.80 14.67 -5.14
CA MET M 214 64.75 14.63 -3.67
C MET M 214 64.25 15.95 -3.13
N ARG M 215 63.09 15.92 -2.46
CA ARG M 215 62.58 17.10 -1.77
C ARG M 215 63.20 17.19 -0.36
N TRP M 216 63.28 18.41 0.15
CA TRP M 216 64.11 18.72 1.31
C TRP M 216 63.66 18.05 2.61
N LYS M 217 62.35 17.93 2.83
CA LYS M 217 61.86 17.41 4.11
C LYS M 217 62.30 15.97 4.39
N GLU M 218 62.16 15.08 3.41
CA GLU M 218 62.61 13.69 3.59
C GLU M 218 64.12 13.58 3.83
N ARG M 219 64.92 14.43 3.18
CA ARG M 219 66.36 14.46 3.44
C ARG M 219 66.66 14.83 4.90
N PHE M 220 65.99 15.86 5.41
CA PHE M 220 66.21 16.29 6.79
C PHE M 220 65.79 15.19 7.77
N LEU M 221 64.63 14.58 7.51
CA LEU M 221 64.11 13.50 8.36
C LEU M 221 65.02 12.26 8.38
N TYR M 222 65.46 11.83 7.21
CA TYR M 222 66.39 10.68 7.13
C TYR M 222 67.76 11.03 7.71
N SER M 223 68.19 12.27 7.52
CA SER M 223 69.49 12.71 8.05
C SER M 223 69.52 12.72 9.58
N ILE M 224 68.46 13.21 10.23
CA ILE M 224 68.44 13.21 11.70
C ILE M 224 68.33 11.79 12.29
N GLU M 225 67.59 10.90 11.61
CA GLU M 225 67.62 9.47 11.95
C GLU M 225 69.05 8.91 11.90
N ALA M 226 69.76 9.19 10.81
CA ALA M 226 71.14 8.74 10.63
C ALA M 226 72.08 9.30 11.71
N VAL M 227 71.92 10.59 11.99
CA VAL M 227 72.69 11.24 13.05
C VAL M 227 72.46 10.54 14.38
N ASN M 228 71.20 10.35 14.75
CA ASN M 228 70.88 9.76 16.06
C ASN M 228 71.23 8.28 16.18
N ARG M 229 71.09 7.54 15.09
CA ARG M 229 71.68 6.19 14.99
C ARG M 229 73.19 6.20 15.29
N SER M 230 73.90 7.13 14.66
CA SER M 230 75.35 7.23 14.84
C SER M 230 75.77 7.70 16.25
N ILE M 231 74.98 8.60 16.85
CA ILE M 231 75.24 9.02 18.22
C ILE M 231 75.08 7.82 19.16
N ALA M 232 73.99 7.07 19.00
CA ALA M 232 73.74 5.90 19.84
C ALA M 232 74.83 4.83 19.68
N ALA M 233 75.32 4.68 18.46
CA ALA M 233 76.35 3.68 18.13
C ALA M 233 77.75 4.01 18.65
N THR M 234 78.04 5.29 18.88
CA THR M 234 79.39 5.77 19.16
C THR M 234 79.53 6.49 20.50
N GLY M 235 78.44 7.04 21.03
CA GLY M 235 78.49 7.88 22.22
C GLY M 235 79.05 9.29 22.00
N GLU M 236 79.23 9.69 20.73
CA GLU M 236 79.69 11.02 20.39
C GLU M 236 78.50 11.87 19.98
N VAL M 237 78.61 13.17 20.19
CA VAL M 237 77.76 14.12 19.50
C VAL M 237 78.18 14.12 18.01
N LYS M 238 77.18 14.05 17.13
CA LYS M 238 77.39 14.06 15.69
C LYS M 238 76.45 15.08 15.09
N GLY M 239 76.72 15.45 13.83
CA GLY M 239 75.84 16.36 13.10
C GLY M 239 75.88 16.19 11.61
N HIS M 240 74.81 16.64 10.97
CA HIS M 240 74.76 16.70 9.51
C HIS M 240 74.29 18.09 9.07
N TYR M 241 75.06 18.74 8.19
CA TYR M 241 74.72 20.11 7.76
C TYR M 241 73.52 20.06 6.82
N MET M 242 72.34 20.30 7.38
CA MET M 242 71.12 20.37 6.60
C MET M 242 71.10 21.70 5.86
N ASN M 243 71.03 21.64 4.53
CA ASN M 243 71.11 22.86 3.71
C ASN M 243 69.74 23.50 3.60
N VAL M 244 69.62 24.71 4.14
CA VAL M 244 68.37 25.47 4.15
C VAL M 244 68.33 26.59 3.10
N THR M 245 69.39 26.69 2.28
CA THR M 245 69.41 27.55 1.09
C THR M 245 68.12 27.42 0.28
N ALA M 246 67.50 28.54 -0.03
CA ALA M 246 66.26 28.55 -0.80
C ALA M 246 66.05 29.90 -1.49
N ALA M 247 65.02 29.95 -2.35
CA ALA M 247 64.76 31.12 -3.19
C ALA M 247 64.35 32.35 -2.41
N THR M 248 63.56 32.15 -1.35
CA THR M 248 63.00 33.26 -0.57
C THR M 248 63.34 33.13 0.90
N MET M 249 63.24 34.25 1.62
CA MET M 249 63.52 34.22 3.05
C MET M 249 62.54 33.34 3.79
N GLU M 250 61.26 33.39 3.39
CA GLU M 250 60.21 32.58 4.02
C GLU M 250 60.50 31.10 3.85
N GLU M 251 60.97 30.70 2.68
CA GLU M 251 61.31 29.29 2.44
C GLU M 251 62.53 28.89 3.27
N MET M 252 63.54 29.75 3.32
CA MET M 252 64.72 29.49 4.14
C MET M 252 64.34 29.32 5.61
N TYR M 253 63.49 30.20 6.12
CA TYR M 253 63.02 30.09 7.50
C TYR M 253 62.25 28.80 7.75
N GLU M 254 61.39 28.40 6.80
CA GLU M 254 60.63 27.14 6.92
C GLU M 254 61.58 25.95 7.11
N ARG M 255 62.64 25.93 6.31
CA ARG M 255 63.62 24.86 6.35
C ARG M 255 64.46 24.87 7.63
N ALA M 256 64.91 26.06 8.03
CA ALA M 256 65.68 26.21 9.26
C ALA M 256 64.85 25.83 10.49
N GLU M 257 63.59 26.29 10.53
CA GLU M 257 62.70 25.95 11.64
C GLU M 257 62.42 24.44 11.70
N PHE M 258 62.31 23.78 10.56
CA PHE M 258 62.09 22.34 10.55
C PHE M 258 63.35 21.64 11.07
N ALA M 259 64.52 22.07 10.62
CA ALA M 259 65.78 21.51 11.09
C ALA M 259 65.90 21.63 12.62
N LYS M 260 65.59 22.83 13.12
CA LYS M 260 65.50 23.10 14.57
C LYS M 260 64.52 22.16 15.28
N GLN M 261 63.33 21.99 14.70
CA GLN M 261 62.33 21.09 15.30
C GLN M 261 62.84 19.65 15.39
N LEU M 262 63.58 19.19 14.38
CA LEU M 262 64.17 17.85 14.41
C LEU M 262 65.33 17.72 15.39
N GLY M 263 65.94 18.83 15.79
CA GLY M 263 67.03 18.83 16.78
C GLY M 263 68.42 18.76 16.22
N THR M 264 68.63 19.18 14.98
CA THR M 264 69.99 19.22 14.43
C THR M 264 70.84 20.20 15.23
N VAL M 265 72.10 19.84 15.41
CA VAL M 265 73.09 20.74 16.00
C VAL M 265 73.58 21.80 15.00
N ILE M 266 73.36 21.56 13.70
CA ILE M 266 74.02 22.34 12.65
C ILE M 266 73.17 22.43 11.37
N ILE M 267 73.24 23.58 10.70
CA ILE M 267 72.68 23.76 9.36
C ILE M 267 73.71 24.46 8.50
N MET M 268 73.48 24.46 7.19
CA MET M 268 74.31 25.21 6.26
C MET M 268 73.48 26.12 5.35
N ILE M 269 74.19 27.11 4.81
CA ILE M 269 73.68 28.05 3.82
C ILE M 269 74.79 28.30 2.80
N ASP M 270 74.37 28.74 1.62
CA ASP M 270 75.28 29.05 0.51
C ASP M 270 75.47 30.55 0.39
N LEU M 271 76.69 30.97 0.06
CA LEU M 271 76.98 32.40 -0.13
C LEU M 271 76.10 33.07 -1.18
N VAL M 272 75.67 32.30 -2.20
CA VAL M 272 74.77 32.82 -3.23
C VAL M 272 73.40 33.31 -2.74
N ILE M 273 72.97 32.96 -1.52
CA ILE M 273 71.76 33.59 -0.98
C ILE M 273 71.94 35.10 -0.81
N GLY M 274 73.18 35.53 -0.57
CA GLY M 274 73.50 36.94 -0.48
C GLY M 274 73.53 37.48 0.93
N TYR M 275 74.13 38.65 1.07
CA TYR M 275 74.50 39.19 2.38
C TYR M 275 73.34 39.40 3.34
N THR M 276 72.20 39.88 2.84
CA THR M 276 71.06 40.19 3.72
C THR M 276 70.42 38.90 4.28
N ALA M 277 70.21 37.91 3.43
CA ALA M 277 69.74 36.60 3.91
C ALA M 277 70.77 35.94 4.86
N ILE M 278 72.07 36.12 4.60
CA ILE M 278 73.13 35.60 5.50
C ILE M 278 73.05 36.25 6.88
N GLN M 279 72.99 37.58 6.91
CA GLN M 279 72.87 38.30 8.19
C GLN M 279 71.59 37.91 8.93
N THR M 280 70.49 37.75 8.18
CA THR M 280 69.23 37.26 8.75
C THR M 280 69.42 35.89 9.41
N MET M 281 70.09 34.97 8.72
CA MET M 281 70.37 33.62 9.25
C MET M 281 71.35 33.61 10.43
N GLY M 282 72.34 34.51 10.39
CA GLY M 282 73.26 34.72 11.52
C GLY M 282 72.54 35.06 12.82
N ILE M 283 71.59 35.99 12.72
CA ILE M 283 70.76 36.36 13.84
C ILE M 283 69.86 35.21 14.27
N TRP M 284 69.25 34.53 13.30
CA TRP M 284 68.40 33.36 13.59
C TRP M 284 69.17 32.27 14.34
N ALA M 285 70.40 32.02 13.91
CA ALA M 285 71.25 30.97 14.48
C ALA M 285 71.62 31.28 15.94
N ARG M 286 71.87 32.56 16.25
CA ARG M 286 72.13 32.98 17.63
C ARG M 286 70.89 32.79 18.50
N LYS M 287 69.73 33.17 17.96
CA LYS M 287 68.46 33.05 18.69
C LYS M 287 68.04 31.58 18.91
N ASN M 288 68.46 30.69 18.01
CA ASN M 288 68.03 29.30 18.04
C ASN M 288 69.15 28.27 18.30
N ASP M 289 70.26 28.72 18.91
CA ASP M 289 71.35 27.81 19.31
C ASP M 289 71.74 26.83 18.22
N MET M 290 72.05 27.37 17.05
CA MET M 290 72.35 26.55 15.87
C MET M 290 73.73 26.91 15.36
N ILE M 291 74.53 25.89 15.01
CA ILE M 291 75.79 26.15 14.31
C ILE M 291 75.43 26.46 12.86
N LEU M 292 75.96 27.58 12.33
CA LEU M 292 75.67 28.04 10.98
C LEU M 292 76.88 27.96 10.06
N HIS M 293 76.89 26.93 9.21
CA HIS M 293 77.96 26.71 8.26
C HIS M 293 77.71 27.47 6.96
N LEU M 294 78.67 28.31 6.56
CA LEU M 294 78.59 29.01 5.27
C LEU M 294 79.48 28.33 4.23
N HIS M 295 78.85 27.82 3.19
CA HIS M 295 79.53 27.40 1.97
C HIS M 295 79.73 28.65 1.11
N ARG M 296 80.91 28.81 0.51
CA ARG M 296 81.25 30.08 -0.20
C ARG M 296 80.91 30.08 -1.70
N ALA M 297 79.81 29.45 -2.07
CA ALA M 297 79.42 29.27 -3.46
C ALA M 297 79.48 30.60 -4.22
N GLY M 298 80.20 30.60 -5.35
CA GLY M 298 80.33 31.77 -6.21
C GLY M 298 81.49 32.69 -5.89
N ASN M 299 82.12 32.52 -4.73
CA ASN M 299 83.19 33.40 -4.27
C ASN M 299 84.33 33.60 -5.29
N SER M 300 84.70 32.51 -5.95
CA SER M 300 85.80 32.55 -6.92
C SER M 300 85.50 33.29 -8.24
N THR M 301 84.23 33.66 -8.48
CA THR M 301 83.92 34.53 -9.62
C THR M 301 84.64 35.89 -9.53
N TYR M 302 84.88 36.39 -8.31
CA TYR M 302 85.56 37.66 -8.09
C TYR M 302 86.89 37.57 -7.31
N SER M 303 87.21 36.41 -6.74
CA SER M 303 88.36 36.27 -5.82
C SER M 303 89.61 35.63 -6.43
N ARG M 304 89.50 35.15 -7.67
CA ARG M 304 90.56 34.33 -8.26
C ARG M 304 91.71 35.15 -8.85
N GLN M 305 91.37 36.23 -9.53
CA GLN M 305 92.33 36.99 -10.32
C GLN M 305 92.95 38.12 -9.48
N LYS M 306 94.28 38.18 -9.48
CA LYS M 306 95.01 39.14 -8.67
C LYS M 306 94.77 40.62 -9.01
N ILE M 307 94.58 40.92 -10.28
CA ILE M 307 94.40 42.32 -10.72
C ILE M 307 92.99 42.89 -10.54
N HIS M 308 91.98 42.03 -10.36
CA HIS M 308 90.60 42.52 -10.29
C HIS M 308 89.69 41.69 -9.41
N GLY M 309 88.86 42.38 -8.62
CA GLY M 309 87.80 41.77 -7.82
C GLY M 309 87.92 42.06 -6.34
N MET M 310 87.74 41.04 -5.51
CA MET M 310 87.86 41.19 -4.07
C MET M 310 88.65 40.00 -3.55
N ASN M 311 89.68 40.27 -2.76
CA ASN M 311 90.42 39.18 -2.14
C ASN M 311 89.57 38.53 -1.06
N PHE M 312 89.66 37.20 -0.96
CA PHE M 312 88.82 36.43 -0.04
C PHE M 312 88.96 36.86 1.43
N ARG M 313 90.09 37.45 1.82
CA ARG M 313 90.25 37.89 3.22
C ARG M 313 89.22 38.95 3.64
N VAL M 314 88.79 39.78 2.68
CA VAL M 314 87.76 40.78 2.94
C VAL M 314 86.41 40.10 3.17
N ILE M 315 86.14 39.08 2.35
CA ILE M 315 84.92 38.26 2.50
C ILE M 315 84.92 37.57 3.87
N CYS M 316 86.07 37.04 4.29
CA CYS M 316 86.23 36.49 5.64
C CYS M 316 85.78 37.49 6.72
N LYS M 317 86.20 38.75 6.57
CA LYS M 317 85.85 39.77 7.55
C LYS M 317 84.34 40.02 7.59
N TRP M 318 83.75 40.24 6.41
CA TRP M 318 82.32 40.54 6.34
C TRP M 318 81.44 39.38 6.84
N MET M 319 81.84 38.14 6.55
CA MET M 319 81.08 36.97 7.00
C MET M 319 81.25 36.67 8.48
N ARG M 320 82.45 36.90 9.03
CA ARG M 320 82.65 36.81 10.47
C ARG M 320 81.74 37.85 11.17
N MET M 321 81.73 39.08 10.65
CA MET M 321 80.84 40.13 11.17
C MET M 321 79.37 39.71 11.06
N ALA M 322 79.00 39.16 9.90
CA ALA M 322 77.61 38.77 9.58
C ALA M 322 77.02 37.68 10.47
N GLY M 323 77.90 36.84 11.05
CA GLY M 323 77.48 35.84 12.02
C GLY M 323 77.53 34.38 11.65
N VAL M 324 78.27 34.03 10.60
CA VAL M 324 78.44 32.61 10.26
C VAL M 324 79.44 31.98 11.24
N ASP M 325 79.31 30.67 11.40
CA ASP M 325 80.14 29.89 12.34
C ASP M 325 81.26 29.10 11.68
N HIS M 326 81.04 28.70 10.43
CA HIS M 326 82.07 28.08 9.58
C HIS M 326 82.14 28.89 8.30
N ILE M 327 83.30 28.94 7.68
CA ILE M 327 83.40 29.27 6.26
C ILE M 327 84.52 28.46 5.64
N HIS M 328 84.30 28.03 4.39
CA HIS M 328 85.33 27.35 3.63
C HIS M 328 86.46 28.32 3.38
N ALA M 329 87.69 27.92 3.65
CA ALA M 329 88.83 28.83 3.57
C ALA M 329 90.08 28.25 2.89
N GLY M 330 89.96 27.08 2.26
CA GLY M 330 91.05 26.50 1.48
C GLY M 330 91.75 25.32 2.14
N THR M 331 92.42 24.55 1.30
CA THR M 331 93.16 23.35 1.72
C THR M 331 94.67 23.40 1.46
N VAL M 332 95.11 24.27 0.55
CA VAL M 332 96.46 24.30 -0.03
C VAL M 332 96.72 23.15 -1.01
N VAL M 333 96.56 21.92 -0.55
CA VAL M 333 96.96 20.73 -1.30
C VAL M 333 95.85 20.05 -2.10
N GLY M 334 94.61 20.53 -1.97
CA GLY M 334 93.46 19.93 -2.65
C GLY M 334 93.21 20.44 -4.07
N LYS M 335 92.00 20.21 -4.57
CA LYS M 335 91.63 20.54 -5.97
C LYS M 335 91.32 22.02 -6.25
N LEU M 336 91.17 22.84 -5.21
CA LEU M 336 90.87 24.27 -5.38
C LEU M 336 92.08 25.14 -5.04
N GLU M 337 92.15 26.29 -5.72
CA GLU M 337 93.14 27.36 -5.50
C GLU M 337 93.46 27.60 -4.02
N GLY M 338 94.75 27.68 -3.69
CA GLY M 338 95.14 27.92 -2.30
C GLY M 338 96.63 28.03 -2.04
N ASP M 339 97.17 29.23 -2.26
CA ASP M 339 98.56 29.52 -1.88
C ASP M 339 98.70 29.47 -0.35
N PRO M 340 99.75 28.78 0.16
CA PRO M 340 99.90 28.59 1.62
C PRO M 340 99.84 29.87 2.46
N LEU M 341 100.54 30.92 2.02
CA LEU M 341 100.60 32.16 2.80
C LEU M 341 99.30 32.99 2.74
N MET M 342 98.62 32.97 1.60
CA MET M 342 97.30 33.60 1.49
C MET M 342 96.32 32.87 2.41
N ILE M 343 96.36 31.53 2.39
CA ILE M 343 95.51 30.70 3.24
C ILE M 343 95.78 30.96 4.73
N ARG M 344 97.03 31.09 5.13
CA ARG M 344 97.32 31.41 6.54
C ARG M 344 96.69 32.75 6.91
N GLY M 345 96.74 33.73 6.00
CA GLY M 345 96.07 35.01 6.18
C GLY M 345 94.55 34.88 6.37
N PHE M 346 93.93 34.03 5.56
CA PHE M 346 92.49 33.77 5.65
C PHE M 346 92.14 33.16 7.00
N TYR M 347 92.87 32.12 7.38
CA TYR M 347 92.62 31.40 8.64
C TYR M 347 92.79 32.31 9.85
N ASN M 348 93.86 33.10 9.83
CA ASN M 348 94.10 34.07 10.91
C ASN M 348 93.02 35.15 11.02
N THR M 349 92.57 35.65 9.87
CA THR M 349 91.49 36.64 9.83
C THR M 349 90.21 36.08 10.49
N LEU M 350 89.95 34.80 10.27
CA LEU M 350 88.76 34.13 10.81
C LEU M 350 88.86 33.77 12.29
N LEU M 351 90.07 33.40 12.74
CA LEU M 351 90.28 32.79 14.07
C LEU M 351 90.90 33.68 15.13
N LEU M 352 91.72 34.66 14.75
CA LEU M 352 92.47 35.42 15.76
C LEU M 352 91.63 36.54 16.37
N PRO M 353 91.91 36.90 17.64
CA PRO M 353 91.27 38.06 18.26
C PRO M 353 91.87 39.39 17.83
N TYR M 354 93.05 39.35 17.21
CA TYR M 354 93.80 40.53 16.83
C TYR M 354 94.82 40.13 15.77
N LEU M 355 94.92 40.91 14.70
CA LEU M 355 95.93 40.64 13.67
C LEU M 355 96.86 41.81 13.56
N GLU M 356 98.15 41.52 13.54
CA GLU M 356 99.17 42.52 13.24
C GLU M 356 99.42 42.53 11.74
N VAL M 357 99.93 43.65 11.23
CA VAL M 357 100.30 43.75 9.82
C VAL M 357 101.24 42.58 9.51
N ASN M 358 100.98 41.89 8.40
CA ASN M 358 101.80 40.75 7.98
C ASN M 358 101.75 40.66 6.46
N LEU M 359 102.63 41.41 5.82
CA LEU M 359 102.57 41.61 4.37
C LEU M 359 102.75 40.31 3.58
N PRO M 360 103.64 39.39 4.01
CA PRO M 360 103.69 38.10 3.31
C PRO M 360 102.40 37.28 3.32
N GLN M 361 101.55 37.45 4.34
CA GLN M 361 100.23 36.80 4.40
C GLN M 361 99.08 37.63 3.81
N GLY M 362 99.38 38.80 3.27
CA GLY M 362 98.38 39.69 2.73
C GLY M 362 97.55 40.43 3.77
N ILE M 363 98.05 40.52 4.99
CA ILE M 363 97.39 41.27 6.06
C ILE M 363 97.98 42.69 6.07
N PHE M 364 97.28 43.62 5.43
CA PHE M 364 97.78 44.98 5.25
C PHE M 364 97.42 45.92 6.40
N PHE M 365 96.38 45.59 7.15
CA PHE M 365 95.94 46.41 8.27
C PHE M 365 96.02 45.65 9.59
N GLN M 366 96.43 46.36 10.63
CA GLN M 366 96.23 45.91 12.00
C GLN M 366 94.73 45.80 12.22
N GLN M 367 94.26 44.65 12.72
CA GLN M 367 92.81 44.41 12.87
C GLN M 367 92.47 43.88 14.25
N ASP M 368 91.84 44.72 15.07
CA ASP M 368 91.31 44.31 16.37
C ASP M 368 89.91 43.75 16.10
N TRP M 369 89.63 42.54 16.57
CA TRP M 369 88.32 41.89 16.32
C TRP M 369 87.24 42.20 17.37
N ALA M 370 87.55 43.05 18.35
CA ALA M 370 86.56 43.59 19.28
C ALA M 370 85.83 42.50 20.07
N SER M 371 86.54 41.40 20.33
CA SER M 371 85.99 40.20 20.97
C SER M 371 84.81 39.53 20.24
N LEU M 372 84.59 39.81 18.96
CA LEU M 372 83.63 39.00 18.20
C LEU M 372 84.11 37.55 18.20
N ARG M 373 83.16 36.63 18.19
CA ARG M 373 83.48 35.21 18.17
C ARG M 373 84.23 34.82 16.90
N LYS M 374 84.83 33.63 16.94
CA LYS M 374 85.74 33.15 15.92
C LYS M 374 85.01 32.24 14.97
N VAL M 375 85.27 32.38 13.67
CA VAL M 375 84.74 31.48 12.67
C VAL M 375 85.68 30.28 12.50
N THR M 376 85.10 29.09 12.44
CA THR M 376 85.83 27.86 12.17
C THR M 376 86.12 27.75 10.66
N PRO M 377 87.40 27.79 10.27
CA PRO M 377 87.69 27.56 8.86
C PRO M 377 87.35 26.14 8.45
N VAL M 378 86.99 25.96 7.20
CA VAL M 378 86.65 24.65 6.67
C VAL M 378 87.55 24.37 5.49
N ALA M 379 88.26 23.26 5.55
CA ALA M 379 89.17 22.83 4.49
C ALA M 379 88.50 21.70 3.73
N SER M 380 88.17 21.94 2.47
CA SER M 380 87.39 20.99 1.69
C SER M 380 87.80 21.03 0.21
N GLY M 381 87.72 19.87 -0.44
CA GLY M 381 87.87 19.76 -1.89
C GLY M 381 89.12 19.04 -2.32
N GLY M 382 88.97 17.78 -2.74
CA GLY M 382 90.09 17.02 -3.31
C GLY M 382 91.19 16.64 -2.32
N ILE M 383 90.88 16.57 -1.04
CA ILE M 383 91.89 16.18 -0.04
C ILE M 383 91.72 14.72 0.34
N HIS M 384 92.79 14.12 0.85
CA HIS M 384 92.77 12.71 1.28
C HIS M 384 93.74 12.47 2.42
N CYS M 385 93.59 11.33 3.09
CA CYS M 385 94.28 11.07 4.36
C CYS M 385 95.79 10.89 4.23
N GLY M 386 96.25 10.52 3.04
CA GLY M 386 97.67 10.62 2.67
C GLY M 386 98.31 11.99 2.84
N GLN M 387 97.50 13.04 2.93
CA GLN M 387 97.98 14.41 3.11
C GLN M 387 97.87 14.93 4.56
N MET M 388 97.50 14.05 5.50
CA MET M 388 97.08 14.51 6.82
C MET M 388 98.12 15.38 7.52
N HIS M 389 99.39 14.98 7.41
CA HIS M 389 100.51 15.80 7.90
C HIS M 389 100.56 17.21 7.32
N GLN M 390 100.33 17.35 6.02
CA GLN M 390 100.32 18.65 5.35
C GLN M 390 99.11 19.50 5.79
N LEU M 391 97.96 18.85 5.94
CA LEU M 391 96.75 19.53 6.37
C LEU M 391 96.91 20.11 7.78
N LEU M 392 97.45 19.32 8.70
CA LEU M 392 97.66 19.76 10.08
C LEU M 392 98.68 20.91 10.14
N ASP M 393 99.71 20.86 9.28
CA ASP M 393 100.75 21.87 9.23
C ASP M 393 100.28 23.19 8.61
N TYR M 394 99.72 23.11 7.41
CA TYR M 394 99.24 24.29 6.68
C TYR M 394 98.02 24.93 7.33
N LEU M 395 97.13 24.10 7.89
CA LEU M 395 95.80 24.52 8.31
C LEU M 395 95.57 24.58 9.82
N GLY M 396 96.39 23.88 10.60
CA GLY M 396 96.33 23.94 12.05
C GLY M 396 95.24 23.08 12.67
N ASN M 397 94.99 23.35 13.95
CA ASN M 397 94.16 22.51 14.78
C ASN M 397 92.68 22.89 14.74
N ASP M 398 92.41 24.14 14.38
CA ASP M 398 91.06 24.71 14.42
C ASP M 398 90.53 24.84 13.01
N VAL M 399 89.87 23.79 12.57
CA VAL M 399 89.46 23.62 11.19
C VAL M 399 88.53 22.42 11.12
N VAL M 400 87.62 22.40 10.15
CA VAL M 400 86.94 21.17 9.75
C VAL M 400 87.62 20.67 8.48
N LEU M 401 88.20 19.47 8.55
CA LEU M 401 88.75 18.79 7.39
C LEU M 401 87.66 17.93 6.77
N GLN M 402 87.21 18.30 5.57
CA GLN M 402 86.11 17.59 4.90
C GLN M 402 86.62 16.73 3.75
N PHE M 403 86.29 15.44 3.81
CA PHE M 403 86.71 14.43 2.82
C PHE M 403 85.47 13.80 2.18
N GLY M 404 84.99 14.37 1.07
CA GLY M 404 83.82 13.83 0.36
C GLY M 404 84.18 12.60 -0.45
N GLY M 405 84.79 12.81 -1.61
CA GLY M 405 85.40 11.76 -2.40
C GLY M 405 86.36 10.92 -1.57
N GLY M 406 87.12 11.57 -0.68
CA GLY M 406 88.10 10.88 0.17
C GLY M 406 87.56 9.96 1.26
N THR M 407 86.23 9.98 1.47
CA THR M 407 85.54 9.02 2.30
C THR M 407 84.74 8.05 1.44
N ILE M 408 83.85 8.61 0.62
CA ILE M 408 82.86 7.83 -0.09
C ILE M 408 83.48 7.04 -1.25
N GLY M 409 84.63 7.51 -1.75
CA GLY M 409 85.37 6.78 -2.78
C GLY M 409 86.18 5.58 -2.30
N HIS M 410 86.09 5.24 -1.01
CA HIS M 410 86.87 4.13 -0.45
C HIS M 410 86.32 2.79 -0.94
N PRO M 411 87.20 1.89 -1.45
CA PRO M 411 86.71 0.65 -2.08
C PRO M 411 85.98 -0.32 -1.15
N ASP M 412 86.35 -0.34 0.13
CA ASP M 412 85.67 -1.14 1.15
C ASP M 412 84.46 -0.51 1.82
N GLY M 413 83.99 0.63 1.32
CA GLY M 413 82.73 1.21 1.79
C GLY M 413 82.92 2.49 2.58
N ILE M 414 81.79 3.11 2.92
CA ILE M 414 81.79 4.45 3.47
C ILE M 414 82.31 4.50 4.91
N GLN M 415 81.90 3.51 5.73
CA GLN M 415 82.44 3.38 7.10
C GLN M 415 83.97 3.27 7.09
N ALA M 416 84.50 2.43 6.19
CA ALA M 416 85.94 2.23 6.04
C ALA M 416 86.64 3.54 5.68
N GLY M 417 86.08 4.26 4.72
CA GLY M 417 86.61 5.57 4.37
C GLY M 417 86.64 6.54 5.54
N ALA M 418 85.58 6.57 6.32
CA ALA M 418 85.49 7.44 7.49
C ALA M 418 86.51 7.07 8.57
N THR M 419 86.63 5.76 8.83
CA THR M 419 87.59 5.22 9.80
C THR M 419 89.03 5.58 9.42
N ALA M 420 89.36 5.42 8.14
CA ALA M 420 90.69 5.80 7.63
C ALA M 420 91.03 7.25 7.92
N ASN M 421 90.08 8.15 7.67
CA ASN M 421 90.30 9.57 7.92
C ASN M 421 90.47 9.88 9.42
N ARG M 422 89.62 9.26 10.24
CA ARG M 422 89.64 9.48 11.69
C ARG M 422 90.93 8.94 12.33
N VAL M 423 91.32 7.72 11.94
CA VAL M 423 92.57 7.12 12.46
C VAL M 423 93.79 7.94 12.04
N ALA M 424 93.81 8.38 10.77
CA ALA M 424 94.88 9.22 10.26
C ALA M 424 94.99 10.54 11.02
N LEU M 425 93.85 11.19 11.26
CA LEU M 425 93.85 12.45 12.00
C LEU M 425 94.43 12.28 13.40
N GLU M 426 93.86 11.36 14.18
CA GLU M 426 94.27 11.17 15.56
C GLU M 426 95.73 10.73 15.67
N SER M 427 96.18 9.91 14.73
CA SER M 427 97.59 9.48 14.69
C SER M 427 98.53 10.67 14.45
N MET M 428 98.10 11.61 13.61
CA MET M 428 98.90 12.79 13.32
C MET M 428 98.89 13.78 14.50
N VAL M 429 97.72 13.96 15.10
CA VAL M 429 97.57 14.86 16.25
C VAL M 429 98.43 14.39 17.44
N ILE M 430 98.37 13.10 17.77
CA ILE M 430 99.12 12.58 18.91
C ILE M 430 100.64 12.73 18.66
N ALA M 431 101.08 12.48 17.43
CA ALA M 431 102.48 12.67 17.05
C ALA M 431 102.93 14.12 17.20
N ARG M 432 102.12 15.06 16.71
CA ARG M 432 102.37 16.48 16.91
C ARG M 432 102.50 16.82 18.40
N ASN M 433 101.52 16.42 19.20
CA ASN M 433 101.52 16.74 20.63
C ASN M 433 102.70 16.12 21.39
N GLU M 434 103.19 14.98 20.91
CA GLU M 434 104.39 14.33 21.47
C GLU M 434 105.71 15.03 21.09
N GLY M 435 105.66 16.05 20.24
CA GLY M 435 106.84 16.84 19.89
C GLY M 435 107.59 16.34 18.67
N ARG M 436 106.98 15.45 17.89
CA ARG M 436 107.64 14.87 16.73
C ARG M 436 107.64 15.83 15.56
N ASP M 437 108.64 15.72 14.70
CA ASP M 437 108.68 16.46 13.44
C ASP M 437 107.73 15.72 12.48
N TYR M 438 106.43 15.95 12.68
CA TYR M 438 105.38 15.21 11.98
C TYR M 438 105.25 15.57 10.50
N VAL M 439 105.77 16.72 10.10
CA VAL M 439 105.83 17.10 8.69
C VAL M 439 106.84 16.21 7.94
N ALA M 440 108.07 16.17 8.44
CA ALA M 440 109.11 15.31 7.84
C ALA M 440 108.76 13.82 7.92
N GLU M 441 108.21 13.41 9.07
CA GLU M 441 107.90 12.01 9.35
C GLU M 441 106.45 11.61 9.02
N GLY M 442 105.69 12.55 8.44
CA GLY M 442 104.26 12.35 8.19
C GLY M 442 103.87 11.11 7.42
N PRO M 443 104.50 10.90 6.24
CA PRO M 443 104.19 9.68 5.49
C PRO M 443 104.47 8.38 6.28
N GLN M 444 105.55 8.36 7.05
CA GLN M 444 105.85 7.20 7.91
C GLN M 444 104.86 7.05 9.06
N ILE M 445 104.49 8.17 9.68
CA ILE M 445 103.47 8.17 10.75
C ILE M 445 102.17 7.54 10.22
N LEU M 446 101.78 7.93 9.02
CA LEU M 446 100.58 7.38 8.39
C LEU M 446 100.73 5.90 8.03
N ARG M 447 101.90 5.51 7.52
CA ARG M 447 102.18 4.09 7.27
C ARG M 447 102.17 3.27 8.56
N ASP M 448 102.69 3.82 9.65
CA ASP M 448 102.68 3.12 10.94
C ASP M 448 101.25 2.90 11.44
N ALA M 449 100.44 3.96 11.41
CA ALA M 449 99.04 3.86 11.79
C ALA M 449 98.29 2.85 10.92
N ALA M 450 98.58 2.85 9.62
CA ALA M 450 98.00 1.90 8.68
C ALA M 450 98.24 0.42 9.04
N LYS M 451 99.35 0.12 9.71
CA LYS M 451 99.62 -1.24 10.22
C LYS M 451 98.54 -1.79 11.17
N THR M 452 97.84 -0.89 11.87
CA THR M 452 96.77 -1.27 12.80
C THR M 452 95.36 -1.04 12.23
N CYS M 453 95.25 -0.54 10.99
CA CYS M 453 93.97 -0.08 10.45
C CYS M 453 93.89 -0.34 8.94
N GLY M 454 93.24 -1.46 8.60
CA GLY M 454 93.07 -1.90 7.22
C GLY M 454 92.50 -0.82 6.29
N PRO M 455 91.43 -0.13 6.70
CA PRO M 455 90.89 0.99 5.92
C PRO M 455 91.91 2.07 5.56
N LEU M 456 92.77 2.42 6.51
CA LEU M 456 93.82 3.43 6.24
C LEU M 456 94.88 2.89 5.27
N GLN M 457 95.28 1.63 5.45
CA GLN M 457 96.21 0.99 4.50
C GLN M 457 95.67 1.07 3.08
N THR M 458 94.41 0.68 2.92
CA THR M 458 93.76 0.71 1.60
C THR M 458 93.68 2.11 1.00
N ALA M 459 93.33 3.09 1.83
CA ALA M 459 93.25 4.48 1.41
C ALA M 459 94.61 5.04 0.96
N LEU M 460 95.68 4.71 1.68
CA LEU M 460 97.03 5.13 1.29
C LEU M 460 97.44 4.47 -0.04
N ASP M 461 97.22 3.16 -0.15
CA ASP M 461 97.50 2.42 -1.40
C ASP M 461 96.77 3.07 -2.59
N LEU M 462 95.52 3.49 -2.38
CA LEU M 462 94.70 4.05 -3.45
C LEU M 462 95.12 5.47 -3.87
N TRP M 463 95.31 6.36 -2.89
CA TRP M 463 95.40 7.81 -3.12
C TRP M 463 96.73 8.51 -2.77
N LYS M 464 97.68 7.82 -2.13
CA LYS M 464 98.89 8.51 -1.59
C LYS M 464 99.64 9.38 -2.60
N ASP M 465 99.65 8.98 -3.87
CA ASP M 465 100.34 9.74 -4.92
C ASP M 465 99.47 10.76 -5.67
N ILE M 466 98.21 10.95 -5.26
CA ILE M 466 97.36 11.99 -5.87
C ILE M 466 97.77 13.37 -5.36
N THR M 467 98.16 14.25 -6.28
CA THR M 467 98.55 15.61 -5.99
C THR M 467 97.86 16.59 -6.96
N PHE M 468 97.73 17.85 -6.54
CA PHE M 468 97.18 18.90 -7.39
C PHE M 468 98.17 20.06 -7.39
N ASN M 469 99.29 19.83 -8.09
CA ASN M 469 100.37 20.80 -8.21
C ASN M 469 100.12 21.74 -9.39
N TYR M 470 99.64 22.93 -9.10
CA TYR M 470 99.42 23.97 -10.11
C TYR M 470 99.88 25.31 -9.57
N THR M 471 100.19 26.22 -10.49
CA THR M 471 100.60 27.57 -10.14
C THR M 471 99.39 28.37 -9.63
N SER M 472 99.57 29.03 -8.48
CA SER M 472 98.52 29.87 -7.88
C SER M 472 98.27 31.14 -8.71
N THR M 473 96.99 31.54 -8.78
CA THR M 473 96.59 32.83 -9.36
C THR M 473 96.60 33.95 -8.31
N ASP M 474 96.31 33.59 -7.05
CA ASP M 474 96.14 34.54 -5.98
C ASP M 474 97.36 34.42 -5.04
N THR M 475 98.30 35.34 -5.19
CA THR M 475 99.62 35.26 -4.53
C THR M 475 100.00 36.59 -3.89
N ALA M 476 100.95 36.52 -2.97
CA ALA M 476 101.43 37.69 -2.25
C ALA M 476 102.22 38.65 -3.13
N ASP M 477 102.39 39.87 -2.65
CA ASP M 477 103.28 40.87 -3.26
C ASP M 477 104.56 41.07 -2.47
N PHE M 478 104.68 40.44 -1.30
CA PHE M 478 105.83 40.57 -0.41
C PHE M 478 106.24 39.20 0.12
N VAL M 479 107.53 39.04 0.43
CA VAL M 479 108.07 37.79 1.01
C VAL M 479 108.74 38.08 2.36
N GLU M 480 108.87 37.02 3.18
CA GLU M 480 109.34 37.16 4.57
C GLU M 480 110.82 37.54 4.67
N MET N 1 80.55 -1.93 23.02
CA MET N 1 81.02 -0.89 22.08
C MET N 1 82.13 -0.08 22.72
N ARG N 2 82.84 0.68 21.91
CA ARG N 2 83.88 1.59 22.39
C ARG N 2 83.29 2.99 22.40
N LEU N 3 83.29 3.64 23.57
CA LEU N 3 82.87 5.04 23.67
C LEU N 3 83.94 5.92 23.03
N THR N 4 83.63 6.60 21.93
CA THR N 4 84.66 7.36 21.21
C THR N 4 84.59 8.87 21.45
N GLN N 5 84.11 9.25 22.64
CA GLN N 5 84.38 10.56 23.21
C GLN N 5 85.87 10.69 23.49
N GLY N 6 86.39 11.91 23.41
CA GLY N 6 87.80 12.18 23.69
C GLY N 6 88.64 12.27 22.44
N THR N 7 89.75 12.98 22.54
CA THR N 7 90.57 13.33 21.39
C THR N 7 91.24 12.13 20.70
N PHE N 8 91.51 11.06 21.46
CA PHE N 8 92.34 9.94 20.97
C PHE N 8 91.66 8.56 21.04
N SER N 9 90.33 8.52 21.03
CA SER N 9 89.62 7.28 21.29
C SER N 9 89.52 6.31 20.11
N PHE N 10 89.92 6.74 18.91
CA PHE N 10 90.10 5.82 17.78
C PHE N 10 91.49 5.16 17.78
N LEU N 11 92.37 5.59 18.69
CA LEU N 11 93.63 4.91 18.97
C LEU N 11 93.43 3.97 20.16
N PRO N 12 94.35 2.98 20.36
CA PRO N 12 94.25 2.12 21.56
C PRO N 12 94.32 2.91 22.86
N ASP N 13 93.79 2.33 23.94
CA ASP N 13 93.86 2.94 25.26
C ASP N 13 95.30 3.37 25.55
N LEU N 14 95.48 4.60 26.02
CA LEU N 14 96.80 5.17 26.17
C LEU N 14 97.56 4.54 27.33
N THR N 15 98.84 4.27 27.11
CA THR N 15 99.74 3.81 28.18
C THR N 15 100.10 5.00 29.07
N ASP N 16 100.55 4.71 30.29
CA ASP N 16 100.99 5.75 31.22
C ASP N 16 102.05 6.66 30.62
N GLU N 17 102.93 6.08 29.80
CA GLU N 17 103.94 6.86 29.10
C GLU N 17 103.35 7.81 28.06
N GLN N 18 102.35 7.35 27.31
CA GLN N 18 101.66 8.21 26.34
C GLN N 18 100.92 9.34 27.05
N ILE N 19 100.26 9.01 28.15
CA ILE N 19 99.53 9.99 28.96
C ILE N 19 100.49 11.07 29.45
N LYS N 20 101.65 10.65 29.97
CA LYS N 20 102.64 11.60 30.48
C LYS N 20 103.10 12.57 29.40
N LYS N 21 103.26 12.08 28.17
CA LYS N 21 103.63 12.96 27.05
C LYS N 21 102.56 14.01 26.75
N GLN N 22 101.29 13.64 26.85
CA GLN N 22 100.21 14.62 26.67
C GLN N 22 100.17 15.63 27.82
N VAL N 23 100.46 15.17 29.03
CA VAL N 23 100.56 16.05 30.18
C VAL N 23 101.71 17.04 30.01
N ASP N 24 102.87 16.55 29.55
CA ASP N 24 104.02 17.44 29.24
C ASP N 24 103.70 18.47 28.17
N TYR N 25 102.97 18.06 27.14
CA TYR N 25 102.48 18.99 26.12
C TYR N 25 101.65 20.11 26.73
N ALA N 26 100.66 19.75 27.56
CA ALA N 26 99.79 20.73 28.22
C ALA N 26 100.60 21.67 29.13
N ILE N 27 101.54 21.12 29.88
CA ILE N 27 102.42 21.94 30.73
C ILE N 27 103.27 22.88 29.88
N SER N 28 103.76 22.42 28.74
CA SER N 28 104.54 23.28 27.84
C SER N 28 103.75 24.49 27.29
N GLN N 29 102.43 24.34 27.19
CA GLN N 29 101.53 25.44 26.77
C GLN N 29 100.97 26.29 27.92
N ASN N 30 101.40 26.02 29.15
CA ASN N 30 100.90 26.68 30.35
C ASN N 30 99.36 26.51 30.54
N TRP N 31 98.83 25.36 30.13
CA TRP N 31 97.43 25.03 30.34
C TRP N 31 97.21 24.43 31.73
N ALA N 32 96.06 24.71 32.32
CA ALA N 32 95.63 24.08 33.55
C ALA N 32 95.13 22.67 33.23
N ILE N 33 95.41 21.70 34.09
CA ILE N 33 95.03 20.30 33.88
C ILE N 33 94.09 19.86 34.99
N ASN N 34 93.03 19.13 34.63
CA ASN N 34 92.23 18.45 35.66
C ASN N 34 91.80 17.04 35.25
N ILE N 35 91.33 16.32 36.25
CA ILE N 35 90.93 14.92 36.10
C ILE N 35 89.47 14.80 36.50
N GLU N 36 88.71 14.09 35.68
CA GLU N 36 87.29 13.89 35.90
C GLU N 36 86.90 12.44 35.60
N TYR N 37 85.83 11.97 36.22
CA TYR N 37 85.37 10.60 36.06
C TYR N 37 83.84 10.53 36.02
N THR N 38 83.31 9.49 35.38
CA THR N 38 81.87 9.28 35.33
C THR N 38 81.47 7.83 35.12
N GLU N 39 80.26 7.51 35.58
CA GLU N 39 79.60 6.28 35.22
C GLU N 39 78.27 6.53 34.50
N ASP N 40 78.14 7.73 33.92
CA ASP N 40 77.07 8.01 32.93
C ASP N 40 77.76 8.41 31.63
N PRO N 41 77.78 7.50 30.63
CA PRO N 41 78.53 7.77 29.40
C PRO N 41 77.78 8.62 28.36
N HIS N 42 76.62 9.15 28.72
CA HIS N 42 75.76 9.89 27.77
C HIS N 42 76.58 10.98 27.07
N PRO N 43 76.42 11.13 25.74
CA PRO N 43 77.17 12.16 25.00
C PRO N 43 76.99 13.62 25.48
N ARG N 44 75.86 13.90 26.13
CA ARG N 44 75.57 15.21 26.70
C ARG N 44 75.65 15.25 28.22
N ASN N 45 76.37 14.30 28.83
CA ASN N 45 76.73 14.42 30.23
C ASN N 45 77.92 15.38 30.34
N ASN N 46 77.62 16.68 30.41
CA ASN N 46 78.65 17.72 30.34
C ASN N 46 79.55 17.77 31.59
N PHE N 47 79.01 17.37 32.73
CA PHE N 47 79.67 17.56 34.02
C PHE N 47 80.04 16.22 34.65
N TRP N 48 81.14 15.65 34.16
CA TRP N 48 81.74 14.48 34.83
C TRP N 48 82.19 14.92 36.22
N GLU N 49 82.33 13.98 37.14
CA GLU N 49 82.70 14.31 38.52
C GLU N 49 84.14 14.80 38.60
N LEU N 50 84.38 15.83 39.41
CA LEU N 50 85.71 16.37 39.62
C LEU N 50 86.51 15.46 40.55
N TRP N 51 87.75 15.18 40.17
CA TRP N 51 88.74 14.58 41.07
C TRP N 51 89.60 15.71 41.59
N GLY N 52 89.23 16.25 42.76
CA GLY N 52 89.93 17.41 43.33
C GLY N 52 89.74 18.67 42.49
N LEU N 53 90.61 19.65 42.72
CA LEU N 53 90.62 20.89 41.96
C LEU N 53 91.52 20.73 40.75
N PRO N 54 91.35 21.59 39.73
CA PRO N 54 92.33 21.64 38.66
C PRO N 54 93.71 22.04 39.18
N LEU N 55 94.75 21.62 38.45
CA LEU N 55 96.12 21.92 38.81
C LEU N 55 96.55 23.08 37.93
N PHE N 56 96.83 24.22 38.56
CA PHE N 56 97.25 25.44 37.86
C PHE N 56 98.75 25.63 38.03
N ASP N 57 99.41 26.17 37.00
CA ASP N 57 100.86 26.42 37.00
C ASP N 57 101.65 25.18 37.42
N ILE N 58 101.52 24.11 36.63
CA ILE N 58 102.10 22.82 36.98
C ILE N 58 103.55 22.81 36.50
N ASN N 59 104.47 22.48 37.40
CA ASN N 59 105.88 22.37 37.07
C ASN N 59 106.21 20.98 36.53
N ASP N 60 105.70 19.96 37.22
CA ASP N 60 106.10 18.58 37.04
C ASP N 60 104.89 17.71 36.64
N ALA N 61 105.04 16.94 35.56
CA ALA N 61 104.02 15.95 35.16
C ALA N 61 103.73 14.90 36.22
N ALA N 62 104.75 14.54 37.03
CA ALA N 62 104.61 13.56 38.12
C ALA N 62 103.44 13.84 39.07
N THR N 63 103.19 15.10 39.35
CA THR N 63 102.07 15.51 40.20
C THR N 63 100.72 15.11 39.58
N VAL N 64 100.59 15.30 38.27
CA VAL N 64 99.38 14.89 37.56
C VAL N 64 99.27 13.37 37.55
N MET N 65 100.38 12.68 37.27
CA MET N 65 100.36 11.20 37.23
C MET N 65 99.98 10.60 38.56
N TYR N 66 100.48 11.18 39.65
CA TYR N 66 100.12 10.75 40.98
C TYR N 66 98.62 10.82 41.22
N GLU N 67 98.00 11.93 40.82
CA GLU N 67 96.55 12.10 41.01
C GLU N 67 95.75 11.20 40.09
N ILE N 68 96.26 10.96 38.88
CA ILE N 68 95.68 9.98 37.95
C ILE N 68 95.60 8.61 38.61
N GLY N 69 96.69 8.18 39.24
CA GLY N 69 96.71 6.91 39.95
C GLY N 69 95.79 6.88 41.15
N SER N 70 95.74 8.00 41.88
CA SER N 70 94.84 8.10 43.04
C SER N 70 93.39 7.94 42.61
N CYS N 71 93.00 8.67 41.56
CA CYS N 71 91.64 8.56 41.00
C CYS N 71 91.32 7.13 40.54
N ARG N 72 92.25 6.54 39.80
CA ARG N 72 92.13 5.15 39.34
C ARG N 72 91.89 4.15 40.47
N GLN N 73 92.53 4.34 41.63
CA GLN N 73 92.31 3.44 42.78
C GLN N 73 90.89 3.46 43.32
N GLN N 74 90.24 4.62 43.23
CA GLN N 74 88.84 4.74 43.66
C GLN N 74 87.84 4.53 42.50
N HIS N 75 88.26 4.68 41.24
CA HIS N 75 87.32 4.70 40.10
C HIS N 75 87.82 4.09 38.75
N SER N 76 88.82 3.20 38.73
CA SER N 76 89.32 2.69 37.40
C SER N 76 88.40 1.68 36.68
N ASN N 77 87.38 1.15 37.35
CA ASN N 77 86.28 0.42 36.66
C ASN N 77 85.32 1.30 35.81
N VAL N 78 85.37 2.62 35.97
CA VAL N 78 84.49 3.53 35.23
C VAL N 78 85.31 4.38 34.25
N TYR N 79 84.70 5.42 33.68
CA TYR N 79 85.43 6.35 32.80
C TYR N 79 86.20 7.38 33.59
N ILE N 80 87.43 7.64 33.14
CA ILE N 80 88.24 8.75 33.65
C ILE N 80 88.83 9.46 32.44
N LYS N 81 88.84 10.80 32.49
CA LYS N 81 89.43 11.61 31.42
C LYS N 81 90.33 12.70 31.99
N VAL N 82 91.25 13.16 31.17
CA VAL N 82 92.13 14.26 31.51
C VAL N 82 91.78 15.41 30.58
N ASN N 83 91.60 16.61 31.16
CA ASN N 83 91.28 17.81 30.40
C ASN N 83 92.36 18.85 30.58
N ALA N 84 92.61 19.65 29.54
CA ALA N 84 93.47 20.83 29.67
C ALA N 84 92.67 22.09 29.32
N PHE N 85 92.89 23.16 30.07
CA PHE N 85 92.11 24.41 29.96
C PHE N 85 93.04 25.59 29.67
N ASP N 86 92.60 26.47 28.77
CA ASP N 86 93.35 27.65 28.39
C ASP N 86 92.51 28.89 28.75
N ASN N 87 92.96 29.65 29.74
CA ASN N 87 92.24 30.86 30.17
C ASN N 87 92.62 32.16 29.44
N THR N 88 93.38 32.06 28.35
CA THR N 88 93.64 33.17 27.43
C THR N 88 92.33 33.74 26.90
N ARG N 89 92.20 35.08 26.88
CA ARG N 89 90.94 35.70 26.42
C ARG N 89 90.63 35.30 24.98
N GLY N 90 89.35 34.99 24.72
CA GLY N 90 88.91 34.46 23.43
C GLY N 90 88.99 32.95 23.33
N VAL N 91 89.62 32.28 24.30
CA VAL N 91 89.60 30.83 24.39
C VAL N 91 88.79 30.51 25.64
N GLU N 92 89.39 30.65 26.82
CA GLU N 92 88.68 30.43 28.09
C GLU N 92 87.80 29.18 28.01
N SER N 93 88.44 28.07 27.68
CA SER N 93 87.76 26.81 27.43
C SER N 93 88.75 25.65 27.48
N CYS N 94 88.18 24.45 27.51
CA CYS N 94 88.94 23.24 27.36
C CYS N 94 89.57 23.25 25.96
N VAL N 95 90.83 22.84 25.89
CA VAL N 95 91.54 22.73 24.62
C VAL N 95 92.09 21.32 24.33
N LEU N 96 91.79 20.36 25.22
CA LEU N 96 92.23 18.98 25.08
C LEU N 96 91.49 18.14 26.13
N SER N 97 90.90 17.04 25.72
CA SER N 97 90.18 16.14 26.62
C SER N 97 90.26 14.75 26.05
N PHE N 98 90.89 13.83 26.77
CA PHE N 98 91.08 12.46 26.28
C PHE N 98 90.83 11.46 27.40
N LEU N 99 90.26 10.31 27.05
CA LEU N 99 89.95 9.26 28.00
C LEU N 99 91.25 8.58 28.40
N ILE N 100 91.39 8.30 29.68
CA ILE N 100 92.52 7.50 30.19
C ILE N 100 92.08 6.17 30.81
N ASN N 101 90.79 6.03 31.13
CA ASN N 101 90.23 4.77 31.59
C ASN N 101 88.84 4.59 31.01
N ARG N 102 88.52 3.35 30.70
CA ARG N 102 87.17 2.97 30.28
C ARG N 102 86.84 1.63 30.92
N PRO N 103 85.54 1.34 31.12
CA PRO N 103 85.18 0.03 31.69
C PRO N 103 85.62 -1.11 30.77
N SER N 104 85.80 -2.30 31.33
CA SER N 104 86.21 -3.47 30.56
C SER N 104 85.13 -3.85 29.52
N TYR N 105 83.86 -3.64 29.87
CA TYR N 105 82.74 -3.78 28.92
C TYR N 105 81.78 -2.59 28.99
N GLU N 106 81.60 -1.90 27.86
CA GLU N 106 80.60 -0.84 27.72
C GLU N 106 79.47 -1.35 26.82
N PRO N 107 78.28 -1.62 27.40
CA PRO N 107 77.16 -2.08 26.57
C PRO N 107 76.59 -1.02 25.62
N GLY N 108 76.76 0.27 25.93
CA GLY N 108 76.40 1.33 25.01
C GLY N 108 74.99 1.81 25.20
N PHE N 109 74.28 2.06 24.10
CA PHE N 109 73.00 2.77 24.13
C PHE N 109 71.88 2.09 23.36
N ARG N 110 70.67 2.17 23.91
CA ARG N 110 69.45 1.92 23.15
C ARG N 110 69.01 3.27 22.57
N LEU N 111 68.78 3.32 21.26
CA LEU N 111 68.12 4.47 20.65
C LEU N 111 66.61 4.34 20.84
N VAL N 112 66.05 5.26 21.65
CA VAL N 112 64.62 5.29 21.93
C VAL N 112 63.98 6.27 20.96
N ARG N 113 62.86 5.87 20.36
CA ARG N 113 62.10 6.67 19.40
C ARG N 113 60.68 6.83 19.91
N SER N 114 60.11 8.03 19.75
CA SER N 114 58.68 8.26 20.01
C SER N 114 58.05 8.86 18.78
N GLU N 115 56.80 8.48 18.53
CA GLU N 115 56.02 9.07 17.46
C GLU N 115 55.69 10.52 17.81
N ASP N 116 55.83 11.43 16.86
CA ASP N 116 55.45 12.81 17.11
C ASP N 116 54.56 13.30 15.95
N ILE N 117 54.64 14.56 15.56
CA ILE N 117 53.70 15.10 14.60
C ILE N 117 54.08 14.66 13.19
N SER N 118 53.08 14.28 12.40
CA SER N 118 53.30 13.72 11.05
C SER N 118 54.38 12.61 11.10
N ARG N 119 55.51 12.79 10.41
CA ARG N 119 56.59 11.81 10.37
C ARG N 119 57.72 12.14 11.35
N ASN N 120 57.63 13.27 12.06
CA ASN N 120 58.67 13.64 13.04
C ASN N 120 58.69 12.62 14.16
N GLN N 121 59.88 12.34 14.68
CA GLN N 121 60.03 11.56 15.90
C GLN N 121 60.84 12.31 16.94
N LYS N 122 60.67 11.90 18.19
CA LYS N 122 61.51 12.36 19.28
C LYS N 122 62.44 11.21 19.65
N TYR N 123 63.71 11.54 19.92
CA TYR N 123 64.73 10.56 20.20
C TYR N 123 65.33 10.73 21.60
N SER N 124 65.80 9.63 22.17
CA SER N 124 66.51 9.64 23.45
C SER N 124 67.59 8.56 23.39
N PHE N 125 68.75 8.85 24.00
CA PHE N 125 69.85 7.89 24.09
C PHE N 125 69.81 7.32 25.50
N HIS N 126 69.47 6.03 25.59
CA HIS N 126 69.38 5.33 26.87
C HIS N 126 70.65 4.51 27.12
N SER N 127 71.41 4.84 28.16
CA SER N 127 72.61 4.09 28.53
C SER N 127 72.22 2.78 29.21
N TYR N 128 72.63 1.66 28.63
CA TYR N 128 72.41 0.34 29.27
C TYR N 128 73.06 0.27 30.65
N ALA N 129 74.25 0.86 30.81
CA ALA N 129 74.90 0.88 32.13
C ALA N 129 74.04 1.52 33.22
N THR N 130 73.31 2.58 32.85
CA THR N 130 72.42 3.28 33.79
C THR N 130 71.13 2.52 34.12
N ASP N 131 70.92 1.34 33.55
CA ASP N 131 69.88 0.42 34.05
C ASP N 131 70.09 0.04 35.51
N LYS N 132 71.33 0.12 35.99
CA LYS N 132 71.66 -0.14 37.38
C LYS N 132 72.09 1.15 38.09
N PRO N 133 71.92 1.21 39.43
CA PRO N 133 72.32 2.41 40.16
C PRO N 133 73.82 2.68 40.15
N GLU N 134 74.19 3.93 40.40
CA GLU N 134 75.59 4.32 40.56
C GLU N 134 76.26 3.43 41.61
N GLY N 135 77.48 2.99 41.32
CA GLY N 135 78.17 2.02 42.17
C GLY N 135 78.00 0.59 41.70
N SER N 136 76.96 0.30 40.90
CA SER N 136 76.67 -1.07 40.42
C SER N 136 76.62 -1.17 38.90
N ARG N 137 77.09 -0.15 38.18
CA ARG N 137 76.87 -0.07 36.72
C ARG N 137 77.92 -0.80 35.91
N TYR N 138 79.17 -0.72 36.35
CA TYR N 138 80.29 -1.34 35.64
C TYR N 138 81.07 -2.20 36.62
N SER O 2 27.61 61.35 -37.48
CA SER O 2 28.27 61.26 -36.14
C SER O 2 29.65 60.60 -36.23
N VAL O 3 30.49 60.89 -35.25
CA VAL O 3 31.81 60.25 -35.10
C VAL O 3 31.74 58.71 -35.04
N GLU O 4 30.72 58.19 -34.34
CA GLU O 4 30.54 56.74 -34.17
C GLU O 4 30.30 56.05 -35.51
N GLU O 5 29.46 56.66 -36.35
CA GLU O 5 29.15 56.11 -37.67
C GLU O 5 30.38 56.14 -38.61
N ARG O 6 31.13 57.25 -38.60
CA ARG O 6 32.32 57.40 -39.47
C ARG O 6 33.45 56.45 -39.09
N THR O 7 33.66 56.21 -37.79
CA THR O 7 34.73 55.33 -37.32
C THR O 7 34.32 53.85 -37.21
N ARG O 8 33.12 53.48 -37.70
CA ARG O 8 32.74 52.06 -37.82
C ARG O 8 33.78 51.26 -38.62
N ILE O 9 34.04 50.03 -38.19
CA ILE O 9 34.95 49.15 -38.91
C ILE O 9 34.22 48.62 -40.15
N LYS O 10 34.82 48.83 -41.32
CA LYS O 10 34.32 48.35 -42.60
C LYS O 10 35.04 47.07 -43.06
N ASN O 11 36.20 46.78 -42.46
CA ASN O 11 36.94 45.53 -42.72
C ASN O 11 36.07 44.28 -42.56
N GLU O 12 36.18 43.36 -43.52
CA GLU O 12 35.34 42.15 -43.61
C GLU O 12 35.24 41.38 -42.29
N ARG O 13 36.39 41.15 -41.67
CA ARG O 13 36.50 40.32 -40.47
C ARG O 13 35.98 41.04 -39.21
N TYR O 14 36.34 42.32 -39.03
CA TYR O 14 36.02 43.05 -37.81
C TYR O 14 34.84 44.02 -37.92
N GLU O 15 34.16 44.03 -39.07
CA GLU O 15 32.85 44.68 -39.18
C GLU O 15 31.86 43.97 -38.27
N SER O 16 30.97 44.73 -37.64
CA SER O 16 29.96 44.16 -36.75
C SER O 16 29.15 43.06 -37.43
N GLY O 17 28.72 42.09 -36.61
CA GLY O 17 27.80 41.05 -37.04
C GLY O 17 28.31 39.66 -36.74
N VAL O 18 27.45 38.69 -37.03
CA VAL O 18 27.71 37.29 -36.76
C VAL O 18 28.36 36.66 -37.98
N ILE O 19 29.50 36.02 -37.78
CA ILE O 19 30.09 35.16 -38.81
C ILE O 19 30.43 33.79 -38.20
N PRO O 20 30.52 32.73 -39.03
CA PRO O 20 30.80 31.41 -38.46
C PRO O 20 32.13 31.37 -37.68
N TYR O 21 32.19 30.59 -36.60
CA TYR O 21 33.44 30.44 -35.84
C TYR O 21 34.60 29.95 -36.73
N ALA O 22 34.31 29.08 -37.70
CA ALA O 22 35.34 28.60 -38.65
C ALA O 22 35.89 29.66 -39.61
N LYS O 23 35.26 30.84 -39.67
CA LYS O 23 35.80 31.99 -40.39
C LYS O 23 36.34 33.11 -39.48
N MET O 24 36.36 32.86 -38.17
CA MET O 24 36.88 33.82 -37.18
C MET O 24 38.33 33.52 -36.74
N GLY O 25 38.94 32.47 -37.29
CA GLY O 25 40.30 32.07 -36.93
C GLY O 25 40.39 30.81 -36.08
N TYR O 26 39.25 30.23 -35.70
CA TYR O 26 39.24 29.08 -34.80
C TYR O 26 39.31 27.72 -35.51
N TRP O 27 39.18 27.73 -36.84
CA TRP O 27 39.51 26.55 -37.65
C TRP O 27 40.79 26.88 -38.40
N ASP O 28 41.85 26.12 -38.14
CA ASP O 28 43.14 26.36 -38.77
C ASP O 28 43.89 25.03 -38.91
N PRO O 29 43.59 24.28 -39.98
CA PRO O 29 44.35 23.04 -40.21
C PRO O 29 45.81 23.26 -40.60
N ASN O 30 46.19 24.52 -40.90
CA ASN O 30 47.60 24.87 -41.14
C ASN O 30 48.38 25.26 -39.90
N TYR O 31 47.74 25.25 -38.74
CA TYR O 31 48.41 25.65 -37.52
C TYR O 31 49.51 24.65 -37.16
N ALA O 32 50.71 25.16 -36.86
CA ALA O 32 51.82 24.33 -36.39
C ALA O 32 51.82 24.26 -34.86
N VAL O 33 51.43 23.12 -34.30
CA VAL O 33 51.41 22.93 -32.85
C VAL O 33 52.79 23.17 -32.25
N LYS O 34 52.83 23.98 -31.20
CA LYS O 34 54.05 24.26 -30.45
C LYS O 34 54.14 23.31 -29.27
N ASP O 35 55.38 23.02 -28.85
CA ASP O 35 55.62 22.14 -27.71
C ASP O 35 55.16 22.73 -26.37
N THR O 36 54.92 24.03 -26.32
CA THR O 36 54.33 24.69 -25.16
C THR O 36 52.80 24.75 -25.20
N ASP O 37 52.17 24.37 -26.31
CA ASP O 37 50.70 24.43 -26.39
C ASP O 37 50.02 23.39 -25.50
N ILE O 38 48.90 23.79 -24.90
CA ILE O 38 47.94 22.86 -24.29
C ILE O 38 47.08 22.34 -25.44
N LEU O 39 46.96 21.01 -25.54
CA LEU O 39 46.11 20.40 -26.55
C LEU O 39 44.95 19.71 -25.85
N ALA O 40 43.80 19.72 -26.52
CA ALA O 40 42.62 19.00 -26.05
C ALA O 40 42.06 18.18 -27.19
N LEU O 41 41.53 17.02 -26.84
CA LEU O 41 40.81 16.17 -27.77
C LEU O 41 39.37 16.06 -27.29
N PHE O 42 38.44 16.52 -28.12
CA PHE O 42 37.03 16.44 -27.82
C PHE O 42 36.37 15.44 -28.75
N ARG O 43 35.41 14.68 -28.23
CA ARG O 43 34.49 13.88 -29.03
C ARG O 43 33.24 14.74 -29.24
N VAL O 44 33.01 15.16 -30.48
CA VAL O 44 32.00 16.17 -30.83
C VAL O 44 30.84 15.52 -31.59
N SER O 45 29.62 15.70 -31.08
CA SER O 45 28.40 15.27 -31.74
C SER O 45 27.58 16.50 -32.16
N PRO O 46 27.67 16.90 -33.44
CA PRO O 46 26.89 18.07 -33.87
C PRO O 46 25.39 17.82 -33.91
N GLN O 47 24.61 18.87 -33.70
CA GLN O 47 23.17 18.82 -33.98
C GLN O 47 22.98 18.55 -35.47
N PRO O 48 21.80 18.01 -35.87
CA PRO O 48 21.48 17.87 -37.30
C PRO O 48 21.64 19.19 -38.04
N GLY O 49 22.27 19.14 -39.21
CA GLY O 49 22.48 20.33 -40.02
C GLY O 49 23.68 21.18 -39.68
N VAL O 50 24.41 20.85 -38.60
CA VAL O 50 25.59 21.62 -38.21
C VAL O 50 26.82 20.93 -38.78
N ASP O 51 27.67 21.69 -39.46
CA ASP O 51 28.90 21.17 -40.05
C ASP O 51 29.91 20.74 -38.94
N PRO O 52 30.52 19.54 -39.07
CA PRO O 52 31.50 19.06 -38.07
C PRO O 52 32.66 20.01 -37.76
N VAL O 53 33.19 20.67 -38.79
CA VAL O 53 34.24 21.67 -38.63
C VAL O 53 33.72 22.94 -37.90
N GLU O 54 32.51 23.40 -38.23
CA GLU O 54 31.95 24.57 -37.54
C GLU O 54 31.72 24.28 -36.06
N ALA O 55 31.17 23.11 -35.75
CA ALA O 55 30.98 22.71 -34.36
C ALA O 55 32.30 22.69 -33.60
N SER O 56 33.35 22.14 -34.23
CA SER O 56 34.67 22.07 -33.63
C SER O 56 35.31 23.45 -33.42
N ALA O 57 35.18 24.32 -34.44
CA ALA O 57 35.62 25.72 -34.33
C ALA O 57 34.86 26.48 -33.24
N ALA O 58 33.57 26.19 -33.07
CA ALA O 58 32.76 26.78 -32.00
C ALA O 58 33.30 26.41 -30.62
N VAL O 59 33.61 25.13 -30.45
CA VAL O 59 34.20 24.65 -29.20
C VAL O 59 35.53 25.36 -28.97
N ALA O 60 36.39 25.42 -30.00
CA ALA O 60 37.66 26.12 -29.91
C ALA O 60 37.49 27.61 -29.55
N GLY O 61 36.54 28.26 -30.22
CA GLY O 61 36.30 29.68 -30.01
C GLY O 61 35.83 29.97 -28.60
N GLU O 62 34.79 29.27 -28.18
CA GLU O 62 34.14 29.56 -26.90
C GLU O 62 34.88 28.95 -25.68
N SER O 63 35.94 28.17 -25.92
CA SER O 63 36.87 27.80 -24.85
C SER O 63 38.16 28.65 -24.82
N SER O 64 38.22 29.71 -25.63
CA SER O 64 39.43 30.53 -25.71
C SER O 64 39.12 32.04 -25.69
N THR O 65 38.81 32.64 -26.84
CA THR O 65 38.63 34.11 -26.93
C THR O 65 37.32 34.61 -27.59
N ALA O 66 36.54 33.70 -28.15
CA ALA O 66 35.43 34.09 -29.01
C ALA O 66 34.17 34.40 -28.23
N THR O 67 33.30 35.19 -28.85
CA THR O 67 31.89 35.16 -28.51
C THR O 67 31.10 34.98 -29.81
N TRP O 68 29.78 35.15 -29.74
CA TRP O 68 28.85 34.78 -30.83
C TRP O 68 28.74 35.81 -31.96
N THR O 69 29.32 36.98 -31.74
CA THR O 69 29.30 38.09 -32.68
C THR O 69 30.69 38.75 -32.63
N VAL O 70 31.04 39.43 -33.72
CA VAL O 70 32.36 40.03 -33.84
C VAL O 70 32.53 41.21 -32.89
N VAL O 71 33.72 41.32 -32.29
CA VAL O 71 34.03 42.41 -31.38
C VAL O 71 35.34 43.08 -31.76
N TRP O 72 35.31 44.41 -31.83
CA TRP O 72 36.49 45.21 -32.23
C TRP O 72 37.63 45.14 -31.22
N THR O 73 37.28 44.88 -29.97
CA THR O 73 38.26 44.76 -28.89
C THR O 73 39.29 43.63 -29.07
N ASP O 74 39.00 42.63 -29.93
CA ASP O 74 40.02 41.68 -30.39
C ASP O 74 41.32 42.38 -30.79
N LEU O 75 41.19 43.52 -31.47
CA LEU O 75 42.32 44.23 -32.05
C LEU O 75 43.21 44.94 -31.03
N LEU O 76 42.76 45.03 -29.78
CA LEU O 76 43.60 45.49 -28.68
C LEU O 76 44.54 44.40 -28.15
N THR O 77 44.43 43.17 -28.67
CA THR O 77 45.19 42.03 -28.18
C THR O 77 45.97 41.40 -29.33
N ALA O 78 46.94 40.56 -28.98
CA ALA O 78 47.63 39.72 -29.94
C ALA O 78 46.70 38.53 -30.25
N CYS O 79 45.60 38.83 -30.94
CA CYS O 79 44.48 37.91 -31.10
C CYS O 79 44.81 36.65 -31.89
N ASP O 80 45.69 36.77 -32.90
CA ASP O 80 46.13 35.58 -33.67
C ASP O 80 46.80 34.53 -32.80
N LEU O 81 47.51 34.99 -31.76
CA LEU O 81 48.16 34.11 -30.81
C LEU O 81 47.14 33.51 -29.81
N TYR O 82 46.26 34.34 -29.27
CA TYR O 82 45.37 33.91 -28.19
C TYR O 82 44.19 33.03 -28.62
N ARG O 83 43.74 33.14 -29.86
CA ARG O 83 42.68 32.24 -30.34
C ARG O 83 43.15 30.79 -30.29
N ALA O 84 42.31 29.91 -29.75
CA ALA O 84 42.57 28.47 -29.85
C ALA O 84 42.24 28.05 -31.27
N LYS O 85 42.93 27.04 -31.77
CA LYS O 85 42.73 26.54 -33.13
C LYS O 85 42.31 25.08 -33.08
N ALA O 86 41.11 24.79 -33.59
CA ALA O 86 40.78 23.43 -34.01
C ALA O 86 41.66 23.16 -35.24
N TYR O 87 42.59 22.23 -35.13
CA TYR O 87 43.56 21.95 -36.22
C TYR O 87 43.37 20.60 -36.92
N LYS O 88 42.49 19.76 -36.38
CA LYS O 88 42.15 18.47 -36.98
C LYS O 88 40.77 18.03 -36.53
N VAL O 89 39.96 17.59 -37.50
CA VAL O 89 38.63 17.04 -37.25
C VAL O 89 38.49 15.72 -38.03
N GLU O 90 38.24 14.63 -37.33
CA GLU O 90 38.11 13.29 -37.92
C GLU O 90 36.80 12.66 -37.51
N SER O 91 36.31 11.72 -38.33
CA SER O 91 35.24 10.84 -37.92
C SER O 91 35.72 9.87 -36.85
N VAL O 92 34.90 9.65 -35.83
CA VAL O 92 35.15 8.60 -34.85
C VAL O 92 34.84 7.28 -35.54
N PRO O 93 35.74 6.28 -35.44
CA PRO O 93 35.44 4.99 -36.10
C PRO O 93 34.13 4.37 -35.60
N ASN O 94 33.42 3.69 -36.50
CA ASN O 94 32.16 3.01 -36.19
C ASN O 94 31.08 3.89 -35.55
N THR O 95 30.98 5.13 -36.02
CA THR O 95 29.89 6.03 -35.68
C THR O 95 29.46 6.76 -36.95
N SER O 96 28.25 7.31 -36.95
CA SER O 96 27.70 8.00 -38.12
C SER O 96 27.84 9.53 -38.11
N ASP O 97 27.73 10.17 -36.93
CA ASP O 97 27.87 11.64 -36.85
C ASP O 97 28.57 12.05 -35.56
N GLN O 98 29.74 11.43 -35.33
CA GLN O 98 30.57 11.69 -34.17
C GLN O 98 31.99 11.97 -34.67
N TYR O 99 32.64 12.99 -34.09
CA TYR O 99 33.93 13.46 -34.60
C TYR O 99 34.95 13.68 -33.50
N PHE O 100 36.22 13.44 -33.81
CA PHE O 100 37.32 13.80 -32.92
C PHE O 100 37.84 15.16 -33.36
N ALA O 101 37.89 16.11 -32.44
CA ALA O 101 38.38 17.46 -32.72
C ALA O 101 39.57 17.72 -31.82
N TYR O 102 40.69 18.05 -32.44
CA TYR O 102 41.94 18.39 -31.77
C TYR O 102 42.10 19.90 -31.76
N ILE O 103 42.27 20.47 -30.56
CA ILE O 103 42.29 21.92 -30.38
C ILE O 103 43.54 22.31 -29.59
N SER O 104 44.21 23.36 -30.05
CA SER O 104 45.43 23.86 -29.44
C SER O 104 45.18 25.20 -28.75
N TYR O 105 45.79 25.37 -27.58
CA TYR O 105 45.64 26.57 -26.74
C TYR O 105 47.03 27.04 -26.34
N ASP O 106 47.34 28.32 -26.57
CA ASP O 106 48.66 28.82 -26.19
C ASP O 106 48.80 28.79 -24.65
N ILE O 107 50.02 28.50 -24.21
CA ILE O 107 50.33 28.49 -22.77
C ILE O 107 49.95 29.78 -22.02
N ASP O 108 50.05 30.93 -22.69
CA ASP O 108 49.69 32.23 -22.10
C ASP O 108 48.21 32.41 -21.77
N LEU O 109 47.34 31.53 -22.25
CA LEU O 109 45.92 31.57 -21.89
C LEU O 109 45.63 31.18 -20.45
N PHE O 110 46.58 30.53 -19.77
CA PHE O 110 46.32 29.86 -18.50
C PHE O 110 47.08 30.44 -17.32
N GLU O 111 46.42 30.43 -16.17
CA GLU O 111 47.08 30.79 -14.92
C GLU O 111 47.97 29.63 -14.49
N GLU O 112 49.22 29.97 -14.17
CA GLU O 112 50.24 29.05 -13.73
C GLU O 112 49.72 28.33 -12.48
N GLY O 113 49.82 27.00 -12.48
CA GLY O 113 49.52 26.19 -11.29
C GLY O 113 48.06 26.10 -10.87
N SER O 114 47.12 26.46 -11.74
CA SER O 114 45.70 26.51 -11.37
C SER O 114 44.82 25.57 -12.19
N ILE O 115 44.35 24.51 -11.55
CA ILE O 115 43.38 23.60 -12.17
C ILE O 115 42.05 24.34 -12.42
N ALA O 116 41.63 25.17 -11.46
CA ALA O 116 40.42 25.98 -11.65
C ALA O 116 40.50 26.78 -12.96
N ASN O 117 41.64 27.39 -13.24
CA ASN O 117 41.74 28.19 -14.46
C ASN O 117 41.75 27.35 -15.73
N LEU O 118 42.53 26.27 -15.71
CA LEU O 118 42.64 25.37 -16.85
C LEU O 118 41.27 24.88 -17.23
N THR O 119 40.54 24.38 -16.24
CA THR O 119 39.20 23.83 -16.46
C THR O 119 38.17 24.92 -16.79
N ALA O 120 38.30 26.12 -16.22
CA ALA O 120 37.40 27.23 -16.60
C ALA O 120 37.38 27.47 -18.11
N SER O 121 38.54 27.43 -18.77
CA SER O 121 38.60 27.52 -20.23
C SER O 121 38.09 26.24 -20.92
N ILE O 122 38.70 25.11 -20.59
CA ILE O 122 38.50 23.88 -21.36
C ILE O 122 37.08 23.31 -21.24
N ILE O 123 36.50 23.39 -20.04
CA ILE O 123 35.17 22.83 -19.78
C ILE O 123 34.13 23.83 -19.30
N GLY O 124 34.46 25.12 -19.23
CA GLY O 124 33.57 26.11 -18.58
C GLY O 124 32.17 26.19 -19.15
N ASN O 125 32.08 26.44 -20.45
CA ASN O 125 30.82 26.67 -21.16
C ASN O 125 30.50 25.76 -22.33
N VAL O 126 31.51 25.20 -23.00
CA VAL O 126 31.28 24.52 -24.29
C VAL O 126 30.38 23.28 -24.28
N PHE O 127 30.20 22.64 -23.12
CA PHE O 127 29.36 21.45 -23.02
C PHE O 127 27.87 21.76 -23.07
N GLY O 128 27.50 23.03 -22.86
CA GLY O 128 26.11 23.46 -22.92
C GLY O 128 25.70 24.14 -24.20
N PHE O 129 26.56 24.15 -25.21
CA PHE O 129 26.24 24.83 -26.48
C PHE O 129 25.13 24.13 -27.25
N LYS O 130 24.11 24.89 -27.64
CA LYS O 130 22.97 24.33 -28.38
C LYS O 130 23.40 23.56 -29.63
N ALA O 131 24.41 24.08 -30.34
CA ALA O 131 24.84 23.54 -31.64
C ALA O 131 25.49 22.16 -31.61
N VAL O 132 25.98 21.75 -30.43
CA VAL O 132 26.48 20.39 -30.22
C VAL O 132 25.52 19.66 -29.29
N LYS O 133 24.93 18.57 -29.77
CA LYS O 133 24.01 17.80 -28.91
C LYS O 133 24.76 16.98 -27.84
N ALA O 134 26.05 16.73 -28.07
CA ALA O 134 26.92 16.09 -27.08
C ALA O 134 28.40 16.39 -27.31
N LEU O 135 29.18 16.35 -26.23
CA LEU O 135 30.57 16.72 -26.22
C LEU O 135 31.25 15.97 -25.09
N ARG O 136 32.41 15.36 -25.39
CA ARG O 136 33.18 14.68 -24.36
C ARG O 136 34.66 15.04 -24.48
N LEU O 137 35.27 15.44 -23.36
CA LEU O 137 36.70 15.68 -23.33
C LEU O 137 37.38 14.33 -23.12
N GLU O 138 38.15 13.87 -24.11
CA GLU O 138 38.78 12.55 -24.08
C GLU O 138 40.20 12.54 -23.52
N ASP O 139 40.99 13.53 -23.89
CA ASP O 139 42.40 13.58 -23.46
C ASP O 139 42.91 15.00 -23.62
N MET O 140 44.02 15.29 -22.95
CA MET O 140 44.70 16.57 -23.07
C MET O 140 46.19 16.33 -23.12
N ARG O 141 46.91 17.17 -23.87
CA ARG O 141 48.36 17.20 -23.80
C ARG O 141 48.74 18.39 -22.94
N ILE O 142 49.21 18.11 -21.72
CA ILE O 142 49.68 19.16 -20.83
C ILE O 142 51.17 19.27 -21.08
N PRO O 143 51.65 20.42 -21.62
CA PRO O 143 53.05 20.55 -21.95
C PRO O 143 53.93 20.66 -20.71
N VAL O 144 55.20 20.31 -20.86
CA VAL O 144 56.13 20.27 -19.73
C VAL O 144 56.25 21.65 -19.09
N ALA O 145 56.26 22.71 -19.90
CA ALA O 145 56.39 24.06 -19.37
C ALA O 145 55.22 24.47 -18.46
N TYR O 146 54.02 23.94 -18.73
CA TYR O 146 52.88 24.18 -17.85
C TYR O 146 52.89 23.25 -16.63
N LEU O 147 53.23 21.97 -16.84
CA LEU O 147 53.36 21.01 -15.73
C LEU O 147 54.31 21.47 -14.64
N LYS O 148 55.42 22.12 -15.02
CA LYS O 148 56.41 22.62 -14.04
C LYS O 148 55.86 23.72 -13.12
N THR O 149 54.70 24.30 -13.45
CA THR O 149 54.05 25.25 -12.55
C THR O 149 53.16 24.57 -11.50
N PHE O 150 53.07 23.23 -11.52
CA PHE O 150 52.29 22.47 -10.53
C PHE O 150 53.19 21.65 -9.62
N GLN O 151 52.72 21.41 -8.40
CA GLN O 151 53.49 20.63 -7.45
C GLN O 151 53.64 19.17 -7.88
N GLY O 152 52.58 18.58 -8.42
CA GLY O 152 52.50 17.13 -8.51
C GLY O 152 52.30 16.51 -7.14
N PRO O 153 52.20 15.17 -7.07
CA PRO O 153 51.89 14.48 -5.81
C PRO O 153 52.76 14.93 -4.64
N ALA O 154 52.09 15.18 -3.51
CA ALA O 154 52.78 15.59 -2.28
C ALA O 154 53.89 14.61 -1.89
N THR O 155 53.55 13.33 -1.95
CA THR O 155 54.42 12.24 -1.49
C THR O 155 54.88 11.43 -2.68
N GLY O 156 53.94 10.88 -3.45
CA GLY O 156 54.25 9.99 -4.57
C GLY O 156 54.56 8.56 -4.13
N ILE O 157 54.37 7.61 -5.03
CA ILE O 157 54.43 6.19 -4.67
C ILE O 157 55.80 5.76 -4.14
N VAL O 158 56.87 6.35 -4.65
CA VAL O 158 58.23 5.98 -4.24
C VAL O 158 58.48 6.34 -2.78
N VAL O 159 58.23 7.60 -2.43
CA VAL O 159 58.39 8.03 -1.05
C VAL O 159 57.36 7.32 -0.15
N GLU O 160 56.17 7.07 -0.68
CA GLU O 160 55.14 6.36 0.10
C GLU O 160 55.63 4.97 0.51
N ARG O 161 56.19 4.23 -0.44
CA ARG O 161 56.70 2.89 -0.11
C ARG O 161 57.83 2.96 0.91
N GLU O 162 58.66 3.99 0.80
CA GLU O 162 59.76 4.22 1.75
C GLU O 162 59.22 4.51 3.15
N ARG O 163 58.21 5.38 3.26
CA ARG O 163 57.55 5.64 4.55
C ARG O 163 56.93 4.38 5.17
N MET O 164 56.30 3.56 4.33
CA MET O 164 55.65 2.33 4.79
C MET O 164 56.61 1.14 4.92
N ASP O 165 57.82 1.27 4.35
CA ASP O 165 58.80 0.18 4.26
C ASP O 165 58.19 -1.07 3.61
N LYS O 166 57.48 -0.88 2.51
CA LYS O 166 56.75 -1.96 1.84
C LYS O 166 57.00 -1.89 0.34
N PHE O 167 57.74 -2.88 -0.16
CA PHE O 167 58.19 -2.90 -1.56
C PHE O 167 57.87 -4.24 -2.23
N GLY O 168 57.67 -4.21 -3.54
CA GLY O 168 57.55 -5.43 -4.35
C GLY O 168 56.21 -6.12 -4.35
N ARG O 169 55.20 -5.48 -3.76
CA ARG O 169 53.85 -6.00 -3.75
C ARG O 169 52.87 -4.84 -3.72
N PRO O 170 51.64 -5.06 -4.16
CA PRO O 170 50.56 -4.11 -3.89
C PRO O 170 50.39 -3.84 -2.39
N PHE O 171 49.92 -2.65 -2.06
CA PHE O 171 49.39 -2.38 -0.73
C PHE O 171 48.02 -3.04 -0.58
N GLY O 173 44.25 -2.75 1.69
CA GLY O 173 43.42 -1.88 2.50
C GLY O 173 42.00 -2.35 2.58
N ALA O 174 41.15 -1.57 3.23
CA ALA O 174 39.73 -1.90 3.40
C ALA O 174 38.97 -0.67 3.88
N THR O 175 37.80 -0.45 3.30
CA THR O 175 36.88 0.55 3.82
C THR O 175 36.09 -0.06 4.97
N VAL O 176 36.01 0.67 6.08
CA VAL O 176 35.20 0.26 7.22
C VAL O 176 33.72 0.25 6.81
N LYS O 177 32.97 -0.77 7.28
CA LYS O 177 31.54 -0.93 7.00
C LYS O 177 30.80 -1.31 8.29
N PRO O 178 29.51 -0.99 8.43
CA PRO O 178 28.68 -0.29 7.43
C PRO O 178 29.16 1.11 7.07
N LYS O 179 28.72 1.63 5.93
CA LYS O 179 29.21 2.93 5.45
C LYS O 179 29.00 4.02 6.49
N LEU O 180 27.78 4.08 7.01
CA LEU O 180 27.38 5.04 8.01
C LEU O 180 26.76 4.32 9.20
N GLY O 181 26.82 4.98 10.35
CA GLY O 181 26.15 4.56 11.57
C GLY O 181 27.06 4.14 12.71
N LEU O 182 28.32 3.79 12.44
CA LEU O 182 29.21 3.30 13.50
C LEU O 182 29.67 4.45 14.39
N SER O 183 29.91 4.15 15.67
CA SER O 183 30.50 5.08 16.61
C SER O 183 32.01 5.16 16.41
N GLY O 184 32.63 6.18 17.00
CA GLY O 184 34.08 6.34 16.98
C GLY O 184 34.79 5.13 17.55
N LYS O 185 34.32 4.65 18.70
CA LYS O 185 34.89 3.48 19.39
C LYS O 185 34.82 2.25 18.51
N ASN O 186 33.64 1.98 17.96
CA ASN O 186 33.47 0.83 17.07
C ASN O 186 34.27 0.95 15.79
N TYR O 187 34.47 2.17 15.30
CA TYR O 187 35.35 2.43 14.15
C TYR O 187 36.76 1.95 14.48
N GLY O 188 37.29 2.38 15.63
CA GLY O 188 38.61 1.96 16.09
C GLY O 188 38.77 0.45 16.21
N ARG O 189 37.71 -0.22 16.70
CA ARG O 189 37.71 -1.67 16.79
C ARG O 189 37.93 -2.33 15.42
N VAL O 190 37.18 -1.88 14.42
CA VAL O 190 37.29 -2.46 13.07
C VAL O 190 38.69 -2.20 12.51
N VAL O 191 39.19 -0.98 12.71
CA VAL O 191 40.51 -0.60 12.24
C VAL O 191 41.59 -1.49 12.90
N TYR O 192 41.49 -1.66 14.22
CA TYR O 192 42.45 -2.50 14.94
C TYR O 192 42.44 -3.93 14.40
N GLU O 193 41.25 -4.51 14.27
CA GLU O 193 41.12 -5.90 13.83
C GLU O 193 41.65 -6.09 12.41
N GLY O 194 41.33 -5.17 11.50
CA GLY O 194 41.79 -5.25 10.12
C GLY O 194 43.30 -5.13 9.96
N LEU O 195 43.88 -4.11 10.59
CA LEU O 195 45.33 -3.89 10.52
C LEU O 195 46.11 -5.01 11.19
N ARG O 196 45.69 -5.37 12.39
CA ARG O 196 46.33 -6.45 13.15
C ARG O 196 46.25 -7.80 12.43
N GLY O 197 45.17 -8.01 11.68
CA GLY O 197 44.99 -9.22 10.88
C GLY O 197 45.81 -9.33 9.60
N GLY O 198 46.40 -8.23 9.14
CA GLY O 198 47.26 -8.27 7.95
C GLY O 198 47.17 -7.13 6.96
N LEU O 199 46.16 -6.27 7.06
CA LEU O 199 46.02 -5.15 6.11
C LEU O 199 47.06 -4.07 6.39
N ASP O 200 47.53 -3.41 5.34
CA ASP O 200 48.44 -2.27 5.49
C ASP O 200 47.69 -1.02 5.92
N PHE O 201 46.51 -0.83 5.35
CA PHE O 201 45.64 0.32 5.63
C PHE O 201 44.21 -0.10 5.89
N LEU O 202 43.48 0.79 6.57
CA LEU O 202 42.03 0.88 6.40
C LEU O 202 41.68 2.33 6.13
N ASP O 204 38.37 5.51 6.31
CA ASP O 204 37.03 6.06 6.48
C ASP O 204 36.29 5.91 5.16
N ASP O 205 35.00 5.63 5.21
CA ASP O 205 34.20 5.70 3.99
C ASP O 205 34.15 7.16 3.50
N GLU O 206 33.94 7.37 2.20
CA GLU O 206 33.89 8.73 1.62
C GLU O 206 32.88 9.64 2.32
N ASN O 207 31.76 9.06 2.75
CA ASN O 207 30.70 9.83 3.40
C ASN O 207 30.82 9.91 4.93
N ILE O 208 31.89 9.36 5.49
CA ILE O 208 32.17 9.48 6.93
C ILE O 208 33.01 10.75 7.13
N ASN O 209 32.36 11.79 7.65
CA ASN O 209 33.02 13.06 7.92
C ASN O 209 32.82 13.37 9.41
N SER O 210 31.77 14.10 9.78
CA SER O 210 31.38 14.26 11.17
C SER O 210 29.86 14.33 11.19
N GLN O 211 29.21 13.50 12.01
CA GLN O 211 27.76 13.32 11.94
C GLN O 211 27.16 13.07 13.33
N PRO O 212 25.83 13.12 13.46
CA PRO O 212 25.24 12.84 14.77
C PRO O 212 25.63 11.49 15.38
N PHE O 213 25.79 10.45 14.58
CA PHE O 213 26.16 9.12 15.08
C PHE O 213 27.66 8.99 15.46
N MET O 214 28.50 9.91 15.00
CA MET O 214 29.94 9.88 15.30
C MET O 214 30.57 11.18 14.87
N ARG O 215 31.11 11.94 15.83
CA ARG O 215 31.82 13.17 15.52
C ARG O 215 33.27 12.83 15.21
N TRP O 216 33.90 13.68 14.40
CA TRP O 216 35.17 13.32 13.77
C TRP O 216 36.34 13.09 14.73
N LYS O 217 36.44 13.88 15.81
CA LYS O 217 37.61 13.82 16.68
C LYS O 217 37.77 12.47 17.37
N GLU O 218 36.68 11.92 17.91
CA GLU O 218 36.77 10.60 18.54
C GLU O 218 37.17 9.53 17.55
N ARG O 219 36.70 9.64 16.31
CA ARG O 219 37.10 8.70 15.28
C ARG O 219 38.61 8.73 15.05
N PHE O 220 39.18 9.93 14.94
CA PHE O 220 40.62 10.06 14.70
C PHE O 220 41.40 9.52 15.91
N LEU O 221 40.94 9.83 17.13
CA LEU O 221 41.60 9.38 18.35
C LEU O 221 41.60 7.86 18.50
N TYR O 222 40.44 7.24 18.29
CA TYR O 222 40.35 5.77 18.34
C TYR O 222 41.12 5.11 17.21
N SER O 223 41.11 5.72 16.03
CA SER O 223 41.81 5.18 14.88
C SER O 223 43.32 5.15 15.08
N ILE O 224 43.92 6.22 15.62
CA ILE O 224 45.37 6.21 15.82
C ILE O 224 45.75 5.21 16.93
N GLU O 225 44.88 5.05 17.95
CA GLU O 225 45.09 3.99 18.96
C GLU O 225 45.14 2.63 18.28
N ALA O 226 44.14 2.37 17.43
CA ALA O 226 44.07 1.11 16.68
C ALA O 226 45.31 0.88 15.79
N VAL O 227 45.69 1.92 15.06
CA VAL O 227 46.89 1.87 14.22
C VAL O 227 48.13 1.50 15.05
N ASN O 228 48.34 2.20 16.16
CA ASN O 228 49.54 1.99 16.96
C ASN O 228 49.55 0.65 17.72
N ARG O 229 48.37 0.19 18.13
CA ARG O 229 48.21 -1.18 18.62
C ARG O 229 48.65 -2.19 17.56
N SER O 230 48.24 -1.96 16.31
CA SER O 230 48.58 -2.88 15.21
C SER O 230 50.06 -2.85 14.82
N ILE O 231 50.68 -1.68 14.90
CA ILE O 231 52.11 -1.54 14.64
C ILE O 231 52.89 -2.32 15.70
N ALA O 232 52.56 -2.11 16.97
CA ALA O 232 53.21 -2.85 18.06
C ALA O 232 52.99 -4.36 17.95
N ALA O 233 51.83 -4.77 17.47
CA ALA O 233 51.48 -6.20 17.33
C ALA O 233 52.21 -6.91 16.19
N THR O 234 52.64 -6.17 15.16
CA THR O 234 53.15 -6.74 13.91
C THR O 234 54.57 -6.34 13.54
N GLY O 235 55.05 -5.21 14.06
CA GLY O 235 56.31 -4.63 13.62
C GLY O 235 56.29 -3.99 12.24
N GLU O 236 55.10 -3.77 11.69
CA GLU O 236 54.94 -3.11 10.39
C GLU O 236 54.48 -1.69 10.60
N VAL O 237 54.86 -0.79 9.69
CA VAL O 237 54.19 0.52 9.59
C VAL O 237 52.78 0.25 9.04
N LYS O 238 51.79 0.90 9.65
CA LYS O 238 50.37 0.74 9.31
C LYS O 238 49.76 2.14 9.23
N GLY O 239 48.62 2.27 8.57
CA GLY O 239 47.89 3.53 8.60
C GLY O 239 46.40 3.41 8.46
N HIS O 240 45.70 4.47 8.83
CA HIS O 240 44.28 4.59 8.59
C HIS O 240 43.97 5.93 7.93
N TYR O 241 43.26 5.90 6.81
CA TYR O 241 42.96 7.15 6.09
C TYR O 241 41.90 7.93 6.86
N MET O 242 42.34 8.91 7.65
CA MET O 242 41.43 9.80 8.35
C MET O 242 40.84 10.81 7.34
N ASN O 243 39.52 10.81 7.22
CA ASN O 243 38.83 11.65 6.24
C ASN O 243 38.63 13.04 6.81
N VAL O 244 39.27 14.01 6.18
CA VAL O 244 39.24 15.40 6.61
C VAL O 244 38.27 16.27 5.77
N THR O 245 37.59 15.63 4.81
CA THR O 245 36.53 16.27 4.03
C THR O 245 35.56 17.05 4.94
N ALA O 246 35.33 18.32 4.63
CA ALA O 246 34.44 19.16 5.40
C ALA O 246 33.89 20.30 4.56
N ALA O 247 32.91 21.01 5.11
CA ALA O 247 32.19 22.04 4.38
C ALA O 247 33.05 23.24 3.96
N THR O 248 34.01 23.63 4.81
CA THR O 248 34.82 24.83 4.59
C THR O 248 36.28 24.51 4.69
N MET O 249 37.11 25.38 4.10
CA MET O 249 38.55 25.15 4.14
C MET O 249 39.08 25.17 5.57
N GLU O 250 38.51 26.04 6.41
CA GLU O 250 38.98 26.15 7.81
C GLU O 250 38.71 24.87 8.58
N GLU O 251 37.54 24.27 8.36
CA GLU O 251 37.22 22.99 9.02
C GLU O 251 38.12 21.85 8.50
N MET O 252 38.39 21.80 7.20
CA MET O 252 39.30 20.81 6.64
C MET O 252 40.70 20.92 7.24
N TYR O 253 41.19 22.16 7.34
CA TYR O 253 42.49 22.40 7.96
C TYR O 253 42.52 21.96 9.43
N GLU O 254 41.44 22.25 10.17
CA GLU O 254 41.36 21.83 11.59
C GLU O 254 41.46 20.31 11.71
N ARG O 255 40.79 19.61 10.80
CA ARG O 255 40.80 18.15 10.81
C ARG O 255 42.17 17.59 10.39
N ALA O 256 42.74 18.16 9.33
CA ALA O 256 44.07 17.73 8.86
C ALA O 256 45.15 18.00 9.92
N GLU O 257 45.10 19.18 10.53
CA GLU O 257 46.05 19.52 11.60
C GLU O 257 45.93 18.58 12.80
N PHE O 258 44.71 18.22 13.18
CA PHE O 258 44.51 17.27 14.28
C PHE O 258 45.10 15.89 13.93
N ALA O 259 44.81 15.41 12.73
CA ALA O 259 45.37 14.13 12.24
C ALA O 259 46.90 14.15 12.28
N LYS O 260 47.48 15.27 11.84
CA LYS O 260 48.93 15.49 11.90
C LYS O 260 49.44 15.43 13.34
N GLN O 261 48.77 16.12 14.25
CA GLN O 261 49.14 16.12 15.68
C GLN O 261 49.10 14.72 16.28
N LEU O 262 48.15 13.89 15.83
CA LEU O 262 48.08 12.50 16.29
C LEU O 262 49.17 11.61 15.69
N GLY O 263 49.75 12.03 14.58
CA GLY O 263 50.85 11.27 13.95
C GLY O 263 50.41 10.29 12.88
N THR O 264 49.24 10.49 12.25
CA THR O 264 48.86 9.62 11.15
C THR O 264 49.84 9.76 10.00
N VAL O 265 50.11 8.63 9.34
CA VAL O 265 50.91 8.63 8.12
C VAL O 265 50.08 9.05 6.90
N ILE O 266 48.75 9.06 7.04
CA ILE O 266 47.88 9.23 5.89
C ILE O 266 46.54 9.86 6.25
N ILE O 267 46.03 10.69 5.36
CA ILE O 267 44.66 11.23 5.42
C ILE O 267 43.98 11.04 4.08
N MET O 268 42.66 11.22 4.05
CA MET O 268 41.93 11.19 2.80
C MET O 268 41.05 12.43 2.63
N ILE O 269 40.77 12.72 1.36
CA ILE O 269 39.83 13.76 0.96
C ILE O 269 38.93 13.21 -0.15
N ASP O 270 37.75 13.81 -0.31
CA ASP O 270 36.78 13.43 -1.36
C ASP O 270 36.84 14.43 -2.51
N LEU O 271 36.69 13.95 -3.75
CA LEU O 271 36.69 14.82 -4.92
C LEU O 271 35.61 15.92 -4.89
N VAL O 272 34.48 15.64 -4.26
CA VAL O 272 33.40 16.62 -4.11
C VAL O 272 33.77 17.91 -3.37
N ILE O 273 34.88 17.91 -2.59
CA ILE O 273 35.36 19.18 -2.02
C ILE O 273 35.75 20.18 -3.12
N GLY O 274 36.20 19.65 -4.26
CA GLY O 274 36.47 20.43 -5.46
C GLY O 274 37.92 20.84 -5.63
N TYR O 275 38.24 21.32 -6.84
CA TYR O 275 39.64 21.47 -7.26
C TYR O 275 40.47 22.41 -6.40
N THR O 276 39.89 23.52 -5.96
CA THR O 276 40.66 24.51 -5.19
C THR O 276 40.99 23.97 -3.79
N ALA O 277 40.03 23.34 -3.12
CA ALA O 277 40.32 22.70 -1.83
C ALA O 277 41.30 21.55 -2.00
N ILE O 278 41.19 20.83 -3.11
CA ILE O 278 42.13 19.73 -3.40
C ILE O 278 43.56 20.25 -3.54
N GLN O 279 43.76 21.28 -4.38
CA GLN O 279 45.11 21.83 -4.55
C GLN O 279 45.66 22.37 -3.25
N THR O 280 44.80 23.02 -2.47
CA THR O 280 45.16 23.54 -1.16
C THR O 280 45.64 22.41 -0.25
N MET O 281 44.94 21.29 -0.25
CA MET O 281 45.34 20.11 0.52
C MET O 281 46.59 19.42 -0.02
N GLY O 282 46.77 19.42 -1.34
CA GLY O 282 47.99 18.90 -1.96
C GLY O 282 49.25 19.61 -1.49
N ILE O 283 49.16 20.93 -1.40
CA ILE O 283 50.25 21.77 -0.89
C ILE O 283 50.47 21.53 0.60
N TRP O 284 49.37 21.46 1.36
CA TRP O 284 49.44 21.17 2.82
C TRP O 284 50.15 19.83 3.09
N ALA O 285 49.80 18.81 2.31
CA ALA O 285 50.36 17.47 2.48
C ALA O 285 51.87 17.43 2.20
N ARG O 286 52.32 18.19 1.20
CA ARG O 286 53.76 18.31 0.91
C ARG O 286 54.45 19.04 2.06
N LYS O 287 53.82 20.10 2.55
CA LYS O 287 54.37 20.87 3.67
C LYS O 287 54.44 20.05 4.96
N ASN O 288 53.50 19.12 5.14
CA ASN O 288 53.35 18.37 6.40
C ASN O 288 53.62 16.87 6.31
N ASP O 289 54.41 16.45 5.32
CA ASP O 289 54.81 15.04 5.17
C ASP O 289 53.68 14.04 5.35
N MET O 290 52.60 14.23 4.60
CA MET O 290 51.40 13.42 4.72
C MET O 290 51.07 12.76 3.39
N ILE O 291 50.70 11.48 3.45
CA ILE O 291 50.13 10.81 2.26
C ILE O 291 48.69 11.31 2.13
N LEU O 292 48.35 11.81 0.94
CA LEU O 292 47.03 12.37 0.64
C LEU O 292 46.23 11.48 -0.32
N HIS O 293 45.29 10.72 0.24
CA HIS O 293 44.45 9.85 -0.57
C HIS O 293 43.24 10.61 -1.11
N LEU O 294 43.03 10.55 -2.42
CA LEU O 294 41.83 11.13 -3.04
C LEU O 294 40.84 10.03 -3.38
N HIS O 295 39.68 10.09 -2.73
CA HIS O 295 38.50 9.34 -3.14
C HIS O 295 37.80 10.17 -4.23
N ARG O 296 37.36 9.51 -5.32
CA ARG O 296 36.84 10.23 -6.51
C ARG O 296 35.33 10.45 -6.50
N ALA O 297 34.78 10.73 -5.33
CA ALA O 297 33.33 10.88 -5.14
C ALA O 297 32.75 11.80 -6.20
N GLY O 298 31.71 11.32 -6.89
CA GLY O 298 31.01 12.10 -7.90
C GLY O 298 31.55 12.06 -9.30
N ASN O 299 32.76 11.53 -9.48
CA ASN O 299 33.41 11.43 -10.78
C ASN O 299 32.53 10.79 -11.87
N SER O 300 31.81 9.73 -11.50
CA SER O 300 30.98 9.00 -12.48
C SER O 300 29.75 9.77 -12.98
N THR O 301 29.41 10.90 -12.37
CA THR O 301 28.33 11.76 -12.90
C THR O 301 28.64 12.31 -14.30
N TYR O 302 29.93 12.51 -14.60
CA TYR O 302 30.36 12.99 -15.93
C TYR O 302 31.23 12.00 -16.70
N SER O 303 31.72 10.94 -16.06
CA SER O 303 32.72 10.06 -16.68
C SER O 303 32.17 8.76 -17.27
N ARG O 304 30.87 8.51 -17.10
CA ARG O 304 30.32 7.19 -17.38
C ARG O 304 29.96 6.98 -18.84
N GLN O 305 29.36 8.01 -19.46
CA GLN O 305 28.78 7.89 -20.80
C GLN O 305 29.81 8.29 -21.86
N LYS O 306 29.99 7.42 -22.84
CA LYS O 306 30.99 7.64 -23.90
C LYS O 306 30.73 8.91 -24.74
N ILE O 307 29.46 9.25 -24.97
CA ILE O 307 29.12 10.39 -25.83
C ILE O 307 29.26 11.77 -25.18
N HIS O 308 29.22 11.84 -23.85
CA HIS O 308 29.20 13.13 -23.18
C HIS O 308 29.88 13.13 -21.82
N GLY O 309 30.65 14.19 -21.57
CA GLY O 309 31.25 14.44 -20.26
C GLY O 309 32.77 14.56 -20.32
N MET O 310 33.46 13.96 -19.35
CA MET O 310 34.91 13.97 -19.32
C MET O 310 35.40 12.57 -19.02
N ASN O 311 36.31 12.07 -19.85
CA ASN O 311 36.89 10.77 -19.57
C ASN O 311 37.77 10.86 -18.32
N PHE O 312 37.71 9.84 -17.48
CA PHE O 312 38.48 9.82 -16.23
C PHE O 312 39.99 10.03 -16.40
N ARG O 313 40.56 9.66 -17.56
CA ARG O 313 42.00 9.86 -17.75
C ARG O 313 42.42 11.33 -17.67
N VAL O 314 41.54 12.24 -18.05
CA VAL O 314 41.79 13.67 -17.93
C VAL O 314 41.80 14.07 -16.45
N ILE O 315 40.85 13.55 -15.69
CA ILE O 315 40.79 13.76 -14.24
C ILE O 315 42.06 13.24 -13.56
N CYS O 316 42.55 12.07 -14.00
CA CYS O 316 43.83 11.56 -13.51
C CYS O 316 44.96 12.58 -13.71
N LYS O 317 45.03 13.20 -14.88
CA LYS O 317 46.07 14.19 -15.15
C LYS O 317 45.95 15.38 -14.20
N TRP O 318 44.75 15.96 -14.09
CA TRP O 318 44.54 17.16 -13.26
C TRP O 318 44.81 16.88 -11.78
N MET O 319 44.44 15.69 -11.31
CA MET O 319 44.65 15.35 -9.89
C MET O 319 46.11 15.01 -9.59
N ARG O 320 46.80 14.37 -10.53
CA ARG O 320 48.24 14.17 -10.38
C ARG O 320 48.94 15.53 -10.29
N MET O 321 48.55 16.46 -11.15
CA MET O 321 49.07 17.82 -11.13
C MET O 321 48.75 18.53 -9.81
N ALA O 322 47.51 18.36 -9.34
CA ALA O 322 47.01 19.02 -8.11
C ALA O 322 47.72 18.61 -6.83
N GLY O 323 48.28 17.40 -6.81
CA GLY O 323 49.12 16.95 -5.69
C GLY O 323 48.62 15.79 -4.85
N VAL O 324 47.61 15.07 -5.32
CA VAL O 324 47.13 13.90 -4.57
C VAL O 324 48.13 12.75 -4.73
N ASP O 325 48.14 11.85 -3.74
CA ASP O 325 49.06 10.72 -3.68
C ASP O 325 48.45 9.38 -4.06
N HIS O 326 47.15 9.23 -3.82
CA HIS O 326 46.36 8.11 -4.32
C HIS O 326 45.18 8.66 -5.07
N ILE O 327 44.70 7.91 -6.06
CA ILE O 327 43.34 8.09 -6.55
C ILE O 327 42.76 6.74 -6.92
N HIS O 328 41.47 6.57 -6.68
CA HIS O 328 40.75 5.38 -7.10
C HIS O 328 40.73 5.33 -8.63
N ALA O 329 41.06 4.18 -9.22
CA ALA O 329 41.17 4.08 -10.67
C ALA O 329 40.58 2.82 -11.30
N GLY O 330 39.84 2.02 -10.53
CA GLY O 330 39.12 0.87 -11.04
C GLY O 330 39.73 -0.46 -10.66
N THR O 331 38.90 -1.50 -10.78
CA THR O 331 39.28 -2.89 -10.47
C THR O 331 39.14 -3.88 -11.62
N VAL O 332 38.43 -3.49 -12.69
CA VAL O 332 37.97 -4.38 -13.76
C VAL O 332 36.91 -5.39 -13.32
N VAL O 333 37.23 -6.20 -12.32
CA VAL O 333 36.42 -7.35 -11.92
C VAL O 333 35.43 -7.10 -10.76
N GLY O 334 35.46 -5.90 -10.17
CA GLY O 334 34.60 -5.56 -9.04
C GLY O 334 33.24 -5.00 -9.41
N LYS O 335 32.62 -4.32 -8.45
CA LYS O 335 31.24 -3.83 -8.58
C LYS O 335 31.06 -2.55 -9.42
N LEU O 336 32.14 -1.81 -9.66
CA LEU O 336 32.09 -0.55 -10.43
C LEU O 336 32.68 -0.74 -11.83
N GLU O 337 32.16 0.06 -12.75
CA GLU O 337 32.56 0.14 -14.16
C GLU O 337 34.07 0.09 -14.36
N GLY O 338 34.53 -0.71 -15.31
CA GLY O 338 35.96 -0.77 -15.58
C GLY O 338 36.39 -1.69 -16.70
N ASP O 339 36.36 -1.16 -17.93
CA ASP O 339 36.91 -1.86 -19.08
C ASP O 339 38.42 -2.04 -18.91
N PRO O 340 38.97 -3.25 -19.16
CA PRO O 340 40.41 -3.47 -18.89
C PRO O 340 41.36 -2.51 -19.62
N LEU O 341 41.07 -2.22 -20.89
CA LEU O 341 41.91 -1.30 -21.68
C LEU O 341 41.86 0.14 -21.16
N MET O 342 40.67 0.61 -20.82
CA MET O 342 40.50 1.97 -20.28
C MET O 342 41.21 2.07 -18.93
N ILE O 343 41.05 1.05 -18.09
CA ILE O 343 41.71 1.03 -16.78
C ILE O 343 43.24 1.04 -16.94
N ARG O 344 43.76 0.28 -17.89
CA ARG O 344 45.20 0.28 -18.14
C ARG O 344 45.72 1.69 -18.48
N GLY O 345 44.96 2.41 -19.31
CA GLY O 345 45.23 3.81 -19.62
C GLY O 345 45.25 4.70 -18.38
N PHE O 346 44.28 4.51 -17.48
CA PHE O 346 44.21 5.30 -16.25
C PHE O 346 45.43 5.06 -15.36
N TYR O 347 45.75 3.78 -15.15
CA TYR O 347 46.90 3.40 -14.30
C TYR O 347 48.19 3.96 -14.87
N ASN O 348 48.37 3.82 -16.18
CA ASN O 348 49.57 4.34 -16.85
C ASN O 348 49.69 5.86 -16.76
N THR O 349 48.57 6.55 -16.91
CA THR O 349 48.52 8.01 -16.79
C THR O 349 48.99 8.47 -15.40
N LEU O 350 48.59 7.72 -14.37
CA LEU O 350 48.93 8.00 -12.97
C LEU O 350 50.36 7.63 -12.59
N LEU O 351 50.91 6.58 -13.20
CA LEU O 351 52.17 5.96 -12.74
C LEU O 351 53.40 6.20 -13.62
N LEU O 352 53.21 6.39 -14.93
CA LEU O 352 54.37 6.47 -15.81
C LEU O 352 54.99 7.85 -15.85
N PRO O 353 56.32 7.93 -16.11
CA PRO O 353 56.99 9.22 -16.33
C PRO O 353 56.76 9.79 -17.74
N TYR O 354 56.26 8.97 -18.65
CA TYR O 354 56.08 9.35 -20.04
C TYR O 354 55.06 8.39 -20.63
N LEU O 355 54.09 8.91 -21.35
CA LEU O 355 53.15 8.08 -22.09
C LEU O 355 53.33 8.28 -23.58
N GLU O 356 53.51 7.17 -24.29
CA GLU O 356 53.44 7.15 -25.74
C GLU O 356 51.98 7.01 -26.15
N VAL O 357 51.65 7.46 -27.36
CA VAL O 357 50.31 7.28 -27.90
C VAL O 357 49.96 5.80 -27.86
N ASN O 358 48.76 5.49 -27.40
CA ASN O 358 48.28 4.12 -27.30
C ASN O 358 46.76 4.14 -27.43
N LEU O 359 46.29 4.08 -28.67
CA LEU O 359 44.87 4.30 -28.94
C LEU O 359 43.95 3.27 -28.28
N PRO O 360 44.35 1.98 -28.21
CA PRO O 360 43.48 1.02 -27.52
C PRO O 360 43.25 1.32 -26.03
N GLN O 361 44.22 1.96 -25.40
CA GLN O 361 44.09 2.41 -24.00
C GLN O 361 43.51 3.81 -23.85
N GLY O 362 43.17 4.46 -24.97
CA GLY O 362 42.63 5.81 -24.94
C GLY O 362 43.65 6.90 -24.69
N ILE O 363 44.93 6.60 -24.91
CA ILE O 363 46.00 7.58 -24.74
C ILE O 363 46.24 8.17 -26.13
N PHE O 364 45.61 9.32 -26.37
CA PHE O 364 45.65 9.97 -27.69
C PHE O 364 46.83 10.91 -27.88
N PHE O 365 47.42 11.38 -26.78
CA PHE O 365 48.55 12.30 -26.82
C PHE O 365 49.77 11.68 -26.16
N GLN O 366 50.94 11.95 -26.74
CA GLN O 366 52.21 11.78 -26.06
C GLN O 366 52.23 12.70 -24.87
N GLN O 367 52.55 12.17 -23.69
CA GLN O 367 52.52 12.97 -22.45
C GLN O 367 53.79 12.74 -21.65
N ASP O 368 54.65 13.75 -21.65
CA ASP O 368 55.82 13.80 -20.78
C ASP O 368 55.33 14.33 -19.43
N TRP O 369 55.66 13.61 -18.36
CA TRP O 369 55.19 14.01 -17.02
C TRP O 369 56.14 14.95 -16.28
N ALA O 370 57.21 15.38 -16.94
CA ALA O 370 58.10 16.46 -16.41
C ALA O 370 58.68 16.12 -15.03
N SER O 371 58.87 14.83 -14.79
CA SER O 371 59.34 14.28 -13.52
C SER O 371 58.46 14.60 -12.30
N LEU O 372 57.18 14.94 -12.50
CA LEU O 372 56.25 15.03 -11.38
C LEU O 372 56.12 13.63 -10.76
N ARG O 373 55.92 13.60 -9.45
CA ARG O 373 55.77 12.33 -8.76
C ARG O 373 54.54 11.54 -9.23
N LYS O 374 54.52 10.27 -8.85
CA LYS O 374 53.56 9.30 -9.34
C LYS O 374 52.43 9.10 -8.36
N VAL O 375 51.20 9.02 -8.88
CA VAL O 375 50.02 8.73 -8.06
C VAL O 375 49.85 7.21 -7.94
N THR O 376 49.64 6.73 -6.72
CA THR O 376 49.29 5.34 -6.49
C THR O 376 47.81 5.07 -6.84
N PRO O 377 47.55 4.24 -7.87
CA PRO O 377 46.18 3.86 -8.14
C PRO O 377 45.59 3.03 -7.01
N VAL O 378 44.30 3.21 -6.78
CA VAL O 378 43.59 2.44 -5.77
C VAL O 378 42.50 1.66 -6.46
N ALA O 379 42.49 0.35 -6.22
CA ALA O 379 41.52 -0.58 -6.75
C ALA O 379 40.56 -0.97 -5.64
N SER O 380 39.29 -0.61 -5.78
CA SER O 380 38.34 -0.75 -4.69
C SER O 380 36.92 -0.97 -5.20
N GLY O 381 36.19 -1.82 -4.48
CA GLY O 381 34.75 -1.96 -4.68
C GLY O 381 34.40 -3.32 -5.22
N GLY O 382 33.81 -4.16 -4.37
CA GLY O 382 33.28 -5.43 -4.80
C GLY O 382 34.32 -6.47 -5.19
N ILE O 383 35.52 -6.37 -4.62
CA ILE O 383 36.57 -7.35 -4.96
C ILE O 383 36.79 -8.31 -3.79
N HIS O 384 37.32 -9.48 -4.11
CA HIS O 384 37.55 -10.53 -3.11
C HIS O 384 38.78 -11.36 -3.47
N CYS O 385 39.29 -12.11 -2.50
CA CYS O 385 40.60 -12.75 -2.64
C CYS O 385 40.60 -13.87 -3.68
N GLY O 386 39.43 -14.43 -3.97
CA GLY O 386 39.23 -15.32 -5.11
C GLY O 386 39.61 -14.75 -6.48
N GLN O 387 39.69 -13.41 -6.57
CA GLN O 387 40.10 -12.71 -7.80
C GLN O 387 41.56 -12.27 -7.81
N MET O 388 42.37 -12.69 -6.83
CA MET O 388 43.70 -12.10 -6.62
C MET O 388 44.61 -12.15 -7.85
N HIS O 389 44.60 -13.29 -8.53
CA HIS O 389 45.27 -13.44 -9.85
C HIS O 389 44.81 -12.45 -10.92
N GLN O 390 43.50 -12.24 -11.02
CA GLN O 390 42.96 -11.26 -11.97
C GLN O 390 43.37 -9.85 -11.60
N LEU O 391 43.36 -9.54 -10.30
CA LEU O 391 43.74 -8.22 -9.80
C LEU O 391 45.20 -7.92 -10.10
N LEU O 392 46.07 -8.88 -9.82
CA LEU O 392 47.51 -8.68 -10.09
C LEU O 392 47.78 -8.52 -11.59
N ASP O 393 47.05 -9.27 -12.42
CA ASP O 393 47.22 -9.20 -13.87
C ASP O 393 46.69 -7.90 -14.48
N TYR O 394 45.43 -7.56 -14.20
CA TYR O 394 44.82 -6.33 -14.73
C TYR O 394 45.41 -5.04 -14.15
N LEU O 395 45.83 -5.07 -12.89
CA LEU O 395 46.13 -3.84 -12.14
C LEU O 395 47.62 -3.66 -11.83
N GLY O 396 48.38 -4.74 -11.80
CA GLY O 396 49.83 -4.66 -11.60
C GLY O 396 50.26 -4.58 -10.15
N ASN O 397 51.53 -4.24 -9.97
CA ASN O 397 52.19 -4.26 -8.67
C ASN O 397 52.01 -2.98 -7.86
N ASP O 398 51.78 -1.86 -8.55
CA ASP O 398 51.73 -0.55 -7.94
C ASP O 398 50.28 -0.09 -7.82
N VAL O 399 49.67 -0.46 -6.69
CA VAL O 399 48.24 -0.29 -6.47
C VAL O 399 47.96 -0.53 -4.99
N VAL O 400 46.91 0.08 -4.46
CA VAL O 400 46.31 -0.37 -3.19
C VAL O 400 45.07 -1.18 -3.54
N LEU O 401 45.08 -2.47 -3.19
CA LEU O 401 43.91 -3.31 -3.34
C LEU O 401 43.08 -3.19 -2.06
N GLN O 402 41.88 -2.61 -2.17
CA GLN O 402 41.03 -2.37 -1.00
C GLN O 402 39.86 -3.33 -0.97
N PHE O 403 39.74 -4.05 0.15
CA PHE O 403 38.68 -5.06 0.37
C PHE O 403 37.84 -4.73 1.60
N GLY O 404 36.80 -3.92 1.43
CA GLY O 404 35.88 -3.57 2.53
C GLY O 404 35.02 -4.75 2.96
N GLY O 405 33.93 -4.97 2.24
CA GLY O 405 33.11 -6.18 2.39
C GLY O 405 33.92 -7.47 2.31
N GLY O 406 34.93 -7.49 1.45
CA GLY O 406 35.83 -8.63 1.31
C GLY O 406 36.76 -8.93 2.48
N THR O 407 36.82 -8.04 3.46
CA THR O 407 37.47 -8.32 4.75
C THR O 407 36.43 -8.49 5.85
N ILE O 408 35.58 -7.48 6.02
CA ILE O 408 34.65 -7.37 7.14
C ILE O 408 33.51 -8.39 7.02
N GLY O 409 33.19 -8.81 5.80
CA GLY O 409 32.20 -9.86 5.57
C GLY O 409 32.65 -11.30 5.82
N HIS O 410 33.88 -11.50 6.30
CA HIS O 410 34.40 -12.85 6.56
C HIS O 410 33.68 -13.45 7.79
N PRO O 411 33.15 -14.69 7.67
CA PRO O 411 32.31 -15.24 8.76
C PRO O 411 33.04 -15.48 10.08
N ASP O 412 34.34 -15.76 10.00
CA ASP O 412 35.21 -15.91 11.17
C ASP O 412 35.86 -14.65 11.73
N GLY O 413 35.43 -13.49 11.27
CA GLY O 413 35.84 -12.23 11.86
C GLY O 413 36.76 -11.43 10.98
N ILE O 414 37.00 -10.20 11.41
CA ILE O 414 37.74 -9.21 10.63
C ILE O 414 39.22 -9.58 10.49
N GLN O 415 39.86 -10.04 11.57
CA GLN O 415 41.26 -10.49 11.48
C GLN O 415 41.44 -11.63 10.46
N ALA O 416 40.52 -12.60 10.51
CA ALA O 416 40.50 -13.71 9.52
C ALA O 416 40.37 -13.19 8.09
N GLY O 417 39.44 -12.26 7.87
CA GLY O 417 39.29 -11.61 6.57
C GLY O 417 40.56 -10.97 6.06
N ALA O 418 41.23 -10.22 6.93
CA ALA O 418 42.50 -9.57 6.58
C ALA O 418 43.60 -10.58 6.27
N THR O 419 43.70 -11.62 7.09
CA THR O 419 44.70 -12.66 6.91
C THR O 419 44.50 -13.36 5.56
N ALA O 420 43.26 -13.72 5.24
CA ALA O 420 42.94 -14.34 3.95
C ALA O 420 43.45 -13.47 2.78
N ASN O 421 43.14 -12.17 2.83
CA ASN O 421 43.57 -11.25 1.78
C ASN O 421 45.08 -11.14 1.66
N ARG O 422 45.75 -11.01 2.80
CA ARG O 422 47.22 -10.90 2.85
C ARG O 422 47.92 -12.18 2.37
N VAL O 423 47.45 -13.34 2.80
CA VAL O 423 48.03 -14.61 2.37
C VAL O 423 47.81 -14.84 0.87
N ALA O 424 46.61 -14.55 0.39
CA ALA O 424 46.29 -14.64 -1.03
C ALA O 424 47.22 -13.76 -1.86
N LEU O 425 47.42 -12.52 -1.39
CA LEU O 425 48.30 -11.59 -2.10
C LEU O 425 49.73 -12.09 -2.19
N GLU O 426 50.30 -12.46 -1.06
CA GLU O 426 51.71 -12.87 -1.05
C GLU O 426 51.93 -14.17 -1.82
N SER O 427 50.97 -15.09 -1.73
CA SER O 427 51.01 -16.34 -2.50
C SER O 427 51.00 -16.05 -4.00
N MET O 428 50.22 -15.07 -4.41
CA MET O 428 50.14 -14.72 -5.83
C MET O 428 51.40 -13.98 -6.29
N VAL O 429 51.91 -13.07 -5.44
CA VAL O 429 53.12 -12.32 -5.78
C VAL O 429 54.34 -13.24 -5.90
N ILE O 430 54.49 -14.20 -5.00
CA ILE O 430 55.65 -15.07 -5.03
C ILE O 430 55.61 -15.95 -6.28
N ALA O 431 54.41 -16.42 -6.65
CA ALA O 431 54.21 -17.20 -7.89
C ALA O 431 54.53 -16.37 -9.15
N ARG O 432 54.09 -15.12 -9.21
CA ARG O 432 54.44 -14.23 -10.32
C ARG O 432 55.97 -14.06 -10.43
N ASN O 433 56.61 -13.76 -9.31
CA ASN O 433 58.05 -13.54 -9.30
C ASN O 433 58.86 -14.78 -9.72
N GLU O 434 58.36 -15.96 -9.35
CA GLU O 434 58.95 -17.24 -9.78
C GLU O 434 58.74 -17.55 -11.27
N GLY O 435 57.89 -16.76 -11.94
CA GLY O 435 57.70 -16.85 -13.38
C GLY O 435 56.61 -17.80 -13.79
N ARG O 436 55.70 -18.14 -12.86
CA ARG O 436 54.59 -19.03 -13.17
C ARG O 436 53.51 -18.27 -13.92
N ASP O 437 52.74 -18.96 -14.76
CA ASP O 437 51.54 -18.35 -15.37
C ASP O 437 50.46 -18.34 -14.29
N TYR O 438 50.53 -17.32 -13.45
CA TYR O 438 49.67 -17.20 -12.28
C TYR O 438 48.22 -16.86 -12.64
N VAL O 439 47.97 -16.39 -13.87
CA VAL O 439 46.59 -16.19 -14.35
C VAL O 439 45.95 -17.56 -14.59
N ALA O 440 46.62 -18.38 -15.41
CA ALA O 440 46.16 -19.74 -15.70
C ALA O 440 46.10 -20.61 -14.43
N GLU O 441 47.13 -20.52 -13.61
CA GLU O 441 47.23 -21.30 -12.36
C GLU O 441 46.66 -20.60 -11.11
N GLY O 442 46.02 -19.44 -11.29
CA GLY O 442 45.54 -18.61 -10.19
C GLY O 442 44.64 -19.28 -9.17
N PRO O 443 43.51 -19.85 -9.63
CA PRO O 443 42.62 -20.56 -8.71
C PRO O 443 43.31 -21.70 -7.94
N GLN O 444 44.25 -22.40 -8.59
CA GLN O 444 45.00 -23.47 -7.91
C GLN O 444 46.02 -22.92 -6.91
N ILE O 445 46.71 -21.84 -7.28
CA ILE O 445 47.64 -21.16 -6.36
C ILE O 445 46.89 -20.79 -5.07
N LEU O 446 45.68 -20.27 -5.22
CA LEU O 446 44.84 -19.89 -4.08
C LEU O 446 44.39 -21.10 -3.25
N ARG O 447 43.97 -22.17 -3.93
CA ARG O 447 43.58 -23.42 -3.23
C ARG O 447 44.78 -24.05 -2.50
N ASP O 448 45.95 -24.02 -3.10
CA ASP O 448 47.18 -24.51 -2.47
C ASP O 448 47.47 -23.73 -1.19
N ALA O 449 47.47 -22.41 -1.29
CA ALA O 449 47.63 -21.53 -0.12
C ALA O 449 46.56 -21.80 0.94
N ALA O 450 45.31 -22.00 0.50
CA ALA O 450 44.19 -22.27 1.41
C ALA O 450 44.33 -23.54 2.26
N LYS O 451 45.08 -24.52 1.75
CA LYS O 451 45.28 -25.79 2.49
C LYS O 451 46.01 -25.62 3.82
N THR O 452 46.83 -24.58 3.97
CA THR O 452 47.45 -24.27 5.26
C THR O 452 47.05 -22.88 5.79
N GLY O 454 43.33 -21.51 7.04
CA GLY O 454 41.89 -21.63 7.27
C GLY O 454 41.04 -20.45 6.82
N PRO O 455 41.42 -19.22 7.23
CA PRO O 455 40.75 -17.99 6.75
C PRO O 455 40.62 -17.90 5.24
N LEU O 456 41.69 -18.23 4.51
CA LEU O 456 41.65 -18.21 3.05
C LEU O 456 40.71 -19.28 2.48
N GLN O 457 40.75 -20.49 3.05
CA GLN O 457 39.83 -21.56 2.63
C GLN O 457 38.39 -21.08 2.74
N THR O 458 38.07 -20.52 3.91
CA THR O 458 36.72 -20.05 4.22
C THR O 458 36.27 -18.93 3.28
N ALA O 459 37.20 -18.02 2.97
CA ALA O 459 36.92 -16.90 2.06
C ALA O 459 36.66 -17.38 0.64
N LEU O 460 37.45 -18.36 0.18
CA LEU O 460 37.24 -18.95 -1.15
C LEU O 460 35.92 -19.71 -1.24
N ASP O 461 35.61 -20.50 -0.21
CA ASP O 461 34.33 -21.21 -0.15
C ASP O 461 33.14 -20.25 -0.22
N LEU O 462 33.26 -19.11 0.46
CA LEU O 462 32.18 -18.10 0.50
C LEU O 462 31.98 -17.33 -0.82
N TRP O 463 33.08 -16.87 -1.42
CA TRP O 463 33.01 -15.84 -2.48
C TRP O 463 33.53 -16.24 -3.87
N LYS O 464 34.20 -17.38 -4.03
CA LYS O 464 34.94 -17.65 -5.29
C LYS O 464 34.13 -17.60 -6.59
N ASP O 465 32.82 -17.89 -6.51
CA ASP O 465 31.91 -17.80 -7.66
C ASP O 465 31.21 -16.43 -7.82
N ILE O 466 31.51 -15.46 -6.97
CA ILE O 466 30.93 -14.11 -7.10
C ILE O 466 31.65 -13.37 -8.22
N THR O 467 30.90 -12.99 -9.25
CA THR O 467 31.42 -12.20 -10.38
C THR O 467 30.49 -11.02 -10.64
N PHE O 468 31.02 -10.01 -11.32
CA PHE O 468 30.28 -8.83 -11.74
C PHE O 468 30.50 -8.64 -13.25
N ASN O 469 29.84 -9.50 -14.05
CA ASN O 469 30.03 -9.50 -15.52
C ASN O 469 28.94 -8.67 -16.18
N TYR O 470 29.29 -7.44 -16.54
CA TYR O 470 28.38 -6.53 -17.26
C TYR O 470 29.11 -5.86 -18.41
N THR O 471 28.36 -5.46 -19.41
CA THR O 471 28.88 -4.71 -20.53
C THR O 471 29.32 -3.32 -20.07
N SER O 472 30.51 -2.90 -20.50
CA SER O 472 31.04 -1.59 -20.17
C SER O 472 30.32 -0.47 -20.94
N THR O 473 30.18 0.69 -20.29
CA THR O 473 29.71 1.91 -20.94
C THR O 473 30.87 2.72 -21.51
N ASP O 474 32.02 2.70 -20.82
CA ASP O 474 33.18 3.51 -21.18
C ASP O 474 34.18 2.58 -21.85
N THR O 475 34.23 2.61 -23.19
CA THR O 475 35.01 1.65 -23.97
C THR O 475 35.89 2.35 -25.01
N ALA O 476 36.90 1.62 -25.50
CA ALA O 476 37.81 2.14 -26.53
C ALA O 476 37.10 2.27 -27.87
N ASP O 477 37.61 3.15 -28.71
CA ASP O 477 37.17 3.25 -30.12
C ASP O 477 38.05 2.43 -31.06
N PHE O 478 39.24 2.05 -30.60
CA PHE O 478 40.19 1.25 -31.39
C PHE O 478 40.51 -0.05 -30.65
N VAL O 479 40.70 -1.14 -31.40
CA VAL O 479 40.96 -2.47 -30.81
C VAL O 479 42.47 -2.78 -30.76
N GLU O 480 42.86 -3.75 -29.95
CA GLU O 480 44.28 -4.10 -29.72
C GLU O 480 44.88 -4.79 -30.94
N MET P 1 56.32 -13.37 18.81
CA MET P 1 55.52 -12.92 17.62
C MET P 1 56.34 -13.06 16.35
N ARG P 2 55.69 -12.95 15.19
CA ARG P 2 56.36 -12.99 13.89
C ARG P 2 56.45 -11.58 13.33
N LEU P 3 57.67 -11.07 13.12
CA LEU P 3 57.87 -9.75 12.51
C LEU P 3 57.46 -9.82 11.03
N THR P 4 56.42 -9.06 10.65
CA THR P 4 55.88 -9.16 9.29
C THR P 4 56.27 -7.99 8.37
N GLN P 5 57.40 -7.36 8.66
CA GLN P 5 58.14 -6.61 7.65
C GLN P 5 58.58 -7.57 6.55
N GLY P 6 58.74 -7.04 5.33
CA GLY P 6 59.20 -7.83 4.20
C GLY P 6 58.04 -8.27 3.33
N THR P 7 58.33 -8.50 2.05
CA THR P 7 57.31 -8.80 1.05
C THR P 7 56.58 -10.14 1.26
N PHE P 8 57.25 -11.11 1.91
CA PHE P 8 56.74 -12.49 2.00
C PHE P 8 56.59 -13.03 3.43
N SER P 9 56.43 -12.16 4.42
CA SER P 9 56.43 -12.61 5.82
C SER P 9 55.14 -13.28 6.31
N PHE P 10 54.07 -13.22 5.54
CA PHE P 10 52.87 -14.02 5.82
C PHE P 10 52.96 -15.43 5.24
N LEU P 11 53.98 -15.70 4.44
CA LEU P 11 54.31 -17.05 4.00
C LEU P 11 55.37 -17.66 4.94
N PRO P 12 55.51 -19.00 4.95
CA PRO P 12 56.57 -19.62 5.77
C PRO P 12 57.96 -19.10 5.39
N ASP P 13 58.91 -19.20 6.32
CA ASP P 13 60.30 -18.83 6.05
C ASP P 13 60.75 -19.45 4.74
N LEU P 14 61.43 -18.66 3.92
CA LEU P 14 61.78 -19.08 2.57
C LEU P 14 62.94 -20.07 2.57
N THR P 15 62.82 -21.11 1.75
CA THR P 15 63.91 -22.05 1.51
C THR P 15 64.97 -21.37 0.67
N ASP P 16 66.17 -21.94 0.62
CA ASP P 16 67.22 -21.41 -0.26
C ASP P 16 66.82 -21.44 -1.74
N GLU P 17 66.05 -22.44 -2.15
CA GLU P 17 65.57 -22.50 -3.54
C GLU P 17 64.56 -21.39 -3.85
N GLN P 18 63.61 -21.14 -2.94
CA GLN P 18 62.70 -19.99 -3.07
C GLN P 18 63.48 -18.67 -3.14
N ILE P 19 64.46 -18.51 -2.26
CA ILE P 19 65.30 -17.32 -2.25
C ILE P 19 66.05 -17.15 -3.59
N LYS P 20 66.65 -18.23 -4.08
CA LYS P 20 67.35 -18.18 -5.38
C LYS P 20 66.44 -17.75 -6.54
N LYS P 21 65.18 -18.20 -6.52
CA LYS P 21 64.21 -17.77 -7.55
C LYS P 21 63.91 -16.25 -7.48
N GLN P 22 63.84 -15.70 -6.27
CA GLN P 22 63.67 -14.26 -6.10
C GLN P 22 64.88 -13.50 -6.60
N VAL P 23 66.07 -14.02 -6.30
CA VAL P 23 67.32 -13.44 -6.82
C VAL P 23 67.34 -13.50 -8.35
N ASP P 24 66.96 -14.63 -8.93
CA ASP P 24 66.84 -14.76 -10.39
C ASP P 24 65.89 -13.74 -11.01
N TYR P 25 64.76 -13.52 -10.35
CA TYR P 25 63.80 -12.50 -10.79
C TYR P 25 64.46 -11.12 -10.83
N ALA P 26 65.12 -10.75 -9.73
CA ALA P 26 65.80 -9.45 -9.61
C ALA P 26 66.86 -9.28 -10.69
N ILE P 27 67.64 -10.34 -10.92
CA ILE P 27 68.67 -10.34 -11.98
C ILE P 27 68.05 -10.13 -13.36
N SER P 28 66.92 -10.80 -13.63
CA SER P 28 66.24 -10.69 -14.91
C SER P 28 65.72 -9.26 -15.18
N GLN P 29 65.43 -8.50 -14.13
CA GLN P 29 65.04 -7.09 -14.23
C GLN P 29 66.21 -6.11 -14.19
N ASN P 30 67.45 -6.62 -14.15
CA ASN P 30 68.67 -5.83 -13.99
C ASN P 30 68.68 -4.93 -12.73
N TRP P 31 68.11 -5.44 -11.64
CA TRP P 31 68.13 -4.74 -10.36
C TRP P 31 69.41 -5.07 -9.60
N ALA P 32 69.90 -4.09 -8.84
CA ALA P 32 71.02 -4.28 -7.95
C ALA P 32 70.51 -4.94 -6.68
N ILE P 33 71.29 -5.85 -6.11
CA ILE P 33 70.87 -6.62 -4.95
C ILE P 33 71.83 -6.34 -3.81
N ASN P 34 71.31 -6.16 -2.60
CA ASN P 34 72.16 -6.17 -1.42
C ASN P 34 71.53 -6.95 -0.28
N ILE P 35 72.37 -7.17 0.73
CA ILE P 35 72.02 -7.97 1.89
C ILE P 35 72.23 -7.09 3.10
N GLU P 36 71.25 -7.07 3.99
CA GLU P 36 71.33 -6.25 5.21
C GLU P 36 70.86 -7.05 6.41
N TYR P 37 71.31 -6.64 7.60
CA TYR P 37 70.98 -7.34 8.83
C TYR P 37 70.76 -6.37 10.00
N THR P 38 69.99 -6.81 10.99
CA THR P 38 69.73 -5.97 12.16
C THR P 38 69.32 -6.77 13.39
N GLU P 39 69.57 -6.17 14.55
CA GLU P 39 69.01 -6.63 15.82
C GLU P 39 68.21 -5.50 16.50
N ASP P 40 67.75 -4.52 15.72
CA ASP P 40 66.67 -3.61 16.14
C ASP P 40 65.50 -3.80 15.17
N PRO P 41 64.43 -4.49 15.60
CA PRO P 41 63.32 -4.79 14.71
C PRO P 41 62.32 -3.63 14.55
N HIS P 42 62.62 -2.46 15.12
CA HIS P 42 61.70 -1.31 15.09
C HIS P 42 61.20 -1.05 13.65
N PRO P 43 59.89 -0.80 13.47
CA PRO P 43 59.35 -0.58 12.11
C PRO P 43 59.95 0.61 11.33
N ARG P 44 60.49 1.56 12.06
CA ARG P 44 61.16 2.73 11.52
C ARG P 44 62.68 2.70 11.64
N ASN P 45 63.26 1.52 11.86
CA ASN P 45 64.70 1.34 11.74
C ASN P 45 65.03 1.27 10.25
N ASN P 46 65.21 2.44 9.64
CA ASN P 46 65.37 2.55 8.18
C ASN P 46 66.66 1.94 7.67
N PHE P 47 67.71 1.98 8.51
CA PHE P 47 69.08 1.67 8.07
C PHE P 47 69.60 0.44 8.79
N TRP P 48 69.20 -0.72 8.30
CA TRP P 48 69.78 -1.98 8.73
C TRP P 48 71.25 -1.98 8.32
N GLU P 49 72.06 -2.79 8.99
CA GLU P 49 73.50 -2.79 8.70
C GLU P 49 73.82 -3.38 7.33
N LEU P 50 74.75 -2.78 6.61
CA LEU P 50 75.15 -3.29 5.28
C LEU P 50 76.07 -4.52 5.41
N TRP P 51 75.74 -5.58 4.69
CA TRP P 51 76.66 -6.69 4.49
C TRP P 51 77.41 -6.44 3.17
N GLY P 52 78.54 -5.74 3.27
CA GLY P 52 79.33 -5.36 2.10
C GLY P 52 78.65 -4.29 1.25
N LEU P 53 79.10 -4.17 0.01
CA LEU P 53 78.47 -3.27 -0.96
C LEU P 53 77.34 -3.98 -1.71
N PRO P 54 76.38 -3.22 -2.27
CA PRO P 54 75.43 -3.86 -3.17
C PRO P 54 76.14 -4.45 -4.39
N LEU P 55 75.56 -5.53 -4.94
CA LEU P 55 76.08 -6.17 -6.13
C LEU P 55 75.38 -5.54 -7.33
N PHE P 56 76.16 -4.88 -8.18
CA PHE P 56 75.63 -4.22 -9.39
C PHE P 56 75.94 -5.07 -10.63
N ASP P 57 75.00 -5.08 -11.58
CA ASP P 57 75.14 -5.84 -12.84
C ASP P 57 75.54 -7.31 -12.59
N ILE P 58 74.60 -8.06 -12.01
CA ILE P 58 74.86 -9.41 -11.52
C ILE P 58 74.41 -10.38 -12.62
N ASN P 59 75.29 -11.30 -13.00
CA ASN P 59 74.97 -12.32 -13.99
C ASN P 59 74.47 -13.63 -13.36
N ASP P 60 75.02 -13.97 -12.20
CA ASP P 60 74.81 -15.28 -11.57
C ASP P 60 74.25 -15.14 -10.15
N ALA P 61 73.13 -15.83 -9.90
CA ALA P 61 72.54 -15.87 -8.56
C ALA P 61 73.44 -16.55 -7.50
N ALA P 62 74.32 -17.46 -7.92
CA ALA P 62 75.23 -18.17 -6.99
C ALA P 62 76.16 -17.22 -6.24
N THR P 63 76.54 -16.11 -6.87
CA THR P 63 77.30 -15.04 -6.21
C THR P 63 76.52 -14.43 -5.03
N VAL P 64 75.24 -14.15 -5.25
CA VAL P 64 74.37 -13.61 -4.19
C VAL P 64 74.16 -14.67 -3.09
N MET P 65 73.82 -15.90 -3.52
CA MET P 65 73.65 -17.03 -2.59
C MET P 65 74.90 -17.31 -1.75
N TYR P 66 76.08 -17.14 -2.34
CA TYR P 66 77.33 -17.27 -1.59
C TYR P 66 77.40 -16.25 -0.45
N GLU P 67 77.15 -14.97 -0.79
CA GLU P 67 77.17 -13.90 0.22
C GLU P 67 76.07 -14.02 1.25
N ILE P 68 74.91 -14.55 0.85
CA ILE P 68 73.85 -14.89 1.81
C ILE P 68 74.37 -15.89 2.85
N GLY P 69 75.01 -16.97 2.39
CA GLY P 69 75.62 -17.95 3.26
C GLY P 69 76.68 -17.35 4.17
N SER P 70 77.51 -16.48 3.62
CA SER P 70 78.58 -15.83 4.38
C SER P 70 78.04 -14.88 5.46
N CYS P 71 76.99 -14.12 5.14
CA CYS P 71 76.31 -13.28 6.12
C CYS P 71 75.70 -14.13 7.26
N ARG P 72 75.00 -15.20 6.89
CA ARG P 72 74.38 -16.11 7.86
C ARG P 72 75.39 -16.74 8.84
N GLN P 73 76.56 -17.10 8.34
CA GLN P 73 77.64 -17.62 9.19
C GLN P 73 77.94 -16.65 10.35
N GLN P 74 77.89 -15.35 10.08
CA GLN P 74 78.16 -14.31 11.08
C GLN P 74 76.92 -13.79 11.80
N HIS P 75 75.74 -13.87 11.19
CA HIS P 75 74.54 -13.18 11.67
C HIS P 75 73.21 -13.96 11.60
N SER P 76 73.25 -15.29 11.48
CA SER P 76 71.99 -16.07 11.35
C SER P 76 71.13 -16.11 12.62
N ASN P 77 71.66 -15.68 13.76
CA ASN P 77 70.83 -15.47 14.97
C ASN P 77 69.93 -14.21 14.96
N VAL P 78 70.14 -13.29 14.02
CA VAL P 78 69.36 -12.03 13.99
C VAL P 78 68.56 -11.93 12.67
N TYR P 79 68.02 -10.75 12.37
CA TYR P 79 67.31 -10.54 11.11
C TYR P 79 68.28 -10.33 9.97
N ILE P 80 68.01 -10.96 8.84
CA ILE P 80 68.71 -10.70 7.60
C ILE P 80 67.67 -10.53 6.51
N LYS P 81 67.86 -9.52 5.65
CA LYS P 81 66.97 -9.30 4.51
C LYS P 81 67.75 -9.12 3.22
N VAL P 82 67.07 -9.37 2.11
CA VAL P 82 67.57 -9.14 0.77
C VAL P 82 66.72 -8.04 0.12
N ASN P 83 67.40 -7.04 -0.43
CA ASN P 83 66.75 -5.92 -1.11
C ASN P 83 67.18 -5.90 -2.58
N ALA P 84 66.28 -5.44 -3.45
CA ALA P 84 66.61 -5.16 -4.83
C ALA P 84 66.34 -3.68 -5.10
N PHE P 85 67.23 -3.03 -5.86
CA PHE P 85 67.16 -1.58 -6.13
C PHE P 85 67.10 -1.36 -7.62
N ASP P 86 66.25 -0.42 -8.03
CA ASP P 86 66.08 -0.04 -9.44
C ASP P 86 66.43 1.43 -9.59
N ASN P 87 67.56 1.71 -10.26
CA ASN P 87 68.02 3.09 -10.47
C ASN P 87 67.47 3.79 -11.73
N THR P 88 66.43 3.23 -12.35
CA THR P 88 65.71 3.90 -13.45
C THR P 88 65.14 5.22 -12.95
N ARG P 89 65.28 6.29 -13.73
CA ARG P 89 64.75 7.60 -13.29
C ARG P 89 63.26 7.49 -13.00
N GLY P 90 62.85 8.13 -11.90
CA GLY P 90 61.47 8.04 -11.42
C GLY P 90 61.20 6.87 -10.50
N VAL P 91 62.15 5.94 -10.38
CA VAL P 91 62.08 4.87 -9.39
C VAL P 91 63.18 5.19 -8.38
N GLU P 92 64.43 4.86 -8.72
CA GLU P 92 65.59 5.20 -7.89
C GLU P 92 65.31 4.89 -6.42
N SER P 93 64.93 3.64 -6.19
CA SER P 93 64.49 3.16 -4.89
C SER P 93 64.52 1.65 -4.84
N CYS P 94 64.30 1.14 -3.64
CA CYS P 94 64.06 -0.27 -3.44
C CYS P 94 62.77 -0.67 -4.13
N VAL P 95 62.78 -1.85 -4.75
CA VAL P 95 61.59 -2.41 -5.41
C VAL P 95 61.24 -3.82 -4.93
N LEU P 96 61.98 -4.35 -3.97
CA LEU P 96 61.73 -5.67 -3.39
C LEU P 96 62.58 -5.79 -2.14
N SER P 97 61.99 -6.23 -1.05
CA SER P 97 62.71 -6.42 0.21
C SER P 97 62.02 -7.50 1.03
N PHE P 98 62.75 -8.57 1.34
CA PHE P 98 62.16 -9.73 2.02
C PHE P 98 63.15 -10.35 2.99
N LEU P 99 62.61 -10.87 4.09
CA LEU P 99 63.40 -11.44 5.16
C LEU P 99 63.85 -12.83 4.76
N ILE P 100 65.12 -13.13 5.00
CA ILE P 100 65.68 -14.47 4.77
C ILE P 100 66.17 -15.18 6.05
N ASN P 101 66.26 -14.43 7.15
CA ASN P 101 66.56 -15.00 8.46
C ASN P 101 65.82 -14.22 9.51
N ARG P 102 65.33 -14.93 10.52
CA ARG P 102 64.77 -14.31 11.72
C ARG P 102 65.27 -15.04 12.96
N PRO P 103 65.25 -14.37 14.12
CA PRO P 103 65.67 -15.03 15.36
C PRO P 103 64.70 -16.15 15.75
N SER P 104 65.16 -17.12 16.52
CA SER P 104 64.30 -18.23 16.96
C SER P 104 63.08 -17.75 17.75
N TYR P 105 63.27 -16.73 18.58
CA TYR P 105 62.19 -16.11 19.34
C TYR P 105 62.24 -14.58 19.19
N GLU P 106 61.14 -13.99 18.71
CA GLU P 106 60.99 -12.53 18.69
C GLU P 106 59.95 -12.14 19.74
N PRO P 107 60.37 -11.48 20.84
CA PRO P 107 59.39 -11.09 21.86
C PRO P 107 58.46 -9.94 21.41
N GLY P 108 58.87 -9.16 20.42
CA GLY P 108 58.02 -8.11 19.86
C GLY P 108 58.12 -6.81 20.63
N PHE P 109 56.99 -6.12 20.79
CA PHE P 109 56.96 -4.72 21.25
C PHE P 109 55.99 -4.45 22.38
N ARG P 110 56.42 -3.57 23.30
CA ARG P 110 55.52 -2.93 24.27
C ARG P 110 55.02 -1.65 23.62
N LEU P 111 53.71 -1.44 23.62
CA LEU P 111 53.15 -0.14 23.20
C LEU P 111 53.18 0.79 24.41
N VAL P 112 53.99 1.82 24.32
CA VAL P 112 54.13 2.82 25.40
C VAL P 112 53.22 3.99 25.07
N ARG P 113 52.48 4.44 26.07
CA ARG P 113 51.55 5.56 25.95
C ARG P 113 51.91 6.64 26.98
N SER P 114 51.80 7.91 26.59
CA SER P 114 51.92 9.02 27.53
C SER P 114 50.72 9.94 27.37
N GLU P 115 50.28 10.49 28.50
CA GLU P 115 49.19 11.45 28.52
C GLU P 115 49.67 12.74 27.88
N ASP P 116 48.81 13.37 27.08
CA ASP P 116 49.17 14.64 26.47
C ASP P 116 47.98 15.59 26.61
N ILE P 117 47.78 16.51 25.67
CA ILE P 117 46.76 17.54 25.86
C ILE P 117 45.37 16.96 25.63
N SER P 118 44.42 17.37 26.45
CA SER P 118 43.06 16.81 26.45
C SER P 118 43.06 15.26 26.40
N ARG P 119 42.52 14.65 25.34
CA ARG P 119 42.50 13.19 25.19
C ARG P 119 43.65 12.67 24.33
N ASN P 120 44.46 13.54 23.74
CA ASN P 120 45.58 13.11 22.92
C ASN P 120 46.61 12.34 23.72
N GLN P 121 47.22 11.34 23.10
CA GLN P 121 48.34 10.63 23.69
C GLN P 121 49.54 10.63 22.76
N LYS P 122 50.73 10.47 23.33
CA LYS P 122 51.94 10.22 22.56
C LYS P 122 52.29 8.74 22.69
N TYR P 123 52.75 8.15 21.60
CA TYR P 123 53.05 6.73 21.56
C TYR P 123 54.50 6.41 21.18
N SER P 124 54.97 5.26 21.65
CA SER P 124 56.30 4.77 21.36
C SER P 124 56.24 3.24 21.27
N PHE P 125 57.02 2.68 20.35
CA PHE P 125 57.14 1.23 20.18
C PHE P 125 58.46 0.80 20.81
N HIS P 126 58.37 0.11 21.94
CA HIS P 126 59.54 -0.37 22.65
C HIS P 126 59.79 -1.84 22.30
N SER P 127 60.94 -2.11 21.69
CA SER P 127 61.36 -3.47 21.36
C SER P 127 61.89 -4.18 22.63
N TYR P 128 61.24 -5.27 23.01
CA TYR P 128 61.72 -6.13 24.11
C TYR P 128 63.15 -6.62 23.90
N ALA P 129 63.53 -6.95 22.66
CA ALA P 129 64.88 -7.39 22.36
C ALA P 129 65.91 -6.35 22.77
N THR P 130 65.58 -5.08 22.53
CA THR P 130 66.48 -3.97 22.87
C THR P 130 66.57 -3.68 24.37
N ASP P 131 65.87 -4.43 25.22
CA ASP P 131 66.15 -4.42 26.65
C ASP P 131 67.57 -4.87 26.96
N LYS P 132 68.19 -5.62 26.07
CA LYS P 132 69.60 -6.01 26.20
C LYS P 132 70.46 -5.31 25.15
N PRO P 133 71.77 -5.19 25.42
CA PRO P 133 72.67 -4.56 24.46
C PRO P 133 72.85 -5.38 23.19
N GLU P 134 73.30 -4.72 22.13
CA GLU P 134 73.63 -5.39 20.88
C GLU P 134 74.61 -6.53 21.17
N GLY P 135 74.39 -7.68 20.55
CA GLY P 135 75.20 -8.89 20.78
C GLY P 135 74.59 -9.81 21.82
N SER P 136 73.68 -9.30 22.67
CA SER P 136 72.99 -10.10 23.68
C SER P 136 71.47 -10.12 23.53
N ARG P 137 70.96 -9.75 22.35
CA ARG P 137 69.50 -9.56 22.17
C ARG P 137 68.72 -10.81 21.76
N TYR P 138 69.34 -11.64 20.93
CA TYR P 138 68.67 -12.79 20.33
C TYR P 138 69.54 -14.02 20.40
#